data_6XO4
#
_entry.id   6XO4
#
_cell.length_a   1.00
_cell.length_b   1.00
_cell.length_c   1.00
_cell.angle_alpha   90.00
_cell.angle_beta   90.00
_cell.angle_gamma   90.00
#
_symmetry.space_group_name_H-M   'P 1'
#
loop_
_entity.id
_entity.type
_entity.pdbx_description
1 polymer Togavirin
2 polymer Togavirin
3 polymer Togavirin
#
loop_
_entity_poly.entity_id
_entity_poly.type
_entity_poly.pdbx_seq_one_letter_code
_entity_poly.pdbx_strand_id
1 'polypeptide(L)'
;YEHTAVMPNKVGIPYKALVERPGYAPVHLQIQLVNTRIIPSTNLEYITCKYKTKVPSPVVKCCGATQCTSKPHPDYQCQV
FSGVYPFMYGGAYCFCDTENTQMSEAYVERSEECSIDHAKAYKVHTGTVQAMVNITYGSVSWRSADVYVNGETPAKIGDA
KLIIGPLSSAWSPFDNKVVVYGHEVYNYDFPEYGTGKAGSFGDLQSRTSTSNDLYANTNLKLQRPQAGIVHTPFTQVPSG
FERWKKDKGAPLNDVAPFGCSIALEPLRAENCAVGSIPISIDIPDAAFTRISETPTVSDLECKITECTYAFDFGGIATVA
YKSSKAGNCPIHSPSGVAVIKENDVTLAESGSFTFHFSTANIHPAFKLQVCTSAVTCKGDCKPPKDHIVDYPAQHTESFT
SAISATAWSWIKVLVGGTSAFIVLGLIATAVVALVLFFHRH
;
A,D,G,J
2 'polypeptide(L)'
;DLDTHFTQYKLARPYIADCPNCGHSRCDSPIAIEEVRGDAHAGVIRIQTSAMFGLKTDGVDLAYMSFMNGKTQKSIKIDN
LHVRTSAPCSLVSHHGYYILAQCPPGDTVTVGFHDGPNRHTCTVAHKVEFRPVGREKYRHPPEHGVELPCNRYTHKRADQ
GHYVEMHQPGLVADHSLLSIHSAKVKITVPSGAQVKYYCKCPDVRKGITSSDHTTTCTDVKQCRAYLIDNKKWVYNSGRL
PRGEGDTFKGKLHVPFVPVKAKCIATLAPEPLVEHKHRTLILHLHPDHPTLLTTRSLGSDANPTRQWIERPTTVNFTVTG
EGLEYTWGNHPPKRVWAQESGEGNPHGWPHEVVVYYYNRYPLTTIIGLCTCVAIIMVSCVTSVWLLCRTRNLCITPYKLA
PNAQVPILLALLCCIKPTRA
;
B,E,H,K
3 'polypeptide(L)'
;MFPYPTLNYPPMAPINPMAYRDPNPPRRRWRPFRPPLAAQIEDLRRSIASLTLKQRAPNPPAGPPAKRKKPAPKPKPAQA
KKKRPPPPAKKQKRKPKPGKRQRMCMKLESDKTFPIMLNGQVNGYACVVGGRVFKPLHVEGRIDNEQLAAIKLKKASIYD
LEYGDVPQCMKSDTLQYTSDKPPGFYNWHHGAVQYENNRFTVPRGVGGKGDSGRPILDNKGRVVAIVLGGVNEGSRTALS
VVTWNQKGVTVKDTPEGSEPW
;
C,F,I,L
#
# COMPACT_ATOMS: atom_id res chain seq x y z
N TYR A 1 31.32 13.89 16.18
CA TYR A 1 31.62 12.47 16.14
C TYR A 1 30.86 11.76 17.26
N GLU A 2 30.50 10.49 17.03
CA GLU A 2 29.73 9.73 18.00
C GLU A 2 30.35 8.37 18.21
N HIS A 3 29.97 7.73 19.32
CA HIS A 3 30.53 6.46 19.72
C HIS A 3 29.44 5.63 20.38
N THR A 4 29.47 4.32 20.13
CA THR A 4 28.47 3.40 20.65
C THR A 4 29.15 2.21 21.30
N ALA A 5 28.50 1.67 22.32
CA ALA A 5 29.01 0.50 23.04
C ALA A 5 27.88 -0.04 23.91
N VAL A 6 28.22 -1.03 24.73
CA VAL A 6 27.29 -1.61 25.70
C VAL A 6 27.96 -1.59 27.06
N MET A 7 27.21 -1.19 28.07
CA MET A 7 27.77 -1.04 29.41
C MET A 7 27.01 -1.88 30.41
N PRO A 8 27.70 -2.63 31.26
CA PRO A 8 27.01 -3.41 32.29
C PRO A 8 26.37 -2.49 33.32
N ASN A 9 25.20 -2.89 33.79
CA ASN A 9 24.41 -2.05 34.68
C ASN A 9 24.87 -2.26 36.12
N LYS A 10 25.46 -1.23 36.70
CA LYS A 10 25.78 -1.23 38.11
C LYS A 10 25.92 0.20 38.58
N VAL A 11 25.44 0.48 39.78
CA VAL A 11 25.26 1.86 40.21
C VAL A 11 26.60 2.54 40.43
N GLY A 12 27.55 1.85 41.03
CA GLY A 12 28.80 2.48 41.42
C GLY A 12 29.90 2.49 40.39
N ILE A 13 30.13 1.35 39.76
CA ILE A 13 31.26 1.16 38.85
C ILE A 13 31.19 2.15 37.70
N PRO A 14 32.24 2.93 37.44
CA PRO A 14 32.21 3.83 36.29
C PRO A 14 32.49 3.11 34.99
N TYR A 15 32.56 3.85 33.90
CA TYR A 15 32.84 3.28 32.59
C TYR A 15 33.73 4.23 31.82
N LYS A 16 34.87 3.74 31.37
CA LYS A 16 35.86 4.56 30.68
C LYS A 16 36.01 4.08 29.25
N ALA A 17 35.80 4.99 28.31
CA ALA A 17 35.91 4.69 26.90
C ALA A 17 36.92 5.64 26.27
N LEU A 18 37.48 5.22 25.14
CA LEU A 18 38.54 5.94 24.44
C LEU A 18 38.18 6.04 22.96
N VAL A 19 37.55 7.14 22.58
CA VAL A 19 37.07 7.27 21.21
C VAL A 19 38.24 7.55 20.28
N GLU A 20 38.17 7.01 19.07
CA GLU A 20 39.18 7.22 18.05
C GLU A 20 38.56 7.93 16.86
N ARG A 21 39.22 8.99 16.41
CA ARG A 21 38.82 9.72 15.20
C ARG A 21 40.06 9.86 14.34
N PRO A 22 40.18 9.08 13.27
CA PRO A 22 41.45 9.03 12.54
C PRO A 22 41.87 10.40 12.05
N GLY A 23 43.17 10.67 12.11
CA GLY A 23 43.67 12.00 11.87
C GLY A 23 43.56 12.92 13.05
N TYR A 24 43.35 12.38 14.25
CA TYR A 24 43.22 13.20 15.44
C TYR A 24 43.77 12.45 16.63
N ALA A 25 44.08 13.20 17.67
CA ALA A 25 44.48 12.58 18.93
C ALA A 25 43.26 11.95 19.60
N PRO A 26 43.40 10.75 20.15
CA PRO A 26 42.26 10.11 20.79
C PRO A 26 41.81 10.87 22.02
N VAL A 27 40.53 10.74 22.34
CA VAL A 27 39.95 11.32 23.54
C VAL A 27 39.26 10.21 24.33
N HIS A 28 39.37 10.28 25.64
CA HIS A 28 38.72 9.31 26.50
C HIS A 28 37.61 9.98 27.29
N LEU A 29 36.54 9.24 27.51
CA LEU A 29 35.37 9.74 28.21
C LEU A 29 35.06 8.82 29.38
N GLN A 30 34.42 9.41 30.39
CA GLN A 30 34.14 8.71 31.63
C GLN A 30 32.70 8.95 32.01
N ILE A 31 31.93 7.88 32.13
CA ILE A 31 30.51 7.94 32.39
C ILE A 31 30.18 7.02 33.56
N GLN A 32 29.33 7.49 34.46
CA GLN A 32 29.07 6.76 35.69
C GLN A 32 27.62 6.91 36.10
N LEU A 33 26.95 5.79 36.36
CA LEU A 33 25.55 5.82 36.75
C LEU A 33 25.42 6.38 38.16
N VAL A 34 24.22 6.88 38.47
CA VAL A 34 23.91 7.30 39.82
C VAL A 34 22.65 6.61 40.32
N ASN A 35 21.77 6.23 39.40
CA ASN A 35 20.47 5.68 39.79
C ASN A 35 19.92 4.78 38.69
N THR A 36 18.90 4.01 39.05
CA THR A 36 18.08 3.27 38.09
C THR A 36 16.71 3.11 38.73
N ARG A 37 15.78 4.00 38.38
CA ARG A 37 14.51 4.12 39.06
C ARG A 37 13.39 3.57 38.18
N ILE A 38 13.15 2.26 38.28
CA ILE A 38 11.95 1.70 37.67
C ILE A 38 10.73 2.35 38.28
N ILE A 39 9.78 2.74 37.44
CA ILE A 39 8.52 3.31 37.88
C ILE A 39 7.37 2.57 37.20
N PRO A 40 6.43 2.03 37.94
CA PRO A 40 5.30 1.33 37.34
C PRO A 40 4.11 2.26 37.14
N SER A 41 3.13 1.78 36.39
CA SER A 41 1.89 2.50 36.14
C SER A 41 0.80 1.91 37.01
N THR A 42 0.20 2.73 37.87
CA THR A 42 -0.66 2.25 38.94
C THR A 42 -1.95 3.04 39.02
N ASN A 43 -2.99 2.40 39.54
CA ASN A 43 -4.25 3.05 39.82
C ASN A 43 -4.83 2.49 41.11
N LEU A 44 -5.59 3.32 41.82
CA LEU A 44 -6.10 2.97 43.13
C LEU A 44 -7.35 2.11 43.02
N GLU A 45 -7.58 1.28 44.04
CA GLU A 45 -8.79 0.47 44.14
C GLU A 45 -9.68 0.92 45.29
N TYR A 46 -9.16 0.94 46.51
CA TYR A 46 -9.91 1.43 47.66
C TYR A 46 -8.97 1.50 48.85
N ILE A 47 -9.48 2.06 49.94
CA ILE A 47 -8.74 2.18 51.17
C ILE A 47 -9.54 1.52 52.28
N THR A 48 -8.86 1.23 53.38
CA THR A 48 -9.50 0.58 54.51
C THR A 48 -8.82 1.03 55.79
N CYS A 49 -9.51 0.83 56.90
CA CYS A 49 -9.03 1.24 58.22
C CYS A 49 -9.85 0.52 59.28
N LYS A 50 -9.70 0.96 60.53
CA LYS A 50 -10.50 0.43 61.60
C LYS A 50 -11.85 1.15 61.65
N TYR A 51 -12.90 0.39 61.91
CA TYR A 51 -14.25 0.94 61.85
C TYR A 51 -14.66 1.47 63.21
N LYS A 52 -15.94 1.82 63.35
CA LYS A 52 -16.51 2.24 64.61
C LYS A 52 -18.02 2.17 64.49
N THR A 53 -18.67 1.66 65.53
CA THR A 53 -20.12 1.53 65.55
C THR A 53 -20.70 2.59 66.47
N LYS A 54 -21.75 3.26 66.00
CA LYS A 54 -22.45 4.25 66.80
C LYS A 54 -23.90 3.84 66.92
N VAL A 55 -24.54 4.31 67.97
CA VAL A 55 -25.94 3.97 68.22
C VAL A 55 -26.70 5.21 68.65
N PRO A 56 -27.76 5.59 67.95
CA PRO A 56 -28.60 6.69 68.42
C PRO A 56 -29.38 6.28 69.65
N SER A 57 -29.92 7.27 70.33
CA SER A 57 -30.65 7.02 71.55
C SER A 57 -31.91 6.21 71.26
N PRO A 58 -32.11 5.09 71.93
CA PRO A 58 -33.31 4.28 71.68
C PRO A 58 -34.55 4.95 72.25
N VAL A 59 -35.70 4.47 71.79
CA VAL A 59 -36.99 5.04 72.15
C VAL A 59 -37.85 3.96 72.76
N VAL A 60 -38.52 4.28 73.87
CA VAL A 60 -39.45 3.39 74.54
C VAL A 60 -40.74 4.16 74.83
N LYS A 61 -41.78 3.40 75.14
CA LYS A 61 -43.09 3.96 75.46
C LYS A 61 -43.61 3.35 76.75
N CYS A 62 -44.30 4.17 77.54
CA CYS A 62 -44.89 3.68 78.79
C CYS A 62 -45.98 2.65 78.55
N CYS A 63 -46.51 2.58 77.34
CA CYS A 63 -47.52 1.57 77.00
C CYS A 63 -47.55 1.40 75.50
N GLY A 64 -48.16 0.30 75.07
CA GLY A 64 -48.25 0.01 73.65
C GLY A 64 -46.90 -0.41 73.08
N ALA A 65 -46.86 -0.45 71.76
CA ALA A 65 -45.65 -0.87 71.06
C ALA A 65 -45.58 -0.19 69.70
N THR A 66 -44.38 -0.16 69.13
CA THR A 66 -44.14 0.38 67.81
C THR A 66 -43.34 -0.63 67.00
N GLN A 67 -43.08 -0.29 65.75
CA GLN A 67 -42.31 -1.13 64.85
C GLN A 67 -41.20 -0.30 64.21
N CYS A 68 -40.05 -0.93 64.03
CA CYS A 68 -38.92 -0.22 63.44
C CYS A 68 -38.80 -0.51 61.95
N THR A 69 -38.26 0.46 61.22
CA THR A 69 -38.16 0.41 59.78
C THR A 69 -36.70 0.40 59.36
N SER A 70 -36.42 -0.22 58.22
CA SER A 70 -35.07 -0.32 57.69
C SER A 70 -34.72 0.93 56.89
N LYS A 71 -33.56 1.50 57.16
CA LYS A 71 -33.10 2.69 56.47
C LYS A 71 -31.84 2.38 55.65
N PRO A 72 -31.59 3.15 54.59
CA PRO A 72 -30.42 2.85 53.74
C PRO A 72 -29.12 3.25 54.38
N HIS A 73 -28.58 2.39 55.24
CA HIS A 73 -27.33 2.68 55.90
C HIS A 73 -26.43 1.45 55.88
N PRO A 74 -25.12 1.65 55.92
CA PRO A 74 -24.20 0.50 55.90
C PRO A 74 -24.40 -0.40 57.10
N ASP A 75 -24.86 -1.63 56.83
CA ASP A 75 -25.16 -2.61 57.87
C ASP A 75 -26.09 -2.03 58.93
N TYR A 76 -27.20 -1.47 58.48
CA TYR A 76 -28.21 -0.95 59.40
C TYR A 76 -28.86 -2.08 60.17
N GLN A 77 -29.28 -1.77 61.40
CA GLN A 77 -29.97 -2.74 62.23
C GLN A 77 -31.03 -2.05 63.05
N CYS A 78 -32.11 -2.78 63.33
CA CYS A 78 -33.14 -2.33 64.25
C CYS A 78 -33.96 -3.55 64.67
N GLN A 79 -34.57 -3.46 65.85
CA GLN A 79 -35.28 -4.58 66.42
C GLN A 79 -36.11 -4.06 67.58
N VAL A 80 -37.12 -4.84 68.00
CA VAL A 80 -37.98 -4.45 69.10
C VAL A 80 -38.05 -5.57 70.13
N PHE A 81 -38.19 -5.19 71.39
CA PHE A 81 -38.23 -6.12 72.50
C PHE A 81 -39.51 -5.89 73.29
N SER A 82 -39.78 -6.80 74.23
CA SER A 82 -41.05 -6.84 74.94
C SER A 82 -40.84 -6.86 76.45
N GLY A 83 -41.81 -6.32 77.17
CA GLY A 83 -41.83 -6.37 78.61
C GLY A 83 -40.61 -5.75 79.26
N VAL A 84 -40.45 -4.44 79.11
CA VAL A 84 -39.24 -3.79 79.58
C VAL A 84 -39.32 -3.51 81.07
N TYR A 85 -40.30 -2.70 81.48
CA TYR A 85 -40.40 -2.19 82.84
C TYR A 85 -39.06 -1.55 83.22
N PRO A 86 -38.67 -0.47 82.55
CA PRO A 86 -37.32 0.07 82.74
C PRO A 86 -37.15 0.80 84.05
N PHE A 87 -36.02 1.49 84.22
CA PHE A 87 -35.72 2.18 85.45
C PHE A 87 -34.93 3.44 85.14
N MET A 88 -35.03 4.43 86.02
CA MET A 88 -34.33 5.69 85.89
C MET A 88 -33.93 6.19 87.27
N TYR A 89 -33.11 7.24 87.29
CA TYR A 89 -32.69 7.83 88.55
C TYR A 89 -33.90 8.45 89.24
N GLY A 90 -34.20 7.97 90.45
CA GLY A 90 -35.27 8.52 91.27
C GLY A 90 -36.57 8.77 90.55
N GLY A 91 -36.76 8.12 89.41
CA GLY A 91 -37.88 8.41 88.54
C GLY A 91 -39.04 7.44 88.71
N ALA A 92 -40.06 7.67 87.91
CA ALA A 92 -41.21 6.77 87.84
C ALA A 92 -40.94 5.60 86.91
N TYR A 93 -39.77 5.58 86.28
CA TYR A 93 -39.23 4.46 85.52
C TYR A 93 -40.01 4.22 84.24
N CYS A 94 -40.84 5.18 83.82
CA CYS A 94 -41.45 5.17 82.49
C CYS A 94 -42.27 3.92 82.24
N PHE A 95 -42.88 3.36 83.28
CA PHE A 95 -43.72 2.19 83.07
C PHE A 95 -44.86 2.14 84.06
N CYS A 96 -45.98 1.58 83.61
CA CYS A 96 -47.09 1.18 84.47
C CYS A 96 -47.60 -0.22 84.17
N ASP A 97 -47.15 -0.84 83.08
CA ASP A 97 -47.68 -2.11 82.61
C ASP A 97 -46.62 -2.74 81.73
N THR A 98 -47.02 -3.77 80.98
CA THR A 98 -46.13 -4.38 79.98
C THR A 98 -45.70 -3.33 78.97
N GLU A 99 -44.40 -3.09 78.86
CA GLU A 99 -43.89 -2.01 78.05
C GLU A 99 -43.82 -2.40 76.58
N ASN A 100 -43.03 -3.42 76.26
CA ASN A 100 -42.88 -3.93 74.90
C ASN A 100 -42.45 -2.82 73.94
N THR A 101 -41.51 -1.98 74.35
CA THR A 101 -41.01 -0.92 73.50
C THR A 101 -39.50 -0.87 73.61
N GLN A 102 -38.82 -1.00 72.47
CA GLN A 102 -37.37 -0.94 72.43
C GLN A 102 -36.93 -0.80 70.98
N MET A 103 -36.05 0.17 70.72
CA MET A 103 -35.59 0.46 69.37
C MET A 103 -34.22 -0.17 69.08
N SER A 104 -33.21 0.20 69.86
CA SER A 104 -31.90 -0.45 69.85
C SER A 104 -31.35 -0.60 68.43
N GLU A 105 -31.37 0.50 67.68
CA GLU A 105 -30.81 0.47 66.34
C GLU A 105 -29.29 0.62 66.40
N ALA A 106 -28.62 0.06 65.39
CA ALA A 106 -27.17 0.04 65.33
C ALA A 106 -26.71 0.57 63.99
N TYR A 107 -25.47 1.07 63.95
CA TYR A 107 -25.03 1.90 62.84
C TYR A 107 -23.52 1.83 62.74
N VAL A 108 -23.02 1.69 61.51
CA VAL A 108 -21.59 1.49 61.25
C VAL A 108 -21.09 2.58 60.32
N GLU A 109 -19.89 3.08 60.60
CA GLU A 109 -19.27 4.09 59.75
C GLU A 109 -17.77 4.11 60.03
N ARG A 110 -17.05 4.91 59.25
CA ARG A 110 -15.60 4.98 59.38
C ARG A 110 -15.21 5.69 60.67
N SER A 111 -14.00 5.39 61.13
CA SER A 111 -13.47 5.98 62.35
C SER A 111 -12.92 7.37 62.06
N GLU A 112 -12.71 8.14 63.12
CA GLU A 112 -12.14 9.46 62.98
C GLU A 112 -10.65 9.43 62.70
N GLU A 113 -9.97 8.36 63.06
CA GLU A 113 -8.54 8.22 62.83
C GLU A 113 -8.24 7.55 61.50
N CYS A 114 -9.25 7.24 60.70
CA CYS A 114 -9.03 6.64 59.40
C CYS A 114 -8.27 7.57 58.46
N SER A 115 -8.22 8.87 58.75
CA SER A 115 -7.59 9.83 57.87
C SER A 115 -6.08 9.67 57.78
N ILE A 116 -5.46 8.99 58.72
CA ILE A 116 -4.00 8.94 58.82
C ILE A 116 -3.46 7.57 58.40
N ASP A 117 -3.84 6.53 59.13
CA ASP A 117 -3.37 5.18 58.83
C ASP A 117 -4.46 4.44 58.06
N HIS A 118 -4.11 3.99 56.86
CA HIS A 118 -5.09 3.30 56.03
C HIS A 118 -4.36 2.57 54.92
N ALA A 119 -4.59 1.27 54.82
CA ALA A 119 -4.03 0.53 53.71
C ALA A 119 -4.67 0.99 52.41
N LYS A 120 -3.93 0.82 51.32
CA LYS A 120 -4.44 1.12 49.99
C LYS A 120 -4.12 -0.05 49.07
N ALA A 121 -5.06 -0.40 48.22
CA ALA A 121 -4.83 -1.43 47.22
C ALA A 121 -4.55 -0.78 45.87
N TYR A 122 -3.79 -1.49 45.04
CA TYR A 122 -3.35 -0.93 43.78
C TYR A 122 -3.32 -2.01 42.72
N LYS A 123 -3.44 -1.60 41.47
CA LYS A 123 -3.14 -2.45 40.33
C LYS A 123 -1.93 -1.87 39.62
N VAL A 124 -1.07 -2.74 39.10
CA VAL A 124 0.25 -2.35 38.65
C VAL A 124 0.45 -2.79 37.21
N HIS A 125 1.07 -1.92 36.41
CA HIS A 125 1.48 -2.24 35.05
C HIS A 125 2.89 -1.72 34.84
N THR A 126 3.42 -1.94 33.64
CA THR A 126 4.86 -1.85 33.41
C THR A 126 5.42 -0.48 33.74
N GLY A 127 4.85 0.56 33.17
CA GLY A 127 5.39 1.89 33.43
C GLY A 127 6.73 2.12 32.74
N THR A 128 7.35 3.23 33.11
CA THR A 128 8.53 3.75 32.44
C THR A 128 9.81 3.37 33.17
N VAL A 129 10.94 3.82 32.64
CA VAL A 129 12.27 3.62 33.23
C VAL A 129 13.06 4.91 33.04
N GLN A 130 13.81 5.32 34.06
CA GLN A 130 14.65 6.49 33.93
C GLN A 130 15.76 6.46 34.97
N ALA A 131 16.78 7.27 34.73
CA ALA A 131 17.97 7.28 35.57
C ALA A 131 18.63 8.65 35.51
N MET A 132 19.80 8.75 36.12
CA MET A 132 20.60 9.98 36.07
C MET A 132 22.06 9.59 35.91
N VAL A 133 22.83 10.44 35.23
CA VAL A 133 24.20 10.12 34.83
C VAL A 133 25.12 11.31 35.08
N ASN A 134 26.31 11.03 35.60
CA ASN A 134 27.36 12.02 35.75
C ASN A 134 28.43 11.73 34.70
N ILE A 135 28.84 12.78 33.97
CA ILE A 135 29.63 12.61 32.76
C ILE A 135 30.88 13.47 32.82
N THR A 136 31.93 13.00 32.16
CA THR A 136 33.19 13.74 32.04
C THR A 136 33.97 13.18 30.87
N TYR A 137 34.44 14.05 29.98
CA TYR A 137 35.21 13.66 28.82
C TYR A 137 36.26 14.70 28.53
N GLY A 138 37.32 14.30 27.84
CA GLY A 138 38.37 15.21 27.45
C GLY A 138 38.93 15.97 28.62
N SER A 139 38.63 17.26 28.69
CA SER A 139 39.00 18.08 29.82
C SER A 139 37.81 18.70 30.52
N VAL A 140 36.59 18.49 30.02
CA VAL A 140 35.41 19.06 30.66
C VAL A 140 35.19 18.37 32.01
N SER A 141 34.70 19.13 32.98
CA SER A 141 34.60 18.65 34.34
C SER A 141 33.36 17.77 34.49
N TRP A 142 33.03 17.41 35.74
CA TRP A 142 31.88 16.56 35.98
C TRP A 142 30.59 17.29 35.64
N ARG A 143 29.78 16.66 34.81
CA ARG A 143 28.48 17.18 34.43
C ARG A 143 27.44 16.10 34.65
N SER A 144 26.27 16.49 35.15
CA SER A 144 25.26 15.51 35.55
C SER A 144 23.91 15.91 35.00
N ALA A 145 23.16 14.91 34.54
CA ALA A 145 21.81 15.12 34.04
C ALA A 145 21.07 13.79 34.06
N ASP A 146 19.75 13.86 34.05
CA ASP A 146 18.91 12.68 34.01
C ASP A 146 18.36 12.48 32.61
N VAL A 147 17.83 11.28 32.35
CA VAL A 147 17.43 10.89 31.01
C VAL A 147 16.54 9.67 31.11
N TYR A 148 15.60 9.55 30.18
CA TYR A 148 14.78 8.36 30.14
C TYR A 148 15.58 7.21 29.53
N VAL A 149 14.97 6.04 29.49
CA VAL A 149 15.65 4.83 29.02
C VAL A 149 14.81 4.27 27.87
N ASN A 150 15.26 4.51 26.65
CA ASN A 150 14.69 3.97 25.44
C ASN A 150 15.58 4.40 24.30
N GLY A 151 15.61 3.62 23.23
CA GLY A 151 16.52 3.94 22.16
C GLY A 151 16.03 5.09 21.30
N GLU A 152 15.28 6.02 21.89
CA GLU A 152 14.71 7.11 21.11
C GLU A 152 14.86 8.49 21.71
N THR A 153 14.98 8.66 23.02
CA THR A 153 14.85 9.99 23.58
C THR A 153 16.20 10.61 23.83
N PRO A 154 16.60 11.64 23.08
CA PRO A 154 17.88 12.28 23.33
C PRO A 154 17.82 13.17 24.56
N ALA A 155 18.99 13.40 25.12
CA ALA A 155 19.16 14.37 26.20
C ALA A 155 20.55 14.94 26.10
N LYS A 156 20.66 16.26 26.20
CA LYS A 156 21.94 16.94 26.05
C LYS A 156 22.52 17.28 27.41
N ILE A 157 23.78 16.93 27.61
CA ILE A 157 24.51 17.25 28.82
C ILE A 157 25.68 18.12 28.40
N GLY A 158 25.64 19.39 28.76
CA GLY A 158 26.65 20.29 28.26
C GLY A 158 26.54 20.42 26.76
N ASP A 159 27.46 19.79 26.03
CA ASP A 159 27.48 19.86 24.58
C ASP A 159 27.41 18.50 23.92
N ALA A 160 27.11 17.44 24.67
CA ALA A 160 27.01 16.10 24.13
C ALA A 160 25.55 15.70 23.96
N LYS A 161 25.34 14.64 23.19
CA LYS A 161 24.02 14.09 22.96
C LYS A 161 23.99 12.63 23.38
N LEU A 162 22.89 12.22 24.01
CA LEU A 162 22.82 10.90 24.61
C LEU A 162 21.60 10.14 24.10
N ILE A 163 21.79 8.85 23.85
CA ILE A 163 20.72 7.93 23.50
C ILE A 163 21.08 6.61 24.14
N ILE A 164 20.32 6.20 25.16
CA ILE A 164 20.60 4.97 25.90
C ILE A 164 19.34 4.17 26.05
N GLY A 165 19.52 2.88 26.34
CA GLY A 165 18.40 1.99 26.46
C GLY A 165 17.96 1.47 25.12
N PRO A 166 16.99 0.55 25.10
CA PRO A 166 16.26 0.03 26.26
C PRO A 166 17.06 -1.00 27.01
N LEU A 167 16.59 -1.36 28.20
CA LEU A 167 17.33 -2.27 29.06
C LEU A 167 17.45 -3.65 28.43
N SER A 168 18.39 -4.44 28.95
CA SER A 168 18.61 -5.77 28.43
C SER A 168 17.63 -6.80 28.97
N SER A 169 16.89 -6.47 30.03
CA SER A 169 15.93 -7.39 30.60
C SER A 169 14.66 -6.65 30.96
N ALA A 170 13.56 -7.38 31.03
CA ALA A 170 12.25 -6.83 31.35
C ALA A 170 11.80 -7.26 32.74
N TRP A 171 12.75 -7.44 33.65
CA TRP A 171 12.44 -7.93 34.97
C TRP A 171 11.92 -6.81 35.86
N SER A 172 11.04 -7.18 36.79
CA SER A 172 10.46 -6.22 37.72
C SER A 172 10.25 -6.91 39.06
N PRO A 173 10.25 -6.16 40.15
CA PRO A 173 10.02 -6.76 41.47
C PRO A 173 8.58 -6.70 41.96
N PHE A 174 7.63 -6.23 41.16
CA PHE A 174 6.25 -6.10 41.60
C PHE A 174 5.37 -7.15 40.96
N ASP A 175 4.18 -7.31 41.52
CA ASP A 175 3.18 -8.23 41.00
C ASP A 175 1.96 -7.44 40.53
N ASN A 176 0.91 -8.16 40.14
CA ASN A 176 -0.26 -7.50 39.58
C ASN A 176 -1.03 -6.72 40.63
N LYS A 177 -1.05 -7.19 41.87
CA LYS A 177 -1.74 -6.49 42.95
C LYS A 177 -0.76 -6.27 44.09
N VAL A 178 -0.70 -5.05 44.60
CA VAL A 178 0.11 -4.74 45.76
C VAL A 178 -0.72 -3.92 46.73
N VAL A 179 -0.25 -3.86 47.96
CA VAL A 179 -0.88 -3.05 49.00
C VAL A 179 0.18 -2.17 49.63
N VAL A 180 -0.16 -0.92 49.88
CA VAL A 180 0.75 0.04 50.48
C VAL A 180 0.19 0.48 51.81
N TYR A 181 1.02 0.46 52.84
CA TYR A 181 0.63 0.95 54.15
C TYR A 181 1.80 1.64 54.79
N GLY A 182 1.53 2.77 55.44
CA GLY A 182 2.54 3.43 56.22
C GLY A 182 3.74 3.79 55.37
N HIS A 183 4.79 3.00 55.46
CA HIS A 183 6.03 3.30 54.80
C HIS A 183 6.45 2.28 53.75
N GLU A 184 5.85 1.10 53.71
CA GLU A 184 6.34 0.05 52.83
C GLU A 184 5.17 -0.62 52.15
N VAL A 185 5.48 -1.64 51.35
CA VAL A 185 4.49 -2.33 50.53
C VAL A 185 4.57 -3.82 50.83
N TYR A 186 3.57 -4.54 50.33
CA TYR A 186 3.55 -5.99 50.43
C TYR A 186 2.88 -6.57 49.19
N ASN A 187 3.30 -7.78 48.82
CA ASN A 187 2.67 -8.49 47.71
C ASN A 187 1.48 -9.30 48.22
N TYR A 188 0.57 -8.61 48.90
CA TYR A 188 -0.63 -9.25 49.42
C TYR A 188 -1.58 -9.45 48.25
N ASP A 189 -1.22 -10.40 47.39
CA ASP A 189 -1.68 -10.45 46.02
C ASP A 189 -3.18 -10.60 45.86
N PHE A 190 -3.94 -10.65 46.94
CA PHE A 190 -5.38 -10.88 46.86
C PHE A 190 -6.18 -9.94 47.75
N PRO A 191 -6.26 -8.67 47.39
CA PRO A 191 -7.34 -7.84 47.94
C PRO A 191 -8.68 -8.32 47.45
N GLU A 192 -9.75 -7.67 47.84
CA GLU A 192 -11.08 -8.06 47.40
C GLU A 192 -11.84 -6.84 46.91
N TYR A 193 -12.66 -7.06 45.89
CA TYR A 193 -13.23 -5.95 45.13
C TYR A 193 -14.44 -5.33 45.82
N GLY A 194 -15.43 -6.15 46.15
CA GLY A 194 -16.60 -5.66 46.84
C GLY A 194 -17.08 -6.59 47.94
N THR A 195 -16.44 -7.76 48.04
CA THR A 195 -16.84 -8.77 49.01
C THR A 195 -15.95 -8.69 50.23
N GLY A 196 -16.53 -8.40 51.37
CA GLY A 196 -15.80 -8.43 52.61
C GLY A 196 -15.59 -9.86 53.06
N LYS A 197 -15.00 -9.99 54.24
CA LYS A 197 -14.80 -11.32 54.81
C LYS A 197 -15.06 -11.33 56.31
N ALA A 198 -15.99 -10.50 56.76
CA ALA A 198 -16.38 -10.47 58.17
C ALA A 198 -15.17 -10.25 59.07
N GLY A 199 -14.29 -9.36 58.63
CA GLY A 199 -13.17 -9.00 59.48
C GLY A 199 -11.97 -9.91 59.32
N SER A 200 -11.48 -10.08 58.10
CA SER A 200 -10.20 -10.72 57.88
C SER A 200 -9.19 -9.74 57.31
N PHE A 201 -9.46 -9.16 56.15
CA PHE A 201 -8.74 -7.97 55.72
C PHE A 201 -9.64 -6.91 55.12
N GLY A 202 -10.81 -7.28 54.61
CA GLY A 202 -11.73 -6.28 54.13
C GLY A 202 -13.03 -6.36 54.88
N ASP A 203 -13.30 -5.35 55.70
CA ASP A 203 -14.58 -5.24 56.36
C ASP A 203 -15.12 -3.83 56.30
N LEU A 204 -14.31 -2.87 55.89
CA LEU A 204 -14.74 -1.48 55.68
C LEU A 204 -13.93 -1.00 54.48
N GLN A 205 -14.53 -1.05 53.31
CA GLN A 205 -13.83 -0.79 52.06
C GLN A 205 -14.43 0.44 51.39
N SER A 206 -13.94 1.61 51.77
CA SER A 206 -14.38 2.84 51.12
C SER A 206 -13.76 2.92 49.74
N ARG A 207 -14.60 3.04 48.72
CA ARG A 207 -14.13 3.07 47.34
C ARG A 207 -13.13 4.20 47.12
N THR A 208 -13.29 5.30 47.83
CA THR A 208 -12.38 6.43 47.74
C THR A 208 -11.97 6.86 49.13
N SER A 209 -11.21 7.96 49.19
CA SER A 209 -10.77 8.49 50.48
C SER A 209 -11.91 9.07 51.27
N THR A 210 -12.91 9.65 50.60
CA THR A 210 -14.03 10.29 51.26
C THR A 210 -15.33 9.88 50.59
N SER A 211 -15.43 8.61 50.19
CA SER A 211 -16.67 8.11 49.63
C SER A 211 -17.76 8.07 50.70
N ASN A 212 -18.95 7.67 50.30
CA ASN A 212 -20.07 7.58 51.22
C ASN A 212 -20.71 6.21 51.19
N ASP A 213 -19.95 5.20 50.79
CA ASP A 213 -20.44 3.83 50.72
C ASP A 213 -19.36 2.89 51.20
N LEU A 214 -19.74 1.87 51.98
CA LEU A 214 -18.79 0.95 52.58
C LEU A 214 -19.31 -0.46 52.36
N TYR A 215 -18.97 -1.03 51.21
CA TYR A 215 -19.61 -2.27 50.77
C TYR A 215 -18.93 -3.48 51.39
N ALA A 216 -19.08 -3.57 52.71
CA ALA A 216 -18.56 -4.72 53.43
C ALA A 216 -19.29 -4.88 54.76
N ASN A 217 -19.22 -6.08 55.30
CA ASN A 217 -19.98 -6.51 56.45
C ASN A 217 -19.10 -6.60 57.69
N THR A 218 -19.73 -6.58 58.85
CA THR A 218 -19.04 -6.78 60.11
C THR A 218 -19.75 -7.80 61.00
N ASN A 219 -20.78 -8.47 60.48
CA ASN A 219 -21.50 -9.51 61.22
C ASN A 219 -22.07 -8.95 62.52
N LEU A 220 -22.62 -7.74 62.46
CA LEU A 220 -23.18 -7.12 63.64
C LEU A 220 -24.41 -7.87 64.12
N LYS A 221 -24.58 -7.92 65.44
CA LYS A 221 -25.72 -8.60 66.04
C LYS A 221 -26.16 -7.85 67.28
N LEU A 222 -27.46 -7.85 67.52
CA LEU A 222 -28.03 -7.17 68.67
C LEU A 222 -28.31 -8.14 69.80
N GLN A 223 -28.68 -7.58 70.96
CA GLN A 223 -28.97 -8.37 72.14
C GLN A 223 -30.14 -7.74 72.89
N ARG A 224 -30.76 -8.54 73.73
CA ARG A 224 -31.89 -8.04 74.49
C ARG A 224 -31.42 -7.44 75.81
N PRO A 225 -31.74 -6.17 76.07
CA PRO A 225 -31.35 -5.58 77.35
C PRO A 225 -32.07 -6.27 78.50
N GLN A 226 -31.43 -6.26 79.66
CA GLN A 226 -31.93 -6.97 80.82
C GLN A 226 -32.12 -6.01 81.99
N ALA A 227 -32.84 -6.48 83.00
CA ALA A 227 -32.97 -5.81 84.29
C ALA A 227 -33.59 -4.42 84.17
N GLY A 228 -34.22 -4.11 83.05
CA GLY A 228 -34.91 -2.84 82.91
C GLY A 228 -34.01 -1.63 83.06
N ILE A 229 -32.84 -1.67 82.44
CA ILE A 229 -31.90 -0.55 82.46
C ILE A 229 -31.65 -0.12 81.02
N VAL A 230 -31.72 1.19 80.78
CA VAL A 230 -31.72 1.73 79.43
C VAL A 230 -30.32 1.65 78.86
N HIS A 231 -30.08 0.63 78.04
CA HIS A 231 -28.82 0.48 77.32
C HIS A 231 -29.08 -0.39 76.11
N THR A 232 -28.14 -0.39 75.18
CA THR A 232 -28.29 -1.09 73.91
C THR A 232 -27.15 -2.07 73.72
N PRO A 233 -27.26 -3.30 74.23
CA PRO A 233 -26.20 -4.28 74.04
C PRO A 233 -26.14 -4.76 72.60
N PHE A 234 -24.97 -5.27 72.23
CA PHE A 234 -24.74 -5.80 70.90
C PHE A 234 -23.46 -6.62 70.90
N THR A 235 -23.11 -7.14 69.74
CA THR A 235 -21.91 -7.95 69.58
C THR A 235 -21.53 -7.98 68.12
N GLN A 236 -20.22 -8.10 67.86
CA GLN A 236 -19.74 -8.12 66.50
C GLN A 236 -18.32 -8.68 66.47
N VAL A 237 -17.90 -9.10 65.29
CA VAL A 237 -16.54 -9.62 65.10
C VAL A 237 -15.55 -8.49 65.28
N PRO A 238 -14.40 -8.73 65.90
CA PRO A 238 -13.36 -7.68 65.96
C PRO A 238 -12.81 -7.37 64.59
N SER A 239 -12.34 -6.14 64.43
CA SER A 239 -11.90 -5.65 63.14
C SER A 239 -10.76 -6.48 62.58
N GLY A 240 -10.92 -6.96 61.35
CA GLY A 240 -9.88 -7.74 60.72
C GLY A 240 -8.67 -6.94 60.32
N PHE A 241 -8.83 -5.63 60.12
CA PHE A 241 -7.69 -4.80 59.81
C PHE A 241 -6.64 -4.89 60.90
N GLU A 242 -7.06 -4.91 62.15
CA GLU A 242 -6.11 -5.10 63.25
C GLU A 242 -5.39 -6.42 63.12
N ARG A 243 -6.14 -7.49 62.82
CA ARG A 243 -5.52 -8.81 62.72
C ARG A 243 -4.46 -8.83 61.64
N TRP A 244 -4.76 -8.25 60.49
CA TRP A 244 -3.73 -8.19 59.45
C TRP A 244 -2.56 -7.30 59.87
N LYS A 245 -2.84 -6.27 60.67
CA LYS A 245 -1.74 -5.45 61.18
C LYS A 245 -0.82 -6.28 62.05
N LYS A 246 -1.37 -7.20 62.84
CA LYS A 246 -0.54 -8.00 63.72
C LYS A 246 0.25 -9.07 62.99
N ASP A 247 -0.27 -9.60 61.89
CA ASP A 247 0.34 -10.74 61.21
C ASP A 247 0.81 -10.41 59.81
N LYS A 248 1.30 -9.19 59.59
CA LYS A 248 1.90 -8.90 58.31
C LYS A 248 3.15 -9.74 58.11
N GLY A 249 3.32 -10.27 56.92
CA GLY A 249 4.45 -11.12 56.61
C GLY A 249 5.72 -10.32 56.45
N ALA A 250 6.58 -10.79 55.58
CA ALA A 250 7.82 -10.06 55.31
C ALA A 250 7.54 -8.89 54.39
N PRO A 251 7.87 -7.66 54.78
CA PRO A 251 7.72 -6.54 53.87
C PRO A 251 8.59 -6.70 52.64
N LEU A 252 8.13 -6.15 51.52
CA LEU A 252 8.82 -6.37 50.26
C LEU A 252 10.23 -5.84 50.30
N ASN A 253 10.45 -4.73 50.98
CA ASN A 253 11.79 -4.15 51.03
C ASN A 253 12.77 -4.99 51.79
N ASP A 254 12.41 -6.18 52.26
CA ASP A 254 13.38 -7.12 52.82
C ASP A 254 13.37 -8.45 52.09
N VAL A 255 12.73 -8.53 50.93
CA VAL A 255 12.74 -9.76 50.14
C VAL A 255 13.09 -9.53 48.68
N ALA A 256 13.13 -8.29 48.21
CA ALA A 256 13.39 -8.05 46.80
C ALA A 256 14.74 -8.64 46.40
N PRO A 257 14.80 -9.45 45.37
CA PRO A 257 16.09 -9.96 44.92
C PRO A 257 16.95 -8.86 44.31
N PHE A 258 18.18 -9.21 43.94
CA PHE A 258 19.12 -8.33 43.26
C PHE A 258 19.46 -7.11 44.10
N GLY A 259 18.98 -7.03 45.34
CA GLY A 259 19.43 -5.99 46.24
C GLY A 259 19.01 -4.61 45.81
N CYS A 260 17.71 -4.32 45.83
CA CYS A 260 17.25 -3.00 45.45
C CYS A 260 16.15 -2.55 46.40
N SER A 261 16.33 -1.37 46.97
CA SER A 261 15.41 -0.80 47.92
C SER A 261 14.13 -0.36 47.23
N ILE A 262 13.23 0.24 48.00
CA ILE A 262 11.92 0.66 47.52
C ILE A 262 11.57 2.00 48.13
N ALA A 263 11.59 3.05 47.33
CA ALA A 263 11.06 4.33 47.74
C ALA A 263 9.53 4.28 47.69
N LEU A 264 8.89 5.29 48.28
CA LEU A 264 7.45 5.27 48.44
C LEU A 264 6.72 6.11 47.40
N GLU A 265 6.99 7.41 47.35
CA GLU A 265 6.08 8.36 46.70
C GLU A 265 5.77 8.00 45.24
N PRO A 266 6.73 7.74 44.37
CA PRO A 266 6.39 7.22 43.03
C PRO A 266 6.41 5.71 42.91
N LEU A 267 6.53 4.99 44.03
CA LEU A 267 6.79 3.55 44.02
C LEU A 267 8.07 3.26 43.23
N ARG A 268 9.08 4.06 43.48
CA ARG A 268 10.38 3.83 42.87
C ARG A 268 10.93 2.50 43.34
N ALA A 269 11.51 1.75 42.42
CA ALA A 269 12.27 0.54 42.76
C ALA A 269 13.70 0.79 42.32
N GLU A 270 14.46 1.46 43.18
CA GLU A 270 15.72 2.06 42.78
C GLU A 270 16.86 1.05 42.74
N ASN A 271 17.81 1.30 41.85
CA ASN A 271 19.11 0.65 41.82
C ASN A 271 19.05 -0.83 41.50
N CYS A 272 17.93 -1.33 41.02
CA CYS A 272 17.80 -2.79 40.89
C CYS A 272 18.72 -3.22 39.76
N ALA A 273 19.91 -3.70 40.14
CA ALA A 273 20.96 -3.96 39.18
C ALA A 273 20.71 -5.26 38.42
N VAL A 274 20.69 -5.17 37.09
CA VAL A 274 20.50 -6.34 36.24
C VAL A 274 20.88 -5.98 34.82
N GLY A 275 21.48 -6.92 34.11
CA GLY A 275 21.67 -6.79 32.69
C GLY A 275 22.63 -5.68 32.28
N SER A 276 22.56 -5.34 31.00
CA SER A 276 23.44 -4.36 30.39
C SER A 276 22.60 -3.30 29.68
N ILE A 277 23.28 -2.30 29.12
CA ILE A 277 22.62 -1.20 28.46
C ILE A 277 23.34 -0.85 27.17
N PRO A 278 22.65 -0.71 26.06
CA PRO A 278 23.28 -0.19 24.83
C PRO A 278 23.38 1.32 24.90
N ILE A 279 24.61 1.82 24.80
CA ILE A 279 24.86 3.24 24.93
C ILE A 279 25.30 3.80 23.58
N SER A 280 24.96 5.06 23.32
CA SER A 280 25.36 5.74 22.11
C SER A 280 25.47 7.23 22.40
N ILE A 281 26.67 7.76 22.32
CA ILE A 281 26.94 9.14 22.68
C ILE A 281 27.67 9.82 21.53
N ASP A 282 27.46 11.13 21.40
CA ASP A 282 28.14 11.96 20.41
C ASP A 282 28.80 13.13 21.12
N ILE A 283 30.07 13.37 20.80
CA ILE A 283 30.81 14.48 21.37
C ILE A 283 30.97 15.56 20.30
N PRO A 284 31.08 16.83 20.68
CA PRO A 284 31.33 17.87 19.67
C PRO A 284 32.68 17.67 19.03
N ASP A 285 32.79 18.14 17.79
CA ASP A 285 34.04 18.01 17.05
C ASP A 285 35.06 19.07 17.41
N ALA A 286 34.69 20.00 18.30
CA ALA A 286 35.60 21.04 18.74
C ALA A 286 36.55 20.55 19.84
N ALA A 287 36.42 19.31 20.28
CA ALA A 287 37.25 18.78 21.34
C ALA A 287 38.33 17.84 20.84
N PHE A 288 38.46 17.69 19.53
CA PHE A 288 39.55 16.93 18.95
C PHE A 288 40.70 17.85 18.59
N THR A 289 41.83 17.25 18.24
CA THR A 289 42.99 18.03 17.83
C THR A 289 43.79 17.23 16.82
N ARG A 290 44.60 17.94 16.04
CA ARG A 290 45.35 17.32 14.96
C ARG A 290 46.35 16.32 15.51
N ILE A 291 46.49 15.20 14.80
CA ILE A 291 47.33 14.11 15.25
C ILE A 291 48.79 14.48 15.28
N SER A 292 49.18 15.57 14.64
CA SER A 292 50.58 15.97 14.60
C SER A 292 50.97 16.89 15.74
N GLU A 293 50.05 17.18 16.66
CA GLU A 293 50.35 18.03 17.80
C GLU A 293 50.56 17.23 19.09
N THR A 294 50.44 15.96 19.04
CA THR A 294 50.64 15.19 20.24
C THR A 294 52.05 14.60 20.26
N PRO A 295 52.64 14.47 21.44
CA PRO A 295 53.95 13.84 21.54
C PRO A 295 53.89 12.39 21.07
N THR A 296 54.77 12.06 20.12
CA THR A 296 54.86 10.68 19.66
C THR A 296 55.50 9.81 20.72
N VAL A 297 54.94 8.62 20.91
CA VAL A 297 55.37 7.71 21.95
C VAL A 297 56.03 6.50 21.31
N SER A 298 57.25 6.20 21.74
CA SER A 298 58.00 5.08 21.20
C SER A 298 59.02 4.63 22.23
N ASP A 299 59.55 3.43 22.02
CA ASP A 299 60.51 2.82 22.93
C ASP A 299 59.91 2.69 24.33
N LEU A 300 58.91 1.82 24.41
CA LEU A 300 58.19 1.56 25.64
C LEU A 300 58.73 0.32 26.34
N GLU A 301 58.55 0.29 27.65
CA GLU A 301 58.89 -0.91 28.42
C GLU A 301 58.10 -0.91 29.70
N CYS A 302 57.23 -1.90 29.87
CA CYS A 302 56.36 -1.99 31.03
C CYS A 302 56.84 -3.11 31.94
N LYS A 303 57.04 -2.79 33.21
CA LYS A 303 57.51 -3.74 34.19
C LYS A 303 56.52 -3.81 35.33
N ILE A 304 56.16 -5.03 35.73
CA ILE A 304 55.21 -5.23 36.81
C ILE A 304 55.98 -5.34 38.11
N THR A 305 55.66 -4.46 39.07
CA THR A 305 56.35 -4.49 40.35
C THR A 305 55.74 -5.52 41.27
N GLU A 306 54.47 -5.34 41.62
CA GLU A 306 53.82 -6.19 42.59
C GLU A 306 52.32 -6.05 42.45
N CYS A 307 51.60 -7.17 42.59
CA CYS A 307 50.15 -7.14 42.51
C CYS A 307 49.59 -8.31 43.30
N THR A 308 48.30 -8.19 43.61
CA THR A 308 47.57 -9.25 44.29
C THR A 308 46.08 -9.02 44.09
N TYR A 309 45.35 -10.08 43.74
CA TYR A 309 43.98 -9.92 43.31
C TYR A 309 43.07 -9.74 44.51
N ALA A 310 42.47 -8.56 44.62
CA ALA A 310 41.52 -8.27 45.68
C ALA A 310 40.56 -7.21 45.17
N PHE A 311 39.47 -7.02 45.90
CA PHE A 311 38.43 -6.12 45.43
C PHE A 311 38.88 -4.67 45.38
N ASP A 312 40.00 -4.33 46.00
CA ASP A 312 40.56 -3.00 45.85
C ASP A 312 41.73 -3.04 44.88
N PHE A 313 42.28 -1.87 44.59
CA PHE A 313 43.39 -1.77 43.66
C PHE A 313 44.67 -2.32 44.30
N GLY A 314 45.00 -3.56 43.98
CA GLY A 314 46.14 -4.20 44.59
C GLY A 314 47.18 -4.60 43.58
N GLY A 315 47.43 -3.73 42.60
CA GLY A 315 48.46 -3.99 41.61
C GLY A 315 49.19 -2.73 41.17
N ILE A 316 50.51 -2.78 41.11
CA ILE A 316 51.32 -1.62 40.76
C ILE A 316 52.41 -2.06 39.79
N ALA A 317 52.56 -1.32 38.71
CA ALA A 317 53.56 -1.61 37.70
C ALA A 317 54.16 -0.32 37.19
N THR A 318 55.36 -0.43 36.62
CA THR A 318 56.12 0.71 36.14
C THR A 318 56.41 0.57 34.66
N VAL A 319 56.59 1.72 34.01
CA VAL A 319 56.89 1.79 32.58
C VAL A 319 58.06 2.72 32.36
N ALA A 320 58.98 2.30 31.51
CA ALA A 320 60.06 3.14 31.02
C ALA A 320 59.78 3.52 29.56
N TYR A 321 60.20 4.71 29.17
CA TYR A 321 59.70 5.30 27.94
C TYR A 321 60.68 6.32 27.39
N LYS A 322 60.67 6.47 26.07
CA LYS A 322 61.48 7.46 25.38
C LYS A 322 60.58 8.41 24.60
N SER A 323 60.57 9.67 24.99
CA SER A 323 59.58 10.62 24.51
C SER A 323 60.04 11.33 23.25
N SER A 324 59.08 12.02 22.63
CA SER A 324 59.35 12.98 21.58
C SER A 324 59.32 14.41 22.12
N LYS A 325 58.34 14.74 22.94
CA LYS A 325 58.29 16.01 23.63
C LYS A 325 57.37 15.87 24.83
N ALA A 326 57.46 16.83 25.75
CA ALA A 326 56.65 16.78 26.95
C ALA A 326 55.19 17.03 26.63
N GLY A 327 54.32 16.44 27.45
CA GLY A 327 52.89 16.59 27.25
C GLY A 327 52.13 15.58 28.08
N ASN A 328 50.82 15.57 27.88
CA ASN A 328 49.92 14.66 28.58
C ASN A 328 49.02 13.97 27.58
N CYS A 329 48.85 12.66 27.73
CA CYS A 329 47.89 11.92 26.92
C CYS A 329 47.40 10.73 27.72
N PRO A 330 46.21 10.22 27.42
CA PRO A 330 45.57 9.25 28.31
C PRO A 330 46.15 7.85 28.14
N ILE A 331 45.71 6.98 29.04
CA ILE A 331 46.06 5.57 29.05
C ILE A 331 44.79 4.77 29.21
N HIS A 332 44.78 3.56 28.67
CA HIS A 332 43.57 2.76 28.72
C HIS A 332 43.92 1.32 28.44
N SER A 333 43.09 0.41 28.96
CA SER A 333 43.20 -1.01 28.67
C SER A 333 41.99 -1.47 27.90
N PRO A 334 42.09 -1.65 26.59
CA PRO A 334 40.93 -2.15 25.84
C PRO A 334 40.48 -3.52 26.31
N SER A 335 41.41 -4.39 26.71
CA SER A 335 41.00 -5.70 27.19
C SER A 335 40.37 -5.57 28.57
N GLY A 336 39.58 -6.57 28.93
CA GLY A 336 38.85 -6.57 30.18
C GLY A 336 39.45 -7.39 31.29
N VAL A 337 40.62 -7.99 31.07
CA VAL A 337 41.22 -8.85 32.10
C VAL A 337 41.57 -8.02 33.34
N ALA A 338 42.00 -6.79 33.14
CA ALA A 338 42.32 -5.92 34.26
C ALA A 338 41.76 -4.53 33.99
N VAL A 339 41.44 -3.82 35.06
CA VAL A 339 40.94 -2.46 34.97
C VAL A 339 42.05 -1.52 35.42
N ILE A 340 42.15 -0.37 34.78
CA ILE A 340 43.19 0.60 35.06
C ILE A 340 42.62 1.65 36.00
N LYS A 341 43.22 1.78 37.18
CA LYS A 341 42.77 2.80 38.13
C LYS A 341 42.97 4.19 37.55
N GLU A 342 44.10 4.43 36.91
CA GLU A 342 44.37 5.74 36.37
C GLU A 342 43.66 5.92 35.03
N ASN A 343 43.49 7.19 34.64
CA ASN A 343 42.87 7.53 33.36
C ASN A 343 43.86 8.17 32.38
N ASP A 344 44.54 9.24 32.79
CA ASP A 344 45.48 9.93 31.93
C ASP A 344 46.72 10.32 32.74
N VAL A 345 47.86 10.34 32.08
CA VAL A 345 49.13 10.57 32.74
C VAL A 345 49.92 11.62 31.97
N THR A 346 50.70 12.41 32.69
CA THR A 346 51.63 13.32 32.05
C THR A 346 52.87 12.57 31.58
N LEU A 347 53.57 13.15 30.61
CA LEU A 347 54.77 12.55 30.05
C LEU A 347 55.86 13.59 29.97
N ALA A 348 57.06 13.21 30.39
CA ALA A 348 58.24 14.04 30.21
C ALA A 348 59.17 13.34 29.23
N GLU A 349 60.20 14.05 28.80
CA GLU A 349 61.16 13.47 27.88
C GLU A 349 61.88 12.31 28.56
N SER A 350 62.08 11.24 27.81
CA SER A 350 62.57 9.98 28.36
C SER A 350 61.69 9.53 29.53
N GLY A 351 60.43 9.26 29.21
CA GLY A 351 59.44 9.03 30.25
C GLY A 351 59.71 7.76 31.03
N SER A 352 59.29 7.78 32.29
CA SER A 352 59.30 6.60 33.13
C SER A 352 58.40 6.87 34.32
N PHE A 353 57.31 6.11 34.44
CA PHE A 353 56.31 6.40 35.46
C PHE A 353 55.64 5.09 35.85
N THR A 354 54.59 5.21 36.68
CA THR A 354 53.88 4.05 37.18
C THR A 354 52.42 4.41 37.37
N PHE A 355 51.63 3.41 37.75
CA PHE A 355 50.19 3.60 37.92
C PHE A 355 49.67 2.53 38.86
N HIS A 356 48.35 2.33 38.86
CA HIS A 356 47.72 1.33 39.69
C HIS A 356 46.62 0.64 38.92
N PHE A 357 46.26 -0.56 39.37
CA PHE A 357 45.25 -1.34 38.69
C PHE A 357 44.79 -2.47 39.58
N SER A 358 43.56 -2.91 39.36
CA SER A 358 43.03 -4.12 39.96
C SER A 358 43.00 -5.23 38.92
N THR A 359 42.85 -6.47 39.39
CA THR A 359 42.70 -7.59 38.50
C THR A 359 41.99 -8.72 39.21
N ALA A 360 41.81 -9.82 38.50
CA ALA A 360 41.16 -10.99 39.06
C ALA A 360 41.80 -12.28 38.63
N ASN A 361 42.99 -12.25 38.05
CA ASN A 361 43.64 -13.44 37.53
C ASN A 361 44.99 -13.64 38.18
N ILE A 362 45.37 -14.91 38.34
CA ILE A 362 46.67 -15.24 38.93
C ILE A 362 47.78 -14.68 38.07
N HIS A 363 47.66 -14.82 36.75
CA HIS A 363 48.66 -14.35 35.80
C HIS A 363 47.97 -13.33 34.90
N PRO A 364 47.92 -12.07 35.29
CA PRO A 364 47.35 -11.06 34.42
C PRO A 364 48.11 -10.99 33.12
N ALA A 365 47.39 -10.83 32.02
CA ALA A 365 47.98 -10.78 30.69
C ALA A 365 47.45 -9.60 29.91
N PHE A 366 47.00 -8.57 30.62
CA PHE A 366 46.37 -7.44 29.98
C PHE A 366 47.37 -6.68 29.13
N LYS A 367 46.87 -6.10 28.05
CA LYS A 367 47.66 -5.29 27.14
C LYS A 367 47.03 -3.92 27.03
N LEU A 368 47.82 -2.89 27.30
CA LEU A 368 47.30 -1.53 27.33
C LEU A 368 47.83 -0.74 26.15
N GLN A 369 47.11 0.31 25.80
CA GLN A 369 47.52 1.27 24.79
C GLN A 369 47.60 2.65 25.42
N VAL A 370 48.61 3.41 25.03
CA VAL A 370 48.81 4.76 25.54
C VAL A 370 49.20 5.65 24.38
N CYS A 371 48.53 6.79 24.26
CA CYS A 371 49.02 7.91 23.43
C CYS A 371 49.26 7.45 21.99
N THR A 372 48.33 6.66 21.47
CA THR A 372 48.45 6.06 20.13
C THR A 372 49.67 5.15 20.04
N SER A 373 49.75 4.19 20.95
CA SER A 373 50.88 3.27 20.98
C SER A 373 50.49 2.07 21.83
N ALA A 374 50.83 0.88 21.34
CA ALA A 374 50.46 -0.34 22.02
C ALA A 374 51.63 -0.90 22.81
N VAL A 375 51.32 -1.61 23.89
CA VAL A 375 52.33 -2.27 24.70
C VAL A 375 51.67 -3.39 25.48
N THR A 376 52.27 -4.57 25.45
CA THR A 376 51.81 -5.68 26.27
C THR A 376 52.62 -5.73 27.55
N CYS A 377 51.95 -5.96 28.67
CA CYS A 377 52.60 -6.09 29.97
C CYS A 377 52.08 -7.39 30.55
N LYS A 378 52.78 -8.48 30.23
CA LYS A 378 52.30 -9.82 30.57
C LYS A 378 52.37 -10.11 32.05
N GLY A 379 52.99 -9.24 32.83
CA GLY A 379 52.92 -9.39 34.26
C GLY A 379 53.54 -10.69 34.73
N ASP A 380 53.13 -11.11 35.92
CA ASP A 380 53.58 -12.36 36.51
C ASP A 380 52.48 -12.89 37.41
N CYS A 381 52.81 -13.93 38.18
CA CYS A 381 51.87 -14.49 39.13
C CYS A 381 51.73 -13.58 40.33
N LYS A 382 50.51 -13.49 40.87
CA LYS A 382 50.29 -12.63 42.02
C LYS A 382 49.82 -13.44 43.21
N PRO A 383 50.28 -13.12 44.41
CA PRO A 383 49.89 -13.88 45.59
C PRO A 383 48.44 -13.60 45.97
N PRO A 384 47.75 -14.58 46.52
CA PRO A 384 46.36 -14.36 46.94
C PRO A 384 46.29 -13.50 48.18
N LYS A 385 45.11 -12.94 48.41
CA LYS A 385 44.86 -12.19 49.62
C LYS A 385 44.17 -13.10 50.63
N GLN A 394 32.67 -6.34 44.90
CA GLN A 394 32.71 -4.95 45.34
C GLN A 394 33.27 -4.09 44.24
N HIS A 395 34.03 -4.70 43.32
CA HIS A 395 34.69 -3.94 42.27
C HIS A 395 34.91 -4.82 41.04
N THR A 396 35.26 -4.16 39.93
CA THR A 396 35.14 -4.76 38.62
C THR A 396 36.15 -5.87 38.42
N GLU A 397 35.67 -7.10 38.38
CA GLU A 397 36.48 -8.27 38.09
C GLU A 397 35.72 -9.13 37.10
N SER A 398 36.44 -10.01 36.41
CA SER A 398 35.83 -10.86 35.41
C SER A 398 35.39 -12.21 35.99
N PHE A 399 36.35 -12.98 36.51
CA PHE A 399 36.11 -14.33 36.98
C PHE A 399 35.47 -15.18 35.90
N THR A 400 36.22 -15.40 34.81
CA THR A 400 35.71 -16.05 33.62
C THR A 400 36.39 -17.40 33.38
N SER A 401 36.54 -18.20 34.43
CA SER A 401 37.26 -19.47 34.36
C SER A 401 38.70 -19.27 33.90
N ALA A 402 39.22 -18.06 34.03
CA ALA A 402 40.59 -17.74 33.64
C ALA A 402 41.53 -17.76 34.82
N ILE A 403 41.28 -18.63 35.79
CA ILE A 403 42.15 -18.76 36.96
C ILE A 403 43.05 -19.97 36.88
N SER A 404 42.97 -20.75 35.80
CA SER A 404 43.86 -21.89 35.62
C SER A 404 45.30 -21.46 35.77
N ALA A 405 45.95 -21.94 36.83
CA ALA A 405 47.29 -21.51 37.17
C ALA A 405 48.32 -22.26 36.31
N THR A 406 49.57 -21.86 36.46
CA THR A 406 50.64 -22.48 35.67
C THR A 406 50.73 -23.97 35.97
N ALA A 407 50.69 -24.35 37.24
CA ALA A 407 50.68 -25.76 37.58
C ALA A 407 49.41 -26.44 37.09
N TRP A 408 48.28 -25.73 37.20
CA TRP A 408 47.02 -26.29 36.71
C TRP A 408 47.09 -26.57 35.21
N SER A 409 47.51 -25.58 34.43
CA SER A 409 47.63 -25.78 32.98
C SER A 409 48.66 -26.85 32.66
N TRP A 410 49.76 -26.87 33.42
CA TRP A 410 50.79 -27.88 33.22
C TRP A 410 50.21 -29.29 33.35
N ILE A 411 49.50 -29.53 34.45
CA ILE A 411 48.94 -30.86 34.68
C ILE A 411 47.90 -31.19 33.60
N LYS A 412 47.06 -30.23 33.25
CA LYS A 412 46.00 -30.53 32.29
C LYS A 412 46.58 -30.87 30.92
N VAL A 413 47.58 -30.10 30.47
CA VAL A 413 48.18 -30.41 29.18
C VAL A 413 48.92 -31.73 29.26
N LEU A 414 49.54 -32.03 30.40
CA LEU A 414 50.21 -33.30 30.55
C LEU A 414 49.24 -34.46 30.36
N VAL A 415 48.12 -34.44 31.07
CA VAL A 415 47.21 -35.58 31.01
C VAL A 415 46.59 -35.69 29.62
N GLY A 416 46.20 -34.56 29.02
CA GLY A 416 45.65 -34.62 27.68
C GLY A 416 46.63 -35.19 26.68
N GLY A 417 47.88 -34.72 26.73
CA GLY A 417 48.88 -35.21 25.82
C GLY A 417 49.16 -36.69 26.01
N THR A 418 49.22 -37.15 27.27
CA THR A 418 49.48 -38.56 27.52
C THR A 418 48.37 -39.43 26.94
N SER A 419 47.11 -39.05 27.18
CA SER A 419 46.01 -39.82 26.63
C SER A 419 46.06 -39.86 25.11
N ALA A 420 46.29 -38.70 24.49
CA ALA A 420 46.37 -38.64 23.05
C ALA A 420 47.50 -39.51 22.52
N PHE A 421 48.67 -39.44 23.16
CA PHE A 421 49.82 -40.20 22.70
C PHE A 421 49.55 -41.69 22.75
N ILE A 422 49.01 -42.18 23.88
CA ILE A 422 48.79 -43.62 23.99
C ILE A 422 47.76 -44.09 22.97
N VAL A 423 46.67 -43.34 22.80
CA VAL A 423 45.63 -43.82 21.88
C VAL A 423 46.15 -43.79 20.44
N LEU A 424 46.90 -42.75 20.07
CA LEU A 424 47.40 -42.68 18.70
C LEU A 424 48.44 -43.77 18.44
N GLY A 425 49.30 -44.05 19.42
CA GLY A 425 50.25 -45.13 19.25
C GLY A 425 49.57 -46.46 19.03
N LEU A 426 48.52 -46.73 19.81
CA LEU A 426 47.78 -47.97 19.62
C LEU A 426 47.14 -48.03 18.23
N ILE A 427 46.55 -46.92 17.79
CA ILE A 427 45.94 -46.89 16.46
C ILE A 427 46.98 -47.19 15.40
N ALA A 428 48.16 -46.59 15.52
CA ALA A 428 49.23 -46.86 14.56
C ALA A 428 49.62 -48.33 14.57
N THR A 429 49.75 -48.92 15.75
CA THR A 429 50.15 -50.31 15.85
C THR A 429 49.12 -51.23 15.20
N ALA A 430 47.85 -50.89 15.26
CA ALA A 430 46.83 -51.72 14.62
C ALA A 430 47.10 -51.89 13.12
N VAL A 431 47.27 -50.77 12.41
CA VAL A 431 47.52 -50.87 10.98
C VAL A 431 48.91 -51.41 10.70
N VAL A 432 49.86 -51.21 11.63
CA VAL A 432 51.16 -51.83 11.48
C VAL A 432 51.03 -53.34 11.44
N ALA A 433 50.23 -53.90 12.34
CA ALA A 433 49.96 -55.33 12.29
C ALA A 433 49.26 -55.71 10.99
N LEU A 434 48.27 -54.90 10.57
CA LEU A 434 47.45 -55.27 9.41
C LEU A 434 48.28 -55.32 8.12
N VAL A 435 49.18 -54.36 7.92
CA VAL A 435 49.87 -54.24 6.65
C VAL A 435 50.76 -55.46 6.40
N LEU A 436 51.27 -56.07 7.45
CA LEU A 436 52.06 -57.29 7.27
C LEU A 436 51.24 -58.35 6.56
N PHE A 437 50.05 -58.64 7.08
CA PHE A 437 49.18 -59.61 6.43
C PHE A 437 48.81 -59.16 5.02
N PHE A 438 48.55 -57.86 4.86
CA PHE A 438 48.29 -57.35 3.52
C PHE A 438 49.46 -57.58 2.58
N HIS A 439 50.66 -57.76 3.12
CA HIS A 439 51.84 -58.02 2.31
C HIS A 439 52.13 -59.50 2.15
N ARG A 440 51.59 -60.37 3.00
CA ARG A 440 51.95 -61.79 2.96
C ARG A 440 51.58 -62.45 1.65
N HIS A 441 50.59 -61.92 0.94
CA HIS A 441 50.20 -62.48 -0.35
C HIS A 441 50.77 -61.63 -1.49
N ASP B 1 -8.58 29.69 72.13
CA ASP B 1 -9.81 30.31 71.66
C ASP B 1 -10.92 30.22 72.71
N LEU B 2 -11.93 31.08 72.55
CA LEU B 2 -13.07 31.09 73.46
C LEU B 2 -14.35 30.90 72.68
N ASP B 3 -14.36 31.36 71.43
CA ASP B 3 -15.54 31.25 70.59
C ASP B 3 -15.94 29.79 70.39
N THR B 4 -14.98 28.93 70.10
CA THR B 4 -15.28 27.51 69.94
C THR B 4 -15.81 26.92 71.24
N HIS B 5 -15.23 27.33 72.37
CA HIS B 5 -15.75 26.88 73.65
C HIS B 5 -17.18 27.34 73.84
N PHE B 6 -17.53 28.52 73.33
CA PHE B 6 -18.91 28.99 73.42
C PHE B 6 -19.83 28.12 72.56
N THR B 7 -19.43 27.87 71.32
CA THR B 7 -20.21 26.99 70.46
C THR B 7 -20.36 25.61 71.07
N GLN B 8 -19.38 25.18 71.87
CA GLN B 8 -19.54 23.94 72.63
C GLN B 8 -20.55 24.13 73.75
N TYR B 9 -20.50 25.26 74.44
CA TYR B 9 -21.34 25.54 75.59
C TYR B 9 -22.63 26.25 75.23
N LYS B 10 -22.86 26.53 73.95
CA LYS B 10 -24.01 27.34 73.55
C LYS B 10 -25.31 26.64 73.94
N LEU B 11 -25.41 25.34 73.70
CA LEU B 11 -26.63 24.60 73.94
C LEU B 11 -26.39 23.28 74.65
N ALA B 12 -25.15 22.86 74.80
CA ALA B 12 -24.87 21.61 75.47
C ALA B 12 -25.12 21.74 76.97
N ARG B 13 -25.32 20.59 77.61
CA ARG B 13 -25.50 20.54 79.04
C ARG B 13 -25.15 19.13 79.51
N PRO B 14 -24.71 18.96 80.74
CA PRO B 14 -24.44 17.62 81.25
C PRO B 14 -25.71 16.79 81.33
N TYR B 15 -25.54 15.52 81.62
CA TYR B 15 -26.66 14.60 81.72
C TYR B 15 -26.24 13.40 82.55
N ILE B 16 -27.23 12.65 83.02
CA ILE B 16 -27.02 11.55 83.96
C ILE B 16 -27.43 10.25 83.30
N ALA B 17 -26.59 9.22 83.44
CA ALA B 17 -26.90 7.90 82.94
C ALA B 17 -26.27 6.86 83.85
N ASP B 18 -26.35 5.60 83.46
CA ASP B 18 -25.89 4.52 84.31
C ASP B 18 -24.47 4.10 83.94
N CYS B 19 -23.71 3.68 84.95
CA CYS B 19 -22.43 3.04 84.73
C CYS B 19 -22.32 1.85 85.67
N PRO B 20 -21.70 0.80 85.23
CA PRO B 20 -21.60 -0.43 86.05
C PRO B 20 -20.42 -0.43 87.02
N ASN B 21 -20.28 0.66 87.79
CA ASN B 21 -19.25 0.69 88.82
C ASN B 21 -19.63 -0.31 89.89
N CYS B 22 -19.02 -1.49 89.85
CA CYS B 22 -19.48 -2.59 90.69
C CYS B 22 -19.10 -2.43 92.15
N GLY B 23 -18.26 -1.46 92.48
CA GLY B 23 -18.11 -1.11 93.88
C GLY B 23 -19.42 -0.69 94.50
N HIS B 24 -20.39 -0.30 93.67
CA HIS B 24 -21.71 0.07 94.15
C HIS B 24 -22.83 -0.44 93.24
N SER B 25 -22.55 -1.47 92.43
CA SER B 25 -23.61 -2.30 91.81
C SER B 25 -24.54 -1.50 90.89
N ARG B 26 -24.00 -1.09 89.74
CA ARG B 26 -24.77 -0.46 88.68
C ARG B 26 -25.35 0.88 89.11
N CYS B 27 -24.49 1.83 89.43
CA CYS B 27 -24.90 3.14 89.88
C CYS B 27 -25.15 4.07 88.70
N ASP B 28 -26.09 4.99 88.91
CA ASP B 28 -26.36 6.03 87.91
C ASP B 28 -25.65 7.30 88.33
N SER B 29 -24.80 7.81 87.47
CA SER B 29 -23.93 8.93 87.78
C SER B 29 -24.01 10.00 86.72
N PRO B 30 -23.70 11.25 87.06
CA PRO B 30 -23.40 12.24 86.03
C PRO B 30 -22.15 11.89 85.22
N ILE B 31 -21.19 11.20 85.81
CA ILE B 31 -19.97 10.83 85.09
C ILE B 31 -20.22 9.45 84.51
N ALA B 32 -20.84 9.42 83.35
CA ALA B 32 -21.11 8.16 82.64
C ALA B 32 -20.09 7.99 81.55
N ILE B 33 -19.34 6.89 81.59
CA ILE B 33 -18.30 6.67 80.60
C ILE B 33 -18.93 6.21 79.29
N GLU B 34 -18.45 6.75 78.19
CA GLU B 34 -18.93 6.36 76.86
C GLU B 34 -17.75 6.32 75.91
N GLU B 35 -17.52 5.15 75.32
CA GLU B 35 -16.60 4.93 74.19
C GLU B 35 -15.24 5.61 74.41
N VAL B 36 -14.48 5.06 75.35
CA VAL B 36 -13.09 5.45 75.48
C VAL B 36 -12.34 5.07 74.21
N ARG B 37 -11.39 5.90 73.81
CA ARG B 37 -10.65 5.70 72.59
C ARG B 37 -9.17 5.67 72.87
N GLY B 38 -8.50 4.61 72.42
CA GLY B 38 -7.05 4.61 72.42
C GLY B 38 -6.47 3.83 71.26
N ASP B 39 -5.78 4.53 70.37
CA ASP B 39 -5.04 3.85 69.31
C ASP B 39 -3.68 4.50 69.04
N ALA B 40 -3.26 5.43 69.88
CA ALA B 40 -2.02 6.15 69.65
C ALA B 40 -0.83 5.31 70.09
N HIS B 41 0.26 5.40 69.33
CA HIS B 41 1.44 4.61 69.66
C HIS B 41 2.08 5.05 70.96
N ALA B 42 1.95 6.31 71.35
CA ALA B 42 2.63 6.78 72.55
C ALA B 42 1.96 6.35 73.83
N GLY B 43 0.79 5.72 73.75
CA GLY B 43 0.09 5.27 74.93
C GLY B 43 -0.86 6.27 75.53
N VAL B 44 -1.25 7.30 74.79
CA VAL B 44 -2.21 8.28 75.28
C VAL B 44 -3.60 7.77 74.96
N ILE B 45 -4.58 8.22 75.73
CA ILE B 45 -5.98 7.87 75.51
C ILE B 45 -6.84 9.08 75.83
N ARG B 46 -7.93 9.23 75.11
CA ARG B 46 -8.91 10.26 75.41
C ARG B 46 -10.26 9.59 75.65
N ILE B 47 -10.98 10.11 76.63
CA ILE B 47 -12.23 9.52 77.08
C ILE B 47 -13.32 10.57 76.98
N GLN B 48 -14.50 10.13 76.55
CA GLN B 48 -15.63 11.01 76.29
C GLN B 48 -16.68 10.73 77.37
N THR B 49 -16.64 11.51 78.44
CA THR B 49 -17.52 11.30 79.57
C THR B 49 -18.85 12.01 79.31
N SER B 50 -19.68 12.09 80.36
CA SER B 50 -21.04 12.60 80.25
C SER B 50 -21.24 13.91 81.02
N ALA B 51 -20.16 14.62 81.32
CA ALA B 51 -20.24 15.87 82.06
C ALA B 51 -19.46 16.95 81.32
N MET B 52 -19.92 18.19 81.46
CA MET B 52 -19.26 19.30 80.80
C MET B 52 -18.09 19.78 81.63
N PHE B 53 -16.94 19.93 80.99
CA PHE B 53 -15.73 20.39 81.63
C PHE B 53 -15.34 21.76 81.11
N GLY B 54 -14.42 22.40 81.83
CA GLY B 54 -13.87 23.66 81.37
C GLY B 54 -14.62 24.87 81.89
N LEU B 55 -15.47 25.44 81.05
CA LEU B 55 -16.09 26.71 81.38
C LEU B 55 -17.19 26.53 82.41
N LYS B 56 -17.41 27.60 83.18
CA LYS B 56 -18.49 27.64 84.15
C LYS B 56 -19.78 27.99 83.41
N THR B 57 -20.83 28.31 84.17
CA THR B 57 -22.09 28.72 83.55
C THR B 57 -21.93 29.98 82.73
N ASP B 58 -21.06 30.90 83.15
CA ASP B 58 -20.79 32.10 82.38
C ASP B 58 -20.08 31.81 81.07
N GLY B 59 -19.12 30.89 81.07
CA GLY B 59 -18.40 30.55 79.86
C GLY B 59 -16.93 30.91 79.90
N VAL B 60 -16.33 30.93 81.08
CA VAL B 60 -14.92 31.21 81.27
C VAL B 60 -14.37 30.27 82.34
N ASP B 61 -13.11 30.49 82.71
CA ASP B 61 -12.45 29.73 83.77
C ASP B 61 -12.47 28.23 83.45
N LEU B 62 -11.67 27.87 82.45
CA LEU B 62 -11.66 26.49 82.01
C LEU B 62 -11.17 25.51 83.09
N ALA B 63 -10.93 26.01 84.30
CA ALA B 63 -10.63 25.17 85.45
C ALA B 63 -11.90 24.77 86.20
N TYR B 64 -13.07 25.01 85.62
CA TYR B 64 -14.34 24.67 86.24
C TYR B 64 -14.91 23.40 85.63
N MET B 65 -15.86 22.81 86.34
CA MET B 65 -16.57 21.62 85.87
C MET B 65 -18.04 21.78 86.22
N SER B 66 -18.91 21.53 85.23
CA SER B 66 -20.35 21.60 85.43
C SER B 66 -20.94 20.22 85.18
N PHE B 67 -21.83 19.80 86.08
CA PHE B 67 -22.47 18.51 85.98
C PHE B 67 -23.95 18.69 86.32
N MET B 68 -24.68 17.58 86.35
CA MET B 68 -26.09 17.57 86.70
C MET B 68 -26.24 17.05 88.12
N ASN B 69 -26.74 17.90 89.01
CA ASN B 69 -27.05 17.50 90.37
C ASN B 69 -28.57 17.35 90.48
N GLY B 70 -29.03 16.13 90.77
CA GLY B 70 -30.45 15.87 90.81
C GLY B 70 -31.09 16.16 89.47
N LYS B 71 -31.87 17.23 89.39
CA LYS B 71 -32.51 17.64 88.14
C LYS B 71 -32.06 19.02 87.69
N THR B 72 -30.94 19.51 88.21
CA THR B 72 -30.49 20.86 87.92
C THR B 72 -29.04 20.84 87.46
N GLN B 73 -28.57 21.99 87.01
CA GLN B 73 -27.17 22.21 86.68
C GLN B 73 -26.39 22.60 87.93
N LYS B 74 -25.08 22.38 87.88
CA LYS B 74 -24.23 22.78 88.99
C LYS B 74 -22.78 22.79 88.51
N SER B 75 -22.12 23.94 88.67
CA SER B 75 -20.70 24.05 88.36
C SER B 75 -19.90 24.19 89.65
N ILE B 76 -18.67 23.70 89.62
CA ILE B 76 -17.82 23.68 90.80
C ILE B 76 -16.37 23.64 90.33
N LYS B 77 -15.48 24.14 91.16
CA LYS B 77 -14.07 24.09 90.86
C LYS B 77 -13.56 22.67 90.88
N ILE B 78 -12.67 22.35 89.94
CA ILE B 78 -12.07 21.02 89.88
C ILE B 78 -11.18 20.88 91.11
N ASP B 79 -11.62 20.08 92.08
CA ASP B 79 -10.89 19.92 93.33
C ASP B 79 -9.93 18.74 93.27
N ASN B 80 -10.48 17.53 93.08
CA ASN B 80 -9.68 16.33 92.97
C ASN B 80 -10.27 15.47 91.87
N LEU B 81 -9.45 15.18 90.87
CA LEU B 81 -9.92 14.45 89.69
C LEU B 81 -8.81 13.54 89.22
N HIS B 82 -9.14 12.28 88.95
CA HIS B 82 -8.11 11.31 88.65
C HIS B 82 -8.66 10.28 87.67
N VAL B 83 -7.74 9.73 86.87
CA VAL B 83 -8.03 8.65 85.94
C VAL B 83 -7.06 7.53 86.24
N ARG B 84 -7.57 6.32 86.41
CA ARG B 84 -6.78 5.21 86.90
C ARG B 84 -7.02 3.98 86.03
N THR B 85 -5.93 3.41 85.50
CA THR B 85 -6.04 2.13 84.82
C THR B 85 -5.63 0.98 85.73
N SER B 86 -4.36 0.95 86.11
CA SER B 86 -3.85 -0.02 87.07
C SER B 86 -2.96 0.71 88.06
N ALA B 87 -2.43 1.85 87.64
CA ALA B 87 -1.72 2.80 88.45
C ALA B 87 -2.25 4.18 88.12
N PRO B 88 -2.16 5.14 89.04
CA PRO B 88 -2.67 6.47 88.75
C PRO B 88 -2.03 7.03 87.49
N CYS B 89 -2.85 7.61 86.64
CA CYS B 89 -2.37 8.15 85.38
C CYS B 89 -2.02 9.63 85.57
N SER B 90 -1.78 10.33 84.46
CA SER B 90 -1.54 11.76 84.48
C SER B 90 -2.31 12.37 83.33
N LEU B 91 -3.28 13.22 83.65
CA LEU B 91 -4.11 13.82 82.61
C LEU B 91 -3.41 15.04 82.01
N VAL B 92 -3.70 15.28 80.74
CA VAL B 92 -3.06 16.36 79.98
C VAL B 92 -4.01 17.53 79.78
N SER B 93 -5.16 17.29 79.17
CA SER B 93 -6.07 18.38 78.86
C SER B 93 -7.51 17.90 79.02
N HIS B 94 -8.42 18.85 79.07
CA HIS B 94 -9.84 18.52 79.19
C HIS B 94 -10.64 19.68 78.64
N HIS B 95 -11.74 19.36 77.96
CA HIS B 95 -12.59 20.37 77.34
C HIS B 95 -13.98 19.82 77.21
N GLY B 96 -14.94 20.43 77.91
CA GLY B 96 -16.32 20.06 77.78
C GLY B 96 -16.61 18.60 78.09
N TYR B 97 -16.89 17.83 77.05
CA TYR B 97 -17.26 16.43 77.18
C TYR B 97 -16.07 15.48 77.12
N TYR B 98 -14.85 15.98 77.03
CA TYR B 98 -13.72 15.13 76.71
C TYR B 98 -12.54 15.39 77.64
N ILE B 99 -11.75 14.35 77.87
CA ILE B 99 -10.52 14.44 78.65
C ILE B 99 -9.45 13.64 77.95
N LEU B 100 -8.28 14.23 77.77
CA LEU B 100 -7.13 13.55 77.17
C LEU B 100 -6.07 13.34 78.24
N ALA B 101 -5.69 12.08 78.47
CA ALA B 101 -4.80 11.73 79.55
C ALA B 101 -3.81 10.69 79.08
N GLN B 102 -2.85 10.38 79.94
CA GLN B 102 -1.79 9.42 79.67
C GLN B 102 -1.79 8.35 80.76
N CYS B 103 -1.94 7.10 80.35
CA CYS B 103 -2.08 5.97 81.27
C CYS B 103 -1.11 4.85 80.92
N PRO B 104 -0.72 4.07 81.92
CA PRO B 104 0.03 2.84 81.65
C PRO B 104 -0.91 1.71 81.29
N PRO B 105 -0.40 0.56 80.85
CA PRO B 105 -1.28 -0.53 80.46
C PRO B 105 -2.14 -1.02 81.62
N GLY B 106 -3.17 -1.77 81.28
CA GLY B 106 -4.10 -2.25 82.28
C GLY B 106 -5.27 -2.96 81.63
N ASP B 107 -6.35 -3.10 82.39
CA ASP B 107 -7.51 -3.84 81.88
C ASP B 107 -8.83 -3.12 82.08
N THR B 108 -8.96 -2.34 83.14
CA THR B 108 -10.21 -1.65 83.44
C THR B 108 -9.94 -0.18 83.62
N VAL B 109 -10.65 0.65 82.86
CA VAL B 109 -10.47 2.09 82.92
C VAL B 109 -11.46 2.66 83.91
N THR B 110 -10.99 3.48 84.85
CA THR B 110 -11.88 4.11 85.79
C THR B 110 -11.55 5.59 85.92
N VAL B 111 -12.57 6.38 86.25
CA VAL B 111 -12.43 7.81 86.41
C VAL B 111 -13.22 8.25 87.63
N GLY B 112 -12.61 9.11 88.45
CA GLY B 112 -13.28 9.57 89.65
C GLY B 112 -12.94 11.00 90.02
N PHE B 113 -13.92 11.72 90.55
CA PHE B 113 -13.70 13.09 91.01
C PHE B 113 -14.54 13.34 92.25
N HIS B 114 -13.97 14.12 93.17
CA HIS B 114 -14.60 14.40 94.45
C HIS B 114 -15.45 15.65 94.38
N ASP B 115 -16.52 15.67 95.18
CA ASP B 115 -17.24 16.88 95.52
C ASP B 115 -17.24 17.16 97.01
N GLY B 116 -16.93 16.15 97.84
CA GLY B 116 -16.85 16.30 99.27
C GLY B 116 -17.68 15.27 100.01
N PRO B 117 -18.90 15.00 99.54
CA PRO B 117 -19.63 13.82 100.03
C PRO B 117 -19.44 12.59 99.16
N ASN B 118 -19.07 12.78 97.90
CA ASN B 118 -19.02 11.68 96.94
C ASN B 118 -17.66 11.61 96.26
N ARG B 119 -17.29 10.40 95.87
CA ARG B 119 -16.11 10.18 95.06
C ARG B 119 -16.42 10.10 93.58
N HIS B 120 -17.67 9.86 93.21
CA HIS B 120 -18.14 9.95 91.82
C HIS B 120 -17.21 9.20 90.87
N THR B 121 -17.16 7.89 91.04
CA THR B 121 -16.27 7.04 90.26
C THR B 121 -17.10 6.12 89.37
N CYS B 122 -16.64 5.94 88.14
CA CYS B 122 -17.22 4.96 87.24
C CYS B 122 -16.12 4.14 86.59
N THR B 123 -16.49 2.94 86.17
CA THR B 123 -15.52 1.95 85.71
C THR B 123 -16.07 1.24 84.48
N VAL B 124 -15.20 1.01 83.50
CA VAL B 124 -15.55 0.24 82.32
C VAL B 124 -14.47 -0.80 82.09
N ALA B 125 -14.88 -2.06 81.97
CA ALA B 125 -13.94 -3.12 81.61
C ALA B 125 -13.64 -2.99 80.13
N HIS B 126 -12.41 -2.62 79.81
CA HIS B 126 -12.06 -2.32 78.42
C HIS B 126 -10.56 -2.44 78.25
N LYS B 127 -10.13 -3.23 77.28
CA LYS B 127 -8.71 -3.48 77.06
C LYS B 127 -8.00 -2.20 76.69
N VAL B 128 -6.80 -2.01 77.25
CA VAL B 128 -5.95 -0.89 76.91
C VAL B 128 -4.54 -1.40 76.68
N GLU B 129 -3.87 -0.88 75.65
CA GLU B 129 -2.62 -1.44 75.16
C GLU B 129 -1.59 -0.34 74.98
N PHE B 130 -0.32 -0.71 75.09
CA PHE B 130 0.80 0.20 74.88
C PHE B 130 1.60 -0.28 73.68
N ARG B 131 1.41 0.36 72.53
CA ARG B 131 1.97 -0.13 71.28
C ARG B 131 3.32 0.52 71.02
N PRO B 132 4.39 -0.26 70.90
CA PRO B 132 5.70 0.34 70.63
C PRO B 132 5.92 0.58 69.16
N VAL B 133 6.55 1.72 68.85
CA VAL B 133 6.90 2.06 67.48
C VAL B 133 8.16 1.34 67.06
N GLY B 134 8.44 1.33 65.77
CA GLY B 134 9.68 0.74 65.29
C GLY B 134 9.77 -0.74 65.55
N ARG B 135 10.91 -1.17 66.08
CA ARG B 135 11.21 -2.60 66.18
C ARG B 135 11.58 -3.08 67.57
N GLU B 136 11.77 -2.20 68.54
CA GLU B 136 12.15 -2.60 69.89
C GLU B 136 10.99 -2.37 70.83
N LYS B 137 10.61 -3.41 71.55
CA LYS B 137 9.53 -3.25 72.51
C LYS B 137 9.96 -2.32 73.64
N TYR B 138 8.96 -1.73 74.30
CA TYR B 138 9.23 -0.76 75.34
C TYR B 138 8.53 -1.15 76.64
N ARG B 139 8.91 -0.42 77.69
CA ARG B 139 8.03 -0.16 78.81
C ARG B 139 7.66 1.31 78.88
N HIS B 140 8.55 2.19 78.48
CA HIS B 140 8.24 3.55 78.10
C HIS B 140 9.42 4.07 77.28
N PRO B 141 9.19 4.92 76.28
CA PRO B 141 10.29 5.41 75.46
C PRO B 141 11.34 6.11 76.30
N PRO B 142 12.61 5.87 76.02
CA PRO B 142 13.68 6.44 76.84
C PRO B 142 13.93 7.91 76.53
N GLU B 143 14.97 8.47 77.15
CA GLU B 143 15.27 9.88 76.95
C GLU B 143 15.94 10.12 75.60
N HIS B 144 16.75 9.19 75.13
CA HIS B 144 17.58 9.40 73.95
C HIS B 144 17.42 8.23 72.99
N GLY B 145 17.66 8.50 71.72
CA GLY B 145 17.60 7.46 70.72
C GLY B 145 17.27 8.06 69.36
N VAL B 146 16.69 7.22 68.51
CA VAL B 146 16.37 7.61 67.14
C VAL B 146 14.94 8.14 67.09
N GLU B 147 14.67 8.97 66.09
CA GLU B 147 13.35 9.52 65.85
C GLU B 147 12.62 8.70 64.79
N LEU B 148 11.31 8.64 64.92
CA LEU B 148 10.48 7.93 63.96
C LEU B 148 9.15 8.65 63.80
N PRO B 149 8.50 8.51 62.65
CA PRO B 149 7.18 9.12 62.47
C PRO B 149 6.12 8.27 63.15
N CYS B 150 5.39 8.87 64.08
CA CYS B 150 4.31 8.22 64.79
C CYS B 150 3.02 9.02 64.59
N ASN B 151 1.97 8.56 65.26
CA ASN B 151 0.68 9.24 65.19
C ASN B 151 0.05 9.23 66.58
N ARG B 152 -0.56 10.36 66.95
CA ARG B 152 -1.15 10.47 68.27
C ARG B 152 -2.14 11.61 68.28
N TYR B 153 -2.94 11.68 69.34
CA TYR B 153 -3.99 12.67 69.46
C TYR B 153 -3.38 13.99 69.87
N THR B 154 -3.65 15.04 69.11
CA THR B 154 -3.14 16.36 69.44
C THR B 154 -3.75 16.86 70.73
N HIS B 155 -3.24 17.99 71.21
CA HIS B 155 -3.68 18.59 72.46
C HIS B 155 -4.01 20.07 72.29
N LYS B 156 -4.77 20.38 71.25
CA LYS B 156 -5.27 21.73 71.04
C LYS B 156 -6.74 21.81 71.42
N ARG B 157 -7.14 22.97 71.95
CA ARG B 157 -8.50 23.12 72.47
C ARG B 157 -9.54 22.93 71.37
N ALA B 158 -9.30 23.48 70.20
CA ALA B 158 -10.32 23.51 69.17
C ALA B 158 -9.75 23.07 67.83
N ASP B 159 -10.65 22.61 66.96
CA ASP B 159 -10.33 22.22 65.60
C ASP B 159 -11.64 21.95 64.89
N GLN B 160 -11.57 21.82 63.58
CA GLN B 160 -12.68 21.28 62.80
C GLN B 160 -12.10 20.31 61.77
N GLY B 161 -12.00 19.05 62.15
CA GLY B 161 -11.71 18.00 61.20
C GLY B 161 -12.75 16.92 61.36
N HIS B 162 -13.48 17.00 62.47
CA HIS B 162 -14.60 16.11 62.74
C HIS B 162 -15.53 16.82 63.72
N TYR B 163 -16.75 16.31 63.81
CA TYR B 163 -17.72 16.84 64.73
C TYR B 163 -18.83 15.81 64.90
N VAL B 164 -19.58 15.94 66.00
CA VAL B 164 -20.66 15.04 66.30
C VAL B 164 -21.94 15.86 66.47
N GLU B 165 -23.07 15.18 66.28
CA GLU B 165 -24.35 15.87 66.33
C GLU B 165 -24.79 16.08 67.77
N MET B 166 -25.33 17.26 68.04
CA MET B 166 -26.05 17.53 69.28
C MET B 166 -27.53 17.55 68.93
N HIS B 167 -28.34 16.93 69.77
CA HIS B 167 -29.72 16.62 69.41
C HIS B 167 -30.67 17.04 70.52
N GLN B 168 -31.95 17.10 70.16
CA GLN B 168 -32.99 17.50 71.10
C GLN B 168 -33.13 16.47 72.21
N PRO B 169 -33.05 16.88 73.48
CA PRO B 169 -33.27 15.93 74.57
C PRO B 169 -34.70 15.42 74.60
N GLY B 170 -34.84 14.18 75.07
CA GLY B 170 -36.15 13.58 75.25
C GLY B 170 -36.75 13.91 76.60
N LEU B 171 -37.86 13.27 76.90
CA LEU B 171 -38.54 13.48 78.17
C LEU B 171 -37.76 12.84 79.30
N VAL B 172 -37.99 13.33 80.52
CA VAL B 172 -37.33 12.79 81.71
C VAL B 172 -38.40 12.40 82.71
N ALA B 173 -38.41 11.13 83.10
CA ALA B 173 -39.39 10.64 84.05
C ALA B 173 -39.11 11.19 85.44
N ASP B 174 -40.17 11.37 86.21
CA ASP B 174 -40.05 11.78 87.61
C ASP B 174 -41.32 11.45 88.36
N HIS B 175 -41.19 11.44 89.69
CA HIS B 175 -42.31 11.30 90.59
C HIS B 175 -42.23 12.23 91.79
N SER B 176 -41.07 12.83 92.06
CA SER B 176 -40.91 13.65 93.26
C SER B 176 -41.85 14.84 93.26
N LEU B 177 -42.02 15.48 92.11
CA LEU B 177 -42.94 16.61 91.99
C LEU B 177 -44.40 16.20 92.10
N LEU B 178 -44.69 14.89 92.07
CA LEU B 178 -46.04 14.38 92.25
C LEU B 178 -46.28 14.23 93.74
N SER B 179 -46.88 15.25 94.33
CA SER B 179 -47.19 15.27 95.75
C SER B 179 -48.64 14.86 95.97
N ILE B 180 -49.10 14.97 97.22
CA ILE B 180 -50.51 14.85 97.54
C ILE B 180 -51.08 16.26 97.66
N HIS B 181 -52.28 16.47 97.13
CA HIS B 181 -52.81 17.83 97.12
C HIS B 181 -53.43 18.19 98.45
N SER B 182 -54.59 17.60 98.76
CA SER B 182 -55.06 17.45 100.13
C SER B 182 -55.63 16.07 100.38
N ALA B 183 -56.16 15.40 99.35
CA ALA B 183 -56.60 14.02 99.45
C ALA B 183 -56.47 13.32 98.09
N LYS B 184 -55.62 13.84 97.22
CA LYS B 184 -55.39 13.27 95.89
C LYS B 184 -54.02 13.73 95.42
N VAL B 185 -53.62 13.22 94.25
CA VAL B 185 -52.32 13.60 93.72
C VAL B 185 -52.29 15.10 93.43
N LYS B 186 -51.08 15.63 93.27
CA LYS B 186 -50.90 17.05 92.99
C LYS B 186 -49.66 17.21 92.12
N ILE B 187 -49.79 18.01 91.07
CA ILE B 187 -48.72 18.24 90.12
C ILE B 187 -48.28 19.69 90.23
N THR B 188 -46.99 19.89 90.46
CA THR B 188 -46.38 21.21 90.42
C THR B 188 -45.55 21.36 89.16
N VAL B 189 -45.27 22.61 88.80
CA VAL B 189 -44.54 22.89 87.57
C VAL B 189 -43.22 23.57 87.92
N PRO B 190 -42.14 23.23 87.23
CA PRO B 190 -40.84 23.87 87.52
C PRO B 190 -40.73 25.24 86.86
N SER B 191 -41.85 25.82 86.47
CA SER B 191 -41.90 27.15 85.85
C SER B 191 -41.13 27.17 84.53
N GLY B 192 -41.69 26.44 83.57
CA GLY B 192 -41.14 26.39 82.24
C GLY B 192 -40.97 24.99 81.70
N ALA B 193 -41.67 24.04 82.31
CA ALA B 193 -41.61 22.65 81.89
C ALA B 193 -43.01 22.12 81.64
N GLN B 194 -43.10 21.16 80.72
CA GLN B 194 -44.36 20.47 80.43
C GLN B 194 -44.36 19.18 81.25
N VAL B 195 -45.14 19.18 82.31
CA VAL B 195 -45.16 18.04 83.22
C VAL B 195 -46.13 16.99 82.69
N LYS B 196 -45.61 16.11 81.84
CA LYS B 196 -46.43 15.07 81.22
C LYS B 196 -46.84 14.07 82.29
N TYR B 197 -48.06 14.20 82.77
CA TYR B 197 -48.55 13.34 83.84
C TYR B 197 -49.66 12.44 83.31
N TYR B 198 -49.66 11.20 83.77
CA TYR B 198 -50.64 10.21 83.34
C TYR B 198 -50.96 9.28 84.50
N CYS B 199 -52.23 8.91 84.64
CA CYS B 199 -52.68 8.10 85.76
C CYS B 199 -53.69 7.10 85.21
N LYS B 200 -54.48 6.49 86.11
CA LYS B 200 -55.45 5.49 85.69
C LYS B 200 -56.42 6.03 84.64
N CYS B 201 -56.76 7.29 84.72
CA CYS B 201 -57.56 7.86 83.66
C CYS B 201 -56.66 8.66 82.72
N PRO B 202 -57.03 8.76 81.44
CA PRO B 202 -56.21 9.54 80.50
C PRO B 202 -56.08 10.98 80.96
N ASP B 203 -54.87 11.35 81.37
CA ASP B 203 -54.58 12.68 81.86
C ASP B 203 -54.01 13.52 80.72
N VAL B 204 -53.49 14.69 81.05
CA VAL B 204 -52.77 15.49 80.07
C VAL B 204 -51.41 14.83 79.92
N ARG B 205 -51.28 13.96 78.92
CA ARG B 205 -50.08 13.19 78.69
C ARG B 205 -49.10 13.92 77.77
N LYS B 206 -49.18 15.25 77.73
CA LYS B 206 -48.20 16.05 77.01
C LYS B 206 -47.49 17.05 77.89
N GLY B 207 -48.02 17.38 79.07
CA GLY B 207 -47.37 18.30 79.96
C GLY B 207 -47.92 19.70 79.93
N ILE B 208 -48.22 20.24 81.11
CA ILE B 208 -48.76 21.58 81.24
C ILE B 208 -47.78 22.43 82.02
N THR B 209 -47.81 23.73 81.77
CA THR B 209 -46.97 24.67 82.49
C THR B 209 -47.65 25.22 83.74
N SER B 210 -48.85 24.76 84.04
CA SER B 210 -49.60 25.23 85.20
C SER B 210 -49.79 24.07 86.18
N SER B 211 -49.61 24.36 87.46
CA SER B 211 -49.79 23.34 88.48
C SER B 211 -51.24 22.88 88.51
N ASP B 212 -51.44 21.58 88.65
CA ASP B 212 -52.75 20.99 88.52
C ASP B 212 -52.77 19.67 89.27
N HIS B 213 -53.91 18.98 89.22
CA HIS B 213 -54.08 17.70 89.88
C HIS B 213 -55.30 17.01 89.31
N THR B 214 -55.35 15.70 89.50
CA THR B 214 -56.48 14.89 89.04
C THR B 214 -56.88 13.92 90.15
N THR B 215 -58.14 13.52 90.13
CA THR B 215 -58.69 12.69 91.19
C THR B 215 -59.05 11.29 90.70
N THR B 216 -58.51 10.87 89.55
CA THR B 216 -58.70 9.49 89.12
C THR B 216 -58.12 8.51 90.14
N CYS B 217 -57.07 8.93 90.83
CA CYS B 217 -56.53 8.19 91.96
C CYS B 217 -56.00 9.20 92.98
N THR B 218 -56.06 8.81 94.25
CA THR B 218 -55.49 9.66 95.30
C THR B 218 -54.00 9.40 95.48
N ASP B 219 -53.61 8.13 95.49
CA ASP B 219 -52.21 7.77 95.67
C ASP B 219 -51.38 8.21 94.47
N VAL B 220 -50.15 8.66 94.76
CA VAL B 220 -49.22 9.00 93.70
C VAL B 220 -48.83 7.76 92.91
N LYS B 221 -48.95 6.58 93.50
CA LYS B 221 -48.42 5.35 92.94
C LYS B 221 -49.12 4.94 91.66
N GLN B 222 -50.26 5.55 91.33
CA GLN B 222 -50.94 5.24 90.09
C GLN B 222 -50.62 6.22 88.98
N CYS B 223 -50.03 7.37 89.31
CA CYS B 223 -49.76 8.41 88.34
C CYS B 223 -48.25 8.57 88.19
N ARG B 224 -47.82 8.84 86.96
CA ARG B 224 -46.43 9.10 86.62
C ARG B 224 -46.29 10.52 86.10
N ALA B 225 -45.09 11.08 86.24
CA ALA B 225 -44.79 12.39 85.68
C ALA B 225 -43.59 12.28 84.76
N TYR B 226 -43.54 13.18 83.78
CA TYR B 226 -42.47 13.19 82.78
C TYR B 226 -42.20 14.65 82.44
N LEU B 227 -41.19 15.22 83.08
CA LEU B 227 -40.80 16.59 82.78
C LEU B 227 -40.32 16.70 81.34
N ILE B 228 -40.67 17.81 80.70
CA ILE B 228 -40.23 18.11 79.35
C ILE B 228 -39.54 19.46 79.38
N ASP B 229 -38.31 19.50 78.89
CA ASP B 229 -37.52 20.72 78.84
C ASP B 229 -36.85 20.83 77.49
N ASN B 230 -36.76 22.05 76.98
CA ASN B 230 -36.17 22.26 75.66
C ASN B 230 -35.30 23.51 75.61
N LYS B 231 -34.66 23.85 76.73
CA LYS B 231 -33.79 25.02 76.75
C LYS B 231 -32.35 24.68 76.34
N LYS B 232 -31.90 23.47 76.60
CA LYS B 232 -30.56 23.05 76.23
C LYS B 232 -30.62 21.86 75.28
N TRP B 233 -29.45 21.33 74.95
CA TRP B 233 -29.35 20.17 74.09
C TRP B 233 -28.27 19.26 74.60
N VAL B 234 -28.34 17.99 74.21
CA VAL B 234 -27.41 16.97 74.64
C VAL B 234 -26.97 16.14 73.45
N TYR B 235 -25.87 15.41 73.63
CA TYR B 235 -25.37 14.51 72.62
C TYR B 235 -26.13 13.19 72.75
N ASN B 236 -26.93 12.86 71.74
CA ASN B 236 -27.74 11.65 71.80
C ASN B 236 -26.85 10.43 71.93
N SER B 237 -27.27 9.50 72.77
CA SER B 237 -26.46 8.34 73.08
C SER B 237 -27.38 7.15 73.34
N GLY B 238 -26.88 5.97 73.02
CA GLY B 238 -27.64 4.76 73.23
C GLY B 238 -27.94 4.46 74.69
N ARG B 239 -27.27 5.15 75.60
CA ARG B 239 -27.52 4.99 77.02
C ARG B 239 -28.54 5.98 77.54
N LEU B 240 -29.15 6.76 76.65
CA LEU B 240 -30.10 7.77 77.04
C LEU B 240 -31.38 7.57 76.25
N PRO B 241 -32.54 7.57 76.90
CA PRO B 241 -33.80 7.45 76.15
C PRO B 241 -34.03 8.68 75.30
N ARG B 242 -34.71 8.47 74.17
CA ARG B 242 -35.08 9.56 73.29
C ARG B 242 -36.59 9.67 73.23
N GLY B 243 -37.09 10.88 73.47
CA GLY B 243 -38.50 11.16 73.30
C GLY B 243 -38.81 11.41 71.84
N GLU B 244 -39.87 12.18 71.59
CA GLU B 244 -40.19 12.57 70.23
C GLU B 244 -39.16 13.52 69.63
N GLY B 245 -38.09 13.83 70.35
CA GLY B 245 -37.06 14.71 69.85
C GLY B 245 -36.38 14.18 68.61
N ASP B 246 -36.67 14.81 67.48
CA ASP B 246 -36.06 14.44 66.20
C ASP B 246 -35.53 15.66 65.48
N THR B 247 -35.25 16.75 66.18
CA THR B 247 -34.92 18.02 65.58
C THR B 247 -33.51 18.45 65.93
N PHE B 248 -33.08 19.54 65.31
CA PHE B 248 -31.83 20.23 65.61
C PHE B 248 -30.64 19.26 65.54
N LYS B 249 -30.31 18.88 64.32
CA LYS B 249 -29.07 18.13 64.07
C LYS B 249 -27.88 19.08 64.14
N GLY B 250 -27.67 19.65 65.32
CA GLY B 250 -26.58 20.59 65.51
C GLY B 250 -25.24 19.90 65.46
N LYS B 251 -24.19 20.71 65.28
CA LYS B 251 -22.84 20.19 65.14
C LYS B 251 -21.96 20.68 66.29
N LEU B 252 -21.08 19.80 66.75
CA LEU B 252 -20.12 20.12 67.81
C LEU B 252 -18.78 19.54 67.42
N HIS B 253 -17.82 20.41 67.15
CA HIS B 253 -16.50 19.96 66.73
C HIS B 253 -15.83 19.16 67.83
N VAL B 254 -15.13 18.11 67.43
CA VAL B 254 -14.38 17.28 68.38
C VAL B 254 -13.24 18.12 68.94
N PRO B 255 -12.86 17.93 70.19
CA PRO B 255 -11.83 18.78 70.77
C PRO B 255 -10.43 18.39 70.35
N PHE B 256 -10.18 17.11 70.18
CA PHE B 256 -8.85 16.60 69.88
C PHE B 256 -8.92 15.70 68.66
N VAL B 257 -7.83 15.67 67.90
CA VAL B 257 -7.81 14.94 66.64
C VAL B 257 -6.50 14.18 66.52
N PRO B 258 -6.52 12.95 66.00
CA PRO B 258 -5.26 12.25 65.74
C PRO B 258 -4.52 12.91 64.59
N VAL B 259 -3.23 13.17 64.80
CA VAL B 259 -2.36 13.74 63.77
C VAL B 259 -1.04 13.02 63.79
N LYS B 260 -0.34 13.10 62.66
CA LYS B 260 1.00 12.54 62.58
C LYS B 260 1.99 13.47 63.27
N ALA B 261 2.99 12.86 63.89
CA ALA B 261 4.01 13.61 64.62
C ALA B 261 5.26 12.74 64.69
N LYS B 262 6.21 13.15 65.53
CA LYS B 262 7.47 12.45 65.67
C LYS B 262 7.62 11.92 67.08
N CYS B 263 8.11 10.68 67.18
CA CYS B 263 8.34 10.04 68.47
C CYS B 263 9.79 9.61 68.55
N ILE B 264 10.20 9.26 69.75
CA ILE B 264 11.59 8.92 70.05
C ILE B 264 11.67 7.43 70.31
N ALA B 265 12.60 6.76 69.64
CA ALA B 265 12.73 5.31 69.71
C ALA B 265 14.07 4.94 70.31
N THR B 266 14.18 3.68 70.72
CA THR B 266 15.38 3.19 71.36
C THR B 266 16.33 2.58 70.35
N LEU B 267 17.62 2.79 70.57
CA LEU B 267 18.67 2.25 69.72
C LEU B 267 19.30 1.05 70.42
N ALA B 268 19.24 -0.11 69.78
CA ALA B 268 19.70 -1.32 70.42
C ALA B 268 21.21 -1.29 70.62
N PRO B 269 21.72 -2.00 71.62
CA PRO B 269 23.16 -2.06 71.84
C PRO B 269 23.88 -2.68 70.67
N GLU B 270 25.14 -2.29 70.50
CA GLU B 270 25.91 -2.66 69.34
C GLU B 270 26.08 -4.17 69.24
N PRO B 271 26.17 -4.70 68.04
CA PRO B 271 26.54 -6.11 67.87
C PRO B 271 28.04 -6.27 67.95
N LEU B 272 28.47 -7.51 68.10
CA LEU B 272 29.87 -7.87 68.11
C LEU B 272 30.15 -8.71 66.87
N VAL B 273 30.84 -8.13 65.92
CA VAL B 273 31.02 -8.68 64.59
C VAL B 273 32.25 -9.58 64.57
N GLU B 274 32.26 -10.53 63.64
CA GLU B 274 33.42 -11.41 63.48
C GLU B 274 33.52 -11.81 62.02
N HIS B 275 34.34 -11.08 61.27
CA HIS B 275 34.55 -11.39 59.85
C HIS B 275 35.52 -12.56 59.81
N LYS B 276 35.02 -13.75 60.08
CA LYS B 276 35.80 -14.97 59.97
C LYS B 276 35.67 -15.46 58.54
N HIS B 277 36.80 -15.55 57.83
CA HIS B 277 36.77 -15.53 56.37
C HIS B 277 36.02 -16.73 55.79
N ARG B 278 35.33 -16.48 54.69
CA ARG B 278 34.40 -17.35 53.95
C ARG B 278 33.04 -17.39 54.62
N THR B 279 32.88 -16.78 55.79
CA THR B 279 31.57 -16.77 56.45
C THR B 279 31.46 -15.49 57.30
N LEU B 280 30.48 -15.47 58.20
CA LEU B 280 30.27 -14.34 59.09
C LEU B 280 29.72 -14.83 60.41
N ILE B 281 30.23 -14.27 61.51
CA ILE B 281 29.82 -14.65 62.85
C ILE B 281 29.34 -13.41 63.58
N LEU B 282 28.21 -13.52 64.27
CA LEU B 282 27.66 -12.40 65.00
C LEU B 282 27.38 -12.79 66.45
N HIS B 283 27.69 -11.88 67.37
CA HIS B 283 27.31 -12.00 68.77
C HIS B 283 26.34 -10.89 69.09
N LEU B 284 25.19 -11.23 69.68
CA LEU B 284 24.14 -10.27 69.95
C LEU B 284 23.83 -10.25 71.44
N HIS B 285 23.69 -9.05 71.99
CA HIS B 285 23.34 -8.84 73.39
C HIS B 285 22.22 -7.82 73.47
N PRO B 286 20.99 -8.24 73.26
CA PRO B 286 19.87 -7.31 73.31
C PRO B 286 19.43 -7.04 74.74
N ASP B 287 18.59 -6.02 74.89
CA ASP B 287 17.94 -5.73 76.17
C ASP B 287 16.43 -5.83 76.11
N HIS B 288 15.86 -5.80 74.91
CA HIS B 288 14.45 -6.06 74.70
C HIS B 288 14.34 -6.93 73.47
N PRO B 289 13.25 -7.66 73.32
CA PRO B 289 13.02 -8.40 72.07
C PRO B 289 13.26 -7.51 70.87
N THR B 290 14.24 -7.86 70.06
CA THR B 290 14.71 -6.98 69.00
C THR B 290 14.79 -7.75 67.69
N LEU B 291 14.36 -7.10 66.62
CA LEU B 291 14.24 -7.76 65.33
C LEU B 291 15.61 -8.06 64.74
N LEU B 292 15.61 -8.81 63.63
CA LEU B 292 16.81 -9.09 62.88
C LEU B 292 16.43 -9.59 61.50
N THR B 293 17.05 -9.03 60.46
CA THR B 293 16.69 -9.37 59.10
C THR B 293 17.92 -9.39 58.21
N THR B 294 18.02 -10.42 57.36
CA THR B 294 19.14 -10.56 56.45
C THR B 294 18.62 -10.95 55.08
N ARG B 295 19.40 -10.65 54.05
CA ARG B 295 19.06 -11.10 52.71
C ARG B 295 20.30 -11.10 51.84
N SER B 296 20.30 -11.99 50.86
CA SER B 296 21.38 -12.05 49.89
C SER B 296 21.14 -10.99 48.82
N LEU B 297 22.11 -10.85 47.92
CA LEU B 297 22.00 -9.88 46.83
C LEU B 297 22.08 -10.53 45.46
N GLY B 298 22.20 -11.84 45.38
CA GLY B 298 22.31 -12.54 44.12
C GLY B 298 20.97 -12.74 43.45
N SER B 299 20.86 -13.82 42.67
CA SER B 299 19.60 -14.10 41.99
C SER B 299 18.50 -14.41 43.00
N ASP B 300 18.81 -15.15 44.05
CA ASP B 300 17.83 -15.53 45.06
C ASP B 300 18.00 -14.64 46.28
N ALA B 301 16.91 -14.48 47.02
CA ALA B 301 16.92 -13.64 48.22
C ALA B 301 17.30 -14.44 49.47
N ASN B 302 16.64 -15.57 49.70
CA ASN B 302 16.81 -16.35 50.91
C ASN B 302 16.64 -15.49 52.16
N PRO B 303 15.47 -14.87 52.34
CA PRO B 303 15.30 -13.97 53.48
C PRO B 303 15.32 -14.73 54.78
N THR B 304 15.68 -14.02 55.84
CA THR B 304 15.76 -14.61 57.17
C THR B 304 15.41 -13.56 58.20
N ARG B 305 14.47 -13.88 59.10
CA ARG B 305 14.06 -12.93 60.11
C ARG B 305 13.49 -13.68 61.30
N GLN B 306 13.86 -13.24 62.50
CA GLN B 306 13.27 -13.75 63.72
C GLN B 306 13.65 -12.82 64.85
N TRP B 307 12.88 -12.89 65.93
CA TRP B 307 13.18 -12.06 67.09
C TRP B 307 14.36 -12.64 67.86
N ILE B 308 14.98 -11.79 68.66
CA ILE B 308 16.09 -12.19 69.52
C ILE B 308 15.74 -11.78 70.94
N GLU B 309 15.91 -12.69 71.87
CA GLU B 309 15.57 -12.43 73.26
C GLU B 309 16.71 -12.68 74.23
N ARG B 310 17.47 -13.75 74.03
CA ARG B 310 18.60 -14.06 74.89
C ARG B 310 19.91 -13.84 74.14
N PRO B 311 20.95 -13.38 74.82
CA PRO B 311 22.21 -13.13 74.14
C PRO B 311 22.73 -14.40 73.48
N THR B 312 22.97 -14.33 72.18
CA THR B 312 23.26 -15.52 71.40
C THR B 312 24.30 -15.22 70.33
N THR B 313 24.63 -16.24 69.55
CA THR B 313 25.51 -16.12 68.41
C THR B 313 24.83 -16.72 67.20
N VAL B 314 25.07 -16.15 66.03
CA VAL B 314 24.51 -16.66 64.79
C VAL B 314 25.59 -16.73 63.73
N ASN B 315 25.38 -17.60 62.75
CA ASN B 315 26.29 -17.81 61.64
C ASN B 315 25.60 -17.41 60.36
N PHE B 316 26.37 -16.87 59.41
CA PHE B 316 25.82 -16.54 58.11
C PHE B 316 26.83 -16.91 57.03
N THR B 317 26.32 -17.27 55.86
CA THR B 317 27.14 -17.69 54.74
C THR B 317 27.12 -16.60 53.67
N VAL B 318 28.18 -15.83 53.61
CA VAL B 318 28.33 -14.81 52.59
C VAL B 318 28.92 -15.44 51.34
N THR B 319 28.85 -14.74 50.23
CA THR B 319 29.39 -15.21 48.96
C THR B 319 29.93 -14.02 48.18
N GLY B 320 30.26 -14.28 46.91
CA GLY B 320 30.75 -13.20 46.05
C GLY B 320 29.72 -12.10 45.86
N GLU B 321 28.46 -12.46 45.66
CA GLU B 321 27.42 -11.48 45.44
C GLU B 321 27.18 -10.60 46.66
N GLY B 322 27.65 -11.01 47.82
CA GLY B 322 27.51 -10.19 49.01
C GLY B 322 26.21 -10.46 49.75
N LEU B 323 26.13 -9.85 50.93
CA LEU B 323 25.01 -10.05 51.82
C LEU B 323 24.75 -8.74 52.53
N GLU B 324 23.53 -8.56 53.02
CA GLU B 324 23.23 -7.39 53.81
C GLU B 324 22.28 -7.76 54.94
N TYR B 325 22.28 -6.94 55.98
CA TYR B 325 21.48 -7.21 57.16
C TYR B 325 21.16 -5.90 57.86
N THR B 326 20.20 -5.98 58.78
CA THR B 326 19.86 -4.87 59.65
C THR B 326 19.88 -5.35 61.09
N TRP B 327 19.63 -4.42 62.01
CA TRP B 327 19.58 -4.75 63.42
C TRP B 327 18.87 -3.64 64.17
N GLY B 328 17.71 -3.95 64.73
CA GLY B 328 16.99 -2.95 65.51
C GLY B 328 16.66 -1.74 64.67
N ASN B 329 16.91 -0.57 65.22
CA ASN B 329 16.69 0.69 64.53
C ASN B 329 17.93 1.22 63.85
N HIS B 330 19.04 0.48 63.91
CA HIS B 330 20.22 0.89 63.19
C HIS B 330 19.96 0.84 61.69
N PRO B 331 20.61 1.72 60.92
CA PRO B 331 20.47 1.64 59.47
C PRO B 331 21.09 0.36 58.95
N PRO B 332 20.66 -0.10 57.77
CA PRO B 332 21.17 -1.36 57.24
C PRO B 332 22.64 -1.28 56.90
N LYS B 333 23.23 -2.44 56.69
CA LYS B 333 24.64 -2.54 56.35
C LYS B 333 24.85 -3.69 55.38
N ARG B 334 25.88 -3.57 54.53
CA ARG B 334 26.19 -4.58 53.53
C ARG B 334 27.64 -5.01 53.66
N VAL B 335 27.91 -6.26 53.37
CA VAL B 335 29.27 -6.79 53.37
C VAL B 335 29.46 -7.67 52.15
N TRP B 336 30.55 -7.43 51.44
CA TRP B 336 30.90 -8.19 50.24
C TRP B 336 32.02 -9.17 50.54
N ALA B 337 31.76 -10.11 51.44
CA ALA B 337 32.84 -10.97 51.91
C ALA B 337 33.33 -11.86 50.78
N GLN B 338 34.64 -11.88 50.59
CA GLN B 338 35.25 -12.74 49.57
C GLN B 338 36.77 -12.77 49.67
N GLU B 339 37.41 -13.25 48.61
CA GLU B 339 38.84 -13.11 48.38
C GLU B 339 39.67 -14.13 49.17
N SER B 340 39.02 -15.16 49.70
CA SER B 340 39.66 -16.07 50.65
C SER B 340 40.52 -17.06 49.87
N GLY B 341 41.72 -17.31 50.37
CA GLY B 341 42.69 -18.13 49.66
C GLY B 341 43.22 -19.33 50.41
N GLU B 342 42.36 -20.09 51.08
CA GLU B 342 42.82 -21.22 51.89
C GLU B 342 43.45 -22.30 51.02
N GLY B 343 44.76 -22.51 51.19
CA GLY B 343 45.53 -23.44 50.38
C GLY B 343 46.60 -22.70 49.62
N ASN B 344 47.09 -23.32 48.55
CA ASN B 344 48.02 -22.64 47.63
C ASN B 344 48.02 -23.37 46.30
N PRO B 345 48.21 -22.66 45.18
CA PRO B 345 48.16 -23.30 43.88
C PRO B 345 49.49 -23.80 43.34
N HIS B 346 50.57 -23.64 44.09
CA HIS B 346 51.90 -24.02 43.64
C HIS B 346 52.46 -25.09 44.57
N GLY B 347 53.30 -25.97 44.02
CA GLY B 347 53.98 -26.98 44.80
C GLY B 347 53.56 -28.37 44.38
N TRP B 348 53.58 -29.28 45.35
CA TRP B 348 53.25 -30.66 45.09
C TRP B 348 51.77 -30.81 44.79
N PRO B 349 51.37 -31.93 44.16
CA PRO B 349 49.97 -32.07 43.75
C PRO B 349 48.95 -31.92 44.86
N HIS B 350 49.24 -32.40 46.07
CA HIS B 350 48.19 -32.48 47.09
C HIS B 350 47.74 -31.09 47.54
N GLU B 351 48.67 -30.19 47.82
CA GLU B 351 48.27 -28.86 48.28
C GLU B 351 47.61 -28.06 47.15
N VAL B 352 48.12 -28.22 45.93
CA VAL B 352 47.47 -27.57 44.80
C VAL B 352 46.05 -28.08 44.65
N VAL B 353 45.84 -29.37 44.87
CA VAL B 353 44.50 -29.94 44.82
C VAL B 353 43.63 -29.35 45.91
N VAL B 354 44.17 -29.23 47.12
CA VAL B 354 43.33 -28.72 48.20
C VAL B 354 42.94 -27.27 47.93
N TYR B 355 43.81 -26.49 47.28
CA TYR B 355 43.42 -25.15 46.90
C TYR B 355 42.39 -25.16 45.79
N TYR B 356 42.63 -25.94 44.73
CA TYR B 356 41.64 -26.17 43.68
C TYR B 356 40.36 -26.77 44.22
N TYR B 357 40.35 -27.15 45.50
CA TYR B 357 39.15 -27.65 46.16
C TYR B 357 38.42 -26.53 46.90
N ASN B 358 39.11 -25.90 47.84
CA ASN B 358 38.49 -24.92 48.71
C ASN B 358 38.11 -23.64 47.98
N ARG B 359 38.62 -23.42 46.77
CA ARG B 359 38.35 -22.17 46.07
C ARG B 359 36.86 -22.00 45.84
N TYR B 360 36.28 -22.86 45.01
CA TYR B 360 34.84 -22.87 44.83
C TYR B 360 34.28 -23.96 45.73
N PRO B 361 33.39 -23.63 46.67
CA PRO B 361 33.03 -24.60 47.72
C PRO B 361 32.47 -25.90 47.18
N LEU B 362 31.75 -25.89 46.07
CA LEU B 362 31.19 -27.15 45.58
C LEU B 362 31.54 -27.44 44.14
N THR B 363 31.54 -26.42 43.27
CA THR B 363 31.82 -26.68 41.87
C THR B 363 33.22 -27.24 41.68
N THR B 364 34.15 -26.87 42.57
CA THR B 364 35.43 -27.55 42.59
C THR B 364 35.25 -29.03 42.87
N ILE B 365 34.40 -29.36 43.83
CA ILE B 365 34.22 -30.77 44.21
C ILE B 365 33.65 -31.55 43.04
N ILE B 366 32.60 -31.01 42.41
CA ILE B 366 31.98 -31.70 41.29
C ILE B 366 32.95 -31.79 40.12
N GLY B 367 33.78 -30.75 39.94
CA GLY B 367 34.79 -30.81 38.91
C GLY B 367 35.80 -31.90 39.17
N LEU B 368 36.20 -32.06 40.43
CA LEU B 368 37.13 -33.12 40.80
C LEU B 368 36.53 -34.49 40.54
N CYS B 369 35.26 -34.67 40.91
CA CYS B 369 34.61 -35.94 40.67
C CYS B 369 34.53 -36.25 39.18
N THR B 370 34.13 -35.26 38.39
CA THR B 370 34.05 -35.45 36.95
C THR B 370 35.42 -35.75 36.36
N CYS B 371 36.45 -35.03 36.83
CA CYS B 371 37.78 -35.23 36.28
C CYS B 371 38.33 -36.61 36.59
N VAL B 372 38.15 -37.07 37.82
CA VAL B 372 38.63 -38.40 38.15
C VAL B 372 37.86 -39.45 37.35
N ALA B 373 36.56 -39.26 37.18
CA ALA B 373 35.78 -40.21 36.40
C ALA B 373 36.27 -40.25 34.96
N ILE B 374 36.49 -39.10 34.35
CA ILE B 374 36.86 -39.09 32.94
C ILE B 374 38.26 -39.62 32.74
N ILE B 375 39.18 -39.31 33.66
CA ILE B 375 40.54 -39.82 33.49
C ILE B 375 40.58 -41.33 33.68
N MET B 376 39.81 -41.86 34.65
CA MET B 376 39.82 -43.29 34.84
C MET B 376 39.15 -44.01 33.67
N VAL B 377 38.08 -43.44 33.11
CA VAL B 377 37.46 -44.10 31.97
C VAL B 377 38.38 -44.04 30.75
N SER B 378 39.09 -42.92 30.58
CA SER B 378 40.07 -42.85 29.50
C SER B 378 41.15 -43.90 29.67
N CYS B 379 41.64 -44.07 30.90
CA CYS B 379 42.70 -45.04 31.14
C CYS B 379 42.21 -46.46 30.89
N VAL B 380 40.99 -46.79 31.32
CA VAL B 380 40.50 -48.14 31.12
C VAL B 380 40.23 -48.41 29.64
N THR B 381 39.76 -47.40 28.91
CA THR B 381 39.61 -47.56 27.46
C THR B 381 40.97 -47.79 26.81
N SER B 382 41.99 -47.05 27.25
CA SER B 382 43.32 -47.22 26.72
C SER B 382 43.85 -48.63 26.99
N VAL B 383 43.59 -49.16 28.19
CA VAL B 383 44.10 -50.49 28.50
C VAL B 383 43.32 -51.57 27.75
N TRP B 384 42.02 -51.36 27.51
CA TRP B 384 41.30 -52.30 26.66
C TRP B 384 41.87 -52.30 25.25
N LEU B 385 42.17 -51.11 24.72
CA LEU B 385 42.80 -51.05 23.41
C LEU B 385 44.17 -51.70 23.44
N LEU B 386 44.90 -51.54 24.54
CA LEU B 386 46.17 -52.23 24.72
C LEU B 386 45.98 -53.73 24.60
N CYS B 387 44.98 -54.27 25.30
CA CYS B 387 44.75 -55.72 25.26
C CYS B 387 44.39 -56.17 23.86
N ARG B 388 43.54 -55.42 23.17
CA ARG B 388 43.14 -55.81 21.83
C ARG B 388 44.31 -55.77 20.86
N THR B 389 45.12 -54.72 20.94
CA THR B 389 46.32 -54.64 20.11
C THR B 389 47.28 -55.76 20.45
N ARG B 390 47.38 -56.12 21.73
CA ARG B 390 48.23 -57.23 22.14
C ARG B 390 47.73 -58.52 21.51
N ASN B 391 46.42 -58.72 21.48
CA ASN B 391 45.84 -59.89 20.82
C ASN B 391 46.22 -59.91 19.35
N LEU B 392 46.12 -58.76 18.70
CA LEU B 392 46.49 -58.68 17.30
C LEU B 392 47.97 -59.02 17.10
N CYS B 393 48.82 -58.54 18.01
CA CYS B 393 50.24 -58.87 17.95
C CYS B 393 50.49 -60.35 18.22
N ILE B 394 49.61 -60.99 18.97
CA ILE B 394 49.72 -62.42 19.20
C ILE B 394 49.37 -63.20 17.93
N THR B 395 48.44 -62.67 17.14
CA THR B 395 47.93 -63.41 15.99
C THR B 395 49.00 -63.93 15.02
N PRO B 396 50.02 -63.17 14.62
CA PRO B 396 50.99 -63.71 13.64
C PRO B 396 51.70 -64.95 14.13
N TYR B 397 51.76 -65.16 15.43
CA TYR B 397 52.44 -66.33 15.98
C TYR B 397 51.74 -67.61 15.65
N LYS B 398 50.74 -67.54 14.76
CA LYS B 398 50.22 -68.74 14.14
C LYS B 398 51.33 -69.51 13.44
N LEU B 399 52.37 -68.82 12.99
CA LEU B 399 53.52 -69.50 12.39
C LEU B 399 54.43 -70.11 13.42
N ALA B 400 54.30 -69.72 14.69
CA ALA B 400 55.17 -70.25 15.73
C ALA B 400 55.07 -71.77 15.88
N PRO B 401 53.89 -72.38 15.92
CA PRO B 401 53.83 -73.84 16.04
C PRO B 401 54.46 -74.58 14.87
N ASN B 402 54.78 -73.88 13.78
CA ASN B 402 55.25 -74.53 12.56
C ASN B 402 56.71 -74.94 12.62
N ALA B 403 57.45 -74.52 13.65
CA ALA B 403 58.86 -74.88 13.83
C ALA B 403 59.70 -74.41 12.64
N GLN B 404 59.77 -73.10 12.47
CA GLN B 404 60.38 -72.48 11.30
C GLN B 404 61.49 -71.51 11.70
N VAL B 405 61.99 -70.77 10.72
CA VAL B 405 63.15 -69.89 10.90
C VAL B 405 62.79 -68.77 11.88
N PRO B 406 63.71 -68.34 12.74
CA PRO B 406 63.42 -67.20 13.62
C PRO B 406 63.10 -65.94 12.84
N ILE B 407 62.30 -65.08 13.44
CA ILE B 407 61.86 -63.86 12.79
C ILE B 407 62.65 -62.63 13.26
N LEU B 408 63.32 -62.70 14.41
CA LEU B 408 64.17 -61.61 14.91
C LEU B 408 63.35 -60.35 15.15
N LEU B 409 62.36 -60.47 16.03
CA LEU B 409 61.49 -59.36 16.36
C LEU B 409 61.43 -59.13 17.86
N ALA B 410 60.50 -58.28 18.31
CA ALA B 410 60.42 -57.91 19.72
C ALA B 410 60.18 -59.12 20.62
N LEU B 411 59.60 -60.18 20.09
CA LEU B 411 59.42 -61.41 20.85
C LEU B 411 60.55 -62.39 20.53
N LEU B 412 60.68 -63.39 21.40
CA LEU B 412 61.80 -64.31 21.34
C LEU B 412 61.47 -65.50 20.45
N CYS B 413 62.47 -65.97 19.72
CA CYS B 413 62.36 -67.16 18.87
C CYS B 413 63.73 -67.81 18.76
N CYS B 414 63.83 -69.05 19.23
CA CYS B 414 65.09 -69.76 19.20
C CYS B 414 65.48 -70.16 17.77
N ASP C 111 49.43 -93.65 11.65
CA ASP C 111 48.65 -92.46 11.34
C ASP C 111 47.35 -92.46 12.13
N LYS C 112 47.00 -91.31 12.68
CA LYS C 112 45.74 -91.15 13.43
C LYS C 112 44.95 -90.03 12.77
N THR C 113 44.06 -90.39 11.86
CA THR C 113 43.09 -89.48 11.28
C THR C 113 41.72 -89.91 11.79
N PHE C 114 41.02 -89.00 12.45
CA PHE C 114 39.83 -89.40 13.18
C PHE C 114 38.63 -88.57 12.73
N PRO C 115 37.52 -89.20 12.40
CA PRO C 115 36.29 -88.44 12.19
C PRO C 115 35.83 -87.78 13.47
N ILE C 116 35.07 -86.71 13.30
CA ILE C 116 34.50 -85.97 14.42
C ILE C 116 33.09 -86.49 14.65
N MET C 117 32.77 -86.79 15.90
CA MET C 117 31.47 -87.35 16.25
C MET C 117 30.49 -86.23 16.55
N LEU C 118 29.49 -86.07 15.70
CA LEU C 118 28.37 -85.19 15.94
C LEU C 118 27.09 -85.99 15.78
N ASN C 119 26.26 -86.00 16.84
CA ASN C 119 25.01 -86.76 16.87
C ASN C 119 25.22 -88.24 16.58
N GLY C 120 26.41 -88.75 16.83
CA GLY C 120 26.70 -90.14 16.57
C GLY C 120 26.97 -90.46 15.11
N GLN C 121 27.26 -89.46 14.29
CA GLN C 121 27.66 -89.69 12.92
C GLN C 121 28.81 -88.74 12.57
N VAL C 122 29.54 -89.11 11.53
CA VAL C 122 30.70 -88.34 11.12
C VAL C 122 30.26 -87.01 10.52
N ASN C 123 30.77 -85.92 11.07
CA ASN C 123 30.61 -84.60 10.48
C ASN C 123 31.92 -83.95 10.10
N GLY C 124 33.00 -84.25 10.82
CA GLY C 124 34.32 -83.76 10.50
C GLY C 124 35.32 -84.90 10.47
N TYR C 125 36.59 -84.53 10.40
CA TYR C 125 37.67 -85.51 10.32
C TYR C 125 38.93 -84.89 10.92
N ALA C 126 39.18 -85.20 12.19
CA ALA C 126 40.37 -84.70 12.87
C ALA C 126 41.57 -85.57 12.55
N CYS C 127 42.72 -84.93 12.33
CA CYS C 127 43.94 -85.63 11.99
C CYS C 127 45.11 -85.01 12.74
N VAL C 128 45.93 -85.84 13.35
CA VAL C 128 47.09 -85.38 14.10
C VAL C 128 48.29 -85.26 13.16
N VAL C 129 49.12 -84.25 13.38
CA VAL C 129 50.23 -83.93 12.49
C VAL C 129 51.51 -83.92 13.32
N GLY C 130 52.63 -83.98 12.61
CA GLY C 130 53.93 -83.84 13.24
C GLY C 130 54.05 -82.57 14.06
N GLY C 131 54.63 -82.68 15.25
CA GLY C 131 54.86 -81.52 16.09
C GLY C 131 53.67 -81.14 16.96
N ARG C 132 52.52 -80.93 16.34
CA ARG C 132 51.33 -80.50 17.04
C ARG C 132 50.16 -81.36 16.61
N VAL C 133 49.22 -81.60 17.53
CA VAL C 133 48.01 -82.31 17.19
C VAL C 133 47.01 -81.34 16.58
N PHE C 134 46.32 -81.78 15.55
CA PHE C 134 45.49 -80.90 14.73
C PHE C 134 44.05 -81.34 14.76
N LYS C 135 43.14 -80.38 14.91
CA LYS C 135 41.72 -80.63 14.73
C LYS C 135 41.13 -79.47 13.95
N PRO C 136 40.43 -79.74 12.86
CA PRO C 136 39.80 -78.64 12.10
C PRO C 136 38.65 -78.05 12.87
N LEU C 137 38.85 -76.85 13.41
CA LEU C 137 37.86 -76.22 14.26
C LEU C 137 36.80 -75.46 13.46
N HIS C 138 36.81 -75.57 12.14
CA HIS C 138 35.77 -74.93 11.35
C HIS C 138 34.40 -75.51 11.67
N VAL C 139 34.30 -76.82 11.83
CA VAL C 139 33.07 -77.48 12.20
C VAL C 139 33.16 -77.88 13.67
N GLU C 140 32.03 -78.28 14.22
CA GLU C 140 31.92 -78.69 15.62
C GLU C 140 31.54 -80.17 15.69
N GLY C 141 31.36 -80.65 16.91
CA GLY C 141 31.04 -82.05 17.15
C GLY C 141 32.06 -82.59 18.12
N ARG C 142 31.61 -83.52 18.96
CA ARG C 142 32.50 -84.10 19.96
C ARG C 142 33.53 -84.98 19.26
N ILE C 143 34.81 -84.77 19.59
CA ILE C 143 35.87 -85.54 18.97
C ILE C 143 35.80 -86.98 19.47
N ASP C 144 35.91 -87.93 18.55
CA ASP C 144 35.74 -89.33 18.91
C ASP C 144 36.78 -89.78 19.93
N ASN C 145 38.02 -89.34 19.78
CA ASN C 145 39.10 -89.83 20.62
C ASN C 145 38.96 -89.32 22.06
N GLU C 146 39.05 -90.24 23.01
CA GLU C 146 38.92 -89.88 24.42
C GLU C 146 40.15 -89.14 24.92
N GLN C 147 41.33 -89.48 24.41
CA GLN C 147 42.55 -88.78 24.82
C GLN C 147 42.49 -87.31 24.42
N LEU C 148 41.89 -87.01 23.28
CA LEU C 148 41.68 -85.64 22.85
C LEU C 148 40.44 -85.02 23.50
N ALA C 149 39.60 -85.82 24.14
CA ALA C 149 38.35 -85.32 24.70
C ALA C 149 38.59 -84.39 25.88
N ALA C 150 39.81 -84.30 26.40
CA ALA C 150 40.13 -83.50 27.57
C ALA C 150 41.26 -82.53 27.24
N ILE C 151 41.14 -81.85 26.11
CA ILE C 151 42.17 -80.92 25.64
C ILE C 151 41.53 -79.57 25.36
N LYS C 152 42.14 -78.51 25.88
CA LYS C 152 41.66 -77.16 25.65
C LYS C 152 41.80 -76.81 24.17
N LEU C 153 41.00 -75.83 23.73
CA LEU C 153 40.93 -75.45 22.34
C LEU C 153 41.61 -74.10 22.13
N LYS C 154 42.43 -74.00 21.09
CA LYS C 154 43.13 -72.77 20.74
C LYS C 154 42.84 -72.42 19.28
N LYS C 155 41.83 -71.61 19.06
CA LYS C 155 41.41 -71.19 17.72
C LYS C 155 41.73 -69.72 17.51
N ALA C 156 42.27 -69.39 16.35
CA ALA C 156 42.54 -68.00 16.00
C ALA C 156 41.33 -67.42 15.25
N SER C 157 41.49 -66.20 14.75
CA SER C 157 40.38 -65.55 14.06
C SER C 157 40.02 -66.25 12.77
N ILE C 158 41.02 -66.68 12.00
CA ILE C 158 40.79 -67.38 10.74
C ILE C 158 41.29 -68.81 10.77
N TYR C 159 42.09 -69.17 11.77
CA TYR C 159 42.70 -70.48 11.86
C TYR C 159 41.84 -71.37 12.75
N ASP C 160 41.63 -72.61 12.30
CA ASP C 160 40.71 -73.53 12.96
C ASP C 160 41.47 -74.76 13.43
N LEU C 161 42.60 -74.55 14.10
CA LEU C 161 43.52 -75.63 14.46
C LEU C 161 43.54 -75.84 15.96
N GLU C 162 43.65 -77.10 16.36
CA GLU C 162 43.75 -77.45 17.78
C GLU C 162 45.20 -77.38 18.23
N TYR C 163 45.41 -76.93 19.47
CA TYR C 163 46.72 -76.95 20.08
C TYR C 163 47.18 -78.39 20.34
N GLY C 164 48.48 -78.61 20.27
CA GLY C 164 49.04 -79.93 20.49
C GLY C 164 49.29 -80.24 21.96
N ASP C 165 48.39 -81.01 22.56
CA ASP C 165 48.46 -81.32 23.98
C ASP C 165 48.41 -82.82 24.21
N VAL C 166 48.88 -83.60 23.24
CA VAL C 166 49.01 -85.04 23.44
C VAL C 166 50.32 -85.27 24.17
N PRO C 167 50.37 -86.18 25.15
CA PRO C 167 51.66 -86.50 25.77
C PRO C 167 52.66 -86.93 24.71
N GLN C 168 53.92 -86.59 24.94
CA GLN C 168 54.90 -86.66 23.87
C GLN C 168 55.32 -88.09 23.56
N CYS C 169 54.56 -89.07 24.03
CA CYS C 169 54.78 -90.45 23.62
C CYS C 169 54.37 -90.66 22.17
N MET C 170 53.19 -90.16 21.79
CA MET C 170 52.70 -90.27 20.43
C MET C 170 52.86 -88.95 19.69
N LYS C 171 53.77 -88.10 20.16
CA LYS C 171 53.92 -86.79 19.58
C LYS C 171 54.55 -86.91 18.19
N SER C 172 54.22 -85.95 17.34
CA SER C 172 54.70 -85.91 15.95
C SER C 172 54.38 -87.23 15.23
N ASP C 173 53.08 -87.48 15.12
CA ASP C 173 52.64 -88.68 14.40
C ASP C 173 53.07 -88.66 12.95
N THR C 174 53.27 -87.48 12.36
CA THR C 174 53.57 -87.33 10.95
C THR C 174 54.83 -86.50 10.78
N LEU C 175 55.22 -86.29 9.54
CA LEU C 175 56.29 -85.36 9.19
C LEU C 175 55.69 -84.19 8.44
N GLN C 176 56.04 -82.98 8.87
CA GLN C 176 55.52 -81.79 8.22
C GLN C 176 56.15 -81.63 6.84
N TYR C 177 55.72 -80.61 6.12
CA TYR C 177 56.07 -80.45 4.72
C TYR C 177 56.84 -79.15 4.52
N THR C 178 57.94 -79.23 3.78
CA THR C 178 58.80 -78.08 3.50
C THR C 178 58.39 -77.43 2.19
N SER C 179 59.21 -76.51 1.72
CA SER C 179 58.92 -75.76 0.50
C SER C 179 59.21 -76.61 -0.73
N ASP C 180 59.31 -75.96 -1.88
CA ASP C 180 59.64 -76.59 -3.15
C ASP C 180 58.60 -77.66 -3.50
N LYS C 181 57.39 -77.20 -3.75
CA LYS C 181 56.30 -78.06 -4.17
C LYS C 181 56.58 -78.66 -5.54
N PRO C 182 56.75 -79.96 -5.65
CA PRO C 182 56.79 -80.58 -6.97
C PRO C 182 55.39 -80.69 -7.54
N PRO C 183 55.25 -80.92 -8.85
CA PRO C 183 53.93 -81.20 -9.41
C PRO C 183 53.48 -82.64 -9.23
N GLY C 184 54.33 -83.49 -8.63
CA GLY C 184 54.16 -84.92 -8.67
C GLY C 184 52.98 -85.42 -7.86
N PHE C 185 52.95 -86.74 -7.71
CA PHE C 185 51.85 -87.40 -7.03
C PHE C 185 51.91 -87.16 -5.54
N TYR C 186 50.78 -86.73 -4.97
CA TYR C 186 50.60 -86.69 -3.53
C TYR C 186 49.46 -87.63 -3.18
N ASN C 187 49.73 -88.59 -2.30
CA ASN C 187 48.72 -89.57 -1.96
C ASN C 187 47.58 -88.89 -1.20
N TRP C 188 46.38 -88.97 -1.76
CA TRP C 188 45.17 -88.42 -1.19
C TRP C 188 44.27 -89.58 -0.77
N HIS C 189 43.27 -89.27 0.05
CA HIS C 189 42.37 -90.31 0.52
C HIS C 189 41.66 -91.02 -0.63
N HIS C 190 41.61 -90.39 -1.79
CA HIS C 190 40.89 -90.90 -2.95
C HIS C 190 41.80 -90.96 -4.16
N GLY C 191 43.00 -91.49 -3.99
CA GLY C 191 43.98 -91.61 -5.05
C GLY C 191 45.06 -90.55 -4.93
N ALA C 192 45.99 -90.58 -5.88
CA ALA C 192 47.05 -89.59 -5.91
C ALA C 192 46.56 -88.29 -6.54
N VAL C 193 47.28 -87.21 -6.28
CA VAL C 193 46.99 -85.91 -6.87
C VAL C 193 48.28 -85.35 -7.45
N GLN C 194 48.17 -84.71 -8.61
CA GLN C 194 49.32 -84.30 -9.41
C GLN C 194 49.11 -82.89 -9.92
N TYR C 195 49.68 -81.91 -9.22
CA TYR C 195 49.68 -80.53 -9.70
C TYR C 195 50.64 -79.71 -8.85
N GLU C 196 51.01 -78.55 -9.38
CA GLU C 196 51.98 -77.70 -8.69
C GLU C 196 51.53 -76.26 -8.51
N ASN C 197 50.88 -75.66 -9.51
CA ASN C 197 50.51 -74.25 -9.41
C ASN C 197 49.53 -74.02 -8.27
N ASN C 198 48.55 -74.91 -8.13
CA ASN C 198 47.56 -74.82 -7.08
C ASN C 198 47.10 -76.24 -6.76
N ARG C 199 45.94 -76.37 -6.15
CA ARG C 199 45.40 -77.68 -5.84
C ARG C 199 45.16 -78.49 -7.11
N PHE C 200 45.31 -79.80 -6.99
CA PHE C 200 45.19 -80.69 -8.14
C PHE C 200 43.76 -80.67 -8.68
N THR C 201 43.66 -80.92 -9.99
CA THR C 201 42.38 -81.00 -10.68
C THR C 201 41.69 -82.30 -10.30
N VAL C 202 41.08 -82.29 -9.11
CA VAL C 202 40.45 -83.48 -8.58
C VAL C 202 39.26 -83.85 -9.45
N PRO C 203 38.89 -85.12 -9.54
CA PRO C 203 37.78 -85.52 -10.41
C PRO C 203 36.46 -84.88 -9.97
N ARG C 204 35.59 -84.67 -10.94
CA ARG C 204 34.27 -84.13 -10.63
C ARG C 204 33.49 -85.10 -9.75
N GLY C 205 32.72 -84.55 -8.82
CA GLY C 205 31.98 -85.37 -7.89
C GLY C 205 32.76 -85.59 -6.61
N VAL C 206 34.05 -85.87 -6.75
CA VAL C 206 34.94 -85.98 -5.60
C VAL C 206 35.16 -84.56 -5.07
N GLY C 207 35.53 -84.45 -3.79
CA GLY C 207 35.68 -83.12 -3.20
C GLY C 207 34.39 -82.35 -3.11
N GLY C 208 33.36 -82.94 -2.54
CA GLY C 208 32.08 -82.28 -2.43
C GLY C 208 31.92 -81.62 -1.07
N LYS C 209 31.17 -82.23 -0.16
CA LYS C 209 30.99 -81.70 1.17
C LYS C 209 30.97 -82.82 2.19
N GLY C 210 31.00 -82.45 3.48
CA GLY C 210 30.80 -83.35 4.58
C GLY C 210 32.02 -84.11 5.05
N ASP C 211 33.15 -83.94 4.38
CA ASP C 211 34.36 -84.66 4.75
C ASP C 211 35.47 -83.68 5.10
N SER C 212 35.12 -82.69 5.93
CA SER C 212 36.06 -81.63 6.31
C SER C 212 37.25 -82.20 7.06
N GLY C 213 38.41 -81.56 6.87
CA GLY C 213 39.59 -81.94 7.61
C GLY C 213 40.27 -83.17 7.07
N ARG C 214 40.74 -83.11 5.83
CA ARG C 214 41.42 -84.24 5.20
C ARG C 214 42.81 -83.80 4.77
N PRO C 215 43.87 -84.44 5.24
CA PRO C 215 45.21 -84.00 4.89
C PRO C 215 45.68 -84.60 3.57
N ILE C 216 46.33 -83.77 2.76
CA ILE C 216 46.99 -84.24 1.57
C ILE C 216 48.46 -84.42 1.90
N LEU C 217 48.98 -85.62 1.65
CA LEU C 217 50.31 -86.01 2.06
C LEU C 217 51.21 -86.17 0.85
N ASP C 218 52.50 -85.98 1.05
CA ASP C 218 53.46 -86.35 0.03
C ASP C 218 53.57 -87.88 -0.04
N ASN C 219 54.03 -88.37 -1.19
CA ASN C 219 54.35 -89.78 -1.30
C ASN C 219 55.44 -90.20 -0.32
N LYS C 220 56.21 -89.25 0.19
CA LYS C 220 57.27 -89.52 1.16
C LYS C 220 56.79 -89.43 2.59
N GLY C 221 55.49 -89.27 2.82
CA GLY C 221 54.98 -89.13 4.18
C GLY C 221 55.08 -87.74 4.74
N ARG C 222 54.94 -86.72 3.90
CA ARG C 222 55.05 -85.32 4.31
C ARG C 222 53.77 -84.61 3.90
N VAL C 223 52.92 -84.30 4.88
CA VAL C 223 51.59 -83.78 4.57
C VAL C 223 51.74 -82.38 3.99
N VAL C 224 51.56 -82.27 2.68
CA VAL C 224 51.85 -81.03 1.97
C VAL C 224 50.94 -79.91 2.44
N ALA C 225 49.64 -80.19 2.60
CA ALA C 225 48.70 -79.16 2.95
C ALA C 225 47.50 -79.78 3.64
N ILE C 226 46.63 -78.92 4.15
CA ILE C 226 45.39 -79.32 4.80
C ILE C 226 44.23 -78.63 4.08
N VAL C 227 43.27 -79.41 3.63
CA VAL C 227 42.14 -78.84 2.91
C VAL C 227 41.24 -78.14 3.91
N LEU C 228 40.71 -76.99 3.48
CA LEU C 228 39.70 -76.28 4.26
C LEU C 228 38.60 -75.77 3.34
N GLY C 229 38.22 -76.59 2.36
CA GLY C 229 37.14 -76.26 1.46
C GLY C 229 37.61 -76.30 0.03
N GLY C 230 36.86 -75.62 -0.83
CA GLY C 230 37.14 -75.65 -2.25
C GLY C 230 36.26 -76.65 -2.96
N VAL C 231 34.94 -76.47 -2.82
CA VAL C 231 33.98 -77.49 -3.25
C VAL C 231 34.09 -77.76 -4.74
N ASN C 232 34.04 -76.71 -5.57
CA ASN C 232 34.04 -76.88 -7.01
C ASN C 232 34.88 -75.82 -7.68
N GLU C 233 35.56 -76.21 -8.75
CA GLU C 233 36.31 -75.24 -9.55
C GLU C 233 36.10 -75.45 -11.05
N GLY C 234 34.96 -75.99 -11.46
CA GLY C 234 34.63 -76.09 -12.86
C GLY C 234 34.51 -77.53 -13.35
N SER C 235 34.86 -77.77 -14.62
CA SER C 235 34.93 -79.13 -15.13
C SER C 235 36.00 -79.93 -14.42
N ARG C 236 36.92 -79.27 -13.74
CA ARG C 236 37.81 -79.86 -12.76
C ARG C 236 37.52 -79.20 -11.42
N THR C 237 38.33 -79.53 -10.41
CA THR C 237 38.12 -78.91 -9.11
C THR C 237 39.41 -78.84 -8.32
N ALA C 238 39.75 -77.63 -7.90
CA ALA C 238 40.79 -77.36 -6.92
C ALA C 238 40.14 -77.08 -5.57
N LEU C 239 40.97 -76.87 -4.56
CA LEU C 239 40.46 -76.72 -3.20
C LEU C 239 41.09 -75.52 -2.51
N SER C 240 40.47 -75.11 -1.40
CA SER C 240 41.03 -74.10 -0.53
C SER C 240 41.73 -74.78 0.62
N VAL C 241 43.04 -74.57 0.72
CA VAL C 241 43.88 -75.30 1.65
C VAL C 241 44.79 -74.30 2.38
N VAL C 242 45.58 -74.83 3.31
CA VAL C 242 46.53 -74.05 4.07
C VAL C 242 47.81 -74.86 4.20
N THR C 243 48.95 -74.18 4.09
CA THR C 243 50.25 -74.81 4.23
C THR C 243 51.29 -73.70 4.42
N TRP C 244 52.55 -74.10 4.40
CA TRP C 244 53.63 -73.13 4.46
C TRP C 244 53.60 -72.24 3.23
N ASN C 245 53.94 -70.96 3.42
CA ASN C 245 53.77 -70.01 2.31
C ASN C 245 54.91 -70.13 1.31
N GLN C 246 56.10 -69.71 1.69
CA GLN C 246 57.30 -70.02 0.91
C GLN C 246 58.42 -70.45 1.82
N LYS C 247 58.52 -69.79 2.96
CA LYS C 247 59.60 -70.01 3.92
C LYS C 247 59.13 -70.72 5.17
N GLY C 248 57.99 -71.38 5.10
CA GLY C 248 57.45 -72.06 6.27
C GLY C 248 56.45 -71.22 7.03
N VAL C 249 55.49 -70.62 6.34
CA VAL C 249 54.50 -69.77 6.97
C VAL C 249 53.12 -70.37 6.74
N THR C 250 52.40 -70.64 7.83
CA THR C 250 51.12 -71.31 7.79
C THR C 250 50.07 -70.35 7.21
N VAL C 251 49.96 -70.37 5.88
CA VAL C 251 49.08 -69.47 5.16
C VAL C 251 48.05 -70.29 4.38
N LYS C 252 46.82 -69.78 4.35
CA LYS C 252 45.73 -70.41 3.61
C LYS C 252 45.55 -69.72 2.27
N ASP C 253 45.30 -70.52 1.24
CA ASP C 253 44.90 -70.02 -0.07
C ASP C 253 43.50 -70.51 -0.38
N THR C 254 42.63 -69.61 -0.81
CA THR C 254 41.23 -69.92 -1.08
C THR C 254 40.87 -69.51 -2.50
N PRO C 255 40.80 -70.45 -3.43
CA PRO C 255 40.27 -70.14 -4.76
C PRO C 255 38.81 -69.72 -4.67
N GLU C 256 38.40 -68.86 -5.59
CA GLU C 256 37.04 -68.36 -5.58
C GLU C 256 36.04 -69.48 -5.79
N GLY C 257 34.95 -69.46 -5.03
CA GLY C 257 33.97 -70.51 -5.09
C GLY C 257 34.38 -71.67 -4.21
N SER C 258 34.88 -71.37 -3.02
CA SER C 258 35.39 -72.36 -2.10
C SER C 258 34.45 -72.48 -0.92
N GLU C 259 33.98 -73.69 -0.64
CA GLU C 259 33.18 -74.01 0.52
C GLU C 259 33.73 -75.28 1.15
N PRO C 260 33.55 -75.46 2.46
CA PRO C 260 34.15 -76.64 3.12
C PRO C 260 33.71 -77.94 2.47
N TRP C 261 34.68 -78.85 2.31
CA TRP C 261 34.41 -80.14 1.72
C TRP C 261 34.64 -81.24 2.75
N TYR D 1 -33.31 -19.31 47.07
CA TYR D 1 -32.91 -20.24 46.02
C TYR D 1 -32.18 -19.50 44.93
N GLU D 2 -31.24 -20.17 44.27
CA GLU D 2 -30.42 -19.55 43.24
C GLU D 2 -30.39 -20.42 41.99
N HIS D 3 -30.00 -19.80 40.88
CA HIS D 3 -30.00 -20.46 39.58
C HIS D 3 -28.81 -19.95 38.77
N THR D 4 -28.20 -20.85 38.01
CA THR D 4 -27.03 -20.52 37.22
C THR D 4 -27.21 -21.01 35.79
N ALA D 5 -26.62 -20.28 34.85
CA ALA D 5 -26.67 -20.63 33.43
C ALA D 5 -25.64 -19.79 32.70
N VAL D 6 -25.65 -19.90 31.38
CA VAL D 6 -24.79 -19.12 30.50
C VAL D 6 -25.65 -18.43 29.46
N MET D 7 -25.40 -17.15 29.23
CA MET D 7 -26.23 -16.38 28.32
C MET D 7 -25.40 -15.78 27.21
N PRO D 8 -25.85 -15.89 25.96
CA PRO D 8 -25.10 -15.27 24.86
C PRO D 8 -25.17 -13.76 24.95
N ASN D 9 -24.07 -13.11 24.59
CA ASN D 9 -23.95 -11.66 24.75
C ASN D 9 -24.55 -10.97 23.54
N LYS D 10 -25.66 -10.26 23.76
CA LYS D 10 -26.23 -9.41 22.73
C LYS D 10 -27.09 -8.37 23.43
N VAL D 11 -27.05 -7.14 22.90
CA VAL D 11 -27.61 -6.02 23.64
C VAL D 11 -29.13 -6.09 23.69
N GLY D 12 -29.76 -6.47 22.60
CA GLY D 12 -31.21 -6.40 22.52
C GLY D 12 -31.95 -7.64 23.00
N ILE D 13 -31.51 -8.81 22.56
CA ILE D 13 -32.21 -10.07 22.81
C ILE D 13 -32.36 -10.31 24.30
N PRO D 14 -33.57 -10.55 24.80
CA PRO D 14 -33.72 -10.87 26.23
C PRO D 14 -33.37 -12.31 26.52
N TYR D 15 -33.53 -12.71 27.77
CA TYR D 15 -33.24 -14.08 28.19
C TYR D 15 -34.28 -14.51 29.19
N LYS D 16 -34.96 -15.61 28.90
CA LYS D 16 -36.05 -16.10 29.74
C LYS D 16 -35.66 -17.44 30.34
N ALA D 17 -35.69 -17.52 31.66
CA ALA D 17 -35.36 -18.75 32.39
C ALA D 17 -36.53 -19.14 33.26
N LEU D 18 -36.59 -20.42 33.61
CA LEU D 18 -37.70 -21.00 34.36
C LEU D 18 -37.12 -21.83 35.51
N VAL D 19 -36.99 -21.22 36.68
CA VAL D 19 -36.36 -21.91 37.81
C VAL D 19 -37.31 -22.95 38.38
N GLU D 20 -36.75 -24.07 38.82
CA GLU D 20 -37.51 -25.13 39.44
C GLU D 20 -37.05 -25.32 40.88
N ARG D 21 -38.00 -25.37 41.80
CA ARG D 21 -37.72 -25.65 43.20
C ARG D 21 -38.69 -26.74 43.64
N PRO D 22 -38.22 -27.98 43.77
CA PRO D 22 -39.15 -29.10 43.96
C PRO D 22 -40.03 -28.89 45.18
N GLY D 23 -41.28 -29.30 45.05
CA GLY D 23 -42.27 -28.97 46.06
C GLY D 23 -42.84 -27.59 45.94
N TYR D 24 -42.66 -26.94 44.80
CA TYR D 24 -43.16 -25.58 44.61
C TYR D 24 -43.55 -25.39 43.15
N ALA D 25 -44.38 -24.38 42.92
CA ALA D 25 -44.70 -24.01 41.56
C ALA D 25 -43.51 -23.32 40.91
N PRO D 26 -43.20 -23.64 39.66
CA PRO D 26 -42.05 -23.01 39.01
C PRO D 26 -42.26 -21.52 38.82
N VAL D 27 -41.15 -20.80 38.77
CA VAL D 27 -41.16 -19.37 38.50
C VAL D 27 -40.23 -19.10 37.33
N HIS D 28 -40.63 -18.18 36.47
CA HIS D 28 -39.80 -17.80 35.34
C HIS D 28 -39.31 -16.38 35.51
N LEU D 29 -38.08 -16.14 35.06
CA LEU D 29 -37.45 -14.84 35.19
C LEU D 29 -37.01 -14.36 33.83
N GLN D 30 -36.93 -13.04 33.69
CA GLN D 30 -36.63 -12.42 32.42
C GLN D 30 -35.56 -11.36 32.63
N ILE D 31 -34.44 -11.52 31.95
CA ILE D 31 -33.29 -10.65 32.12
C ILE D 31 -32.83 -10.17 30.75
N GLN D 32 -32.48 -8.89 30.65
CA GLN D 32 -32.18 -8.30 29.35
C GLN D 32 -31.08 -7.27 29.50
N LEU D 33 -30.06 -7.39 28.67
CA LEU D 33 -28.93 -6.46 28.71
C LEU D 33 -29.36 -5.10 28.20
N VAL D 34 -28.61 -4.07 28.58
CA VAL D 34 -28.81 -2.74 28.04
C VAL D 34 -27.51 -2.19 27.48
N ASN D 35 -26.37 -2.65 28.01
CA ASN D 35 -25.09 -2.09 27.62
C ASN D 35 -23.99 -3.11 27.85
N THR D 36 -22.82 -2.81 27.27
CA THR D 36 -21.58 -3.52 27.56
C THR D 36 -20.44 -2.53 27.30
N ARG D 37 -19.98 -1.88 28.37
CA ARG D 37 -19.06 -0.75 28.25
C ARG D 37 -17.66 -1.17 28.68
N ILE D 38 -16.88 -1.70 27.75
CA ILE D 38 -15.46 -1.90 28.01
C ILE D 38 -14.82 -0.56 28.31
N ILE D 39 -14.00 -0.52 29.35
CA ILE D 39 -13.26 0.68 29.72
C ILE D 39 -11.79 0.31 29.89
N PRO D 40 -10.88 0.97 29.20
CA PRO D 40 -9.46 0.67 29.36
C PRO D 40 -8.81 1.58 30.39
N SER D 41 -7.58 1.23 30.76
CA SER D 41 -6.78 2.00 31.70
C SER D 41 -5.74 2.79 30.92
N THR D 42 -5.77 4.10 31.05
CA THR D 42 -5.03 4.99 30.17
C THR D 42 -4.29 6.07 30.95
N ASN D 43 -3.20 6.55 30.37
CA ASN D 43 -2.46 7.69 30.90
C ASN D 43 -1.98 8.55 29.75
N LEU D 44 -1.84 9.84 30.03
CA LEU D 44 -1.50 10.82 29.00
C LEU D 44 -0.01 10.83 28.72
N GLU D 45 0.34 11.22 27.50
CA GLU D 45 1.73 11.39 27.11
C GLU D 45 2.07 12.85 26.84
N TYR D 46 1.35 13.50 25.93
CA TYR D 46 1.55 14.92 25.66
C TYR D 46 0.46 15.38 24.71
N ILE D 47 0.42 16.69 24.49
CA ILE D 47 -0.54 17.29 23.58
C ILE D 47 0.23 18.07 22.54
N THR D 48 -0.46 18.40 21.44
CA THR D 48 0.15 19.14 20.35
C THR D 48 -0.90 19.99 19.67
N CYS D 49 -0.44 20.98 18.93
CA CYS D 49 -1.32 21.92 18.23
C CYS D 49 -0.50 22.65 17.19
N LYS D 50 -1.08 23.70 16.63
CA LYS D 50 -0.38 24.56 15.69
C LYS D 50 0.45 25.57 16.46
N TYR D 51 1.65 25.84 15.96
CA TYR D 51 2.59 26.69 16.66
C TYR D 51 2.42 28.14 16.21
N LYS D 52 3.35 29.00 16.63
CA LYS D 52 3.39 30.39 16.21
C LYS D 52 4.76 30.94 16.55
N THR D 53 5.34 31.69 15.62
CA THR D 53 6.65 32.29 15.82
C THR D 53 6.48 33.77 16.07
N LYS D 54 7.18 34.28 17.08
CA LYS D 54 7.17 35.69 17.39
C LYS D 54 8.61 36.22 17.32
N VAL D 55 8.73 37.52 17.09
CA VAL D 55 10.04 38.14 16.97
C VAL D 55 10.05 39.46 17.72
N PRO D 56 10.94 39.64 18.68
CA PRO D 56 11.07 40.94 19.33
C PRO D 56 11.68 41.95 18.37
N SER D 57 11.56 43.21 18.74
CA SER D 57 12.06 44.27 17.88
C SER D 57 13.57 44.20 17.77
N PRO D 58 14.12 44.15 16.56
CA PRO D 58 15.57 44.08 16.40
C PRO D 58 16.23 45.40 16.75
N VAL D 59 17.55 45.34 16.96
CA VAL D 59 18.33 46.49 17.39
C VAL D 59 19.45 46.73 16.39
N VAL D 60 19.65 47.99 16.02
CA VAL D 60 20.71 48.41 15.12
C VAL D 60 21.42 49.60 15.75
N LYS D 61 22.61 49.89 15.22
CA LYS D 61 23.42 51.01 15.67
C LYS D 61 23.88 51.83 14.47
N CYS D 62 23.95 53.14 14.67
CA CYS D 62 24.41 54.03 13.61
C CYS D 62 25.87 53.79 13.26
N CYS D 63 26.63 53.13 14.14
CA CYS D 63 28.02 52.81 13.86
C CYS D 63 28.44 51.66 14.75
N GLY D 64 29.56 51.04 14.40
CA GLY D 64 30.06 49.91 15.16
C GLY D 64 29.20 48.68 14.96
N ALA D 65 29.45 47.69 15.81
CA ALA D 65 28.73 46.43 15.74
C ALA D 65 28.65 45.81 17.12
N THR D 66 27.72 44.88 17.27
CA THR D 66 27.54 44.12 18.50
C THR D 66 27.47 42.63 18.16
N GLN D 67 27.35 41.81 19.19
CA GLN D 67 27.24 40.37 19.02
C GLN D 67 26.04 39.87 19.81
N CYS D 68 25.36 38.88 19.26
CA CYS D 68 24.18 38.33 19.92
C CYS D 68 24.52 37.06 20.69
N THR D 69 23.77 36.82 21.75
CA THR D 69 24.01 35.72 22.67
C THR D 69 22.83 34.76 22.64
N SER D 70 23.10 33.49 22.91
CA SER D 70 22.08 32.46 22.91
C SER D 70 21.39 32.41 24.27
N LYS D 71 20.07 32.38 24.25
CA LYS D 71 19.27 32.32 25.46
C LYS D 71 18.49 31.01 25.53
N PRO D 72 18.14 30.56 26.73
CA PRO D 72 17.45 29.27 26.86
C PRO D 72 15.99 29.35 26.43
N HIS D 73 15.74 29.25 25.13
CA HIS D 73 14.39 29.31 24.62
C HIS D 73 14.17 28.23 23.59
N PRO D 74 12.93 27.76 23.42
CA PRO D 74 12.66 26.72 22.44
C PRO D 74 13.00 27.17 21.03
N ASP D 75 14.00 26.53 20.43
CA ASP D 75 14.49 26.88 19.10
C ASP D 75 14.81 28.36 18.99
N TYR D 76 15.61 28.85 19.93
CA TYR D 76 16.06 30.23 19.89
C TYR D 76 16.97 30.47 18.70
N GLN D 77 16.94 31.69 18.18
CA GLN D 77 17.81 32.07 17.08
C GLN D 77 18.26 33.51 17.23
N CYS D 78 19.47 33.79 16.76
CA CYS D 78 19.97 35.15 16.67
C CYS D 78 21.14 35.16 15.69
N GLN D 79 21.37 36.32 15.10
CA GLN D 79 22.39 36.45 14.06
C GLN D 79 22.63 37.94 13.82
N VAL D 80 23.76 38.26 13.20
CA VAL D 80 24.10 39.64 12.91
C VAL D 80 24.45 39.79 11.43
N PHE D 81 24.14 40.96 10.89
CA PHE D 81 24.38 41.26 9.49
C PHE D 81 25.21 42.53 9.38
N SER D 82 25.66 42.82 8.17
CA SER D 82 26.63 43.89 7.93
C SER D 82 26.15 44.85 6.86
N GLY D 83 26.61 46.09 6.95
CA GLY D 83 26.34 47.11 5.95
C GLY D 83 24.86 47.34 5.70
N VAL D 84 24.17 47.87 6.70
CA VAL D 84 22.72 48.02 6.59
C VAL D 84 22.36 49.27 5.81
N TYR D 85 22.75 50.43 6.31
CA TYR D 85 22.33 51.72 5.79
C TYR D 85 20.80 51.73 5.70
N PRO D 86 20.11 51.65 6.83
CA PRO D 86 18.66 51.47 6.81
C PRO D 86 17.91 52.72 6.41
N PHE D 87 16.58 52.69 6.55
CA PHE D 87 15.75 53.81 6.14
C PHE D 87 14.56 53.92 7.08
N MET D 88 14.03 55.13 7.22
CA MET D 88 12.87 55.39 8.06
C MET D 88 12.01 56.46 7.40
N TYR D 89 10.83 56.68 7.97
CA TYR D 89 9.93 57.70 7.44
C TYR D 89 10.55 59.07 7.68
N GLY D 90 10.78 59.81 6.59
CA GLY D 90 11.29 61.16 6.64
C GLY D 90 12.45 61.38 7.58
N GLY D 91 13.16 60.31 7.92
CA GLY D 91 14.18 60.34 8.94
C GLY D 91 15.58 60.48 8.38
N ALA D 92 16.54 60.49 9.30
CA ALA D 92 17.95 60.47 8.94
C ALA D 92 18.43 59.06 8.69
N TYR D 93 17.56 58.06 8.86
CA TYR D 93 17.76 56.68 8.47
C TYR D 93 18.81 55.99 9.31
N CYS D 94 19.19 56.59 10.44
CA CYS D 94 19.99 55.92 11.46
C CYS D 94 21.33 55.43 10.91
N PHE D 95 21.89 56.15 9.94
CA PHE D 95 23.19 55.73 9.43
C PHE D 95 24.00 56.94 8.97
N CYS D 96 25.31 56.81 9.10
CA CYS D 96 26.27 57.71 8.48
C CYS D 96 27.40 56.97 7.79
N ASP D 97 27.53 55.67 7.99
CA ASP D 97 28.66 54.87 7.51
C ASP D 97 28.21 53.43 7.43
N THR D 98 29.17 52.52 7.28
CA THR D 98 28.88 51.10 7.34
C THR D 98 28.25 50.74 8.69
N GLU D 99 27.04 50.21 8.64
CA GLU D 99 26.27 49.98 9.87
C GLU D 99 26.70 48.69 10.56
N ASN D 100 26.53 47.56 9.88
CA ASN D 100 26.91 46.25 10.41
C ASN D 100 26.25 45.98 11.75
N THR D 101 24.96 46.30 11.87
CA THR D 101 24.23 46.05 13.10
C THR D 101 22.87 45.46 12.74
N GLN D 102 22.58 44.28 13.27
CA GLN D 102 21.30 43.63 13.04
C GLN D 102 21.15 42.48 14.02
N MET D 103 20.01 42.42 14.71
CA MET D 103 19.76 41.41 15.71
C MET D 103 18.92 40.25 15.18
N SER D 104 17.71 40.55 14.70
CA SER D 104 16.87 39.58 13.98
C SER D 104 16.76 38.25 14.71
N GLU D 105 16.43 38.32 15.99
CA GLU D 105 16.23 37.11 16.77
C GLU D 105 14.84 36.53 16.52
N ALA D 106 14.73 35.21 16.65
CA ALA D 106 13.48 34.51 16.38
C ALA D 106 13.12 33.64 17.57
N TYR D 107 11.83 33.33 17.68
CA TYR D 107 11.30 32.78 18.93
C TYR D 107 10.05 31.98 18.63
N VAL D 108 9.93 30.82 19.26
CA VAL D 108 8.85 29.88 18.99
C VAL D 108 8.10 29.58 20.28
N GLU D 109 6.78 29.50 20.20
CA GLU D 109 5.96 29.17 21.36
C GLU D 109 4.59 28.70 20.88
N ARG D 110 3.77 28.26 21.82
CA ARG D 110 2.45 27.74 21.48
C ARG D 110 1.52 28.86 21.04
N SER D 111 0.52 28.48 20.26
CA SER D 111 -0.47 29.41 19.75
C SER D 111 -1.51 29.71 20.81
N GLU D 112 -2.27 30.79 20.59
CA GLU D 112 -3.33 31.16 21.52
C GLU D 112 -4.55 30.26 21.38
N GLU D 113 -4.73 29.62 20.23
CA GLU D 113 -5.86 28.74 19.98
C GLU D 113 -5.55 27.30 20.34
N CYS D 114 -4.36 27.03 20.86
CA CYS D 114 -4.01 25.68 21.27
C CYS D 114 -4.88 25.17 22.41
N SER D 115 -5.58 26.06 23.11
CA SER D 115 -6.37 25.66 24.26
C SER D 115 -7.59 24.83 23.90
N ILE D 116 -8.02 24.85 22.65
CA ILE D 116 -9.29 24.23 22.25
C ILE D 116 -9.06 22.97 21.45
N ASP D 117 -8.40 23.07 20.30
CA ASP D 117 -8.14 21.93 19.44
C ASP D 117 -6.71 21.47 19.66
N HIS D 118 -6.55 20.22 20.08
CA HIS D 118 -5.22 19.70 20.35
C HIS D 118 -5.28 18.19 20.43
N ALA D 119 -4.48 17.52 19.62
CA ALA D 119 -4.39 16.07 19.71
C ALA D 119 -3.78 15.68 21.05
N LYS D 120 -4.12 14.49 21.51
CA LYS D 120 -3.54 13.94 22.72
C LYS D 120 -3.10 12.52 22.45
N ALA D 121 -1.94 12.14 22.97
CA ALA D 121 -1.48 10.77 22.86
C ALA D 121 -1.73 10.04 24.17
N TYR D 122 -1.90 8.72 24.06
CA TYR D 122 -2.28 7.93 25.22
C TYR D 122 -1.58 6.58 25.15
N LYS D 123 -1.42 5.97 26.32
CA LYS D 123 -1.06 4.57 26.42
C LYS D 123 -2.21 3.82 27.06
N VAL D 124 -2.45 2.60 26.61
CA VAL D 124 -3.68 1.90 26.91
C VAL D 124 -3.36 0.54 27.53
N HIS D 125 -4.12 0.16 28.55
CA HIS D 125 -4.05 -1.16 29.15
C HIS D 125 -5.47 -1.66 29.37
N THR D 126 -5.57 -2.87 29.92
CA THR D 126 -6.82 -3.64 29.82
C THR D 126 -8.00 -2.92 30.46
N GLY D 127 -7.85 -2.51 31.71
CA GLY D 127 -8.96 -1.84 32.36
C GLY D 127 -10.10 -2.82 32.70
N THR D 128 -11.21 -2.22 33.12
CA THR D 128 -12.33 -2.96 33.70
C THR D 128 -13.43 -3.22 32.66
N VAL D 129 -14.50 -3.87 33.11
CA VAL D 129 -15.68 -4.14 32.30
C VAL D 129 -16.91 -3.95 33.16
N GLN D 130 -17.95 -3.35 32.61
CA GLN D 130 -19.19 -3.18 33.36
C GLN D 130 -20.35 -2.96 32.41
N ALA D 131 -21.56 -3.15 32.94
CA ALA D 131 -22.77 -3.09 32.13
C ALA D 131 -23.94 -2.68 33.00
N MET D 132 -25.14 -2.73 32.42
CA MET D 132 -26.37 -2.47 33.15
C MET D 132 -27.44 -3.44 32.68
N VAL D 133 -28.35 -3.82 33.59
CA VAL D 133 -29.29 -4.89 33.34
C VAL D 133 -30.68 -4.49 33.83
N ASN D 134 -31.70 -4.80 33.03
CA ASN D 134 -33.09 -4.64 33.41
C ASN D 134 -33.68 -6.03 33.69
N ILE D 135 -34.36 -6.16 34.84
CA ILE D 135 -34.72 -7.48 35.36
C ILE D 135 -36.19 -7.53 35.68
N THR D 136 -36.76 -8.73 35.57
CA THR D 136 -38.16 -8.97 35.91
C THR D 136 -38.34 -10.46 36.14
N TYR D 137 -38.96 -10.83 37.26
CA TYR D 137 -39.20 -12.22 37.60
C TYR D 137 -40.53 -12.34 38.32
N GLY D 138 -41.11 -13.53 38.27
CA GLY D 138 -42.36 -13.79 38.97
C GLY D 138 -43.42 -12.78 38.59
N SER D 139 -43.76 -11.91 39.53
CA SER D 139 -44.69 -10.83 39.28
C SER D 139 -44.08 -9.46 39.50
N VAL D 140 -42.84 -9.38 39.94
CA VAL D 140 -42.20 -8.08 40.15
C VAL D 140 -41.97 -7.40 38.81
N SER D 141 -42.11 -6.07 38.80
CA SER D 141 -42.08 -5.31 37.56
C SER D 141 -40.64 -5.14 37.09
N TRP D 142 -40.45 -4.29 36.07
CA TRP D 142 -39.11 -4.06 35.54
C TRP D 142 -38.25 -3.33 36.55
N ARG D 143 -37.09 -3.89 36.84
CA ARG D 143 -36.12 -3.29 37.74
C ARG D 143 -34.78 -3.25 37.03
N SER D 144 -34.05 -2.16 37.21
CA SER D 144 -32.81 -1.95 36.47
C SER D 144 -31.70 -1.51 37.40
N ALA D 145 -30.50 -2.04 37.16
CA ALA D 145 -29.32 -1.67 37.92
C ALA D 145 -28.09 -2.04 37.12
N ASP D 146 -26.96 -1.41 37.45
CA ASP D 146 -25.70 -1.71 36.81
C ASP D 146 -24.84 -2.57 37.73
N VAL D 147 -23.79 -3.15 37.16
CA VAL D 147 -22.99 -4.13 37.86
C VAL D 147 -21.68 -4.32 37.11
N TYR D 148 -20.62 -4.61 37.85
CA TYR D 148 -19.35 -4.93 37.22
C TYR D 148 -19.41 -6.34 36.64
N VAL D 149 -18.35 -6.72 35.96
CA VAL D 149 -18.28 -8.01 35.29
C VAL D 149 -17.07 -8.75 35.82
N ASN D 150 -17.32 -9.70 36.72
CA ASN D 150 -16.32 -10.59 37.27
C ASN D 150 -17.05 -11.57 38.17
N GLY D 151 -16.50 -12.76 38.32
CA GLY D 151 -17.21 -13.76 39.08
C GLY D 151 -17.14 -13.53 40.58
N GLU D 152 -17.02 -12.27 41.00
CA GLU D 152 -16.86 -11.98 42.41
C GLU D 152 -17.74 -10.88 42.96
N THR D 153 -18.19 -9.91 42.17
CA THR D 153 -18.79 -8.73 42.77
C THR D 153 -20.30 -8.84 42.76
N PRO D 154 -20.95 -8.99 43.90
CA PRO D 154 -22.40 -9.04 43.92
C PRO D 154 -23.01 -7.67 43.74
N ALA D 155 -24.25 -7.66 43.29
CA ALA D 155 -25.05 -6.45 43.21
C ALA D 155 -26.50 -6.84 43.39
N LYS D 156 -27.22 -6.10 44.24
CA LYS D 156 -28.60 -6.43 44.56
C LYS D 156 -29.53 -5.54 43.76
N ILE D 157 -30.51 -6.16 43.11
CA ILE D 157 -31.55 -5.45 42.37
C ILE D 157 -32.86 -5.81 43.03
N GLY D 158 -33.47 -4.85 43.71
CA GLY D 158 -34.65 -5.17 44.47
C GLY D 158 -34.31 -6.12 45.59
N ASP D 159 -34.67 -7.38 45.44
CA ASP D 159 -34.41 -8.39 46.46
C ASP D 159 -33.61 -9.57 45.95
N ALA D 160 -33.03 -9.47 44.77
CA ALA D 160 -32.22 -10.54 44.20
C ALA D 160 -30.74 -10.21 44.33
N LYS D 161 -29.92 -11.23 44.13
CA LYS D 161 -28.46 -11.10 44.18
C LYS D 161 -27.87 -11.57 42.87
N LEU D 162 -26.87 -10.85 42.39
CA LEU D 162 -26.33 -11.11 41.06
C LEU D 162 -24.83 -11.32 41.11
N ILE D 163 -24.36 -12.28 40.32
CA ILE D 163 -22.94 -12.55 40.14
C ILE D 163 -22.78 -12.97 38.68
N ILE D 164 -22.16 -12.12 37.87
CA ILE D 164 -22.00 -12.39 36.45
C ILE D 164 -20.57 -12.15 36.04
N GLY D 165 -20.20 -12.71 34.89
CA GLY D 165 -18.86 -12.61 34.40
C GLY D 165 -17.96 -13.66 35.03
N PRO D 166 -16.70 -13.71 34.60
CA PRO D 166 -16.08 -12.85 33.60
C PRO D 166 -16.46 -13.23 32.19
N LEU D 167 -16.14 -12.37 31.23
CA LEU D 167 -16.55 -12.58 29.85
C LEU D 167 -15.90 -13.84 29.28
N SER D 168 -16.46 -14.30 28.17
CA SER D 168 -15.94 -15.50 27.52
C SER D 168 -14.74 -15.22 26.64
N SER D 169 -14.47 -13.96 26.32
CA SER D 169 -13.35 -13.61 25.47
C SER D 169 -12.65 -12.38 26.03
N ALA D 170 -11.37 -12.25 25.69
CA ALA D 170 -10.55 -11.12 26.14
C ALA D 170 -10.26 -10.17 25.00
N TRP D 171 -11.18 -10.05 24.06
CA TRP D 171 -10.98 -9.23 22.88
C TRP D 171 -11.21 -7.76 23.19
N SER D 172 -10.48 -6.91 22.49
CA SER D 172 -10.60 -5.46 22.66
C SER D 172 -10.39 -4.79 21.31
N PRO D 173 -10.95 -3.61 21.12
CA PRO D 173 -10.76 -2.89 19.85
C PRO D 173 -9.63 -1.86 19.85
N PHE D 174 -8.86 -1.75 20.93
CA PHE D 174 -7.81 -0.74 21.02
C PHE D 174 -6.44 -1.38 20.88
N ASP D 175 -5.45 -0.52 20.64
CA ASP D 175 -4.05 -0.94 20.56
C ASP D 175 -3.26 -0.29 21.68
N ASN D 176 -1.94 -0.48 21.64
CA ASN D 176 -1.11 0.01 22.74
C ASN D 176 -1.01 1.53 22.74
N LYS D 177 -1.04 2.16 21.57
CA LYS D 177 -0.99 3.61 21.50
C LYS D 177 -2.16 4.09 20.67
N VAL D 178 -2.88 5.09 21.19
CA VAL D 178 -3.97 5.72 20.47
C VAL D 178 -3.81 7.22 20.56
N VAL D 179 -4.51 7.92 19.69
CA VAL D 179 -4.54 9.38 19.69
C VAL D 179 -5.99 9.83 19.67
N VAL D 180 -6.30 10.84 20.46
CA VAL D 180 -7.65 11.37 20.55
C VAL D 180 -7.65 12.80 20.09
N TYR D 181 -8.58 13.14 19.21
CA TYR D 181 -8.72 14.51 18.76
C TYR D 181 -10.18 14.82 18.57
N GLY D 182 -10.59 16.01 18.99
CA GLY D 182 -11.93 16.46 18.72
C GLY D 182 -12.95 15.52 19.30
N HIS D 183 -13.53 14.67 18.45
CA HIS D 183 -14.61 13.81 18.87
C HIS D 183 -14.30 12.32 18.75
N GLU D 184 -13.23 11.92 18.06
CA GLU D 184 -13.00 10.51 17.81
C GLU D 184 -11.54 10.20 18.03
N VAL D 185 -11.18 8.93 17.78
CA VAL D 185 -9.84 8.43 18.05
C VAL D 185 -9.29 7.80 16.78
N TYR D 186 -8.00 7.51 16.80
CA TYR D 186 -7.35 6.81 15.71
C TYR D 186 -6.26 5.91 16.28
N ASN D 187 -5.99 4.81 15.58
CA ASN D 187 -4.90 3.92 15.95
C ASN D 187 -3.60 4.38 15.28
N TYR D 188 -3.27 5.65 15.51
CA TYR D 188 -2.03 6.21 14.95
C TYR D 188 -0.89 5.70 15.80
N ASP D 189 -0.59 4.42 15.62
CA ASP D 189 0.12 3.61 16.61
C ASP D 189 1.53 4.10 16.92
N PHE D 190 1.98 5.20 16.32
CA PHE D 190 3.35 5.66 16.50
C PHE D 190 3.43 7.16 16.74
N PRO D 191 3.01 7.62 17.90
CA PRO D 191 3.44 8.95 18.35
C PRO D 191 4.93 8.94 18.62
N GLU D 192 5.49 10.07 19.04
CA GLU D 192 6.90 10.13 19.33
C GLU D 192 7.12 10.79 20.68
N TYR D 193 8.13 10.32 21.39
CA TYR D 193 8.30 10.64 22.80
C TYR D 193 8.91 12.01 23.03
N GLY D 194 10.08 12.25 22.44
CA GLY D 194 10.72 13.53 22.56
C GLY D 194 11.34 14.02 21.26
N THR D 195 11.29 13.18 20.24
CA THR D 195 11.89 13.50 18.96
C THR D 195 10.83 14.00 18.00
N GLY D 196 10.97 15.24 17.56
CA GLY D 196 10.09 15.77 16.55
C GLY D 196 10.46 15.22 15.19
N LYS D 197 9.77 15.72 14.18
CA LYS D 197 10.07 15.32 12.81
C LYS D 197 9.98 16.49 11.86
N ALA D 198 10.34 17.69 12.32
CA ALA D 198 10.36 18.87 11.49
C ALA D 198 9.02 19.09 10.79
N GLY D 199 7.94 18.86 11.53
CA GLY D 199 6.64 19.15 10.98
C GLY D 199 6.04 18.01 10.19
N SER D 200 5.95 16.82 10.79
CA SER D 200 5.17 15.74 10.22
C SER D 200 3.96 15.42 11.08
N PHE D 201 4.18 15.03 12.33
CA PHE D 201 3.11 15.04 13.32
C PHE D 201 3.54 15.58 14.66
N GLY D 202 4.82 15.55 14.99
CA GLY D 202 5.27 16.17 16.21
C GLY D 202 6.28 17.25 15.92
N ASP D 203 5.89 18.49 16.14
CA ASP D 203 6.81 19.61 16.04
C ASP D 203 6.65 20.57 17.19
N LEU D 204 5.60 20.43 17.99
CA LEU D 204 5.38 21.22 19.19
C LEU D 204 4.71 20.28 20.18
N GLN D 205 5.51 19.67 21.06
CA GLN D 205 5.04 18.61 21.94
C GLN D 205 5.14 19.08 23.38
N SER D 206 4.11 19.76 23.86
CA SER D 206 4.08 20.16 25.26
C SER D 206 3.78 18.94 26.12
N ARG D 207 4.68 18.66 27.07
CA ARG D 207 4.53 17.48 27.91
C ARG D 207 3.21 17.49 28.66
N THR D 208 2.70 18.66 29.00
CA THR D 208 1.42 18.79 29.66
C THR D 208 0.59 19.83 28.95
N SER D 209 -0.59 20.12 29.52
CA SER D 209 -1.48 21.12 28.95
C SER D 209 -0.91 22.53 29.07
N THR D 210 -0.18 22.79 30.14
CA THR D 210 0.38 24.12 30.38
C THR D 210 1.83 24.01 30.82
N SER D 211 2.57 23.10 30.21
CA SER D 211 3.99 22.98 30.50
C SER D 211 4.72 24.21 29.96
N ASN D 212 6.03 24.24 30.19
CA ASN D 212 6.85 25.36 29.75
C ASN D 212 8.04 24.88 28.93
N ASP D 213 7.91 23.71 28.31
CA ASP D 213 8.97 23.14 27.50
C ASP D 213 8.35 22.49 26.28
N LEU D 214 8.99 22.66 25.12
CA LEU D 214 8.44 22.17 23.86
C LEU D 214 9.58 21.48 23.10
N TYR D 215 9.79 20.21 23.41
CA TYR D 215 11.00 19.51 22.96
C TYR D 215 10.82 18.99 21.53
N ALA D 216 10.71 19.95 20.61
CA ALA D 216 10.64 19.60 19.21
C ALA D 216 11.07 20.79 18.36
N ASN D 217 11.44 20.49 17.12
CA ASN D 217 12.06 21.43 16.21
C ASN D 217 11.06 21.86 15.13
N THR D 218 11.37 22.98 14.49
CA THR D 218 10.59 23.44 13.35
C THR D 218 11.49 23.85 12.18
N ASN D 219 12.78 23.58 12.27
CA ASN D 219 13.73 23.87 11.19
C ASN D 219 13.71 25.35 10.82
N LEU D 220 13.64 26.21 11.83
CA LEU D 220 13.60 27.64 11.60
C LEU D 220 14.91 28.13 11.01
N LYS D 221 14.81 29.12 10.11
CA LYS D 221 15.99 29.69 9.46
C LYS D 221 15.78 31.17 9.26
N LEU D 222 16.85 31.95 9.37
CA LEU D 222 16.78 33.38 9.20
C LEU D 222 17.24 33.79 7.81
N GLN D 223 17.07 35.07 7.50
CA GLN D 223 17.44 35.62 6.20
C GLN D 223 18.01 37.01 6.39
N ARG D 224 18.72 37.47 5.39
CA ARG D 224 19.32 38.78 5.47
C ARG D 224 18.37 39.83 4.92
N PRO D 225 18.02 40.84 5.70
CA PRO D 225 17.15 41.90 5.17
C PRO D 225 17.85 42.65 4.06
N GLN D 226 17.04 43.20 3.15
CA GLN D 226 17.56 43.87 1.98
C GLN D 226 17.05 45.31 1.91
N ALA D 227 17.68 46.10 1.06
CA ALA D 227 17.22 47.43 0.69
C ALA D 227 17.15 48.38 1.88
N GLY D 228 17.81 48.03 2.98
CA GLY D 228 17.85 48.94 4.12
C GLY D 228 16.49 49.28 4.69
N ILE D 229 15.61 48.30 4.84
CA ILE D 229 14.31 48.49 5.43
C ILE D 229 14.19 47.59 6.65
N VAL D 230 13.70 48.16 7.76
CA VAL D 230 13.74 47.50 9.06
C VAL D 230 12.67 46.41 9.08
N HIS D 231 13.09 45.17 8.86
CA HIS D 231 12.23 44.01 8.98
C HIS D 231 13.09 42.80 9.22
N THR D 232 12.47 41.71 9.66
CA THR D 232 13.19 40.50 10.03
C THR D 232 12.66 39.32 9.23
N PRO D 233 13.22 39.07 8.05
CA PRO D 233 12.78 37.93 7.25
C PRO D 233 13.24 36.61 7.88
N PHE D 234 12.53 35.55 7.51
CA PHE D 234 12.86 34.21 7.98
C PHE D 234 12.10 33.20 7.14
N THR D 235 12.29 31.92 7.47
CA THR D 235 11.65 30.84 6.74
C THR D 235 11.63 29.61 7.63
N GLN D 236 10.60 28.78 7.45
CA GLN D 236 10.48 27.58 8.25
C GLN D 236 9.51 26.62 7.57
N VAL D 237 9.58 25.36 7.99
CA VAL D 237 8.68 24.33 7.46
C VAL D 237 7.26 24.63 7.94
N PRO D 238 6.25 24.41 7.11
CA PRO D 238 4.87 24.56 7.59
C PRO D 238 4.53 23.50 8.64
N SER D 239 3.59 23.85 9.51
CA SER D 239 3.26 22.99 10.63
C SER D 239 2.76 21.63 10.17
N GLY D 240 3.37 20.56 10.71
CA GLY D 240 2.95 19.23 10.35
C GLY D 240 1.63 18.83 10.94
N PHE D 241 1.22 19.47 12.03
CA PHE D 241 -0.09 19.18 12.60
C PHE D 241 -1.19 19.43 11.58
N GLU D 242 -1.07 20.50 10.81
CA GLU D 242 -2.03 20.75 9.74
C GLU D 242 -2.03 19.61 8.74
N ARG D 243 -0.84 19.17 8.33
CA ARG D 243 -0.76 18.11 7.34
C ARG D 243 -1.45 16.85 7.83
N TRP D 244 -1.22 16.48 9.09
CA TRP D 244 -1.92 15.31 9.60
C TRP D 244 -3.41 15.57 9.71
N LYS D 245 -3.81 16.81 9.96
CA LYS D 245 -5.23 17.12 9.97
C LYS D 245 -5.84 16.86 8.61
N LYS D 246 -5.11 17.18 7.54
CA LYS D 246 -5.66 17.00 6.20
C LYS D 246 -5.71 15.54 5.78
N ASP D 247 -4.79 14.72 6.26
CA ASP D 247 -4.66 13.34 5.76
C ASP D 247 -4.92 12.31 6.84
N LYS D 248 -5.85 12.59 7.74
CA LYS D 248 -6.25 11.57 8.70
C LYS D 248 -6.91 10.42 7.97
N GLY D 249 -6.56 9.21 8.36
CA GLY D 249 -7.10 8.02 7.74
C GLY D 249 -8.53 7.76 8.15
N ALA D 250 -8.89 6.50 8.22
CA ALA D 250 -10.23 6.14 8.65
C ALA D 250 -10.32 6.25 10.17
N PRO D 251 -11.24 7.04 10.70
CA PRO D 251 -11.43 7.07 12.15
C PRO D 251 -11.86 5.71 12.66
N LEU D 252 -11.47 5.43 13.91
CA LEU D 252 -11.71 4.10 14.47
C LEU D 252 -13.19 3.78 14.52
N ASN D 253 -14.02 4.76 14.80
CA ASN D 253 -15.45 4.50 14.90
C ASN D 253 -16.09 4.14 13.59
N ASP D 254 -15.33 3.99 12.51
CA ASP D 254 -15.86 3.45 11.26
C ASP D 254 -15.10 2.22 10.80
N VAL D 255 -14.27 1.65 11.66
CA VAL D 255 -13.56 0.42 11.32
C VAL D 255 -13.66 -0.65 12.40
N ALA D 256 -14.16 -0.34 13.58
CA ALA D 256 -14.21 -1.33 14.64
C ALA D 256 -15.03 -2.53 14.21
N PRO D 257 -14.50 -3.74 14.32
CA PRO D 257 -15.30 -4.91 13.99
C PRO D 257 -16.40 -5.14 15.00
N PHE D 258 -17.24 -6.14 14.75
CA PHE D 258 -18.32 -6.58 15.63
C PHE D 258 -19.34 -5.48 15.85
N GLY D 259 -19.21 -4.34 15.19
CA GLY D 259 -20.26 -3.34 15.23
C GLY D 259 -20.43 -2.71 16.58
N CYS D 260 -19.43 -1.95 17.04
CA CYS D 260 -19.55 -1.30 18.34
C CYS D 260 -19.00 0.11 18.25
N SER D 261 -19.82 1.07 18.66
CA SER D 261 -19.47 2.48 18.62
C SER D 261 -18.40 2.81 19.66
N ILE D 262 -18.06 4.08 19.75
CA ILE D 262 -17.01 4.54 20.65
C ILE D 262 -17.43 5.87 21.27
N ALA D 263 -17.77 5.86 22.54
CA ALA D 263 -17.97 7.08 23.29
C ALA D 263 -16.61 7.71 23.60
N LEU D 264 -16.63 8.96 24.06
CA LEU D 264 -15.40 9.72 24.24
C LEU D 264 -14.93 9.75 25.69
N GLU D 265 -15.74 10.31 26.59
CA GLU D 265 -15.25 10.76 27.88
C GLU D 265 -14.51 9.68 28.68
N PRO D 266 -15.05 8.48 28.88
CA PRO D 266 -14.25 7.41 29.48
C PRO D 266 -13.55 6.50 28.48
N LEU D 267 -13.56 6.85 27.20
CA LEU D 267 -13.15 5.94 26.12
C LEU D 267 -13.95 4.65 26.18
N ARG D 268 -15.25 4.80 26.38
CA ARG D 268 -16.14 3.66 26.35
C ARG D 268 -16.12 3.03 24.97
N ALA D 269 -16.09 1.71 24.92
CA ALA D 269 -16.27 0.95 23.70
C ALA D 269 -17.54 0.13 23.87
N GLU D 270 -18.68 0.75 23.60
CA GLU D 270 -19.95 0.23 24.04
C GLU D 270 -20.48 -0.86 23.11
N ASN D 271 -21.23 -1.78 23.69
CA ASN D 271 -22.07 -2.75 22.98
C ASN D 271 -21.28 -3.75 22.16
N CYS D 272 -19.97 -3.85 22.35
CA CYS D 272 -19.18 -4.67 21.43
C CYS D 272 -19.55 -6.12 21.69
N ALA D 273 -20.43 -6.65 20.86
CA ALA D 273 -21.03 -7.95 21.08
C ALA D 273 -20.07 -9.07 20.73
N VAL D 274 -19.82 -9.96 21.69
CA VAL D 274 -18.95 -11.10 21.47
C VAL D 274 -19.15 -12.10 22.61
N GLY D 275 -19.09 -13.38 22.29
CA GLY D 275 -19.03 -14.41 23.30
C GLY D 275 -20.27 -14.52 24.16
N SER D 276 -20.10 -15.23 25.28
CA SER D 276 -21.18 -15.53 26.21
C SER D 276 -20.79 -15.08 27.61
N ILE D 277 -21.71 -15.24 28.55
CA ILE D 277 -21.50 -14.81 29.92
C ILE D 277 -22.01 -15.87 30.88
N PRO D 278 -21.24 -16.27 31.88
CA PRO D 278 -21.77 -17.15 32.94
C PRO D 278 -22.56 -16.33 33.94
N ILE D 279 -23.82 -16.68 34.11
CA ILE D 279 -24.71 -15.93 34.98
C ILE D 279 -25.07 -16.79 36.19
N SER D 280 -25.29 -16.14 37.32
CA SER D 280 -25.69 -16.81 38.55
C SER D 280 -26.51 -15.85 39.38
N ILE D 281 -27.78 -16.17 39.57
CA ILE D 281 -28.72 -15.29 40.25
C ILE D 281 -29.42 -16.06 41.35
N ASP D 282 -29.80 -15.35 42.41
CA ASP D 282 -30.56 -15.91 43.51
C ASP D 282 -31.81 -15.08 43.73
N ILE D 283 -32.95 -15.75 43.85
CA ILE D 283 -34.21 -15.08 44.12
C ILE D 283 -34.62 -15.33 45.56
N PRO D 284 -35.36 -14.43 46.19
CA PRO D 284 -35.84 -14.68 47.55
C PRO D 284 -36.79 -15.87 47.56
N ASP D 285 -36.85 -16.53 48.70
CA ASP D 285 -37.70 -17.70 48.84
C ASP D 285 -39.15 -17.31 49.15
N ALA D 286 -39.43 -16.03 49.29
CA ALA D 286 -40.79 -15.57 49.54
C ALA D 286 -41.61 -15.47 48.26
N ALA D 287 -41.03 -15.78 47.11
CA ALA D 287 -41.73 -15.67 45.84
C ALA D 287 -42.14 -17.03 45.28
N PHE D 288 -41.91 -18.11 46.03
CA PHE D 288 -42.39 -19.42 45.65
C PHE D 288 -43.74 -19.69 46.31
N THR D 289 -44.38 -20.77 45.89
CA THR D 289 -45.64 -21.18 46.47
C THR D 289 -45.77 -22.69 46.42
N ARG D 290 -46.63 -23.21 47.28
CA ARG D 290 -46.77 -24.66 47.40
C ARG D 290 -47.31 -25.26 46.12
N ILE D 291 -46.78 -26.44 45.77
CA ILE D 291 -47.10 -27.07 44.51
C ILE D 291 -48.56 -27.52 44.46
N SER D 292 -49.24 -27.56 45.59
CA SER D 292 -50.63 -28.00 45.61
C SER D 292 -51.62 -26.87 45.40
N GLU D 293 -51.15 -25.65 45.18
CA GLU D 293 -52.02 -24.51 44.96
C GLU D 293 -52.12 -24.13 43.49
N THR D 294 -51.43 -24.80 42.64
CA THR D 294 -51.50 -24.45 41.24
C THR D 294 -52.46 -25.38 40.52
N PRO D 295 -53.16 -24.88 39.50
CA PRO D 295 -54.03 -25.76 38.71
C PRO D 295 -53.23 -26.84 38.02
N THR D 296 -53.64 -28.09 38.24
CA THR D 296 -53.00 -29.21 37.56
C THR D 296 -53.39 -29.21 36.09
N VAL D 297 -52.41 -29.47 35.23
CA VAL D 297 -52.57 -29.41 33.78
C VAL D 297 -52.48 -30.82 33.23
N SER D 298 -53.50 -31.22 32.48
CA SER D 298 -53.52 -32.56 31.89
C SER D 298 -54.41 -32.52 30.65
N ASP D 299 -54.30 -33.56 29.84
CA ASP D 299 -55.04 -33.67 28.59
C ASP D 299 -54.75 -32.48 27.68
N LEU D 300 -53.50 -32.44 27.22
CA LEU D 300 -53.01 -31.38 26.36
C LEU D 300 -53.07 -31.80 24.89
N GLU D 301 -53.17 -30.81 24.02
CA GLU D 301 -53.08 -31.06 22.59
C GLU D 301 -52.67 -29.79 21.90
N CYS D 302 -51.50 -29.81 21.26
CA CYS D 302 -50.94 -28.65 20.58
C CYS D 302 -51.05 -28.82 19.09
N LYS D 303 -51.63 -27.83 18.42
CA LYS D 303 -51.81 -27.87 16.99
C LYS D 303 -51.16 -26.64 16.36
N ILE D 304 -50.38 -26.86 15.32
CA ILE D 304 -49.68 -25.78 14.64
C ILE D 304 -50.57 -25.25 13.53
N THR D 305 -50.90 -23.96 13.59
CA THR D 305 -51.75 -23.39 12.55
C THR D 305 -50.94 -22.99 11.32
N GLU D 306 -49.99 -22.09 11.49
CA GLU D 306 -49.24 -21.57 10.36
C GLU D 306 -47.98 -20.91 10.87
N CYS D 307 -46.88 -21.09 10.13
CA CYS D 307 -45.62 -20.48 10.51
C CYS D 307 -44.76 -20.29 9.27
N THR D 308 -43.76 -19.43 9.40
CA THR D 308 -42.79 -19.18 8.35
C THR D 308 -41.56 -18.53 8.97
N TYR D 309 -40.39 -19.02 8.60
CA TYR D 309 -39.18 -18.62 9.29
C TYR D 309 -38.71 -17.26 8.78
N ALA D 310 -38.75 -16.28 9.67
CA ALA D 310 -38.29 -14.93 9.38
C ALA D 310 -37.82 -14.29 10.67
N PHE D 311 -37.12 -13.17 10.54
CA PHE D 311 -36.52 -12.56 11.72
C PHE D 311 -37.55 -12.01 12.68
N ASP D 312 -38.80 -11.89 12.27
CA ASP D 312 -39.86 -11.53 13.21
C ASP D 312 -40.65 -12.78 13.59
N PHE D 313 -41.60 -12.59 14.50
CA PHE D 313 -42.41 -13.70 14.96
C PHE D 313 -43.41 -14.13 13.87
N GLY D 314 -43.07 -15.18 13.14
CA GLY D 314 -43.89 -15.60 12.03
C GLY D 314 -44.41 -17.01 12.21
N GLY D 315 -44.82 -17.35 13.43
CA GLY D 315 -45.40 -18.65 13.70
C GLY D 315 -46.49 -18.60 14.74
N ILE D 316 -47.61 -19.27 14.46
CA ILE D 316 -48.76 -19.26 15.37
C ILE D 316 -49.31 -20.67 15.47
N ALA D 317 -49.55 -21.12 16.70
CA ALA D 317 -50.07 -22.45 16.96
C ALA D 317 -51.08 -22.38 18.09
N THR D 318 -51.95 -23.38 18.14
CA THR D 318 -53.02 -23.45 19.12
C THR D 318 -52.90 -24.71 19.97
N VAL D 319 -53.45 -24.64 21.17
CA VAL D 319 -53.43 -25.74 22.12
C VAL D 319 -54.82 -25.93 22.69
N ALA D 320 -55.26 -27.18 22.77
CA ALA D 320 -56.47 -27.56 23.47
C ALA D 320 -56.10 -28.26 24.78
N TYR D 321 -56.93 -28.08 25.80
CA TYR D 321 -56.49 -28.42 27.15
C TYR D 321 -57.69 -28.70 28.03
N LYS D 322 -57.47 -29.55 29.04
CA LYS D 322 -58.49 -29.87 30.04
C LYS D 322 -57.97 -29.51 31.41
N SER D 323 -58.61 -28.54 32.06
CA SER D 323 -58.09 -27.92 33.26
C SER D 323 -58.54 -28.65 34.52
N SER D 324 -57.89 -28.28 35.62
CA SER D 324 -58.34 -28.62 36.96
C SER D 324 -59.08 -27.46 37.61
N LYS D 325 -58.53 -26.25 37.49
CA LYS D 325 -59.21 -25.05 37.94
C LYS D 325 -58.60 -23.85 37.23
N ALA D 326 -59.31 -22.73 37.27
CA ALA D 326 -58.83 -21.53 36.59
C ALA D 326 -57.60 -20.97 37.30
N GLY D 327 -56.76 -20.31 36.52
CA GLY D 327 -55.54 -19.73 37.05
C GLY D 327 -54.60 -19.34 35.93
N ASN D 328 -53.41 -18.89 36.33
CA ASN D 328 -52.37 -18.48 35.40
C ASN D 328 -51.07 -19.17 35.77
N CYS D 329 -50.35 -19.69 34.78
CA CYS D 329 -49.03 -20.23 35.00
C CYS D 329 -48.23 -20.08 33.72
N PRO D 330 -46.90 -20.03 33.81
CA PRO D 330 -46.10 -19.63 32.65
C PRO D 330 -45.93 -20.76 31.65
N ILE D 331 -45.35 -20.41 30.51
CA ILE D 331 -45.02 -21.32 29.44
C ILE D 331 -43.58 -21.07 29.03
N HIS D 332 -42.91 -22.10 28.53
CA HIS D 332 -41.52 -21.95 28.18
C HIS D 332 -41.10 -23.08 27.27
N SER D 333 -40.08 -22.82 26.46
CA SER D 333 -39.49 -23.86 25.62
C SER D 333 -38.06 -24.10 26.06
N PRO D 334 -37.79 -25.18 26.80
CA PRO D 334 -36.40 -25.45 27.18
C PRO D 334 -35.49 -25.66 25.99
N SER D 335 -35.99 -26.26 24.92
CA SER D 335 -35.16 -26.44 23.75
C SER D 335 -34.95 -25.11 23.05
N GLY D 336 -33.88 -25.04 22.25
CA GLY D 336 -33.51 -23.83 21.57
C GLY D 336 -33.89 -23.75 20.11
N VAL D 337 -34.59 -24.76 19.59
CA VAL D 337 -34.94 -24.75 18.16
C VAL D 337 -35.87 -23.60 17.84
N ALA D 338 -36.77 -23.26 18.75
CA ALA D 338 -37.67 -22.15 18.56
C ALA D 338 -37.74 -21.34 19.84
N VAL D 339 -38.02 -20.05 19.69
CA VAL D 339 -38.18 -19.15 20.83
C VAL D 339 -39.66 -18.82 20.95
N ILE D 340 -40.13 -18.70 22.19
CA ILE D 340 -41.53 -18.43 22.46
C ILE D 340 -41.70 -16.95 22.70
N LYS D 341 -42.52 -16.31 21.87
CA LYS D 341 -42.79 -14.90 22.05
C LYS D 341 -43.48 -14.63 23.38
N GLU D 342 -44.42 -15.47 23.75
CA GLU D 342 -45.14 -15.27 25.00
C GLU D 342 -44.34 -15.80 26.17
N ASN D 343 -44.67 -15.32 27.37
CA ASN D 343 -44.04 -15.76 28.60
C ASN D 343 -44.97 -16.55 29.50
N ASP D 344 -46.13 -16.00 29.84
CA ASP D 344 -47.09 -16.67 30.72
C ASP D 344 -48.49 -16.42 30.19
N VAL D 345 -49.36 -17.41 30.42
CA VAL D 345 -50.71 -17.38 29.87
C VAL D 345 -51.70 -17.73 30.97
N THR D 346 -52.88 -17.13 30.88
CA THR D 346 -53.97 -17.52 31.76
C THR D 346 -54.61 -18.82 31.29
N LEU D 347 -55.28 -19.50 32.21
CA LEU D 347 -55.92 -20.76 31.89
C LEU D 347 -57.32 -20.76 32.47
N ALA D 348 -58.29 -21.21 31.67
CA ALA D 348 -59.65 -21.42 32.13
C ALA D 348 -59.93 -22.91 32.10
N GLU D 349 -61.06 -23.29 32.69
CA GLU D 349 -61.44 -24.70 32.68
C GLU D 349 -61.69 -25.17 31.25
N SER D 350 -61.21 -26.37 30.95
CA SER D 350 -61.18 -26.89 29.58
C SER D 350 -60.46 -25.90 28.67
N GLY D 351 -59.18 -25.70 28.96
CA GLY D 351 -58.43 -24.65 28.31
C GLY D 351 -58.25 -24.89 26.82
N SER D 352 -58.16 -23.79 26.07
CA SER D 352 -57.81 -23.84 24.65
C SER D 352 -57.40 -22.44 24.25
N PHE D 353 -56.15 -22.28 23.85
CA PHE D 353 -55.62 -20.95 23.57
C PHE D 353 -54.52 -21.07 22.52
N THR D 354 -53.84 -19.96 22.27
CA THR D 354 -52.80 -19.89 21.26
C THR D 354 -51.74 -18.91 21.69
N PHE D 355 -50.67 -18.82 20.90
CA PHE D 355 -49.55 -17.95 21.22
C PHE D 355 -48.81 -17.63 19.92
N HIS D 356 -47.58 -17.15 20.06
CA HIS D 356 -46.75 -16.80 18.92
C HIS D 356 -45.32 -17.22 19.18
N PHE D 357 -44.56 -17.39 18.10
CA PHE D 357 -43.19 -17.84 18.23
C PHE D 357 -42.47 -17.61 16.91
N SER D 358 -41.15 -17.45 17.00
CA SER D 358 -40.27 -17.44 15.85
C SER D 358 -39.52 -18.76 15.77
N THR D 359 -38.95 -19.03 14.61
CA THR D 359 -38.12 -20.21 14.43
C THR D 359 -37.14 -19.98 13.30
N ALA D 360 -36.34 -21.00 13.05
CA ALA D 360 -35.35 -20.94 11.98
C ALA D 360 -35.25 -22.24 11.20
N ASN D 361 -36.18 -23.17 11.38
CA ASN D 361 -36.09 -24.48 10.74
C ASN D 361 -37.32 -24.74 9.88
N ILE D 362 -37.10 -25.48 8.79
CA ILE D 362 -38.19 -25.82 7.90
C ILE D 362 -39.23 -26.64 8.63
N HIS D 363 -38.78 -27.59 9.45
CA HIS D 363 -39.67 -28.46 10.21
C HIS D 363 -39.34 -28.25 11.69
N PRO D 364 -39.95 -27.25 12.32
CA PRO D 364 -39.73 -27.07 13.75
C PRO D 364 -40.16 -28.31 14.52
N ALA D 365 -39.37 -28.67 15.52
CA ALA D 365 -39.64 -29.86 16.32
C ALA D 365 -39.55 -29.54 17.80
N PHE D 366 -39.76 -28.28 18.14
CA PHE D 366 -39.59 -27.83 19.50
C PHE D 366 -40.63 -28.47 20.42
N LYS D 367 -40.23 -28.69 21.66
CA LYS D 367 -41.09 -29.28 22.68
C LYS D 367 -41.15 -28.32 23.85
N LEU D 368 -42.35 -27.93 24.24
CA LEU D 368 -42.52 -26.94 25.29
C LEU D 368 -43.10 -27.59 26.53
N GLN D 369 -42.87 -26.94 27.67
CA GLN D 369 -43.45 -27.34 28.94
C GLN D 369 -44.27 -26.17 29.48
N VAL D 370 -45.41 -26.49 30.08
CA VAL D 370 -46.30 -25.49 30.65
C VAL D 370 -46.81 -26.02 31.99
N CYS D 371 -46.72 -25.17 33.02
CA CYS D 371 -47.46 -25.38 34.26
C CYS D 371 -47.18 -26.76 34.86
N THR D 372 -45.90 -27.14 34.83
CA THR D 372 -45.45 -28.46 35.29
C THR D 372 -46.09 -29.57 34.45
N SER D 373 -45.91 -29.49 33.14
CA SER D 373 -46.48 -30.46 32.23
C SER D 373 -45.78 -30.34 30.89
N ALA D 374 -45.43 -31.48 30.30
CA ALA D 374 -44.70 -31.49 29.05
C ALA D 374 -45.63 -31.77 27.89
N VAL D 375 -45.26 -31.24 26.72
CA VAL D 375 -46.00 -31.47 25.49
C VAL D 375 -45.09 -31.22 24.30
N THR D 376 -45.07 -32.16 23.36
CA THR D 376 -44.34 -31.97 22.12
C THR D 376 -45.29 -31.46 21.05
N CYS D 377 -44.83 -30.48 20.29
CA CYS D 377 -45.61 -29.92 19.18
C CYS D 377 -44.70 -29.98 17.97
N LYS D 378 -44.74 -31.11 17.26
CA LYS D 378 -43.79 -31.37 16.19
C LYS D 378 -44.03 -30.51 14.97
N GLY D 379 -45.13 -29.76 14.93
CA GLY D 379 -45.29 -28.80 13.89
C GLY D 379 -45.34 -29.45 12.52
N ASP D 380 -45.04 -28.64 11.51
CA ASP D 380 -44.99 -29.10 10.12
C ASP D 380 -43.97 -28.26 9.37
N CYS D 381 -43.96 -28.41 8.05
CA CYS D 381 -43.08 -27.63 7.20
C CYS D 381 -43.63 -26.21 7.07
N LYS D 382 -42.71 -25.23 7.03
CA LYS D 382 -43.16 -23.85 6.91
C LYS D 382 -42.63 -23.24 5.63
N PRO D 383 -43.42 -22.40 4.96
CA PRO D 383 -42.98 -21.81 3.70
C PRO D 383 -41.94 -20.74 3.95
N PRO D 384 -41.00 -20.56 3.03
CA PRO D 384 -39.99 -19.52 3.19
C PRO D 384 -40.58 -18.14 2.99
N LYS D 385 -39.85 -17.15 3.48
CA LYS D 385 -40.22 -15.76 3.24
C LYS D 385 -39.42 -15.23 2.07
N GLN D 394 -31.32 -10.45 13.12
CA GLN D 394 -32.06 -9.41 13.80
C GLN D 394 -32.71 -9.98 15.04
N HIS D 395 -32.91 -11.30 15.06
CA HIS D 395 -33.60 -11.94 16.17
C HIS D 395 -33.14 -13.38 16.32
N THR D 396 -33.51 -13.97 17.46
CA THR D 396 -32.86 -15.18 17.95
C THR D 396 -33.20 -16.37 17.08
N GLU D 397 -32.22 -16.85 16.33
CA GLU D 397 -32.32 -18.05 15.54
C GLU D 397 -31.08 -18.88 15.75
N SER D 398 -31.16 -20.17 15.43
CA SER D 398 -30.04 -21.07 15.62
C SER D 398 -29.18 -21.19 14.37
N PHE D 399 -29.76 -21.66 13.28
CA PHE D 399 -29.04 -21.95 12.04
C PHE D 399 -27.87 -22.89 12.31
N THR D 400 -28.20 -24.11 12.73
CA THR D 400 -27.21 -25.08 13.17
C THR D 400 -27.15 -26.28 12.24
N SER D 401 -27.14 -26.05 10.93
CA SER D 401 -27.17 -27.11 9.93
C SER D 401 -28.41 -27.97 10.07
N ALA D 402 -29.44 -27.46 10.74
CA ALA D 402 -30.68 -28.19 10.95
C ALA D 402 -31.75 -27.79 9.94
N ILE D 403 -31.34 -27.45 8.72
CA ILE D 403 -32.28 -27.08 7.66
C ILE D 403 -32.49 -28.21 6.66
N SER D 404 -31.85 -29.36 6.86
CA SER D 404 -32.06 -30.50 5.98
C SER D 404 -33.54 -30.82 5.89
N ALA D 405 -34.10 -30.61 4.70
CA ALA D 405 -35.53 -30.75 4.50
C ALA D 405 -35.91 -32.22 4.32
N THR D 406 -37.21 -32.46 4.25
CA THR D 406 -37.69 -33.84 4.11
C THR D 406 -37.16 -34.48 2.84
N ALA D 407 -37.22 -33.75 1.72
CA ALA D 407 -36.64 -34.27 0.49
C ALA D 407 -35.13 -34.42 0.62
N TRP D 408 -34.49 -33.45 1.27
CA TRP D 408 -33.05 -33.53 1.47
C TRP D 408 -32.67 -34.78 2.26
N SER D 409 -33.32 -34.99 3.40
CA SER D 409 -33.04 -36.17 4.21
C SER D 409 -33.38 -37.44 3.44
N TRP D 410 -34.47 -37.42 2.69
CA TRP D 410 -34.87 -38.57 1.90
C TRP D 410 -33.77 -38.97 0.94
N ILE D 411 -33.27 -38.00 0.17
CA ILE D 411 -32.22 -38.30 -0.81
C ILE D 411 -30.96 -38.78 -0.11
N LYS D 412 -30.59 -38.13 0.99
CA LYS D 412 -29.33 -38.50 1.65
C LYS D 412 -29.39 -39.91 2.21
N VAL D 413 -30.52 -40.27 2.85
CA VAL D 413 -30.63 -41.63 3.37
C VAL D 413 -30.69 -42.62 2.23
N LEU D 414 -31.32 -42.24 1.11
CA LEU D 414 -31.37 -43.14 -0.04
C LEU D 414 -29.97 -43.46 -0.53
N VAL D 415 -29.14 -42.44 -0.76
CA VAL D 415 -27.83 -42.68 -1.34
C VAL D 415 -26.95 -43.45 -0.36
N GLY D 416 -27.00 -43.09 0.93
CA GLY D 416 -26.21 -43.82 1.91
C GLY D 416 -26.60 -45.28 1.97
N GLY D 417 -27.91 -45.56 2.02
CA GLY D 417 -28.36 -46.93 2.07
C GLY D 417 -27.99 -47.71 0.83
N THR D 418 -28.09 -47.09 -0.35
CA THR D 418 -27.73 -47.79 -1.57
C THR D 418 -26.25 -48.18 -1.58
N SER D 419 -25.38 -47.23 -1.20
CA SER D 419 -23.96 -47.54 -1.16
C SER D 419 -23.68 -48.67 -0.17
N ALA D 420 -24.27 -48.58 1.02
CA ALA D 420 -24.06 -49.62 2.03
C ALA D 420 -24.54 -50.97 1.52
N PHE D 421 -25.72 -50.99 0.90
CA PHE D 421 -26.29 -52.26 0.43
C PHE D 421 -25.38 -52.90 -0.61
N ILE D 422 -24.93 -52.12 -1.60
CA ILE D 422 -24.11 -52.72 -2.65
C ILE D 422 -22.80 -53.24 -2.08
N VAL D 423 -22.14 -52.46 -1.22
CA VAL D 423 -20.84 -52.91 -0.71
C VAL D 423 -21.01 -54.15 0.16
N LEU D 424 -22.05 -54.18 1.00
CA LEU D 424 -22.23 -55.34 1.87
C LEU D 424 -22.58 -56.58 1.06
N GLY D 425 -23.40 -56.43 0.02
CA GLY D 425 -23.71 -57.56 -0.84
C GLY D 425 -22.47 -58.13 -1.49
N LEU D 426 -21.61 -57.25 -1.99
CA LEU D 426 -20.37 -57.73 -2.59
C LEU D 426 -19.49 -58.45 -1.57
N ILE D 427 -19.39 -57.89 -0.35
CA ILE D 427 -18.60 -58.55 0.68
C ILE D 427 -19.14 -59.94 0.97
N ALA D 428 -20.46 -60.07 1.06
CA ALA D 428 -21.07 -61.37 1.30
C ALA D 428 -20.75 -62.33 0.17
N THR D 429 -20.83 -61.86 -1.07
CA THR D 429 -20.57 -62.73 -2.21
C THR D 429 -19.14 -63.24 -2.21
N ALA D 430 -18.19 -62.42 -1.73
CA ALA D 430 -16.80 -62.87 -1.69
C ALA D 430 -16.66 -64.14 -0.86
N VAL D 431 -17.16 -64.12 0.37
CA VAL D 431 -17.04 -65.30 1.22
C VAL D 431 -17.94 -66.42 0.73
N VAL D 432 -19.04 -66.09 0.05
CA VAL D 432 -19.87 -67.11 -0.57
C VAL D 432 -19.06 -67.90 -1.58
N ALA D 433 -18.29 -67.21 -2.41
CA ALA D 433 -17.40 -67.89 -3.33
C ALA D 433 -16.35 -68.70 -2.58
N LEU D 434 -15.77 -68.11 -1.53
CA LEU D 434 -14.67 -68.77 -0.84
C LEU D 434 -15.09 -70.08 -0.18
N VAL D 435 -16.26 -70.11 0.45
CA VAL D 435 -16.64 -71.27 1.24
C VAL D 435 -16.83 -72.50 0.37
N LEU D 436 -17.21 -72.32 -0.89
CA LEU D 436 -17.31 -73.46 -1.79
C LEU D 436 -15.96 -74.17 -1.90
N PHE D 437 -14.91 -73.42 -2.20
CA PHE D 437 -13.58 -74.01 -2.28
C PHE D 437 -13.17 -74.59 -0.93
N PHE D 438 -13.50 -73.89 0.16
CA PHE D 438 -13.23 -74.45 1.48
C PHE D 438 -13.94 -75.78 1.69
N HIS D 439 -15.02 -76.03 0.95
CA HIS D 439 -15.75 -77.28 1.07
C HIS D 439 -15.30 -78.33 0.07
N ARG D 440 -14.61 -77.95 -1.00
CA ARG D 440 -14.28 -78.90 -2.06
C ARG D 440 -13.38 -80.03 -1.57
N HIS D 441 -12.62 -79.79 -0.51
CA HIS D 441 -11.77 -80.83 0.04
C HIS D 441 -12.39 -81.44 1.28
N ASP E 1 -17.51 46.82 29.13
CA ASP E 1 -16.62 47.38 30.13
C ASP E 1 -15.86 48.58 29.60
N LEU E 2 -15.33 49.38 30.52
CA LEU E 2 -14.55 50.56 30.14
C LEU E 2 -13.18 50.49 30.78
N ASP E 3 -13.12 49.86 31.95
CA ASP E 3 -11.85 49.74 32.68
C ASP E 3 -10.81 49.01 31.85
N THR E 4 -11.19 47.89 31.23
CA THR E 4 -10.26 47.16 30.39
C THR E 4 -9.83 48.00 29.20
N HIS E 5 -10.75 48.76 28.62
CA HIS E 5 -10.38 49.67 27.55
C HIS E 5 -9.39 50.71 28.04
N PHE E 6 -9.51 51.13 29.29
CA PHE E 6 -8.54 52.07 29.85
C PHE E 6 -7.17 51.43 29.99
N THR E 7 -7.13 50.22 30.55
CA THR E 7 -5.86 49.50 30.66
C THR E 7 -5.25 49.26 29.29
N GLN E 8 -6.08 49.15 28.26
CA GLN E 8 -5.56 49.11 26.90
C GLN E 8 -5.01 50.46 26.48
N TYR E 9 -5.71 51.53 26.81
CA TYR E 9 -5.35 52.88 26.41
C TYR E 9 -4.47 53.59 27.43
N LYS E 10 -4.14 52.94 28.53
CA LYS E 10 -3.41 53.63 29.60
C LYS E 10 -2.05 54.12 29.11
N LEU E 11 -1.33 53.28 28.36
CA LEU E 11 0.00 53.63 27.91
C LEU E 11 0.24 53.31 26.45
N ALA E 12 -0.69 52.63 25.79
CA ALA E 12 -0.52 52.30 24.40
C ALA E 12 -0.68 53.55 23.54
N ARG E 13 -0.13 53.48 22.33
CA ARG E 13 -0.26 54.55 21.36
C ARG E 13 -0.04 53.96 19.98
N PRO E 14 -0.61 54.55 18.94
CA PRO E 14 -0.36 54.06 17.59
C PRO E 14 1.10 54.26 17.21
N TYR E 15 1.47 53.69 16.06
CA TYR E 15 2.82 53.79 15.57
C TYR E 15 2.82 53.55 14.06
N ILE E 16 3.91 53.92 13.41
CA ILE E 16 4.02 53.90 11.96
C ILE E 16 5.10 52.92 11.56
N ALA E 17 4.80 52.10 10.55
CA ALA E 17 5.78 51.17 10.01
C ALA E 17 5.48 50.98 8.53
N ASP E 18 6.22 50.06 7.91
CA ASP E 18 6.11 49.87 6.46
C ASP E 18 5.16 48.73 6.13
N CYS E 19 4.47 48.87 5.01
CA CYS E 19 3.69 47.80 4.44
C CYS E 19 3.93 47.77 2.94
N PRO E 20 3.96 46.62 2.34
CA PRO E 20 4.24 46.49 0.91
C PRO E 20 3.01 46.65 0.03
N ASN E 21 2.24 47.70 0.26
CA ASN E 21 1.10 47.97 -0.62
C ASN E 21 1.64 48.38 -1.98
N CYS E 22 1.65 47.44 -2.92
CA CYS E 22 2.37 47.65 -4.17
C CYS E 22 1.65 48.60 -5.12
N GLY E 23 0.41 48.98 -4.82
CA GLY E 23 -0.19 50.08 -5.53
C GLY E 23 0.63 51.35 -5.39
N HIS E 24 1.46 51.41 -4.35
CA HIS E 24 2.34 52.55 -4.13
C HIS E 24 3.74 52.14 -3.68
N SER E 25 4.15 50.88 -3.92
CA SER E 25 5.56 50.49 -3.89
C SER E 25 6.21 50.68 -2.51
N ARG E 26 5.81 49.85 -1.56
CA ARG E 26 6.43 49.79 -0.24
C ARG E 26 6.24 51.08 0.55
N CYS E 27 4.99 51.41 0.84
CA CYS E 27 4.66 52.63 1.55
C CYS E 27 4.72 52.41 3.05
N ASP E 28 5.07 53.47 3.77
CA ASP E 28 5.06 53.44 5.23
C ASP E 28 3.78 54.11 5.72
N SER E 29 3.00 53.38 6.49
CA SER E 29 1.67 53.80 6.90
C SER E 29 1.51 53.66 8.40
N PRO E 30 0.59 54.43 8.99
CA PRO E 30 0.11 54.09 10.34
C PRO E 30 -0.62 52.76 10.38
N ILE E 31 -1.28 52.37 9.29
CA ILE E 31 -2.02 51.10 9.26
C ILE E 31 -1.05 50.06 8.71
N ALA E 32 -0.25 49.50 9.60
CA ALA E 32 0.71 48.46 9.22
C ALA E 32 0.13 47.11 9.64
N ILE E 33 -0.03 46.21 8.67
CA ILE E 33 -0.61 44.92 8.96
C ILE E 33 0.43 44.04 9.64
N GLU E 34 0.01 43.32 10.67
CA GLU E 34 0.90 42.39 11.38
C GLU E 34 0.10 41.15 11.75
N GLU E 35 0.55 40.00 11.26
CA GLU E 35 0.10 38.66 11.67
C GLU E 35 -1.43 38.56 11.75
N VAL E 36 -2.04 38.59 10.56
CA VAL E 36 -3.46 38.25 10.48
C VAL E 36 -3.66 36.81 10.91
N ARG E 37 -4.76 36.53 11.56
CA ARG E 37 -5.04 35.22 12.11
C ARG E 37 -6.38 34.72 11.59
N GLY E 38 -6.38 33.53 11.00
CA GLY E 38 -7.64 32.87 10.71
C GLY E 38 -7.53 31.37 10.82
N ASP E 39 -8.27 30.79 11.78
CA ASP E 39 -8.36 29.33 11.84
C ASP E 39 -9.77 28.87 12.22
N ALA E 40 -10.74 29.77 12.23
CA ALA E 40 -12.08 29.42 12.66
C ALA E 40 -12.84 28.74 11.52
N HIS E 41 -13.65 27.76 11.87
CA HIS E 41 -14.40 27.03 10.86
C HIS E 41 -15.43 27.89 10.15
N ALA E 42 -15.96 28.90 10.82
CA ALA E 42 -17.03 29.69 10.23
C ALA E 42 -16.54 30.68 9.18
N GLY E 43 -15.22 30.82 9.03
CA GLY E 43 -14.68 31.74 8.06
C GLY E 43 -14.42 33.14 8.57
N VAL E 44 -14.40 33.34 9.87
CA VAL E 44 -14.11 34.65 10.44
C VAL E 44 -12.60 34.78 10.58
N ILE E 45 -12.13 36.03 10.58
CA ILE E 45 -10.71 36.32 10.75
C ILE E 45 -10.58 37.59 11.57
N ARG E 46 -9.54 37.66 12.38
CA ARG E 46 -9.22 38.87 13.12
C ARG E 46 -7.81 39.30 12.75
N ILE E 47 -7.63 40.61 12.60
CA ILE E 47 -6.38 41.18 12.14
C ILE E 47 -5.88 42.17 13.18
N GLN E 48 -4.57 42.16 13.39
CA GLN E 48 -3.93 42.97 14.42
C GLN E 48 -3.13 44.06 13.70
N THR E 49 -3.75 45.22 13.54
CA THR E 49 -3.14 46.32 12.82
C THR E 49 -2.25 47.13 13.76
N SER E 50 -1.80 48.29 13.28
CA SER E 50 -0.83 49.11 13.98
C SER E 50 -1.41 50.44 14.45
N ALA E 51 -2.74 50.55 14.54
CA ALA E 51 -3.38 51.77 14.95
C ALA E 51 -4.38 51.48 16.06
N MET E 52 -4.57 52.44 16.95
CA MET E 52 -5.50 52.28 18.06
C MET E 52 -6.91 52.59 17.59
N PHE E 53 -7.84 51.69 17.91
CA PHE E 53 -9.24 51.84 17.55
C PHE E 53 -10.08 52.02 18.82
N GLY E 54 -11.31 52.45 18.60
CA GLY E 54 -12.25 52.55 19.69
C GLY E 54 -12.25 53.91 20.36
N LEU E 55 -11.59 54.01 21.51
CA LEU E 55 -11.70 55.21 22.32
C LEU E 55 -10.89 56.36 21.72
N LYS E 56 -11.36 57.56 22.01
CA LYS E 56 -10.65 58.78 21.62
C LYS E 56 -9.52 59.03 22.61
N THR E 57 -8.92 60.21 22.55
CA THR E 57 -7.88 60.58 23.49
C THR E 57 -8.40 60.59 24.92
N ASP E 58 -9.67 60.98 25.12
CA ASP E 58 -10.26 60.97 26.45
C ASP E 58 -10.46 59.55 26.97
N GLY E 59 -10.89 58.63 26.12
CA GLY E 59 -11.09 57.25 26.53
C GLY E 59 -12.53 56.80 26.48
N VAL E 60 -13.32 57.37 25.58
CA VAL E 60 -14.71 57.01 25.37
C VAL E 60 -15.00 57.02 23.88
N ASP E 61 -16.27 56.82 23.52
CA ASP E 61 -16.73 56.86 22.15
C ASP E 61 -15.98 55.84 21.28
N LEU E 62 -16.28 54.58 21.54
CA LEU E 62 -15.58 53.51 20.84
C LEU E 62 -15.80 53.54 19.33
N ALA E 63 -16.49 54.54 18.82
CA ALA E 63 -16.62 54.78 17.39
C ALA E 63 -15.51 55.67 16.85
N TYR E 64 -14.48 55.93 17.65
CA TYR E 64 -13.37 56.76 17.25
C TYR E 64 -12.16 55.92 16.87
N MET E 65 -11.23 56.54 16.16
CA MET E 65 -9.98 55.89 15.77
C MET E 65 -8.85 56.89 15.95
N SER E 66 -7.78 56.46 16.60
CA SER E 66 -6.61 57.28 16.81
C SER E 66 -5.41 56.65 16.11
N PHE E 67 -4.65 57.46 15.38
CA PHE E 67 -3.49 57.00 14.66
C PHE E 67 -2.36 58.01 14.86
N MET E 68 -1.25 57.77 14.20
CA MET E 68 -0.09 58.66 14.23
C MET E 68 -0.04 59.46 12.94
N ASN E 69 -0.18 60.77 13.05
CA ASN E 69 -0.03 61.66 11.91
C ASN E 69 1.33 62.35 12.04
N GLY E 70 2.20 62.11 11.07
CA GLY E 70 3.54 62.65 11.15
C GLY E 70 4.28 62.14 12.38
N LYS E 71 4.47 63.02 13.36
CA LYS E 71 5.12 62.65 14.61
C LYS E 71 4.21 62.87 15.81
N THR E 72 2.91 62.98 15.59
CA THR E 72 1.97 63.30 16.65
C THR E 72 0.82 62.30 16.65
N GLN E 73 -0.01 62.39 17.69
CA GLN E 73 -1.24 61.62 17.78
C GLN E 73 -2.36 62.36 17.07
N LYS E 74 -3.38 61.61 16.69
CA LYS E 74 -4.56 62.22 16.05
C LYS E 74 -5.70 61.23 16.08
N SER E 75 -6.82 61.65 16.67
CA SER E 75 -8.03 60.85 16.67
C SER E 75 -9.07 61.47 15.75
N ILE E 76 -9.91 60.62 15.16
CA ILE E 76 -10.90 61.05 14.19
C ILE E 76 -12.02 60.05 14.18
N LYS E 77 -13.22 60.50 13.80
CA LYS E 77 -14.35 59.61 13.69
C LYS E 77 -14.16 58.62 12.54
N ILE E 78 -14.57 57.38 12.78
CA ILE E 78 -14.49 56.35 11.74
C ILE E 78 -15.47 56.75 10.64
N ASP E 79 -14.94 57.20 9.51
CA ASP E 79 -15.77 57.67 8.41
C ASP E 79 -16.05 56.56 7.41
N ASN E 80 -15.00 56.02 6.80
CA ASN E 80 -15.13 54.93 5.84
C ASN E 80 -13.99 53.96 6.09
N LEU E 81 -14.34 52.71 6.38
CA LEU E 81 -13.35 51.71 6.74
C LEU E 81 -13.81 50.38 6.19
N HIS E 82 -12.89 49.67 5.53
CA HIS E 82 -13.28 48.46 4.83
C HIS E 82 -12.13 47.46 4.86
N VAL E 83 -12.51 46.19 4.83
CA VAL E 83 -11.56 45.08 4.74
C VAL E 83 -11.97 44.24 3.54
N ARG E 84 -11.01 43.95 2.67
CA ARG E 84 -11.31 43.33 1.38
C ARG E 84 -10.36 42.17 1.13
N THR E 85 -10.93 40.99 0.87
CA THR E 85 -10.12 39.87 0.43
C THR E 85 -10.15 39.71 -1.09
N SER E 86 -11.33 39.38 -1.62
CA SER E 86 -11.54 39.32 -3.07
C SER E 86 -12.86 40.00 -3.39
N ALA E 87 -13.73 40.06 -2.39
CA ALA E 87 -14.96 40.84 -2.40
C ALA E 87 -15.04 41.58 -1.08
N PRO E 88 -15.75 42.70 -1.04
CA PRO E 88 -15.85 43.45 0.21
C PRO E 88 -16.38 42.56 1.33
N CYS E 89 -15.73 42.64 2.48
CA CYS E 89 -16.12 41.82 3.62
C CYS E 89 -17.13 42.59 4.47
N SER E 90 -17.41 42.07 5.66
CA SER E 90 -18.27 42.75 6.63
C SER E 90 -17.62 42.61 8.00
N LEU E 91 -17.23 43.73 8.59
CA LEU E 91 -16.56 43.70 9.87
C LEU E 91 -17.58 43.59 11.00
N VAL E 92 -17.16 42.96 12.08
CA VAL E 92 -18.03 42.71 13.24
C VAL E 92 -17.69 43.63 14.39
N SER E 93 -16.45 43.60 14.86
CA SER E 93 -16.08 44.38 16.04
C SER E 93 -14.66 44.89 15.87
N HIS E 94 -14.30 45.85 16.70
CA HIS E 94 -12.96 46.41 16.68
C HIS E 94 -12.66 47.01 18.04
N HIS E 95 -11.41 46.85 18.47
CA HIS E 95 -11.00 47.34 19.78
C HIS E 95 -9.51 47.60 19.76
N GLY E 96 -9.12 48.85 19.92
CA GLY E 96 -7.72 49.20 20.02
C GLY E 96 -6.89 48.77 18.83
N TYR E 97 -6.07 47.75 19.04
CA TYR E 97 -5.15 47.26 18.02
C TYR E 97 -5.74 46.17 17.14
N TYR E 98 -7.01 45.80 17.33
CA TYR E 98 -7.53 44.61 16.69
C TYR E 98 -8.87 44.88 16.02
N ILE E 99 -9.14 44.12 14.96
CA ILE E 99 -10.41 44.15 14.26
C ILE E 99 -10.83 42.72 13.94
N LEU E 100 -12.07 42.38 14.25
CA LEU E 100 -12.63 41.07 13.93
C LEU E 100 -13.69 41.23 12.85
N ALA E 101 -13.50 40.54 11.73
CA ALA E 101 -14.36 40.71 10.57
C ALA E 101 -14.64 39.36 9.94
N GLN E 102 -15.52 39.38 8.94
CA GLN E 102 -15.95 38.18 8.23
C GLN E 102 -15.70 38.38 6.74
N CYS E 103 -14.92 37.48 6.14
CA CYS E 103 -14.50 37.60 4.76
C CYS E 103 -14.75 36.31 3.98
N PRO E 104 -14.96 36.41 2.68
CA PRO E 104 -15.00 35.23 1.83
C PRO E 104 -13.60 34.80 1.46
N PRO E 105 -13.43 33.64 0.83
CA PRO E 105 -12.09 33.17 0.49
C PRO E 105 -11.39 34.12 -0.47
N GLY E 106 -10.07 33.96 -0.57
CA GLY E 106 -9.27 34.83 -1.39
C GLY E 106 -7.81 34.52 -1.23
N ASP E 107 -6.96 35.49 -1.61
CA ASP E 107 -5.52 35.26 -1.57
C ASP E 107 -4.74 36.39 -0.92
N THR E 108 -5.21 37.62 -1.05
CA THR E 108 -4.50 38.76 -0.51
C THR E 108 -5.45 39.56 0.37
N VAL E 109 -5.04 39.80 1.60
CA VAL E 109 -5.85 40.53 2.56
C VAL E 109 -5.45 41.99 2.51
N THR E 110 -6.44 42.88 2.36
CA THR E 110 -6.16 44.31 2.37
C THR E 110 -7.14 45.02 3.28
N VAL E 111 -6.69 46.15 3.81
CA VAL E 111 -7.48 46.97 4.72
C VAL E 111 -7.26 48.43 4.36
N GLY E 112 -8.35 49.19 4.30
CA GLY E 112 -8.25 50.60 3.97
C GLY E 112 -9.26 51.46 4.67
N PHE E 113 -8.85 52.68 5.03
CA PHE E 113 -9.75 53.64 5.65
C PHE E 113 -9.41 55.04 5.17
N HIS E 114 -10.46 55.85 5.00
CA HIS E 114 -10.32 57.19 4.46
C HIS E 114 -10.12 58.21 5.57
N ASP E 115 -9.38 59.26 5.27
CA ASP E 115 -9.38 60.49 6.04
C ASP E 115 -9.83 61.70 5.24
N GLY E 116 -9.81 61.61 3.92
CA GLY E 116 -10.28 62.67 3.05
C GLY E 116 -9.25 63.02 1.98
N PRO E 117 -7.97 63.09 2.35
CA PRO E 117 -6.93 63.14 1.32
C PRO E 117 -6.34 61.78 0.99
N ASN E 118 -6.47 60.82 1.89
CA ASN E 118 -5.81 59.53 1.74
C ASN E 118 -6.82 58.39 1.87
N ARG E 119 -6.50 57.29 1.20
CA ARG E 119 -7.25 56.06 1.35
C ARG E 119 -6.62 55.10 2.34
N HIS E 120 -5.34 55.29 2.67
CA HIS E 120 -4.68 54.57 3.76
C HIS E 120 -4.94 53.07 3.68
N THR E 121 -4.43 52.47 2.61
CA THR E 121 -4.64 51.05 2.36
C THR E 121 -3.32 50.30 2.45
N CYS E 122 -3.37 49.11 3.05
CA CYS E 122 -2.23 48.22 3.08
C CYS E 122 -2.67 46.81 2.71
N THR E 123 -1.73 46.03 2.20
CA THR E 123 -2.01 44.74 1.60
C THR E 123 -0.96 43.74 2.04
N VAL E 124 -1.39 42.53 2.36
CA VAL E 124 -0.48 41.44 2.66
C VAL E 124 -0.90 40.22 1.87
N ALA E 125 0.04 39.65 1.13
CA ALA E 125 -0.21 38.41 0.42
C ALA E 125 -0.21 37.28 1.45
N HIS E 126 -1.36 36.68 1.68
CA HIS E 126 -1.50 35.70 2.74
C HIS E 126 -2.71 34.83 2.47
N LYS E 127 -2.51 33.51 2.47
CA LYS E 127 -3.58 32.58 2.15
C LYS E 127 -4.70 32.67 3.17
N VAL E 128 -5.94 32.63 2.69
CA VAL E 128 -7.11 32.60 3.55
C VAL E 128 -8.05 31.51 3.05
N GLU E 129 -8.63 30.76 3.98
CA GLU E 129 -9.35 29.55 3.66
C GLU E 129 -10.70 29.53 4.36
N PHE E 130 -11.67 28.83 3.76
CA PHE E 130 -13.00 28.65 4.34
C PHE E 130 -13.21 27.18 4.64
N ARG E 131 -13.08 26.80 5.90
CA ARG E 131 -13.08 25.40 6.28
C ARG E 131 -14.48 24.93 6.63
N PRO E 132 -15.04 23.94 5.95
CA PRO E 132 -16.38 23.48 6.29
C PRO E 132 -16.36 22.46 7.42
N VAL E 133 -17.34 22.56 8.29
CA VAL E 133 -17.50 21.62 9.40
C VAL E 133 -18.18 20.37 8.91
N GLY E 134 -18.14 19.30 9.71
CA GLY E 134 -18.84 18.09 9.35
C GLY E 134 -18.30 17.43 8.10
N ARG E 135 -19.21 17.05 7.21
CA ARG E 135 -18.86 16.23 6.06
C ARG E 135 -19.27 16.78 4.71
N GLU E 136 -20.04 17.86 4.66
CA GLU E 136 -20.49 18.41 3.39
C GLU E 136 -19.79 19.75 3.15
N LYS E 137 -19.14 19.89 2.00
CA LYS E 137 -18.49 21.14 1.70
C LYS E 137 -19.52 22.24 1.51
N TYR E 138 -19.09 23.48 1.70
CA TYR E 138 -19.97 24.63 1.63
C TYR E 138 -19.48 25.64 0.63
N ARG E 139 -20.35 26.61 0.37
CA ARG E 139 -19.96 27.95 -0.02
C ARG E 139 -20.31 28.95 1.06
N HIS E 140 -21.39 28.74 1.78
CA HIS E 140 -21.66 29.33 3.07
C HIS E 140 -22.73 28.49 3.74
N PRO E 141 -22.70 28.35 5.07
CA PRO E 141 -23.69 27.52 5.75
C PRO E 141 -25.10 28.02 5.47
N PRO E 142 -26.02 27.11 5.23
CA PRO E 142 -27.39 27.51 4.88
C PRO E 142 -28.20 27.97 6.08
N GLU E 143 -29.49 28.23 5.86
CA GLU E 143 -30.33 28.70 6.95
C GLU E 143 -30.73 27.57 7.88
N HIS E 144 -30.91 26.36 7.37
CA HIS E 144 -31.46 25.27 8.15
C HIS E 144 -30.60 24.03 7.99
N GLY E 145 -30.64 23.17 8.99
CA GLY E 145 -29.91 21.92 8.93
C GLY E 145 -29.58 21.42 10.33
N VAL E 146 -28.52 20.64 10.42
CA VAL E 146 -28.11 20.03 11.67
C VAL E 146 -27.11 20.93 12.37
N GLU E 147 -27.03 20.79 13.69
CA GLU E 147 -26.09 21.51 14.51
C GLU E 147 -24.85 20.65 14.77
N LEU E 148 -23.71 21.32 14.92
CA LEU E 148 -22.47 20.63 15.22
C LEU E 148 -21.61 21.51 16.11
N PRO E 149 -20.72 20.92 16.91
CA PRO E 149 -19.81 21.72 17.73
C PRO E 149 -18.67 22.24 16.89
N CYS E 150 -18.51 23.55 16.84
CA CYS E 150 -17.44 24.21 16.12
C CYS E 150 -16.63 25.07 17.07
N ASN E 151 -15.66 25.79 16.51
CA ASN E 151 -14.83 26.69 17.30
C ASN E 151 -14.59 27.95 16.50
N ARG E 152 -14.65 29.10 17.18
CA ARG E 152 -14.48 30.37 16.49
C ARG E 152 -14.13 31.44 17.51
N TYR E 153 -13.70 32.59 16.99
CA TYR E 153 -13.26 33.69 17.84
C TYR E 153 -14.48 34.43 18.38
N THR E 154 -14.55 34.56 19.70
CA THR E 154 -15.66 35.26 20.31
C THR E 154 -15.64 36.74 19.93
N HIS E 155 -16.68 37.44 20.32
CA HIS E 155 -16.85 38.85 19.99
C HIS E 155 -17.19 39.67 21.23
N LYS E 156 -16.45 39.46 22.31
CA LYS E 156 -16.58 40.26 23.51
C LYS E 156 -15.42 41.24 23.61
N ARG E 157 -15.71 42.43 24.16
CA ARG E 157 -14.72 43.49 24.19
C ARG E 157 -13.49 43.10 25.00
N ALA E 158 -13.68 42.44 26.14
CA ALA E 158 -12.59 42.20 27.05
C ALA E 158 -12.59 40.74 27.51
N ASP E 159 -11.42 40.30 27.95
CA ASP E 159 -11.22 38.97 28.52
C ASP E 159 -9.81 38.93 29.07
N GLN E 160 -9.52 37.88 29.84
CA GLN E 160 -8.14 37.56 30.20
C GLN E 160 -7.99 36.04 30.09
N GLY E 161 -7.59 35.59 28.90
CA GLY E 161 -7.17 34.23 28.73
C GLY E 161 -5.82 34.23 28.07
N HIS E 162 -5.45 35.39 27.53
CA HIS E 162 -4.15 35.63 26.93
C HIS E 162 -3.89 37.12 26.96
N TYR E 163 -2.62 37.47 26.78
CA TYR E 163 -2.21 38.86 26.75
C TYR E 163 -0.82 38.93 26.12
N VAL E 164 -0.48 40.11 25.63
CA VAL E 164 0.81 40.35 24.99
C VAL E 164 1.51 41.48 25.73
N GLU E 165 2.83 41.51 25.60
CA GLU E 165 3.61 42.50 26.33
C GLU E 165 3.59 43.83 25.60
N MET E 166 3.47 44.90 26.36
CA MET E 166 3.70 46.25 25.88
C MET E 166 5.04 46.71 26.42
N HIS E 167 5.85 47.33 25.57
CA HIS E 167 7.26 47.55 25.87
C HIS E 167 7.66 48.99 25.62
N GLN E 168 8.80 49.35 26.17
CA GLN E 168 9.32 50.71 26.03
C GLN E 168 9.66 51.01 24.57
N PRO E 169 9.13 52.09 24.00
CA PRO E 169 9.50 52.45 22.63
C PRO E 169 10.97 52.85 22.53
N GLY E 170 11.55 52.59 21.37
CA GLY E 170 12.91 52.99 21.08
C GLY E 170 12.98 54.40 20.54
N LEU E 171 14.18 54.77 20.10
CA LEU E 171 14.39 56.11 19.54
C LEU E 171 13.75 56.20 18.16
N VAL E 172 13.47 57.43 17.74
CA VAL E 172 12.88 57.69 16.43
C VAL E 172 13.76 58.68 15.69
N ALA E 173 14.26 58.28 14.52
CA ALA E 173 15.12 59.14 13.75
C ALA E 173 14.33 60.29 13.15
N ASP E 174 15.01 61.43 12.97
CA ASP E 174 14.40 62.57 12.31
C ASP E 174 15.48 63.51 11.82
N HIS E 175 15.08 64.38 10.89
CA HIS E 175 15.92 65.48 10.42
C HIS E 175 15.17 66.78 10.25
N SER E 176 13.83 66.77 10.27
CA SER E 176 13.07 67.99 10.02
C SER E 176 13.35 69.06 11.06
N LEU E 177 13.47 68.66 12.33
CA LEU E 177 13.77 69.60 13.40
C LEU E 177 15.21 70.11 13.33
N LEU E 178 16.04 69.52 12.48
CA LEU E 178 17.41 69.99 12.26
C LEU E 178 17.36 71.09 11.20
N SER E 179 17.29 72.33 11.65
CA SER E 179 17.24 73.49 10.78
C SER E 179 18.63 74.10 10.63
N ILE E 180 18.70 75.24 9.97
CA ILE E 180 19.91 76.06 9.95
C ILE E 180 19.75 77.16 10.98
N HIS E 181 20.81 77.44 11.74
CA HIS E 181 20.66 78.40 12.82
C HIS E 181 20.74 79.83 12.30
N SER E 182 21.93 80.26 11.92
CA SER E 182 22.12 81.36 10.98
C SER E 182 23.18 81.06 9.94
N ALA E 183 24.16 80.22 10.27
CA ALA E 183 25.15 79.75 9.30
C ALA E 183 25.63 78.35 9.68
N LYS E 184 24.86 77.61 10.47
CA LYS E 184 25.21 76.26 10.90
C LYS E 184 23.92 75.55 11.27
N VAL E 185 24.05 74.27 11.61
CA VAL E 185 22.88 73.50 11.98
C VAL E 185 22.23 74.09 13.24
N LYS E 186 20.99 73.70 13.48
CA LYS E 186 20.24 74.18 14.64
C LYS E 186 19.30 73.08 15.09
N ILE E 187 19.28 72.83 16.39
CA ILE E 187 18.46 71.78 16.98
C ILE E 187 17.40 72.45 17.85
N THR E 188 16.14 72.12 17.59
CA THR E 188 15.03 72.53 18.43
C THR E 188 14.52 71.32 19.22
N VAL E 189 13.80 71.61 20.30
CA VAL E 189 13.31 70.56 21.17
C VAL E 189 11.79 70.57 21.15
N PRO E 190 11.14 69.41 21.15
CA PRO E 190 9.68 69.36 21.16
C PRO E 190 9.10 69.57 22.55
N SER E 191 9.90 70.13 23.47
CA SER E 191 9.48 70.42 24.83
C SER E 191 9.10 69.14 25.57
N GLY E 192 10.13 68.33 25.81
CA GLY E 192 9.95 67.11 26.56
C GLY E 192 10.55 65.90 25.89
N ALA E 193 11.46 66.13 24.94
CA ALA E 193 12.12 65.06 24.21
C ALA E 193 13.62 65.24 24.27
N GLN E 194 14.33 64.13 24.23
CA GLN E 194 15.80 64.11 24.19
C GLN E 194 16.20 64.01 22.73
N VAL E 195 16.64 65.12 22.15
CA VAL E 195 16.98 65.17 20.74
C VAL E 195 18.40 64.65 20.54
N LYS E 196 18.54 63.35 20.37
CA LYS E 196 19.84 62.72 20.22
C LYS E 196 20.42 63.14 18.87
N TYR E 197 21.32 64.11 18.88
CA TYR E 197 21.89 64.63 17.65
C TYR E 197 23.37 64.28 17.58
N TYR E 198 23.83 63.94 16.39
CA TYR E 198 25.21 63.55 16.16
C TYR E 198 25.65 64.01 14.79
N CYS E 199 26.88 64.50 14.70
CA CYS E 199 27.40 65.07 13.46
C CYS E 199 28.85 64.60 13.30
N LYS E 200 29.61 65.28 12.44
CA LYS E 200 31.00 64.89 12.19
C LYS E 200 31.82 64.88 13.47
N CYS E 201 31.51 65.77 14.39
CA CYS E 201 32.19 65.68 15.68
C CYS E 201 31.27 65.03 16.70
N PRO E 202 31.82 64.35 17.69
CA PRO E 202 30.97 63.72 18.71
C PRO E 202 30.10 64.76 19.41
N ASP E 203 28.80 64.70 19.15
CA ASP E 203 27.84 65.63 19.72
C ASP E 203 27.22 65.01 20.97
N VAL E 204 26.17 65.64 21.48
CA VAL E 204 25.40 65.04 22.56
C VAL E 204 24.55 63.96 21.92
N ARG E 205 25.05 62.72 21.94
CA ARG E 205 24.40 61.59 21.30
C ARG E 205 23.43 60.89 22.24
N LYS E 206 22.91 61.60 23.23
CA LYS E 206 21.86 61.08 24.09
C LYS E 206 20.60 61.92 24.08
N GLY E 207 20.66 63.16 23.63
CA GLY E 207 19.48 63.99 23.55
C GLY E 207 19.35 64.98 24.68
N ILE E 208 19.10 66.24 24.34
CA ILE E 208 18.94 67.30 25.32
C ILE E 208 17.53 67.86 25.21
N THR E 209 17.03 68.39 26.32
CA THR E 209 15.72 69.02 26.32
C THR E 209 15.78 70.51 26.03
N SER E 210 16.97 71.05 25.74
CA SER E 210 17.16 72.45 25.45
C SER E 210 17.62 72.62 24.01
N SER E 211 17.06 73.60 23.32
CA SER E 211 17.45 73.86 21.94
C SER E 211 18.91 74.29 21.88
N ASP E 212 19.63 73.77 20.90
CA ASP E 212 21.08 73.97 20.83
C ASP E 212 21.51 73.80 19.39
N HIS E 213 22.81 73.93 19.16
CA HIS E 213 23.39 73.78 17.83
C HIS E 213 24.89 73.57 17.97
N THR E 214 25.49 73.02 16.91
CA THR E 214 26.92 72.77 16.87
C THR E 214 27.45 73.22 15.52
N THR E 215 28.74 73.58 15.50
CA THR E 215 29.35 74.13 14.30
C THR E 215 30.40 73.20 13.70
N THR E 216 30.38 71.91 14.06
CA THR E 216 31.26 70.96 13.41
C THR E 216 30.97 70.88 11.91
N CYS E 217 29.71 71.12 11.52
CA CYS E 217 29.33 71.28 10.13
C CYS E 217 28.20 72.30 10.07
N THR E 218 28.15 73.01 8.95
CA THR E 218 27.05 73.96 8.74
C THR E 218 25.84 73.27 8.13
N ASP E 219 26.06 72.41 7.14
CA ASP E 219 24.97 71.72 6.49
C ASP E 219 24.32 70.72 7.43
N VAL E 220 22.99 70.60 7.32
CA VAL E 220 22.26 69.59 8.08
C VAL E 220 22.66 68.19 7.65
N LYS E 221 23.15 68.04 6.43
CA LYS E 221 23.37 66.74 5.82
C LYS E 221 24.45 65.93 6.53
N GLN E 222 25.23 66.54 7.40
CA GLN E 222 26.23 65.81 8.15
C GLN E 222 25.75 65.41 9.54
N CYS E 223 24.66 65.99 10.01
CA CYS E 223 24.16 65.73 11.35
C CYS E 223 22.81 65.02 11.28
N ARG E 224 22.60 64.09 12.21
CA ARG E 224 21.35 63.36 12.34
C ARG E 224 20.70 63.68 13.67
N ALA E 225 19.38 63.54 13.74
CA ALA E 225 18.65 63.71 14.98
C ALA E 225 17.86 62.44 15.29
N TYR E 226 17.63 62.21 16.57
CA TYR E 226 16.93 61.02 17.03
C TYR E 226 16.10 61.43 18.24
N LEU E 227 14.83 61.73 18.03
CA LEU E 227 13.94 62.08 19.12
C LEU E 227 13.80 60.90 20.07
N ILE E 228 13.74 61.20 21.36
CA ILE E 228 13.52 60.21 22.40
C ILE E 228 12.32 60.63 23.21
N ASP E 229 11.33 59.74 23.31
CA ASP E 229 10.11 60.00 24.05
C ASP E 229 9.78 58.79 24.90
N ASN E 230 9.26 59.05 26.11
CA ASN E 230 8.94 57.95 27.01
C ASN E 230 7.64 58.19 27.76
N LYS E 231 6.69 58.88 27.13
CA LYS E 231 5.40 59.11 27.78
C LYS E 231 4.40 57.99 27.53
N LYS E 232 4.50 57.31 26.39
CA LYS E 232 3.60 56.21 26.06
C LYS E 232 4.40 54.94 25.86
N TRP E 233 3.70 53.87 25.47
CA TRP E 233 4.32 52.60 25.21
C TRP E 233 3.68 51.98 23.98
N VAL E 234 4.40 51.05 23.36
CA VAL E 234 3.95 50.38 22.15
C VAL E 234 4.21 48.90 22.27
N TYR E 235 3.55 48.13 21.41
CA TYR E 235 3.74 46.69 21.33
C TYR E 235 4.96 46.43 20.46
N ASN E 236 6.02 45.90 21.07
CA ASN E 236 7.25 45.67 20.33
C ASN E 236 6.99 44.70 19.19
N SER E 237 7.60 44.99 18.04
CA SER E 237 7.36 44.21 16.84
C SER E 237 8.62 44.18 16.00
N GLY E 238 8.79 43.08 15.27
CA GLY E 238 9.96 42.94 14.42
C GLY E 238 10.02 43.94 13.29
N ARG E 239 8.93 44.65 13.04
CA ARG E 239 8.91 45.69 12.02
C ARG E 239 9.24 47.06 12.59
N LEU E 240 9.61 47.12 13.86
CA LEU E 240 9.89 48.38 14.52
C LEU E 240 11.27 48.30 15.17
N PRO E 241 12.13 49.29 14.96
CA PRO E 241 13.44 49.27 15.63
C PRO E 241 13.27 49.43 17.13
N ARG E 242 14.20 48.83 17.87
CA ARG E 242 14.23 48.95 19.31
C ARG E 242 15.50 49.66 19.74
N GLY E 243 15.33 50.71 20.52
CA GLY E 243 16.46 51.39 21.14
C GLY E 243 16.94 50.62 22.35
N GLU E 244 17.56 51.35 23.28
CA GLU E 244 17.96 50.73 24.54
C GLU E 244 16.78 50.35 25.42
N GLY E 245 15.56 50.55 24.94
CA GLY E 245 14.37 50.18 25.69
C GLY E 245 14.30 48.71 26.01
N ASP E 246 14.52 48.38 27.28
CA ASP E 246 14.43 47.00 27.74
C ASP E 246 13.58 46.89 28.99
N THR E 247 12.70 47.86 29.24
CA THR E 247 11.98 47.96 30.49
C THR E 247 10.48 47.79 30.27
N PHE E 248 9.75 47.73 31.39
CA PHE E 248 8.29 47.75 31.41
C PHE E 248 7.70 46.63 30.54
N LYS E 249 7.87 45.41 31.03
CA LYS E 249 7.19 44.27 30.40
C LYS E 249 5.71 44.28 30.79
N GLY E 250 5.02 45.34 30.37
CA GLY E 250 3.61 45.47 30.69
C GLY E 250 2.76 44.45 29.96
N LYS E 251 1.53 44.27 30.45
CA LYS E 251 0.62 43.28 29.90
C LYS E 251 -0.60 43.95 29.30
N LEU E 252 -1.08 43.40 28.19
CA LEU E 252 -2.27 43.89 27.52
C LEU E 252 -3.10 42.69 27.09
N HIS E 253 -4.27 42.53 27.69
CA HIS E 253 -5.11 41.38 27.40
C HIS E 253 -5.57 41.42 25.95
N VAL E 254 -5.62 40.25 25.32
CA VAL E 254 -6.09 40.15 23.95
C VAL E 254 -7.58 40.49 23.95
N PRO E 255 -8.11 41.09 22.89
CA PRO E 255 -9.52 41.48 22.91
C PRO E 255 -10.46 40.33 22.64
N PHE E 256 -10.06 39.42 21.77
CA PHE E 256 -10.91 38.33 21.34
C PHE E 256 -10.19 37.00 21.53
N VAL E 257 -10.95 35.95 21.80
CA VAL E 257 -10.36 34.65 22.12
C VAL E 257 -11.12 33.56 21.38
N PRO E 258 -10.45 32.54 20.86
CA PRO E 258 -11.17 31.41 20.29
C PRO E 258 -11.86 30.60 21.38
N VAL E 259 -13.14 30.31 21.17
CA VAL E 259 -13.92 29.50 22.09
C VAL E 259 -14.75 28.51 21.29
N LYS E 260 -15.13 27.43 21.96
CA LYS E 260 -16.03 26.46 21.36
C LYS E 260 -17.45 26.99 21.35
N ALA E 261 -18.18 26.66 20.30
CA ALA E 261 -19.56 27.10 20.14
C ALA E 261 -20.27 26.12 19.22
N LYS E 262 -21.45 26.50 18.76
CA LYS E 262 -22.26 25.65 17.91
C LYS E 262 -22.47 26.29 16.55
N CYS E 263 -22.36 25.48 15.51
CA CYS E 263 -22.55 25.94 14.14
C CYS E 263 -23.63 25.10 13.49
N ILE E 264 -24.09 25.58 12.34
CA ILE E 264 -25.21 24.98 11.62
C ILE E 264 -24.66 24.32 10.37
N ALA E 265 -25.03 23.06 10.16
CA ALA E 265 -24.51 22.28 9.05
C ALA E 265 -25.62 21.89 8.11
N THR E 266 -25.25 21.45 6.91
CA THR E 266 -26.20 21.10 5.88
C THR E 266 -26.54 19.63 5.94
N LEU E 267 -27.79 19.30 5.67
CA LEU E 267 -28.26 17.92 5.65
C LEU E 267 -28.43 17.49 4.20
N ALA E 268 -27.72 16.45 3.82
CA ALA E 268 -27.71 16.03 2.43
C ALA E 268 -29.09 15.50 2.01
N PRO E 269 -29.41 15.60 0.73
CA PRO E 269 -30.70 15.07 0.26
C PRO E 269 -30.78 13.57 0.45
N GLU E 270 -32.01 13.09 0.58
CA GLU E 270 -32.26 11.72 0.95
C GLU E 270 -31.70 10.76 -0.11
N PRO E 271 -31.28 9.57 0.30
CA PRO E 271 -30.93 8.53 -0.66
C PRO E 271 -32.18 7.82 -1.13
N LEU E 272 -32.01 7.07 -2.21
CA LEU E 272 -33.08 6.22 -2.76
C LEU E 272 -32.67 4.77 -2.57
N VAL E 273 -33.33 4.10 -1.67
CA VAL E 273 -32.93 2.78 -1.21
C VAL E 273 -33.59 1.72 -2.08
N GLU E 274 -32.98 0.54 -2.13
CA GLU E 274 -33.55 -0.56 -2.90
C GLU E 274 -33.14 -1.87 -2.22
N HIS E 275 -34.01 -2.39 -1.36
CA HIS E 275 -33.74 -3.65 -0.68
C HIS E 275 -34.05 -4.76 -1.68
N LYS E 276 -33.14 -4.96 -2.62
CA LYS E 276 -33.24 -6.06 -3.56
C LYS E 276 -32.60 -7.28 -2.93
N HIS E 277 -33.38 -8.34 -2.75
CA HIS E 277 -33.04 -9.36 -1.76
C HIS E 277 -31.73 -10.07 -2.07
N ARG E 278 -31.01 -10.40 -1.01
CA ARG E 278 -29.66 -10.97 -0.95
C ARG E 278 -28.60 -9.88 -1.16
N THR E 279 -28.98 -8.65 -1.47
CA THR E 279 -28.00 -7.58 -1.64
C THR E 279 -28.65 -6.25 -1.27
N LEU E 280 -28.02 -5.15 -1.66
CA LEU E 280 -28.54 -3.81 -1.40
C LEU E 280 -28.14 -2.89 -2.55
N ILE E 281 -29.06 -2.05 -2.97
CA ILE E 281 -28.84 -1.11 -4.06
C ILE E 281 -29.14 0.29 -3.57
N LEU E 282 -28.26 1.24 -3.88
CA LEU E 282 -28.44 2.62 -3.46
C LEU E 282 -28.34 3.56 -4.66
N HIS E 283 -29.22 4.56 -4.69
CA HIS E 283 -29.14 5.66 -5.63
C HIS E 283 -28.87 6.93 -4.85
N LEU E 284 -27.86 7.68 -5.26
CA LEU E 284 -27.44 8.88 -4.54
C LEU E 284 -27.50 10.08 -5.46
N HIS E 285 -28.05 11.18 -4.95
CA HIS E 285 -28.15 12.45 -5.68
C HIS E 285 -27.65 13.56 -4.77
N PRO E 286 -26.35 13.76 -4.68
CA PRO E 286 -25.80 14.80 -3.82
C PRO E 286 -25.86 16.16 -4.51
N ASP E 287 -25.62 17.20 -3.70
CA ASP E 287 -25.47 18.55 -4.23
C ASP E 287 -24.10 19.14 -3.95
N HIS E 288 -23.36 18.58 -3.02
CA HIS E 288 -21.97 18.93 -2.76
C HIS E 288 -21.21 17.63 -2.54
N PRO E 289 -19.91 17.64 -2.75
CA PRO E 289 -19.11 16.46 -2.40
C PRO E 289 -19.45 15.98 -1.01
N THR E 290 -19.97 14.77 -0.91
CA THR E 290 -20.53 14.28 0.34
C THR E 290 -19.98 12.91 0.65
N LEU E 291 -19.67 12.68 1.92
CA LEU E 291 -18.98 11.47 2.34
C LEU E 291 -19.90 10.26 2.25
N LEU E 292 -19.31 9.08 2.45
CA LEU E 292 -20.07 7.85 2.51
C LEU E 292 -19.22 6.78 3.16
N THR E 293 -19.78 6.05 4.12
CA THR E 293 -19.01 5.07 4.87
C THR E 293 -19.87 3.86 5.19
N THR E 294 -19.32 2.67 5.01
CA THR E 294 -20.02 1.43 5.29
C THR E 294 -19.10 0.49 6.04
N ARG E 295 -19.68 -0.45 6.78
CA ARG E 295 -18.90 -1.47 7.44
C ARG E 295 -19.77 -2.66 7.76
N SER E 296 -19.16 -3.84 7.78
CA SER E 296 -19.86 -5.05 8.18
C SER E 296 -19.91 -5.12 9.70
N LEU E 297 -20.60 -6.14 10.21
CA LEU E 297 -20.70 -6.34 11.65
C LEU E 297 -20.18 -7.70 12.09
N GLY E 298 -19.68 -8.51 11.18
CA GLY E 298 -19.17 -9.83 11.51
C GLY E 298 -17.79 -9.80 12.10
N SER E 299 -17.04 -10.88 11.86
CA SER E 299 -15.67 -10.93 12.36
C SER E 299 -14.79 -9.89 11.70
N ASP E 300 -14.96 -9.68 10.40
CA ASP E 300 -14.17 -8.72 9.65
C ASP E 300 -14.98 -7.45 9.43
N ALA E 301 -14.26 -6.34 9.27
CA ALA E 301 -14.91 -5.05 9.05
C ALA E 301 -15.16 -4.77 7.58
N ASN E 302 -14.13 -4.91 6.75
CA ASN E 302 -14.19 -4.54 5.34
C ASN E 302 -14.70 -3.11 5.15
N PRO E 303 -14.01 -2.12 5.71
CA PRO E 303 -14.51 -0.75 5.63
C PRO E 303 -14.48 -0.25 4.20
N THR E 304 -15.33 0.73 3.93
CA THR E 304 -15.43 1.31 2.60
C THR E 304 -15.83 2.77 2.74
N ARG E 305 -15.07 3.66 2.10
CA ARG E 305 -15.36 5.08 2.17
C ARG E 305 -14.80 5.78 0.95
N GLN E 306 -15.58 6.69 0.39
CA GLN E 306 -15.10 7.56 -0.67
C GLN E 306 -16.09 8.69 -0.84
N TRP E 307 -15.63 9.76 -1.46
CA TRP E 307 -16.51 10.88 -1.70
C TRP E 307 -17.44 10.59 -2.87
N ILE E 308 -18.54 11.33 -2.92
CA ILE E 308 -19.50 11.22 -4.01
C ILE E 308 -19.70 12.61 -4.59
N GLU E 309 -19.64 12.70 -5.91
CA GLU E 309 -19.76 13.98 -6.58
C GLU E 309 -20.84 14.01 -7.64
N ARG E 310 -21.00 12.94 -8.42
CA ARG E 310 -22.02 12.87 -9.45
C ARG E 310 -23.08 11.86 -9.05
N PRO E 311 -24.33 12.13 -9.38
CA PRO E 311 -25.39 11.19 -9.01
C PRO E 311 -25.13 9.81 -9.58
N THR E 312 -25.08 8.81 -8.71
CA THR E 312 -24.63 7.49 -9.10
C THR E 312 -25.43 6.42 -8.37
N THR E 313 -25.10 5.16 -8.65
CA THR E 313 -25.67 4.01 -7.97
C THR E 313 -24.54 3.14 -7.45
N VAL E 314 -24.75 2.51 -6.30
CA VAL E 314 -23.76 1.61 -5.73
C VAL E 314 -24.44 0.33 -5.29
N ASN E 315 -23.63 -0.73 -5.22
CA ASN E 315 -24.10 -2.04 -4.80
C ASN E 315 -23.39 -2.43 -3.51
N PHE E 316 -24.09 -3.16 -2.65
CA PHE E 316 -23.49 -3.66 -1.42
C PHE E 316 -23.96 -5.08 -1.18
N THR E 317 -23.10 -5.87 -0.55
CA THR E 317 -23.37 -7.27 -0.27
C THR E 317 -23.61 -7.43 1.23
N VAL E 318 -24.87 -7.55 1.63
CA VAL E 318 -25.23 -7.79 3.00
C VAL E 318 -25.19 -9.29 3.26
N THR E 319 -25.20 -9.67 4.53
CA THR E 319 -25.17 -11.06 4.93
C THR E 319 -26.00 -11.24 6.19
N GLY E 320 -25.90 -12.42 6.79
CA GLY E 320 -26.62 -12.67 8.04
C GLY E 320 -26.18 -11.75 9.16
N GLU E 321 -24.88 -11.51 9.30
CA GLU E 321 -24.37 -10.65 10.35
C GLU E 321 -24.83 -9.21 10.21
N GLY E 322 -25.30 -8.82 9.04
CA GLY E 322 -25.81 -7.48 8.86
C GLY E 322 -24.73 -6.51 8.43
N LEU E 323 -25.19 -5.31 8.10
CA LEU E 323 -24.32 -4.27 7.59
C LEU E 323 -24.85 -2.94 8.10
N GLU E 324 -23.97 -1.95 8.14
CA GLU E 324 -24.41 -0.61 8.51
C GLU E 324 -23.66 0.42 7.67
N TYR E 325 -24.26 1.60 7.57
CA TYR E 325 -23.71 2.66 6.75
C TYR E 325 -24.18 4.00 7.27
N THR E 326 -23.51 5.04 6.80
CA THR E 326 -23.90 6.42 7.07
C THR E 326 -24.02 7.18 5.76
N TRP E 327 -24.42 8.44 5.86
CA TRP E 327 -24.53 9.29 4.69
C TRP E 327 -24.58 10.74 5.12
N GLY E 328 -23.56 11.51 4.76
CA GLY E 328 -23.55 12.92 5.10
C GLY E 328 -23.63 13.12 6.59
N ASN E 329 -24.50 14.04 7.01
CA ASN E 329 -24.71 14.31 8.41
C ASN E 329 -25.89 13.55 8.99
N HIS E 330 -26.52 12.69 8.21
CA HIS E 330 -27.58 11.85 8.74
C HIS E 330 -27.01 10.88 9.77
N PRO E 331 -27.78 10.51 10.78
CA PRO E 331 -27.31 9.50 11.72
C PRO E 331 -27.17 8.16 11.04
N PRO E 332 -26.33 7.29 11.58
CA PRO E 332 -26.08 5.99 10.93
C PRO E 332 -27.32 5.13 10.93
N LYS E 333 -27.27 4.08 10.11
CA LYS E 333 -28.37 3.14 9.98
C LYS E 333 -27.81 1.74 9.78
N ARG E 334 -28.57 0.74 10.22
CA ARG E 334 -28.18 -0.66 10.12
C ARG E 334 -29.26 -1.46 9.43
N VAL E 335 -28.87 -2.47 8.66
CA VAL E 335 -29.82 -3.36 8.01
C VAL E 335 -29.32 -4.79 8.17
N TRP E 336 -30.21 -5.67 8.59
CA TRP E 336 -29.91 -7.09 8.79
C TRP E 336 -30.51 -7.92 7.65
N ALA E 337 -30.07 -7.65 6.43
CA ALA E 337 -30.71 -8.28 5.29
C ALA E 337 -30.49 -9.78 5.30
N GLN E 338 -31.57 -10.53 5.16
CA GLN E 338 -31.50 -11.99 5.11
C GLN E 338 -32.82 -12.62 4.71
N GLU E 339 -32.93 -13.93 4.95
CA GLU E 339 -34.18 -14.68 4.92
C GLU E 339 -34.61 -15.04 3.49
N SER E 340 -33.70 -14.92 2.53
CA SER E 340 -34.06 -15.02 1.12
C SER E 340 -34.18 -16.51 0.75
N GLY E 341 -35.22 -16.83 0.01
CA GLY E 341 -35.54 -18.22 -0.31
C GLY E 341 -35.63 -18.58 -1.77
N GLU E 342 -34.69 -18.11 -2.58
CA GLU E 342 -34.75 -18.35 -4.03
C GLU E 342 -34.62 -19.84 -4.33
N GLY E 343 -35.69 -20.43 -4.87
CA GLY E 343 -35.77 -21.85 -5.15
C GLY E 343 -36.87 -22.48 -4.33
N ASN E 344 -36.77 -23.81 -4.15
CA ASN E 344 -37.68 -24.51 -3.25
C ASN E 344 -37.07 -25.85 -2.87
N PRO E 345 -37.30 -26.35 -1.66
CA PRO E 345 -36.68 -27.60 -1.22
C PRO E 345 -37.49 -28.85 -1.48
N HIS E 346 -38.67 -28.73 -2.09
CA HIS E 346 -39.55 -29.85 -2.33
C HIS E 346 -39.75 -30.03 -3.83
N GLY E 347 -39.98 -31.27 -4.25
CA GLY E 347 -40.28 -31.57 -5.63
C GLY E 347 -39.20 -32.43 -6.27
N TRP E 348 -39.01 -32.23 -7.57
CA TRP E 348 -38.05 -33.01 -8.32
C TRP E 348 -36.64 -32.63 -7.93
N PRO E 349 -35.65 -33.49 -8.24
CA PRO E 349 -34.28 -33.22 -7.77
C PRO E 349 -33.72 -31.88 -8.20
N HIS E 350 -34.02 -31.42 -9.42
CA HIS E 350 -33.29 -30.25 -9.94
C HIS E 350 -33.62 -28.98 -9.16
N GLU E 351 -34.90 -28.72 -8.89
CA GLU E 351 -35.25 -27.51 -8.17
C GLU E 351 -34.79 -27.58 -6.71
N VAL E 352 -34.89 -28.75 -6.10
CA VAL E 352 -34.37 -28.92 -4.75
C VAL E 352 -32.88 -28.64 -4.73
N VAL E 353 -32.17 -29.09 -5.76
CA VAL E 353 -30.74 -28.82 -5.86
C VAL E 353 -30.49 -27.33 -5.99
N VAL E 354 -31.27 -26.64 -6.83
CA VAL E 354 -31.02 -25.23 -7.02
C VAL E 354 -31.27 -24.47 -5.73
N TYR E 355 -32.23 -24.91 -4.91
CA TYR E 355 -32.42 -24.28 -3.61
C TYR E 355 -31.26 -24.60 -2.66
N TYR E 356 -30.90 -25.88 -2.57
CA TYR E 356 -29.71 -26.30 -1.83
C TYR E 356 -28.45 -25.65 -2.36
N TYR E 357 -28.55 -24.94 -3.49
CA TYR E 357 -27.42 -24.18 -4.05
C TYR E 357 -27.47 -22.74 -3.59
N ASN E 358 -28.55 -22.04 -3.92
CA ASN E 358 -28.65 -20.61 -3.67
C ASN E 358 -28.72 -20.26 -2.19
N ARG E 359 -29.01 -21.25 -1.33
CA ARG E 359 -29.18 -20.95 0.08
C ARG E 359 -27.91 -20.34 0.67
N TYR E 360 -26.85 -21.12 0.73
CA TYR E 360 -25.55 -20.60 1.13
C TYR E 360 -24.77 -20.28 -0.14
N PRO E 361 -24.36 -19.03 -0.36
CA PRO E 361 -23.84 -18.66 -1.68
C PRO E 361 -22.64 -19.47 -2.14
N LEU E 362 -21.79 -19.93 -1.24
CA LEU E 362 -20.64 -20.69 -1.70
C LEU E 362 -20.48 -22.03 -1.01
N THR E 363 -20.76 -22.10 0.30
CA THR E 363 -20.58 -23.36 1.00
C THR E 363 -21.50 -24.43 0.44
N THR E 364 -22.65 -24.02 -0.08
CA THR E 364 -23.47 -24.96 -0.84
C THR E 364 -22.71 -25.48 -2.05
N ILE E 365 -22.03 -24.59 -2.76
CA ILE E 365 -21.33 -24.99 -3.97
C ILE E 365 -20.22 -25.98 -3.64
N ILE E 366 -19.43 -25.66 -2.61
CA ILE E 366 -18.33 -26.54 -2.23
C ILE E 366 -18.88 -27.85 -1.71
N GLY E 367 -20.02 -27.81 -1.01
CA GLY E 367 -20.64 -29.03 -0.57
C GLY E 367 -21.08 -29.90 -1.73
N LEU E 368 -21.64 -29.27 -2.76
CA LEU E 368 -22.05 -30.00 -3.95
C LEU E 368 -20.86 -30.65 -4.63
N CYS E 369 -19.76 -29.90 -4.76
CA CYS E 369 -18.56 -30.45 -5.38
C CYS E 369 -18.04 -31.65 -4.59
N THR E 370 -17.96 -31.48 -3.26
CA THR E 370 -17.49 -32.57 -2.43
C THR E 370 -18.43 -33.78 -2.52
N CYS E 371 -19.73 -33.54 -2.53
CA CYS E 371 -20.68 -34.63 -2.55
C CYS E 371 -20.60 -35.40 -3.87
N VAL E 372 -20.51 -34.69 -5.00
CA VAL E 372 -20.40 -35.40 -6.25
C VAL E 372 -19.09 -36.18 -6.31
N ALA E 373 -18.01 -35.60 -5.80
CA ALA E 373 -16.73 -36.31 -5.80
C ALA E 373 -16.82 -37.58 -4.97
N ILE E 374 -17.39 -37.50 -3.77
CA ILE E 374 -17.41 -38.66 -2.89
C ILE E 374 -18.35 -39.72 -3.44
N ILE E 375 -19.48 -39.32 -4.01
CA ILE E 375 -20.39 -40.33 -4.53
C ILE E 375 -19.78 -41.03 -5.74
N MET E 376 -19.10 -40.28 -6.61
CA MET E 376 -18.50 -40.91 -7.77
C MET E 376 -17.35 -41.83 -7.37
N VAL E 377 -16.56 -41.42 -6.37
CA VAL E 377 -15.47 -42.31 -5.95
C VAL E 377 -16.03 -43.56 -5.27
N SER E 378 -17.11 -43.41 -4.51
CA SER E 378 -17.75 -44.58 -3.93
C SER E 378 -18.26 -45.51 -5.01
N CYS E 379 -18.87 -44.96 -6.05
CA CYS E 379 -19.40 -45.79 -7.13
C CYS E 379 -18.29 -46.51 -7.87
N VAL E 380 -17.18 -45.83 -8.15
CA VAL E 380 -16.10 -46.47 -8.88
C VAL E 380 -15.42 -47.54 -8.02
N THR E 381 -15.31 -47.29 -6.72
CA THR E 381 -14.79 -48.35 -5.84
C THR E 381 -15.73 -49.55 -5.84
N SER E 382 -17.03 -49.30 -5.81
CA SER E 382 -18.00 -50.39 -5.85
C SER E 382 -17.87 -51.18 -7.14
N VAL E 383 -17.68 -50.51 -8.27
CA VAL E 383 -17.59 -51.23 -9.53
C VAL E 383 -16.27 -51.99 -9.64
N TRP E 384 -15.19 -51.45 -9.07
CA TRP E 384 -13.96 -52.23 -9.03
C TRP E 384 -14.14 -53.49 -8.19
N LEU E 385 -14.81 -53.37 -7.04
CA LEU E 385 -15.10 -54.54 -6.26
C LEU E 385 -16.00 -55.51 -7.02
N LEU E 386 -16.95 -54.97 -7.79
CA LEU E 386 -17.77 -55.78 -8.66
C LEU E 386 -16.91 -56.59 -9.61
N CYS E 387 -15.95 -55.94 -10.26
CA CYS E 387 -15.10 -56.62 -11.22
C CYS E 387 -14.28 -57.70 -10.54
N ARG E 388 -13.73 -57.40 -9.36
CA ARG E 388 -12.90 -58.38 -8.67
C ARG E 388 -13.74 -59.58 -8.23
N THR E 389 -14.92 -59.33 -7.69
CA THR E 389 -15.81 -60.42 -7.32
C THR E 389 -16.22 -61.23 -8.54
N ARG E 390 -16.43 -60.55 -9.67
CA ARG E 390 -16.74 -61.25 -10.91
C ARG E 390 -15.60 -62.16 -11.32
N ASN E 391 -14.37 -61.67 -11.17
CA ASN E 391 -13.20 -62.52 -11.45
C ASN E 391 -13.20 -63.74 -10.56
N LEU E 392 -13.48 -63.54 -9.28
CA LEU E 392 -13.54 -64.67 -8.36
C LEU E 392 -14.62 -65.66 -8.76
N CYS E 393 -15.78 -65.15 -9.20
CA CYS E 393 -16.84 -66.02 -9.69
C CYS E 393 -16.45 -66.73 -10.97
N ILE E 394 -15.57 -66.14 -11.77
CA ILE E 394 -15.06 -66.80 -12.96
C ILE E 394 -14.14 -67.95 -12.58
N THR E 395 -13.39 -67.81 -11.49
CA THR E 395 -12.37 -68.79 -11.14
C THR E 395 -12.86 -70.25 -11.09
N PRO E 396 -13.99 -70.59 -10.48
CA PRO E 396 -14.36 -72.01 -10.41
C PRO E 396 -14.54 -72.66 -11.76
N TYR E 397 -14.78 -71.88 -12.81
CA TYR E 397 -14.97 -72.42 -14.13
C TYR E 397 -13.70 -73.02 -14.68
N LYS E 398 -12.68 -73.15 -13.84
CA LYS E 398 -11.55 -74.01 -14.18
C LYS E 398 -12.02 -75.42 -14.49
N LEU E 399 -13.14 -75.85 -13.90
CA LEU E 399 -13.69 -77.16 -14.21
C LEU E 399 -14.43 -77.17 -15.53
N ALA E 400 -14.77 -76.01 -16.07
CA ALA E 400 -15.52 -75.95 -17.32
C ALA E 400 -14.78 -76.62 -18.49
N PRO E 401 -13.48 -76.38 -18.70
CA PRO E 401 -12.81 -77.05 -19.82
C PRO E 401 -12.77 -78.57 -19.69
N ASN E 402 -13.12 -79.10 -18.53
CA ASN E 402 -12.97 -80.53 -18.28
C ASN E 402 -14.07 -81.38 -18.89
N ALA E 403 -15.12 -80.76 -19.44
CA ALA E 403 -16.22 -81.48 -20.10
C ALA E 403 -16.89 -82.45 -19.13
N GLN E 404 -17.50 -81.89 -18.10
CA GLN E 404 -18.06 -82.67 -16.99
C GLN E 404 -19.54 -82.37 -16.80
N VAL E 405 -20.09 -82.90 -15.72
CA VAL E 405 -21.53 -82.83 -15.44
C VAL E 405 -21.93 -81.37 -15.22
N PRO E 406 -23.11 -80.96 -15.66
CA PRO E 406 -23.56 -79.59 -15.39
C PRO E 406 -23.69 -79.32 -13.90
N ILE E 407 -23.52 -78.06 -13.53
CA ILE E 407 -23.54 -77.66 -12.13
C ILE E 407 -24.87 -77.04 -11.72
N LEU E 408 -25.68 -76.57 -12.67
CA LEU E 408 -27.01 -76.01 -12.41
C LEU E 408 -26.92 -74.79 -11.50
N LEU E 409 -26.20 -73.78 -11.98
CA LEU E 409 -26.02 -72.54 -11.23
C LEU E 409 -26.41 -71.33 -12.06
N ALA E 410 -26.08 -70.14 -11.57
CA ALA E 410 -26.48 -68.91 -12.24
C ALA E 410 -25.93 -68.80 -13.65
N LEU E 411 -24.82 -69.49 -13.94
CA LEU E 411 -24.28 -69.52 -15.29
C LEU E 411 -24.75 -70.78 -16.00
N LEU E 412 -24.61 -70.77 -17.32
CA LEU E 412 -25.15 -71.82 -18.17
C LEU E 412 -24.13 -72.94 -18.36
N CYS E 413 -24.63 -74.17 -18.40
CA CYS E 413 -23.81 -75.35 -18.66
C CYS E 413 -24.68 -76.40 -19.33
N CYS E 414 -24.31 -76.78 -20.55
CA CYS E 414 -25.09 -77.77 -21.30
C CYS E 414 -24.93 -79.16 -20.70
N ASP F 111 2.67 -89.12 -28.73
CA ASP F 111 2.78 -88.31 -27.53
C ASP F 111 3.75 -87.16 -27.74
N LYS F 112 3.37 -85.97 -27.28
CA LYS F 112 4.21 -84.79 -27.38
C LYS F 112 4.44 -84.24 -25.97
N THR F 113 5.53 -84.66 -25.36
CA THR F 113 6.00 -84.10 -24.09
C THR F 113 7.28 -83.34 -24.39
N PHE F 114 7.29 -82.05 -24.07
CA PHE F 114 8.38 -81.21 -24.54
C PHE F 114 9.04 -80.51 -23.38
N PRO F 115 10.37 -80.55 -23.28
CA PRO F 115 11.06 -79.70 -22.31
C PRO F 115 10.89 -78.24 -22.66
N ILE F 116 11.03 -77.41 -21.64
CA ILE F 116 10.93 -75.97 -21.79
C ILE F 116 12.35 -75.43 -21.94
N MET F 117 12.56 -74.58 -22.94
CA MET F 117 13.88 -74.04 -23.22
C MET F 117 14.08 -72.74 -22.43
N LEU F 118 15.00 -72.79 -21.47
CA LEU F 118 15.46 -71.60 -20.77
C LEU F 118 16.98 -71.55 -20.88
N ASN F 119 17.50 -70.44 -21.41
CA ASN F 119 18.94 -70.25 -21.62
C ASN F 119 19.56 -71.34 -22.46
N GLY F 120 18.75 -72.02 -23.28
CA GLY F 120 19.26 -73.10 -24.10
C GLY F 120 19.45 -74.41 -23.35
N GLN F 121 18.84 -74.56 -22.19
CA GLN F 121 18.85 -75.83 -21.48
C GLN F 121 17.48 -76.08 -20.89
N VAL F 122 17.22 -77.36 -20.59
CA VAL F 122 15.92 -77.76 -20.08
C VAL F 122 15.73 -77.23 -18.67
N ASN F 123 14.65 -76.50 -18.45
CA ASN F 123 14.23 -76.11 -17.12
C ASN F 123 12.86 -76.63 -16.75
N GLY F 124 11.97 -76.80 -17.74
CA GLY F 124 10.67 -77.39 -17.51
C GLY F 124 10.40 -78.50 -18.51
N TYR F 125 9.14 -78.94 -18.53
CA TYR F 125 8.75 -80.05 -19.40
C TYR F 125 7.26 -79.88 -19.73
N ALA F 126 6.98 -79.29 -20.89
CA ALA F 126 5.60 -79.10 -21.33
C ALA F 126 5.09 -80.37 -21.99
N CYS F 127 3.83 -80.70 -21.71
CA CYS F 127 3.20 -81.90 -22.25
C CYS F 127 1.77 -81.58 -22.64
N VAL F 128 1.39 -82.01 -23.84
CA VAL F 128 0.04 -81.78 -24.35
C VAL F 128 -0.85 -82.93 -23.91
N VAL F 129 -2.11 -82.61 -23.60
CA VAL F 129 -3.05 -83.57 -23.06
C VAL F 129 -4.29 -83.60 -23.95
N GLY F 130 -5.08 -84.65 -23.78
CA GLY F 130 -6.36 -84.75 -24.45
C GLY F 130 -7.24 -83.54 -24.22
N GLY F 131 -7.89 -83.05 -25.27
CA GLY F 131 -8.81 -81.94 -25.14
C GLY F 131 -8.15 -80.59 -25.19
N ARG F 132 -7.17 -80.36 -24.33
CA ARG F 132 -6.51 -79.07 -24.23
C ARG F 132 -5.00 -79.28 -24.21
N VAL F 133 -4.27 -78.35 -24.78
CA VAL F 133 -2.81 -78.40 -24.72
C VAL F 133 -2.35 -77.81 -23.38
N PHE F 134 -1.36 -78.44 -22.77
CA PHE F 134 -0.98 -78.14 -21.40
C PHE F 134 0.47 -77.68 -21.36
N LYS F 135 0.72 -76.64 -20.59
CA LYS F 135 2.08 -76.22 -20.28
C LYS F 135 2.13 -75.85 -18.80
N PRO F 136 3.05 -76.41 -18.03
CA PRO F 136 3.16 -76.05 -16.62
C PRO F 136 3.70 -74.64 -16.47
N LEU F 137 2.83 -73.71 -16.10
CA LEU F 137 3.20 -72.31 -16.03
C LEU F 137 3.85 -71.94 -14.69
N HIS F 138 4.13 -72.92 -13.84
CA HIS F 138 4.83 -72.63 -12.59
C HIS F 138 6.22 -72.07 -12.85
N VAL F 139 6.93 -72.65 -13.81
CA VAL F 139 8.25 -72.17 -14.21
C VAL F 139 8.11 -71.41 -15.52
N GLU F 140 9.18 -70.73 -15.90
CA GLU F 140 9.23 -69.93 -17.12
C GLU F 140 10.29 -70.51 -18.06
N GLY F 141 10.46 -69.85 -19.19
CA GLY F 141 11.41 -70.30 -20.20
C GLY F 141 10.65 -70.42 -21.51
N ARG F 142 11.35 -70.12 -22.61
CA ARG F 142 10.73 -70.18 -23.91
C ARG F 142 10.41 -71.62 -24.27
N ILE F 143 9.17 -71.88 -24.68
CA ILE F 143 8.77 -73.23 -25.04
C ILE F 143 9.46 -73.64 -26.33
N ASP F 144 10.02 -74.85 -26.34
CA ASP F 144 10.81 -75.28 -27.49
C ASP F 144 9.98 -75.32 -28.77
N ASN F 145 8.73 -75.77 -28.67
CA ASN F 145 7.92 -75.96 -29.87
C ASN F 145 7.53 -74.63 -30.50
N GLU F 146 7.76 -74.51 -31.81
CA GLU F 146 7.43 -73.28 -32.52
C GLU F 146 5.92 -73.10 -32.69
N GLN F 147 5.19 -74.20 -32.86
CA GLN F 147 3.74 -74.10 -32.98
C GLN F 147 3.12 -73.54 -31.72
N LEU F 148 3.67 -73.90 -30.56
CA LEU F 148 3.23 -73.33 -29.30
C LEU F 148 3.86 -71.97 -29.02
N ALA F 149 4.86 -71.57 -29.79
CA ALA F 149 5.55 -70.32 -29.54
C ALA F 149 4.69 -69.10 -29.80
N ALA F 150 3.52 -69.27 -30.42
CA ALA F 150 2.64 -68.17 -30.78
C ALA F 150 1.25 -68.40 -30.20
N ILE F 151 1.20 -68.75 -28.91
CA ILE F 151 -0.05 -69.04 -28.23
C ILE F 151 -0.15 -68.19 -26.97
N LYS F 152 -1.29 -67.55 -26.78
CA LYS F 152 -1.52 -66.75 -25.60
C LYS F 152 -1.57 -67.63 -24.36
N LEU F 153 -1.31 -67.02 -23.21
CA LEU F 153 -1.19 -67.74 -21.94
C LEU F 153 -2.41 -67.46 -21.08
N LYS F 154 -2.96 -68.52 -20.49
CA LYS F 154 -4.13 -68.41 -19.60
C LYS F 154 -3.80 -69.10 -18.28
N LYS F 155 -3.32 -68.32 -17.32
CA LYS F 155 -2.94 -68.83 -16.01
C LYS F 155 -3.91 -68.31 -14.96
N ALA F 156 -4.35 -69.19 -14.05
CA ALA F 156 -5.21 -68.80 -12.95
C ALA F 156 -4.35 -68.43 -11.74
N SER F 157 -5.01 -68.17 -10.61
CA SER F 157 -4.28 -67.78 -9.41
C SER F 157 -3.39 -68.89 -8.88
N ILE F 158 -3.88 -70.11 -8.87
CA ILE F 158 -3.12 -71.26 -8.40
C ILE F 158 -2.83 -72.25 -9.51
N TYR F 159 -3.50 -72.15 -10.65
CA TYR F 159 -3.36 -73.10 -11.74
C TYR F 159 -2.35 -72.57 -12.74
N ASP F 160 -1.47 -73.44 -13.20
CA ASP F 160 -0.34 -73.07 -14.04
C ASP F 160 -0.44 -73.78 -15.38
N LEU F 161 -1.61 -73.73 -16.00
CA LEU F 161 -1.92 -74.50 -17.20
C LEU F 161 -2.08 -73.60 -18.40
N GLU F 162 -1.60 -74.06 -19.55
CA GLU F 162 -1.77 -73.32 -20.80
C GLU F 162 -3.11 -73.66 -21.45
N TYR F 163 -3.73 -72.65 -22.06
CA TYR F 163 -4.94 -72.86 -22.84
C TYR F 163 -4.64 -73.67 -24.09
N GLY F 164 -5.63 -74.45 -24.53
CA GLY F 164 -5.46 -75.29 -25.69
C GLY F 164 -5.77 -74.57 -26.99
N ASP F 165 -4.73 -74.15 -27.70
CA ASP F 165 -4.88 -73.37 -28.93
C ASP F 165 -4.13 -74.03 -30.08
N VAL F 166 -3.96 -75.34 -30.03
CA VAL F 166 -3.38 -76.05 -31.16
C VAL F 166 -4.50 -76.29 -32.17
N PRO F 167 -4.25 -76.14 -33.46
CA PRO F 167 -5.27 -76.49 -34.44
C PRO F 167 -5.72 -77.92 -34.24
N GLN F 168 -7.00 -78.17 -34.49
CA GLN F 168 -7.60 -79.41 -34.04
C GLN F 168 -7.18 -80.61 -34.87
N CYS F 169 -6.13 -80.45 -35.67
CA CYS F 169 -5.55 -81.60 -36.36
C CYS F 169 -4.84 -82.53 -35.38
N MET F 170 -4.03 -81.96 -34.48
CA MET F 170 -3.33 -82.73 -33.47
C MET F 170 -4.00 -82.59 -32.11
N LYS F 171 -5.27 -82.23 -32.11
CA LYS F 171 -5.97 -81.98 -30.85
C LYS F 171 -6.20 -83.30 -30.13
N SER F 172 -6.25 -83.22 -28.81
CA SER F 172 -6.45 -84.37 -27.94
C SER F 172 -5.38 -85.44 -28.22
N ASP F 173 -4.13 -85.06 -27.99
CA ASP F 173 -3.03 -86.00 -28.17
C ASP F 173 -3.15 -87.20 -27.24
N THR F 174 -3.81 -87.04 -26.10
CA THR F 174 -3.89 -88.08 -25.08
C THR F 174 -5.35 -88.33 -24.74
N LEU F 175 -5.56 -89.26 -23.82
CA LEU F 175 -6.87 -89.49 -23.23
C LEU F 175 -6.83 -89.09 -21.76
N GLN F 176 -7.81 -88.30 -21.34
CA GLN F 176 -7.87 -87.85 -19.97
C GLN F 176 -8.23 -89.01 -19.06
N TYR F 177 -8.27 -88.75 -17.76
CA TYR F 177 -8.40 -89.79 -16.76
C TYR F 177 -9.66 -89.57 -15.94
N THR F 178 -10.44 -90.64 -15.76
CA THR F 178 -11.68 -90.61 -15.02
C THR F 178 -11.44 -90.97 -13.57
N SER F 179 -12.52 -91.16 -12.83
CA SER F 179 -12.44 -91.46 -11.40
C SER F 179 -12.04 -92.92 -11.18
N ASP F 180 -12.25 -93.40 -9.95
CA ASP F 180 -11.98 -94.79 -9.58
C ASP F 180 -10.50 -95.14 -9.78
N LYS F 181 -9.67 -94.47 -8.99
CA LYS F 181 -8.25 -94.72 -8.99
C LYS F 181 -7.94 -96.13 -8.51
N PRO F 182 -7.40 -97.01 -9.33
CA PRO F 182 -6.89 -98.28 -8.83
C PRO F 182 -5.56 -98.08 -8.15
N PRO F 183 -5.09 -99.04 -7.35
CA PRO F 183 -3.74 -98.96 -6.81
C PRO F 183 -2.67 -99.41 -7.79
N GLY F 184 -3.06 -99.86 -8.98
CA GLY F 184 -2.18 -100.60 -9.86
C GLY F 184 -1.08 -99.76 -10.46
N PHE F 185 -0.42 -100.36 -11.44
CA PHE F 185 0.73 -99.74 -12.08
C PHE F 185 0.30 -98.59 -12.98
N TYR F 186 0.93 -97.44 -12.82
CA TYR F 186 0.82 -96.34 -13.74
C TYR F 186 2.20 -96.08 -14.33
N ASN F 187 2.30 -96.12 -15.66
CA ASN F 187 3.59 -95.94 -16.28
C ASN F 187 4.08 -94.51 -16.08
N TRP F 188 5.22 -94.39 -15.43
CA TRP F 188 5.88 -93.11 -15.17
C TRP F 188 7.14 -93.05 -16.01
N HIS F 189 7.70 -91.84 -16.13
CA HIS F 189 8.90 -91.65 -16.91
C HIS F 189 10.06 -92.50 -16.41
N HIS F 190 9.98 -92.94 -15.15
CA HIS F 190 11.05 -93.69 -14.50
C HIS F 190 10.53 -94.98 -13.93
N GLY F 191 9.74 -95.71 -14.70
CA GLY F 191 9.17 -96.97 -14.28
C GLY F 191 7.70 -96.81 -13.93
N ALA F 192 7.10 -97.93 -13.52
CA ALA F 192 5.70 -97.90 -13.12
C ALA F 192 5.57 -97.40 -11.68
N VAL F 193 4.37 -96.96 -11.32
CA VAL F 193 4.06 -96.52 -9.97
C VAL F 193 2.79 -97.22 -9.52
N GLN F 194 2.76 -97.61 -8.24
CA GLN F 194 1.73 -98.49 -7.72
C GLN F 194 1.28 -97.96 -6.36
N TYR F 195 0.17 -97.21 -6.34
CA TYR F 195 -0.43 -96.79 -5.08
C TYR F 195 -1.81 -96.20 -5.37
N GLU F 196 -2.61 -96.10 -4.32
CA GLU F 196 -3.99 -95.63 -4.49
C GLU F 196 -4.36 -94.49 -3.54
N ASN F 197 -3.94 -94.55 -2.27
CA ASN F 197 -4.36 -93.54 -1.31
C ASN F 197 -3.84 -92.16 -1.71
N ASN F 198 -2.59 -92.09 -2.16
CA ASN F 198 -1.98 -90.85 -2.59
C ASN F 198 -0.94 -91.20 -3.64
N ARG F 199 0.01 -90.29 -3.85
CA ARG F 199 1.07 -90.55 -4.82
C ARG F 199 1.91 -91.75 -4.39
N PHE F 200 2.42 -92.46 -5.38
CA PHE F 200 3.16 -93.68 -5.14
C PHE F 200 4.46 -93.39 -4.40
N THR F 201 4.90 -94.37 -3.62
CA THR F 201 6.14 -94.29 -2.86
C THR F 201 7.32 -94.41 -3.82
N VAL F 202 7.62 -93.30 -4.49
CA VAL F 202 8.67 -93.30 -5.51
C VAL F 202 10.01 -93.54 -4.83
N PRO F 203 10.98 -94.12 -5.53
CA PRO F 203 12.27 -94.41 -4.90
C PRO F 203 12.98 -93.14 -4.45
N ARG F 204 13.78 -93.28 -3.40
CA ARG F 204 14.58 -92.16 -2.93
C ARG F 204 15.56 -91.72 -4.00
N GLY F 205 15.78 -90.41 -4.09
CA GLY F 205 16.66 -89.87 -5.10
C GLY F 205 15.89 -89.46 -6.34
N VAL F 206 14.95 -90.33 -6.75
CA VAL F 206 14.06 -90.01 -7.85
C VAL F 206 13.06 -88.97 -7.35
N GLY F 207 12.47 -88.20 -8.26
CA GLY F 207 11.57 -87.14 -7.83
C GLY F 207 12.25 -86.04 -7.04
N GLY F 208 13.33 -85.48 -7.58
CA GLY F 208 14.07 -84.44 -6.90
C GLY F 208 13.61 -83.07 -7.37
N LYS F 209 14.40 -82.43 -8.22
CA LYS F 209 14.05 -81.12 -8.76
C LYS F 209 14.47 -81.03 -10.22
N GLY F 210 14.02 -79.95 -10.87
CA GLY F 210 14.47 -79.59 -12.20
C GLY F 210 13.72 -80.26 -13.33
N ASP F 211 12.80 -81.17 -13.04
CA ASP F 211 12.08 -81.88 -14.09
C ASP F 211 10.59 -81.61 -13.96
N SER F 212 10.24 -80.33 -13.80
CA SER F 212 8.85 -79.93 -13.59
C SER F 212 7.99 -80.28 -14.80
N GLY F 213 6.73 -80.59 -14.53
CA GLY F 213 5.78 -80.85 -15.59
C GLY F 213 5.93 -82.23 -16.22
N ARG F 214 5.71 -83.27 -15.43
CA ARG F 214 5.82 -84.64 -15.92
C ARG F 214 4.50 -85.36 -15.67
N PRO F 215 3.84 -85.88 -16.70
CA PRO F 215 2.54 -86.51 -16.50
C PRO F 215 2.69 -87.96 -16.09
N ILE F 216 1.86 -88.37 -15.14
CA ILE F 216 1.75 -89.78 -14.77
C ILE F 216 0.53 -90.34 -15.51
N LEU F 217 0.75 -91.41 -16.26
CA LEU F 217 -0.25 -91.96 -17.14
C LEU F 217 -0.72 -93.31 -16.62
N ASP F 218 -1.95 -93.68 -16.97
CA ASP F 218 -2.38 -95.04 -16.74
C ASP F 218 -1.70 -95.97 -17.74
N ASN F 219 -1.64 -97.25 -17.38
CA ASN F 219 -1.17 -98.26 -18.32
C ASN F 219 -2.06 -98.32 -19.55
N LYS F 220 -3.27 -97.81 -19.48
CA LYS F 220 -4.20 -97.79 -20.60
C LYS F 220 -4.10 -96.52 -21.44
N GLY F 221 -3.12 -95.67 -21.16
CA GLY F 221 -3.00 -94.42 -21.89
C GLY F 221 -3.89 -93.31 -21.38
N ARG F 222 -4.13 -93.26 -20.07
CA ARG F 222 -5.00 -92.26 -19.47
C ARG F 222 -4.20 -91.55 -18.38
N VAL F 223 -3.82 -90.31 -18.64
CA VAL F 223 -2.90 -89.60 -17.74
C VAL F 223 -3.64 -89.31 -16.44
N VAL F 224 -3.30 -90.08 -15.40
CA VAL F 224 -4.06 -90.02 -14.15
C VAL F 224 -3.93 -88.65 -13.50
N ALA F 225 -2.72 -88.09 -13.48
CA ALA F 225 -2.51 -86.83 -12.79
C ALA F 225 -1.30 -86.14 -13.38
N ILE F 226 -1.09 -84.90 -12.95
CA ILE F 226 0.05 -84.09 -13.35
C ILE F 226 0.80 -83.66 -12.11
N VAL F 227 2.10 -83.95 -12.06
CA VAL F 227 2.90 -83.60 -10.90
C VAL F 227 3.12 -82.10 -10.89
N LEU F 228 3.07 -81.51 -9.70
CA LEU F 228 3.42 -80.12 -9.52
C LEU F 228 4.26 -79.96 -8.25
N GLY F 229 5.16 -80.89 -8.02
CA GLY F 229 6.05 -80.83 -6.89
C GLY F 229 5.95 -82.07 -6.04
N GLY F 230 6.38 -81.93 -4.78
CA GLY F 230 6.40 -83.07 -3.89
C GLY F 230 7.78 -83.69 -3.83
N VAL F 231 8.77 -82.87 -3.47
CA VAL F 231 10.18 -83.27 -3.61
C VAL F 231 10.48 -84.51 -2.77
N ASN F 232 10.14 -84.47 -1.48
CA ASN F 232 10.48 -85.57 -0.58
C ASN F 232 9.34 -85.84 0.39
N GLU F 233 9.15 -87.12 0.70
CA GLU F 233 8.17 -87.49 1.72
C GLU F 233 8.71 -88.55 2.69
N GLY F 234 10.03 -88.59 2.91
CA GLY F 234 10.60 -89.46 3.91
C GLY F 234 11.51 -90.52 3.33
N SER F 235 11.55 -91.70 3.96
CA SER F 235 12.27 -92.83 3.39
C SER F 235 11.64 -93.29 2.08
N ARG F 236 10.43 -92.87 1.82
CA ARG F 236 9.79 -92.96 0.52
C ARG F 236 9.47 -91.53 0.08
N THR F 237 8.77 -91.39 -1.04
CA THR F 237 8.43 -90.06 -1.49
C THR F 237 7.15 -90.08 -2.32
N ALA F 238 6.18 -89.27 -1.90
CA ALA F 238 4.99 -88.95 -2.67
C ALA F 238 5.16 -87.55 -3.26
N LEU F 239 4.18 -87.12 -4.04
CA LEU F 239 4.30 -85.87 -4.77
C LEU F 239 3.05 -85.03 -4.61
N SER F 240 3.17 -83.75 -4.96
CA SER F 240 2.04 -82.85 -5.03
C SER F 240 1.58 -82.76 -6.48
N VAL F 241 0.35 -83.19 -6.75
CA VAL F 241 -0.16 -83.35 -8.09
C VAL F 241 -1.55 -82.72 -8.17
N VAL F 242 -2.11 -82.75 -9.37
CA VAL F 242 -3.45 -82.23 -9.63
C VAL F 242 -4.14 -83.19 -10.59
N THR F 243 -5.43 -83.43 -10.33
CA THR F 243 -6.23 -84.29 -11.19
C THR F 243 -7.70 -84.04 -10.85
N TRP F 244 -8.57 -84.87 -11.42
CA TRP F 244 -9.98 -84.80 -11.08
C TRP F 244 -10.19 -85.15 -9.62
N ASN F 245 -11.15 -84.47 -8.98
CA ASN F 245 -11.30 -84.64 -7.53
C ASN F 245 -12.02 -85.94 -7.20
N GLN F 246 -13.32 -86.00 -7.49
CA GLN F 246 -14.03 -87.27 -7.45
C GLN F 246 -14.92 -87.41 -8.67
N LYS F 247 -15.54 -86.30 -9.05
CA LYS F 247 -16.51 -86.27 -10.13
C LYS F 247 -15.98 -85.57 -11.36
N GLY F 248 -14.66 -85.44 -11.48
CA GLY F 248 -14.06 -84.77 -12.60
C GLY F 248 -13.79 -83.31 -12.33
N VAL F 249 -13.15 -83.00 -11.20
CA VAL F 249 -12.85 -81.63 -10.83
C VAL F 249 -11.35 -81.47 -10.71
N THR F 250 -10.79 -80.52 -11.48
CA THR F 250 -9.35 -80.32 -11.57
C THR F 250 -8.86 -79.70 -10.26
N VAL F 251 -8.52 -80.58 -9.31
CA VAL F 251 -8.10 -80.17 -7.98
C VAL F 251 -6.68 -80.67 -7.72
N LYS F 252 -5.89 -79.83 -7.05
CA LYS F 252 -4.53 -80.17 -6.68
C LYS F 252 -4.48 -80.64 -5.24
N ASP F 253 -3.68 -81.68 -4.98
CA ASP F 253 -3.38 -82.12 -3.63
C ASP F 253 -1.89 -81.94 -3.39
N THR F 254 -1.55 -81.33 -2.25
CA THR F 254 -0.16 -81.04 -1.92
C THR F 254 0.19 -81.62 -0.57
N PRO F 255 0.89 -82.75 -0.52
CA PRO F 255 1.41 -83.24 0.76
C PRO F 255 2.41 -82.27 1.34
N GLU F 256 2.50 -82.25 2.67
CA GLU F 256 3.39 -81.31 3.34
C GLU F 256 4.83 -81.61 2.98
N GLY F 257 5.61 -80.55 2.75
CA GLY F 257 6.98 -80.72 2.33
C GLY F 257 7.07 -80.94 0.83
N SER F 258 6.28 -80.18 0.08
CA SER F 258 6.19 -80.33 -1.36
C SER F 258 6.84 -79.13 -2.03
N GLU F 259 7.80 -79.39 -2.91
CA GLU F 259 8.44 -78.38 -3.73
C GLU F 259 8.50 -78.91 -5.16
N PRO F 260 8.53 -78.02 -6.15
CA PRO F 260 8.49 -78.48 -7.55
C PRO F 260 9.63 -79.45 -7.84
N TRP F 261 9.30 -80.51 -8.59
CA TRP F 261 10.30 -81.51 -8.97
C TRP F 261 10.47 -81.50 -10.48
N TYR G 1 66.05 25.94 -20.38
CA TYR G 1 65.68 24.54 -20.40
C TYR G 1 64.17 24.40 -20.49
N GLU G 2 63.70 23.32 -21.12
CA GLU G 2 62.28 23.11 -21.32
C GLU G 2 61.89 21.69 -20.92
N HIS G 3 60.60 21.50 -20.70
CA HIS G 3 60.06 20.23 -20.23
C HIS G 3 58.71 19.99 -20.86
N THR G 4 58.43 18.74 -21.19
CA THR G 4 57.19 18.36 -21.85
C THR G 4 56.55 17.19 -21.12
N ALA G 5 55.23 17.14 -21.15
CA ALA G 5 54.46 16.07 -20.53
C ALA G 5 53.03 16.15 -21.02
N VAL G 6 52.17 15.32 -20.46
CA VAL G 6 50.74 15.32 -20.75
C VAL G 6 49.99 15.42 -19.43
N MET G 7 48.98 16.27 -19.38
CA MET G 7 48.25 16.52 -18.16
C MET G 7 46.76 16.24 -18.34
N PRO G 8 46.15 15.51 -17.41
CA PRO G 8 44.71 15.26 -17.51
C PRO G 8 43.94 16.55 -17.29
N ASN G 9 42.84 16.70 -18.04
CA ASN G 9 42.07 17.94 -18.03
C ASN G 9 41.09 17.91 -16.87
N LYS G 10 41.30 18.77 -15.90
CA LYS G 10 40.33 18.98 -14.83
C LYS G 10 40.58 20.35 -14.23
N VAL G 11 39.49 21.03 -13.89
CA VAL G 11 39.59 22.45 -13.56
C VAL G 11 40.31 22.67 -12.25
N GLY G 12 40.04 21.84 -11.24
CA GLY G 12 40.56 22.08 -9.92
C GLY G 12 41.92 21.48 -9.62
N ILE G 13 42.10 20.21 -9.97
CA ILE G 13 43.30 19.46 -9.61
C ILE G 13 44.55 20.12 -10.16
N PRO G 14 45.54 20.42 -9.34
CA PRO G 14 46.79 20.99 -9.86
C PRO G 14 47.67 19.94 -10.49
N TYR G 15 48.85 20.35 -10.95
CA TYR G 15 49.81 19.44 -11.55
C TYR G 15 51.20 19.83 -11.12
N LYS G 16 51.92 18.88 -10.53
CA LYS G 16 53.25 19.14 -9.99
C LYS G 16 54.27 18.33 -10.77
N ALA G 17 55.26 19.03 -11.33
CA ALA G 17 56.32 18.39 -12.09
C ALA G 17 57.66 18.77 -11.48
N LEU G 18 58.67 17.94 -11.74
CA LEU G 18 60.00 18.07 -11.15
C LEU G 18 61.02 17.96 -12.28
N VAL G 19 61.44 19.10 -12.83
CA VAL G 19 62.35 19.08 -13.96
C VAL G 19 63.76 18.71 -13.50
N GLU G 20 64.47 17.98 -14.34
CA GLU G 20 65.85 17.59 -14.07
C GLU G 20 66.76 18.18 -15.13
N ARG G 21 67.83 18.82 -14.69
CA ARG G 21 68.86 19.36 -15.58
C ARG G 21 70.20 18.86 -15.05
N PRO G 22 70.81 17.87 -15.68
CA PRO G 22 71.98 17.23 -15.08
C PRO G 22 73.08 18.23 -14.81
N GLY G 23 73.77 18.03 -13.68
CA GLY G 23 74.70 19.02 -13.20
C GLY G 23 74.06 20.17 -12.46
N TYR G 24 72.80 20.02 -12.04
CA TYR G 24 72.11 21.08 -11.33
C TYR G 24 71.15 20.47 -10.34
N ALA G 25 70.75 21.28 -9.36
CA ALA G 25 69.73 20.86 -8.43
C ALA G 25 68.37 20.86 -9.13
N PRO G 26 67.55 19.84 -8.90
CA PRO G 26 66.24 19.78 -9.56
C PRO G 26 65.35 20.92 -9.09
N VAL G 27 64.42 21.29 -9.96
CA VAL G 27 63.41 22.30 -9.66
C VAL G 27 62.05 21.70 -9.95
N HIS G 28 61.09 22.02 -9.10
CA HIS G 28 59.73 21.55 -9.30
C HIS G 28 58.82 22.72 -9.63
N LEU G 29 57.85 22.46 -10.50
CA LEU G 29 56.92 23.48 -10.96
C LEU G 29 55.51 23.02 -10.69
N GLN G 30 54.62 23.99 -10.54
CA GLN G 30 53.23 23.73 -10.16
C GLN G 30 52.32 24.53 -11.07
N ILE G 31 51.47 23.84 -11.81
CA ILE G 31 50.58 24.45 -12.79
C ILE G 31 49.16 23.98 -12.53
N GLN G 32 48.21 24.90 -12.63
CA GLN G 32 46.83 24.60 -12.26
C GLN G 32 45.88 25.33 -13.18
N LEU G 33 44.93 24.59 -13.75
CA LEU G 33 43.96 25.19 -14.65
C LEU G 33 42.98 26.07 -13.87
N VAL G 34 42.35 26.99 -14.58
CA VAL G 34 41.29 27.78 -13.97
C VAL G 34 40.03 27.70 -14.83
N ASN G 35 40.18 27.45 -16.12
CA ASN G 35 39.05 27.48 -17.04
C ASN G 35 39.31 26.60 -18.25
N THR G 36 38.24 26.33 -19.00
CA THR G 36 38.34 25.72 -20.33
C THR G 36 37.10 26.19 -21.10
N ARG G 37 37.27 27.24 -21.89
CA ARG G 37 36.15 27.94 -22.51
C ARG G 37 36.10 27.62 -24.00
N ILE G 38 35.42 26.53 -24.35
CA ILE G 38 35.12 26.29 -25.76
C ILE G 38 34.29 27.44 -26.29
N ILE G 39 34.64 27.93 -27.48
CA ILE G 39 33.89 28.98 -28.14
C ILE G 39 33.60 28.55 -29.57
N PRO G 40 32.35 28.54 -30.00
CA PRO G 40 32.03 28.16 -31.38
C PRO G 40 31.96 29.38 -32.28
N SER G 41 31.90 29.10 -33.58
CA SER G 41 31.77 30.13 -34.61
C SER G 41 30.33 30.16 -35.09
N THR G 42 29.68 31.31 -34.95
CA THR G 42 28.24 31.40 -35.11
C THR G 42 27.85 32.58 -35.98
N ASN G 43 26.70 32.47 -36.64
CA ASN G 43 26.10 33.56 -37.38
C ASN G 43 24.59 33.54 -37.20
N LEU G 44 23.98 34.72 -37.28
CA LEU G 44 22.56 34.87 -37.00
C LEU G 44 21.73 34.47 -38.21
N GLU G 45 20.50 34.03 -37.94
CA GLU G 45 19.53 33.72 -38.99
C GLU G 45 18.36 34.70 -38.99
N TYR G 46 17.65 34.81 -37.87
CA TYR G 46 16.57 35.78 -37.75
C TYR G 46 16.10 35.78 -36.31
N ILE G 47 15.21 36.73 -36.00
CA ILE G 47 14.64 36.85 -34.68
C ILE G 47 13.13 36.77 -34.81
N THR G 48 12.47 36.52 -33.68
CA THR G 48 11.02 36.40 -33.65
C THR G 48 10.50 36.87 -32.30
N CYS G 49 9.22 37.18 -32.26
CA CYS G 49 8.57 37.68 -31.06
C CYS G 49 7.07 37.54 -31.24
N LYS G 50 6.31 38.17 -30.33
CA LYS G 50 4.87 38.22 -30.45
C LYS G 50 4.46 39.33 -31.40
N TYR G 51 3.46 39.07 -32.22
CA TYR G 51 3.06 40.01 -33.25
C TYR G 51 1.99 40.95 -32.72
N LYS G 52 1.39 41.72 -33.61
CA LYS G 52 0.28 42.60 -33.29
C LYS G 52 -0.39 43.02 -34.59
N THR G 53 -1.71 43.00 -34.60
CA THR G 53 -2.48 43.39 -35.78
C THR G 53 -3.09 44.76 -35.55
N LYS G 54 -2.97 45.63 -36.55
CA LYS G 54 -3.56 46.95 -36.51
C LYS G 54 -4.51 47.10 -37.68
N VAL G 55 -5.48 48.00 -37.52
CA VAL G 55 -6.48 48.22 -38.56
C VAL G 55 -6.73 49.71 -38.72
N PRO G 56 -6.53 50.25 -39.91
CA PRO G 56 -6.89 51.65 -40.15
C PRO G 56 -8.40 51.82 -40.14
N SER G 57 -8.82 53.07 -40.04
CA SER G 57 -10.24 53.36 -39.96
C SER G 57 -10.92 52.98 -41.28
N PRO G 58 -11.96 52.17 -41.24
CA PRO G 58 -12.66 51.80 -42.48
C PRO G 58 -13.46 52.95 -43.05
N VAL G 59 -13.82 52.81 -44.32
CA VAL G 59 -14.53 53.86 -45.05
C VAL G 59 -15.83 53.30 -45.58
N VAL G 60 -16.90 54.08 -45.44
CA VAL G 60 -18.21 53.74 -45.94
C VAL G 60 -18.78 54.93 -46.71
N LYS G 61 -19.81 54.68 -47.49
CA LYS G 61 -20.49 55.70 -48.27
C LYS G 61 -21.99 55.61 -48.05
N CYS G 62 -22.64 56.77 -48.02
CA CYS G 62 -24.08 56.81 -47.87
C CYS G 62 -24.81 56.19 -49.05
N CYS G 63 -24.14 56.04 -50.19
CA CYS G 63 -24.74 55.39 -51.35
C CYS G 63 -23.63 54.90 -52.26
N GLY G 64 -24.00 54.01 -53.18
CA GLY G 64 -23.03 53.45 -54.10
C GLY G 64 -22.08 52.49 -53.41
N ALA G 65 -21.03 52.13 -54.13
CA ALA G 65 -20.05 51.19 -53.61
C ALA G 65 -18.69 51.48 -54.22
N THR G 66 -17.65 50.97 -53.58
CA THR G 66 -16.28 51.08 -54.05
C THR G 66 -15.64 49.71 -54.03
N GLN G 67 -14.39 49.65 -54.47
CA GLN G 67 -13.64 48.40 -54.50
C GLN G 67 -12.28 48.64 -53.84
N CYS G 68 -11.81 47.63 -53.12
CA CYS G 68 -10.54 47.76 -52.41
C CYS G 68 -9.42 47.11 -53.22
N THR G 69 -8.21 47.65 -53.04
CA THR G 69 -7.04 47.24 -53.79
C THR G 69 -6.00 46.66 -52.85
N SER G 70 -5.20 45.73 -53.38
CA SER G 70 -4.17 45.06 -52.60
C SER G 70 -2.90 45.90 -52.59
N LYS G 71 -2.34 46.09 -51.40
CA LYS G 71 -1.12 46.85 -51.23
C LYS G 71 0.02 45.97 -50.73
N PRO G 72 1.27 46.33 -51.00
CA PRO G 72 2.39 45.47 -50.60
C PRO G 72 2.67 45.53 -49.11
N HIS G 73 1.93 44.75 -48.34
CA HIS G 73 2.11 44.74 -46.90
C HIS G 73 2.10 43.31 -46.39
N PRO G 74 2.78 43.05 -45.27
CA PRO G 74 2.80 41.68 -44.72
C PRO G 74 1.41 41.19 -44.36
N ASP G 75 0.94 40.18 -45.07
CA ASP G 75 -0.40 39.61 -44.89
C ASP G 75 -1.46 40.70 -44.94
N TYR G 76 -1.43 41.49 -46.00
CA TYR G 76 -2.43 42.52 -46.20
C TYR G 76 -3.80 41.88 -46.46
N GLN G 77 -4.85 42.58 -46.06
CA GLN G 77 -6.21 42.12 -46.30
C GLN G 77 -7.11 43.31 -46.58
N CYS G 78 -8.13 43.07 -47.42
CA CYS G 78 -9.19 44.04 -47.65
C CYS G 78 -10.37 43.30 -48.26
N GLN G 79 -11.56 43.85 -48.07
CA GLN G 79 -12.79 43.21 -48.51
C GLN G 79 -13.91 44.23 -48.43
N VAL G 80 -15.00 43.95 -49.12
CA VAL G 80 -16.16 44.85 -49.13
C VAL G 80 -17.41 44.08 -48.77
N PHE G 81 -18.34 44.77 -48.11
CA PHE G 81 -19.59 44.18 -47.68
C PHE G 81 -20.76 45.00 -48.21
N SER G 82 -21.97 44.47 -48.05
CA SER G 82 -23.14 45.04 -48.66
C SER G 82 -24.25 45.28 -47.65
N GLY G 83 -25.09 46.27 -47.94
CA GLY G 83 -26.26 46.56 -47.13
C GLY G 83 -25.95 46.85 -45.69
N VAL G 84 -25.26 47.96 -45.43
CA VAL G 84 -24.80 48.25 -44.07
C VAL G 84 -25.92 48.87 -43.25
N TYR G 85 -26.41 50.04 -43.68
CA TYR G 85 -27.34 50.84 -42.90
C TYR G 85 -26.75 51.05 -41.50
N PRO G 86 -25.62 51.74 -41.39
CA PRO G 86 -24.92 51.82 -40.10
C PRO G 86 -25.61 52.72 -39.10
N PHE G 87 -24.94 52.99 -37.99
CA PHE G 87 -25.50 53.80 -36.93
C PHE G 87 -24.39 54.62 -36.26
N MET G 88 -24.78 55.75 -35.69
CA MET G 88 -23.85 56.63 -35.00
C MET G 88 -24.57 57.26 -33.80
N TYR G 89 -23.79 57.94 -32.96
CA TYR G 89 -24.36 58.62 -31.81
C TYR G 89 -25.26 59.76 -32.29
N GLY G 90 -26.54 59.69 -31.92
CA GLY G 90 -27.50 60.74 -32.22
C GLY G 90 -27.47 61.25 -33.65
N GLY G 91 -26.90 60.47 -34.55
CA GLY G 91 -26.64 60.91 -35.91
C GLY G 91 -27.71 60.48 -36.89
N ALA G 92 -27.48 60.86 -38.15
CA ALA G 92 -28.31 60.41 -39.25
C ALA G 92 -27.88 59.04 -39.76
N TYR G 93 -26.83 58.48 -39.17
CA TYR G 93 -26.39 57.11 -39.35
C TYR G 93 -25.84 56.86 -40.75
N CYS G 94 -25.56 57.92 -41.50
CA CYS G 94 -24.80 57.84 -42.75
C CYS G 94 -25.47 56.91 -43.76
N PHE G 95 -26.80 56.85 -43.75
CA PHE G 95 -27.47 56.02 -44.73
C PHE G 95 -28.83 56.60 -45.10
N CYS G 96 -29.22 56.36 -46.35
CA CYS G 96 -30.58 56.57 -46.82
C CYS G 96 -31.12 55.41 -47.63
N ASP G 97 -30.28 54.44 -47.99
CA ASP G 97 -30.63 53.35 -48.89
C ASP G 97 -29.66 52.21 -48.63
N THR G 98 -29.65 51.24 -49.55
CA THR G 98 -28.67 50.17 -49.49
C THR G 98 -27.26 50.75 -49.57
N GLU G 99 -26.47 50.48 -48.53
CA GLU G 99 -25.16 51.12 -48.42
C GLU G 99 -24.12 50.41 -49.26
N ASN G 100 -23.87 49.13 -48.96
CA ASN G 100 -22.90 48.31 -49.70
C ASN G 100 -21.52 48.96 -49.72
N THR G 101 -21.08 49.50 -48.59
CA THR G 101 -19.76 50.11 -48.50
C THR G 101 -19.10 49.65 -47.20
N GLN G 102 -17.93 49.05 -47.33
CA GLN G 102 -17.17 48.59 -46.17
C GLN G 102 -15.76 48.24 -46.62
N MET G 103 -14.77 48.77 -45.90
CA MET G 103 -13.36 48.57 -46.25
C MET G 103 -12.72 47.47 -45.42
N SER G 104 -12.71 47.63 -44.10
CA SER G 104 -12.30 46.58 -43.15
C SER G 104 -10.97 45.94 -43.55
N GLU G 105 -9.98 46.78 -43.80
CA GLU G 105 -8.65 46.27 -44.12
C GLU G 105 -7.92 45.89 -42.84
N ALA G 106 -7.01 44.92 -42.96
CA ALA G 106 -6.27 44.40 -41.83
C ALA G 106 -4.78 44.43 -42.13
N TYR G 107 -3.97 44.44 -41.08
CA TYR G 107 -2.57 44.80 -41.22
C TYR G 107 -1.78 44.19 -40.08
N VAL G 108 -0.61 43.62 -40.39
CA VAL G 108 0.20 42.89 -39.43
C VAL G 108 1.58 43.50 -39.37
N GLU G 109 2.14 43.62 -38.16
CA GLU G 109 3.49 44.13 -37.98
C GLU G 109 3.99 43.70 -36.61
N ARG G 110 5.26 44.01 -36.34
CA ARG G 110 5.88 43.62 -35.09
C ARG G 110 5.31 44.41 -33.93
N SER G 111 5.42 43.82 -32.74
CA SER G 111 4.94 44.45 -31.52
C SER G 111 5.97 45.46 -31.01
N GLU G 112 5.50 46.34 -30.11
CA GLU G 112 6.39 47.33 -29.52
C GLU G 112 7.33 46.72 -28.48
N GLU G 113 6.96 45.58 -27.90
CA GLU G 113 7.78 44.92 -26.91
C GLU G 113 8.72 43.90 -27.52
N CYS G 114 8.75 43.79 -28.85
CA CYS G 114 9.67 42.88 -29.51
C CYS G 114 11.12 43.25 -29.28
N SER G 115 11.39 44.48 -28.86
CA SER G 115 12.76 44.95 -28.70
C SER G 115 13.50 44.27 -27.57
N ILE G 116 12.81 43.63 -26.63
CA ILE G 116 13.42 43.11 -25.41
C ILE G 116 13.48 41.59 -25.44
N ASP G 117 12.34 40.93 -25.50
CA ASP G 117 12.29 39.48 -25.51
C ASP G 117 12.10 39.00 -26.94
N HIS G 118 13.05 38.19 -27.42
CA HIS G 118 12.97 37.72 -28.78
C HIS G 118 13.92 36.56 -28.97
N ALA G 119 13.41 35.42 -29.40
CA ALA G 119 14.27 34.30 -29.71
C ALA G 119 15.17 34.65 -30.89
N LYS G 120 16.33 34.00 -30.94
CA LYS G 120 17.24 34.14 -32.06
C LYS G 120 17.68 32.77 -32.51
N ALA G 121 17.77 32.58 -33.82
CA ALA G 121 18.29 31.33 -34.36
C ALA G 121 19.72 31.52 -34.80
N TYR G 122 20.49 30.43 -34.77
CA TYR G 122 21.91 30.50 -35.04
C TYR G 122 22.35 29.27 -35.79
N LYS G 123 23.44 29.41 -36.53
CA LYS G 123 24.17 28.28 -37.08
C LYS G 123 25.54 28.23 -36.42
N VAL G 124 26.02 27.03 -36.17
CA VAL G 124 27.17 26.83 -35.29
C VAL G 124 28.24 26.03 -36.02
N HIS G 125 29.50 26.43 -35.84
CA HIS G 125 30.65 25.69 -36.33
C HIS G 125 31.70 25.64 -35.22
N THR G 126 32.82 24.99 -35.53
CA THR G 126 33.72 24.52 -34.48
C THR G 126 34.24 25.66 -33.62
N GLY G 127 34.82 26.67 -34.23
CA GLY G 127 35.38 27.75 -33.44
C GLY G 127 36.65 27.35 -32.70
N THR G 128 37.08 28.24 -31.81
CA THR G 128 38.37 28.16 -31.16
C THR G 128 38.26 27.54 -29.77
N VAL G 129 39.41 27.45 -29.09
CA VAL G 129 39.51 26.95 -27.72
C VAL G 129 40.52 27.79 -26.98
N GLN G 130 40.22 28.14 -25.73
CA GLN G 130 41.18 28.90 -24.93
C GLN G 130 40.88 28.73 -23.46
N ALA G 131 41.86 29.06 -22.63
CA ALA G 131 41.78 28.84 -21.20
C ALA G 131 42.66 29.86 -20.48
N MET G 132 42.79 29.69 -19.17
CA MET G 132 43.67 30.51 -18.35
C MET G 132 44.36 29.63 -17.32
N VAL G 133 45.58 29.99 -16.96
CA VAL G 133 46.43 29.14 -16.13
C VAL G 133 47.13 29.96 -15.07
N ASN G 134 47.19 29.42 -13.86
CA ASN G 134 47.96 29.99 -12.75
C ASN G 134 49.19 29.14 -12.53
N ILE G 135 50.36 29.78 -12.44
CA ILE G 135 51.63 29.07 -12.53
C ILE G 135 52.51 29.46 -11.35
N THR G 136 53.37 28.52 -10.95
CA THR G 136 54.34 28.73 -9.88
C THR G 136 55.44 27.69 -10.01
N TYR G 137 56.70 28.14 -9.99
CA TYR G 137 57.83 27.24 -10.10
C TYR G 137 58.97 27.78 -9.25
N GLY G 138 59.87 26.88 -8.86
CA GLY G 138 61.03 27.27 -8.09
C GLY G 138 60.64 28.03 -6.85
N SER G 139 60.95 29.32 -6.84
CA SER G 139 60.53 30.20 -5.75
C SER G 139 59.64 31.34 -6.23
N VAL G 140 59.37 31.46 -7.52
CA VAL G 140 58.50 32.52 -8.02
C VAL G 140 57.07 32.27 -7.55
N SER G 141 56.36 33.35 -7.25
CA SER G 141 55.04 33.26 -6.64
C SER G 141 54.00 32.90 -7.70
N TRP G 142 52.72 32.98 -7.31
CA TRP G 142 51.65 32.64 -8.24
C TRP G 142 51.57 33.67 -9.35
N ARG G 143 51.60 33.19 -10.59
CA ARG G 143 51.48 34.03 -11.77
C ARG G 143 50.39 33.44 -12.66
N SER G 144 49.58 34.31 -13.24
CA SER G 144 48.42 33.85 -13.99
C SER G 144 48.35 34.56 -15.33
N ALA G 145 47.98 33.80 -16.36
CA ALA G 145 47.79 34.35 -17.70
C ALA G 145 46.92 33.39 -18.50
N ASP G 146 46.31 33.90 -19.56
CA ASP G 146 45.50 33.10 -20.45
C ASP G 146 46.27 32.79 -21.73
N VAL G 147 45.76 31.82 -22.48
CA VAL G 147 46.48 31.30 -23.64
C VAL G 147 45.51 30.51 -24.50
N TYR G 148 45.74 30.52 -25.81
CA TYR G 148 44.95 29.70 -26.68
C TYR G 148 45.37 28.25 -26.56
N VAL G 149 44.67 27.37 -27.27
CA VAL G 149 44.92 25.94 -27.19
C VAL G 149 45.21 25.46 -28.61
N ASN G 150 46.48 25.25 -28.90
CA ASN G 150 46.96 24.67 -30.14
C ASN G 150 48.46 24.51 -30.00
N GLY G 151 49.02 23.54 -30.72
CA GLY G 151 50.43 23.28 -30.54
C GLY G 151 51.31 24.30 -31.24
N GLU G 152 50.82 25.55 -31.35
CA GLU G 152 51.58 26.55 -32.08
C GLU G 152 51.70 27.90 -31.40
N THR G 153 50.79 28.30 -30.52
CA THR G 153 50.78 29.69 -30.10
C THR G 153 51.47 29.85 -28.76
N PRO G 154 52.63 30.48 -28.70
CA PRO G 154 53.30 30.68 -27.41
C PRO G 154 52.63 31.80 -26.62
N ALA G 155 52.85 31.74 -25.32
CA ALA G 155 52.42 32.80 -24.42
C ALA G 155 53.40 32.82 -23.26
N LYS G 156 53.87 34.01 -22.89
CA LYS G 156 54.86 34.16 -21.84
C LYS G 156 54.19 34.57 -20.54
N ILE G 157 54.50 33.86 -19.47
CA ILE G 157 54.02 34.19 -18.14
C ILE G 157 55.25 34.48 -17.30
N GLY G 158 55.43 35.74 -16.93
CA GLY G 158 56.64 36.10 -16.24
C GLY G 158 57.82 35.92 -17.17
N ASP G 159 58.61 34.86 -16.94
CA ASP G 159 59.79 34.60 -17.75
C ASP G 159 59.77 33.23 -18.39
N ALA G 160 58.63 32.54 -18.38
CA ALA G 160 58.51 31.22 -18.99
C ALA G 160 57.79 31.32 -20.33
N LYS G 161 57.89 30.26 -21.10
CA LYS G 161 57.24 30.16 -22.39
C LYS G 161 56.34 28.93 -22.41
N LEU G 162 55.16 29.07 -23.01
CA LEU G 162 54.15 28.03 -22.94
C LEU G 162 53.67 27.64 -24.33
N ILE G 163 53.48 26.34 -24.53
CA ILE G 163 52.89 25.79 -25.74
C ILE G 163 52.06 24.60 -25.30
N ILE G 164 50.74 24.71 -25.40
CA ILE G 164 49.84 23.67 -24.95
C ILE G 164 48.79 23.40 -26.01
N GLY G 165 48.17 22.24 -25.91
CA GLY G 165 47.19 21.82 -26.90
C GLY G 165 47.85 21.19 -28.09
N PRO G 166 47.06 20.70 -29.04
CA PRO G 166 45.59 20.73 -29.05
C PRO G 166 44.99 19.68 -28.14
N LEU G 167 43.68 19.77 -27.90
CA LEU G 167 43.02 18.89 -26.96
C LEU G 167 43.07 17.45 -27.45
N SER G 168 42.80 16.53 -26.53
CA SER G 168 42.82 15.11 -26.86
C SER G 168 41.53 14.63 -27.51
N SER G 169 40.47 15.44 -27.45
CA SER G 169 39.20 15.05 -28.05
C SER G 169 38.59 16.25 -28.75
N ALA G 170 37.73 15.96 -29.72
CA ALA G 170 37.04 16.99 -30.50
C ALA G 170 35.56 17.06 -30.14
N TRP G 171 35.24 16.78 -28.89
CA TRP G 171 33.85 16.73 -28.46
C TRP G 171 33.33 18.14 -28.20
N SER G 172 32.03 18.31 -28.43
CA SER G 172 31.37 19.59 -28.22
C SER G 172 29.95 19.33 -27.74
N PRO G 173 29.37 20.26 -26.99
CA PRO G 173 27.99 20.10 -26.53
C PRO G 173 26.93 20.74 -27.40
N PHE G 174 27.28 21.32 -28.55
CA PHE G 174 26.32 22.02 -29.38
C PHE G 174 26.00 21.21 -30.63
N ASP G 175 24.93 21.59 -31.30
CA ASP G 175 24.52 20.99 -32.56
C ASP G 175 24.59 22.03 -33.67
N ASN G 176 24.12 21.63 -34.85
CA ASN G 176 24.25 22.51 -36.01
C ASN G 176 23.34 23.73 -35.91
N LYS G 177 22.16 23.58 -35.29
CA LYS G 177 21.26 24.70 -35.13
C LYS G 177 20.90 24.82 -33.66
N VAL G 178 20.99 26.03 -33.11
CA VAL G 178 20.58 26.29 -31.74
C VAL G 178 19.72 27.55 -31.73
N VAL G 179 19.00 27.72 -30.64
CA VAL G 179 18.17 28.91 -30.43
C VAL G 179 18.52 29.49 -29.07
N VAL G 180 18.62 30.80 -29.01
CA VAL G 180 18.95 31.50 -27.77
C VAL G 180 17.79 32.40 -27.39
N TYR G 181 17.38 32.32 -26.14
CA TYR G 181 16.33 33.19 -25.64
C TYR G 181 16.66 33.57 -24.21
N GLY G 182 16.42 34.84 -23.89
CA GLY G 182 16.55 35.27 -22.52
C GLY G 182 17.93 35.00 -21.98
N HIS G 183 18.07 33.93 -21.20
CA HIS G 183 19.32 33.63 -20.53
C HIS G 183 19.96 32.33 -20.95
N GLU G 184 19.26 31.44 -21.64
CA GLU G 184 19.80 30.12 -21.92
C GLU G 184 19.52 29.75 -23.37
N VAL G 185 19.92 28.54 -23.73
CA VAL G 185 19.83 28.06 -25.10
C VAL G 185 19.06 26.75 -25.12
N TYR G 186 18.70 26.31 -26.32
CA TYR G 186 18.07 25.02 -26.53
C TYR G 186 18.51 24.44 -27.85
N ASN G 187 18.55 23.12 -27.92
CA ASN G 187 18.86 22.43 -29.17
C ASN G 187 17.58 22.22 -29.99
N TYR G 188 16.86 23.32 -30.22
CA TYR G 188 15.63 23.25 -31.00
C TYR G 188 16.02 23.14 -32.46
N ASP G 189 16.52 21.95 -32.81
CA ASP G 189 17.37 21.75 -33.97
C ASP G 189 16.71 22.10 -35.30
N PHE G 190 15.46 22.56 -35.30
CA PHE G 190 14.75 22.81 -36.55
C PHE G 190 14.01 24.15 -36.52
N PRO G 191 14.74 25.26 -36.60
CA PRO G 191 14.10 26.50 -37.01
C PRO G 191 13.66 26.41 -38.46
N GLU G 192 13.08 27.47 -38.99
CA GLU G 192 12.63 27.47 -40.37
C GLU G 192 13.11 28.72 -41.07
N TYR G 193 13.45 28.58 -42.35
CA TYR G 193 14.19 29.62 -43.06
C TYR G 193 13.28 30.74 -43.53
N GLY G 194 12.24 30.42 -44.28
CA GLY G 194 11.31 31.42 -44.74
C GLY G 194 9.87 30.98 -44.67
N THR G 195 9.65 29.72 -44.29
CA THR G 195 8.32 29.16 -44.22
C THR G 195 7.81 29.19 -42.79
N GLY G 196 6.73 29.91 -42.57
CA GLY G 196 6.10 29.91 -41.28
C GLY G 196 5.30 28.64 -41.08
N LYS G 197 4.61 28.58 -39.96
CA LYS G 197 3.76 27.44 -39.69
C LYS G 197 2.44 27.85 -39.05
N ALA G 198 1.93 29.02 -39.41
CA ALA G 198 0.65 29.50 -38.91
C ALA G 198 0.62 29.50 -37.39
N GLY G 199 1.71 29.91 -36.78
CA GLY G 199 1.72 30.04 -35.35
C GLY G 199 2.08 28.77 -34.61
N SER G 200 3.21 28.16 -34.94
CA SER G 200 3.77 27.09 -34.14
C SER G 200 5.08 27.52 -33.48
N PHE G 201 6.08 27.88 -34.27
CA PHE G 201 7.22 28.61 -33.75
C PHE G 201 7.65 29.76 -34.64
N GLY G 202 7.37 29.71 -35.93
CA GLY G 202 7.66 30.82 -36.78
C GLY G 202 6.41 31.37 -37.42
N ASP G 203 6.02 32.55 -37.00
CA ASP G 203 4.92 33.25 -37.65
C ASP G 203 5.24 34.71 -37.88
N LEU G 204 6.32 35.21 -37.31
CA LEU G 204 6.80 36.58 -37.54
C LEU G 204 8.32 36.48 -37.50
N GLN G 205 8.93 36.37 -38.66
CA GLN G 205 10.36 36.09 -38.77
C GLN G 205 11.06 37.27 -39.43
N SER G 206 11.44 38.26 -38.62
CA SER G 206 12.20 39.37 -39.15
C SER G 206 13.62 38.93 -39.42
N ARG G 207 14.06 39.09 -40.67
CA ARG G 207 15.40 38.64 -41.06
C ARG G 207 16.48 39.29 -40.20
N THR G 208 16.26 40.51 -39.74
CA THR G 208 17.19 41.20 -38.88
C THR G 208 16.44 41.77 -37.69
N SER G 209 17.18 42.52 -36.86
CA SER G 209 16.57 43.14 -35.69
C SER G 209 15.61 44.26 -36.06
N THR G 210 15.89 44.96 -37.15
CA THR G 210 15.06 46.08 -37.57
C THR G 210 14.82 46.01 -39.08
N SER G 211 14.59 44.80 -39.59
CA SER G 211 14.27 44.64 -40.99
C SER G 211 12.88 45.21 -41.26
N ASN G 212 12.46 45.16 -42.51
CA ASN G 212 11.15 45.68 -42.91
C ASN G 212 10.35 44.63 -43.68
N ASP G 213 10.66 43.37 -43.44
CA ASP G 213 9.97 42.26 -44.11
C ASP G 213 9.76 41.14 -43.11
N LEU G 214 8.58 40.52 -43.14
CA LEU G 214 8.21 39.49 -42.17
C LEU G 214 7.59 38.33 -42.94
N TYR G 215 8.45 37.43 -43.43
CA TYR G 215 8.04 36.43 -44.40
C TYR G 215 7.41 35.23 -43.69
N ALA G 216 6.26 35.49 -43.07
CA ALA G 216 5.51 34.42 -42.44
C ALA G 216 4.05 34.84 -42.30
N ASN G 217 3.21 33.83 -42.12
CA ASN G 217 1.76 33.97 -42.16
C ASN G 217 1.18 33.87 -40.75
N THR G 218 -0.04 34.35 -40.60
CA THR G 218 -0.78 34.21 -39.35
C THR G 218 -2.20 33.73 -39.58
N ASN G 219 -2.54 33.36 -40.81
CA ASN G 219 -3.86 32.83 -41.15
C ASN G 219 -4.97 33.82 -40.78
N LEU G 220 -4.72 35.09 -41.05
CA LEU G 220 -5.70 36.13 -40.74
C LEU G 220 -6.95 35.97 -41.58
N LYS G 221 -8.10 36.27 -40.97
CA LYS G 221 -9.37 36.18 -41.67
C LYS G 221 -10.28 37.30 -41.20
N LEU G 222 -11.11 37.81 -42.10
CA LEU G 222 -12.03 38.88 -41.79
C LEU G 222 -13.43 38.34 -41.53
N GLN G 223 -14.31 39.23 -41.09
CA GLN G 223 -15.69 38.89 -40.78
C GLN G 223 -16.60 40.02 -41.20
N ARG G 224 -17.86 39.70 -41.34
CA ARG G 224 -18.83 40.71 -41.74
C ARG G 224 -19.42 41.39 -40.52
N PRO G 225 -19.31 42.71 -40.41
CA PRO G 225 -19.91 43.40 -39.27
C PRO G 225 -21.42 43.27 -39.31
N GLN G 226 -22.03 43.33 -38.14
CA GLN G 226 -23.46 43.12 -38.00
C GLN G 226 -24.10 44.32 -37.33
N ALA G 227 -25.43 44.37 -37.41
CA ALA G 227 -26.27 45.32 -36.68
C ALA G 227 -25.94 46.76 -37.01
N GLY G 228 -25.24 47.01 -38.11
CA GLY G 228 -24.99 48.38 -38.53
C GLY G 228 -24.22 49.21 -37.53
N ILE G 229 -23.19 48.63 -36.94
CA ILE G 229 -22.32 49.34 -36.00
C ILE G 229 -20.90 49.32 -36.55
N VAL G 230 -20.25 50.48 -36.52
CA VAL G 230 -18.98 50.68 -37.21
C VAL G 230 -17.88 49.98 -36.41
N HIS G 231 -17.49 48.79 -36.85
CA HIS G 231 -16.38 48.07 -36.27
C HIS G 231 -15.88 47.09 -37.31
N THR G 232 -14.68 46.55 -37.08
CA THR G 232 -14.02 45.68 -38.04
C THR G 232 -13.69 44.35 -37.37
N PRO G 233 -14.61 43.39 -37.39
CA PRO G 233 -14.31 42.08 -36.80
C PRO G 233 -13.32 41.31 -37.64
N PHE G 234 -12.66 40.36 -37.00
CA PHE G 234 -11.69 39.49 -37.66
C PHE G 234 -11.38 38.31 -36.75
N THR G 235 -10.50 37.44 -37.22
CA THR G 235 -10.10 36.27 -36.47
C THR G 235 -8.77 35.77 -37.00
N GLN G 236 -7.98 35.17 -36.11
CA GLN G 236 -6.67 34.67 -36.49
C GLN G 236 -6.18 33.67 -35.47
N VAL G 237 -5.21 32.88 -35.87
CA VAL G 237 -4.59 31.89 -34.96
C VAL G 237 -3.83 32.63 -33.88
N PRO G 238 -3.84 32.15 -32.64
CA PRO G 238 -3.01 32.76 -31.60
C PRO G 238 -1.53 32.56 -31.89
N SER G 239 -0.72 33.48 -31.38
CA SER G 239 0.70 33.49 -31.70
C SER G 239 1.37 32.21 -31.23
N GLY G 240 2.09 31.55 -32.13
CA GLY G 240 2.80 30.35 -31.78
C GLY G 240 4.00 30.57 -30.89
N PHE G 241 4.56 31.78 -30.93
CA PHE G 241 5.68 32.07 -30.06
C PHE G 241 5.29 31.87 -28.60
N GLU G 242 4.09 32.29 -28.23
CA GLU G 242 3.61 32.03 -26.87
C GLU G 242 3.56 30.54 -26.59
N ARG G 243 3.03 29.76 -27.53
CA ARG G 243 2.91 28.33 -27.30
C ARG G 243 4.28 27.70 -27.06
N TRP G 244 5.27 28.07 -27.86
CA TRP G 244 6.59 27.54 -27.61
C TRP G 244 7.16 28.06 -26.29
N LYS G 245 6.79 29.27 -25.90
CA LYS G 245 7.22 29.74 -24.59
C LYS G 245 6.67 28.87 -23.48
N LYS G 246 5.43 28.39 -23.63
CA LYS G 246 4.83 27.58 -22.58
C LYS G 246 5.40 26.17 -22.53
N ASP G 247 5.82 25.63 -23.68
CA ASP G 247 6.21 24.22 -23.74
C ASP G 247 7.67 24.04 -24.12
N LYS G 248 8.54 24.93 -23.64
CA LYS G 248 9.96 24.71 -23.84
C LYS G 248 10.39 23.47 -23.08
N GLY G 249 11.22 22.66 -23.71
CA GLY G 249 11.69 21.43 -23.11
C GLY G 249 12.74 21.69 -22.05
N ALA G 250 13.67 20.77 -21.92
CA ALA G 250 14.74 20.94 -20.96
C ALA G 250 15.77 21.91 -21.52
N PRO G 251 16.08 23.00 -20.83
CA PRO G 251 17.16 23.88 -21.30
C PRO G 251 18.49 23.14 -21.32
N LEU G 252 19.36 23.56 -22.24
CA LEU G 252 20.60 22.84 -22.43
C LEU G 252 21.46 22.85 -21.18
N ASN G 253 21.44 23.94 -20.44
CA ASN G 253 22.26 24.02 -19.24
C ASN G 253 21.82 23.08 -18.15
N ASP G 254 20.83 22.22 -18.37
CA ASP G 254 20.50 21.17 -17.42
C ASP G 254 20.58 19.79 -18.06
N VAL G 255 21.15 19.68 -19.26
CA VAL G 255 21.32 18.38 -19.88
C VAL G 255 22.73 18.14 -20.40
N ALA G 256 23.59 19.14 -20.43
CA ALA G 256 24.92 18.96 -20.98
C ALA G 256 25.67 17.87 -20.22
N PRO G 257 26.21 16.89 -20.89
CA PRO G 257 26.99 15.86 -20.20
C PRO G 257 28.29 16.44 -19.67
N PHE G 258 29.05 15.62 -18.94
CA PHE G 258 30.37 15.95 -18.42
C PHE G 258 30.34 17.12 -17.47
N GLY G 259 29.16 17.65 -17.15
CA GLY G 259 29.05 18.65 -16.11
C GLY G 259 29.70 19.95 -16.47
N CYS G 260 29.17 20.66 -17.45
CA CYS G 260 29.74 21.94 -17.83
C CYS G 260 28.64 22.94 -18.10
N SER G 261 28.73 24.09 -17.43
CA SER G 261 27.73 25.15 -17.55
C SER G 261 27.83 25.82 -18.90
N ILE G 262 27.01 26.85 -19.09
CA ILE G 262 26.92 27.56 -20.35
C ILE G 262 26.77 29.05 -20.07
N ALA G 263 27.81 29.82 -20.33
CA ALA G 263 27.71 31.26 -20.33
C ALA G 263 26.99 31.73 -21.59
N LEU G 264 26.60 33.01 -21.61
CA LEU G 264 25.77 33.52 -22.68
C LEU G 264 26.56 34.29 -23.73
N GLU G 265 27.21 35.39 -23.33
CA GLU G 265 27.65 36.40 -24.28
C GLU G 265 28.51 35.86 -25.41
N PRO G 266 29.56 35.09 -25.18
CA PRO G 266 30.27 34.45 -26.30
C PRO G 266 29.80 33.03 -26.59
N LEU G 267 28.70 32.59 -25.98
CA LEU G 267 28.30 31.18 -26.01
C LEU G 267 29.42 30.30 -25.47
N ARG G 268 30.02 30.74 -24.38
CA ARG G 268 31.05 29.94 -23.72
C ARG G 268 30.43 28.65 -23.22
N ALA G 269 31.16 27.55 -23.40
CA ALA G 269 30.81 26.27 -22.80
C ALA G 269 31.94 25.92 -21.85
N GLU G 270 31.88 26.45 -20.64
CA GLU G 270 33.03 26.48 -19.76
C GLU G 270 33.22 25.17 -19.02
N ASN G 271 34.48 24.87 -18.72
CA ASN G 271 34.89 23.82 -17.79
C ASN G 271 34.57 22.42 -18.27
N CYS G 272 34.20 22.23 -19.52
CA CYS G 272 33.70 20.92 -19.93
C CYS G 272 34.87 19.96 -19.91
N ALA G 273 34.97 19.20 -18.82
CA ALA G 273 36.14 18.38 -18.56
C ALA G 273 36.12 17.12 -19.40
N VAL G 274 37.20 16.91 -20.16
CA VAL G 274 37.34 15.71 -20.99
C VAL G 274 38.79 15.59 -21.43
N GLY G 275 39.28 14.37 -21.50
CA GLY G 275 40.55 14.09 -22.14
C GLY G 275 41.75 14.70 -21.41
N SER G 276 42.87 14.74 -22.15
CA SER G 276 44.14 15.19 -21.62
C SER G 276 44.69 16.29 -22.53
N ILE G 277 45.83 16.83 -22.14
CA ILE G 277 46.45 17.93 -22.87
C ILE G 277 47.96 17.70 -22.96
N PRO G 278 48.56 17.82 -24.14
CA PRO G 278 50.03 17.81 -24.24
C PRO G 278 50.60 19.16 -23.87
N ILE G 279 51.44 19.17 -22.86
CA ILE G 279 52.00 20.42 -22.35
C ILE G 279 53.49 20.46 -22.68
N SER G 280 53.99 21.67 -22.88
CA SER G 280 55.41 21.89 -23.15
C SER G 280 55.79 23.27 -22.65
N ILE G 281 56.65 23.32 -21.65
CA ILE G 281 57.01 24.58 -20.99
C ILE G 281 58.52 24.69 -20.95
N ASP G 282 59.00 25.93 -20.98
CA ASP G 282 60.43 26.22 -20.86
C ASP G 282 60.63 27.22 -19.74
N ILE G 283 61.58 26.93 -18.86
CA ILE G 283 61.92 27.83 -17.75
C ILE G 283 63.24 28.51 -18.06
N PRO G 284 63.47 29.72 -17.55
CA PRO G 284 64.78 30.37 -17.75
C PRO G 284 65.87 29.57 -17.06
N ASP G 285 67.08 29.68 -17.59
CA ASP G 285 68.21 28.97 -17.03
C ASP G 285 68.81 29.68 -15.84
N ALA G 286 68.29 30.84 -15.47
CA ALA G 286 68.77 31.57 -14.32
C ALA G 286 68.18 31.06 -13.01
N ALA G 287 67.30 30.07 -13.07
CA ALA G 287 66.66 29.54 -11.88
C ALA G 287 67.23 28.20 -11.46
N PHE G 288 68.27 27.72 -12.11
CA PHE G 288 68.96 26.51 -11.69
C PHE G 288 70.15 26.89 -10.81
N THR G 289 70.74 25.89 -10.20
CA THR G 289 71.93 26.09 -9.38
C THR G 289 72.81 24.87 -9.43
N ARG G 290 74.09 25.07 -9.11
CA ARG G 290 75.06 23.99 -9.22
C ARG G 290 74.74 22.86 -8.26
N ILE G 291 74.95 21.63 -8.74
CA ILE G 291 74.58 20.45 -7.98
C ILE G 291 75.41 20.30 -6.72
N SER G 292 76.51 21.02 -6.59
CA SER G 292 77.37 20.89 -5.43
C SER G 292 76.99 21.86 -4.31
N GLU G 293 75.94 22.64 -4.49
CA GLU G 293 75.49 23.57 -3.45
C GLU G 293 74.29 23.06 -2.68
N THR G 294 73.79 21.93 -3.02
CA THR G 294 72.65 21.42 -2.30
C THR G 294 73.08 20.41 -1.24
N PRO G 295 72.38 20.35 -0.12
CA PRO G 295 72.71 19.35 0.90
C PRO G 295 72.50 17.95 0.34
N THR G 296 73.55 17.13 0.45
CA THR G 296 73.45 15.74 0.04
C THR G 296 72.58 14.97 1.02
N VAL G 297 71.72 14.12 0.49
CA VAL G 297 70.75 13.36 1.28
C VAL G 297 71.13 11.90 1.25
N SER G 298 71.27 11.30 2.44
CA SER G 298 71.63 9.90 2.54
C SER G 298 71.14 9.38 3.88
N ASP G 299 71.11 8.05 4.00
CA ASP G 299 70.63 7.37 5.19
C ASP G 299 69.17 7.77 5.48
N LEU G 300 68.30 7.34 4.58
CA LEU G 300 66.88 7.63 4.65
C LEU G 300 66.13 6.47 5.28
N GLU G 301 64.99 6.79 5.88
CA GLU G 301 64.10 5.75 6.39
C GLU G 301 62.70 6.32 6.49
N CYS G 302 61.77 5.75 5.72
CA CYS G 302 60.41 6.22 5.67
C CYS G 302 59.49 5.25 6.39
N LYS G 303 58.70 5.76 7.33
CA LYS G 303 57.80 4.95 8.12
C LYS G 303 56.39 5.48 7.95
N ILE G 304 55.45 4.58 7.69
CA ILE G 304 54.05 4.96 7.50
C ILE G 304 53.35 4.89 8.84
N THR G 305 52.79 6.02 9.27
CA THR G 305 52.10 6.04 10.55
C THR G 305 50.67 5.52 10.42
N GLU G 306 49.86 6.20 9.62
CA GLU G 306 48.45 5.85 9.51
C GLU G 306 47.90 6.47 8.24
N CYS G 307 47.02 5.73 7.57
CA CYS G 307 46.39 6.23 6.36
C CYS G 307 45.06 5.55 6.16
N THR G 308 44.22 6.15 5.31
CA THR G 308 42.94 5.59 4.94
C THR G 308 42.47 6.27 3.66
N TYR G 309 42.00 5.47 2.71
CA TYR G 309 41.73 6.00 1.38
C TYR G 309 40.41 6.74 1.37
N ALA G 310 40.47 8.04 1.14
CA ALA G 310 39.30 8.88 1.02
C ALA G 310 39.63 10.06 0.13
N PHE G 311 38.60 10.78 -0.30
CA PHE G 311 38.81 11.85 -1.26
C PHE G 311 39.61 12.99 -0.69
N ASP G 312 39.79 13.06 0.61
CA ASP G 312 40.68 14.05 1.18
C ASP G 312 41.99 13.40 1.58
N PHE G 313 42.92 14.21 2.05
CA PHE G 313 44.24 13.71 2.43
C PHE G 313 44.14 12.92 3.73
N GLY G 314 44.10 11.60 3.61
CA GLY G 314 43.92 10.76 4.77
C GLY G 314 45.07 9.81 4.98
N GLY G 315 46.29 10.29 4.77
CA GLY G 315 47.48 9.49 4.99
C GLY G 315 48.64 10.29 5.54
N ILE G 316 49.31 9.77 6.55
CA ILE G 316 50.42 10.48 7.20
C ILE G 316 51.54 9.49 7.45
N ALA G 317 52.75 9.87 7.08
CA ALA G 317 53.92 9.02 7.26
C ALA G 317 55.11 9.89 7.67
N THR G 318 56.09 9.25 8.30
CA THR G 318 57.26 9.92 8.82
C THR G 318 58.53 9.37 8.19
N VAL G 319 59.56 10.20 8.16
CA VAL G 319 60.84 9.83 7.59
C VAL G 319 61.94 10.24 8.55
N ALA G 320 62.91 9.34 8.75
CA ALA G 320 64.14 9.64 9.48
C ALA G 320 65.28 9.75 8.48
N TYR G 321 66.25 10.60 8.80
CA TYR G 321 67.19 11.03 7.78
C TYR G 321 68.49 11.50 8.43
N LYS G 322 69.59 11.35 7.69
CA LYS G 322 70.91 11.82 8.11
C LYS G 322 71.44 12.81 7.09
N SER G 323 71.60 14.06 7.52
CA SER G 323 71.86 15.16 6.60
C SER G 323 73.34 15.36 6.37
N SER G 324 73.64 16.18 5.36
CA SER G 324 74.96 16.73 5.13
C SER G 324 75.06 18.16 5.65
N LYS G 325 74.05 18.98 5.37
CA LYS G 325 73.95 20.32 5.93
C LYS G 325 72.51 20.78 5.86
N ALA G 326 72.19 21.83 6.61
CA ALA G 326 70.83 22.33 6.63
C ALA G 326 70.47 22.99 5.30
N GLY G 327 69.18 22.92 4.97
CA GLY G 327 68.71 23.51 3.73
C GLY G 327 67.31 23.04 3.43
N ASN G 328 66.82 23.43 2.25
CA ASN G 328 65.50 23.06 1.78
C ASN G 328 65.60 22.52 0.37
N CYS G 329 64.89 21.43 0.11
CA CYS G 329 64.80 20.89 -1.24
C CYS G 329 63.48 20.15 -1.38
N PRO G 330 62.96 20.03 -2.59
CA PRO G 330 61.58 19.57 -2.75
C PRO G 330 61.46 18.05 -2.61
N ILE G 331 60.21 17.60 -2.59
CA ILE G 331 59.85 16.20 -2.54
C ILE G 331 58.81 15.95 -3.60
N HIS G 332 58.77 14.72 -4.11
CA HIS G 332 57.84 14.42 -5.19
C HIS G 332 57.69 12.92 -5.31
N SER G 333 56.54 12.50 -5.82
CA SER G 333 56.29 11.10 -6.12
C SER G 333 56.14 10.91 -7.61
N PRO G 334 57.16 10.42 -8.31
CA PRO G 334 57.00 10.19 -9.75
C PRO G 334 55.90 9.21 -10.07
N SER G 335 55.71 8.19 -9.24
CA SER G 335 54.63 7.24 -9.50
C SER G 335 53.29 7.88 -9.20
N GLY G 336 52.24 7.32 -9.81
CA GLY G 336 50.91 7.85 -9.68
C GLY G 336 50.02 7.16 -8.69
N VAL G 337 50.52 6.15 -7.97
CA VAL G 337 49.67 5.40 -7.04
C VAL G 337 49.18 6.30 -5.92
N ALA G 338 50.00 7.24 -5.48
CA ALA G 338 49.60 8.18 -4.45
C ALA G 338 50.06 9.57 -4.83
N VAL G 339 49.34 10.57 -4.36
CA VAL G 339 49.68 11.96 -4.60
C VAL G 339 50.20 12.54 -3.30
N ILE G 340 51.19 13.42 -3.40
CA ILE G 340 51.83 14.01 -2.23
C ILE G 340 51.21 15.37 -1.99
N LYS G 341 50.61 15.55 -0.82
CA LYS G 341 50.03 16.84 -0.48
C LYS G 341 51.10 17.91 -0.41
N GLU G 342 52.25 17.60 0.17
CA GLU G 342 53.31 18.59 0.29
C GLU G 342 54.10 18.70 -1.01
N ASN G 343 54.80 19.82 -1.17
CA ASN G 343 55.64 20.06 -2.33
C ASN G 343 57.13 20.07 -1.99
N ASP G 344 57.54 20.91 -1.04
CA ASP G 344 58.93 21.02 -0.65
C ASP G 344 59.03 21.15 0.86
N VAL G 345 60.11 20.62 1.41
CA VAL G 345 60.29 20.55 2.86
C VAL G 345 61.68 21.05 3.21
N THR G 346 61.78 21.67 4.38
CA THR G 346 63.07 22.04 4.92
C THR G 346 63.77 20.82 5.53
N LEU G 347 65.08 20.90 5.64
CA LEU G 347 65.87 19.81 6.19
C LEU G 347 66.86 20.37 7.19
N ALA G 348 66.98 19.70 8.32
CA ALA G 348 67.98 20.01 9.32
C ALA G 348 68.95 18.84 9.40
N GLU G 349 70.06 19.05 10.10
CA GLU G 349 71.03 17.98 10.25
C GLU G 349 70.41 16.83 11.04
N SER G 350 70.68 15.60 10.59
CA SER G 350 70.01 14.41 11.10
C SER G 350 68.50 14.56 10.98
N GLY G 351 68.04 14.69 9.73
CA GLY G 351 66.66 15.05 9.49
C GLY G 351 65.68 13.98 9.95
N SER G 352 64.49 14.42 10.33
CA SER G 352 63.39 13.53 10.63
C SER G 352 62.12 14.35 10.62
N PHE G 353 61.22 14.06 9.68
CA PHE G 353 60.04 14.89 9.51
C PHE G 353 58.90 14.02 8.98
N THR G 354 57.79 14.67 8.62
CA THR G 354 56.61 13.96 8.15
C THR G 354 55.89 14.84 7.13
N PHE G 355 54.84 14.29 6.55
CA PHE G 355 54.08 14.99 5.52
C PHE G 355 52.68 14.40 5.47
N HIS G 356 51.98 14.66 4.37
CA HIS G 356 50.63 14.16 4.17
C HIS G 356 50.45 13.74 2.73
N PHE G 357 49.47 12.86 2.50
CA PHE G 357 49.23 12.35 1.17
C PHE G 357 47.88 11.68 1.12
N SER G 358 47.29 11.65 -0.07
CA SER G 358 46.10 10.85 -0.34
C SER G 358 46.49 9.62 -1.15
N THR G 359 45.59 8.65 -1.19
CA THR G 359 45.80 7.47 -2.00
C THR G 359 44.46 6.85 -2.36
N ALA G 360 44.53 5.76 -3.09
CA ALA G 360 43.33 5.04 -3.49
C ALA G 360 43.50 3.53 -3.42
N ASN G 361 44.54 3.03 -2.78
CA ASN G 361 44.82 1.60 -2.75
C ASN G 361 44.88 1.10 -1.31
N ILE G 362 44.46 -0.15 -1.13
CA ILE G 362 44.50 -0.77 0.19
C ILE G 362 45.92 -0.83 0.69
N HIS G 363 46.85 -1.22 -0.18
CA HIS G 363 48.27 -1.34 0.16
C HIS G 363 49.03 -0.38 -0.74
N PRO G 364 49.16 0.88 -0.35
CA PRO G 364 49.96 1.81 -1.14
C PRO G 364 51.39 1.30 -1.25
N ALA G 365 51.96 1.45 -2.44
CA ALA G 365 53.32 0.99 -2.71
C ALA G 365 54.13 2.08 -3.39
N PHE G 366 53.74 3.33 -3.18
CA PHE G 366 54.36 4.43 -3.87
C PHE G 366 55.80 4.60 -3.43
N LYS G 367 56.64 5.06 -4.36
CA LYS G 367 58.04 5.31 -4.10
C LYS G 367 58.33 6.77 -4.44
N LEU G 368 58.89 7.49 -3.49
CA LEU G 368 59.13 8.91 -3.67
C LEU G 368 60.62 9.19 -3.78
N GLN G 369 60.94 10.32 -4.39
CA GLN G 369 62.30 10.82 -4.48
C GLN G 369 62.35 12.19 -3.84
N VAL G 370 63.44 12.46 -3.11
CA VAL G 370 63.64 13.73 -2.45
C VAL G 370 65.09 14.15 -2.65
N CYS G 371 65.28 15.40 -3.06
CA CYS G 371 66.59 16.06 -2.97
C CYS G 371 67.68 15.25 -3.66
N THR G 372 67.35 14.71 -4.84
CA THR G 372 68.23 13.83 -5.60
C THR G 372 68.56 12.56 -4.82
N SER G 373 67.52 11.87 -4.39
CA SER G 373 67.68 10.64 -3.62
C SER G 373 66.38 9.86 -3.64
N ALA G 374 66.48 8.56 -3.84
CA ALA G 374 65.31 7.72 -3.95
C ALA G 374 65.04 6.98 -2.65
N VAL G 375 63.76 6.69 -2.40
CA VAL G 375 63.36 5.92 -1.23
C VAL G 375 62.00 5.30 -1.50
N THR G 376 61.87 4.01 -1.22
CA THR G 376 60.59 3.34 -1.30
C THR G 376 59.95 3.30 0.07
N CYS G 377 58.65 3.59 0.12
CA CYS G 377 57.89 3.54 1.37
C CYS G 377 56.68 2.65 1.07
N LYS G 378 56.87 1.35 1.27
CA LYS G 378 55.86 0.37 0.86
C LYS G 378 54.62 0.42 1.71
N GLY G 379 54.63 1.17 2.80
CA GLY G 379 53.41 1.38 3.53
C GLY G 379 52.85 0.08 4.08
N ASP G 380 51.55 0.12 4.36
CA ASP G 380 50.83 -1.05 4.86
C ASP G 380 49.38 -0.95 4.39
N CYS G 381 48.55 -1.83 4.93
CA CYS G 381 47.13 -1.82 4.62
C CYS G 381 46.44 -0.66 5.33
N LYS G 382 45.48 -0.05 4.67
CA LYS G 382 44.79 1.07 5.30
C LYS G 382 43.31 0.75 5.47
N PRO G 383 42.70 1.17 6.57
CA PRO G 383 41.29 0.87 6.80
C PRO G 383 40.40 1.71 5.90
N PRO G 384 39.26 1.18 5.49
CA PRO G 384 38.34 1.94 4.65
C PRO G 384 37.66 3.04 5.44
N LYS G 385 37.12 4.00 4.71
CA LYS G 385 36.31 5.04 5.31
C LYS G 385 34.84 4.67 5.18
N GLN G 394 36.36 13.49 -6.24
CA GLN G 394 36.56 14.85 -5.74
C GLN G 394 38.04 15.19 -5.77
N HIS G 395 38.89 14.17 -5.78
CA HIS G 395 40.33 14.40 -5.72
C HIS G 395 41.07 13.25 -6.39
N THR G 396 42.36 13.47 -6.63
CA THR G 396 43.12 12.68 -7.58
C THR G 396 43.35 11.27 -7.05
N GLU G 397 42.68 10.31 -7.66
CA GLU G 397 42.87 8.90 -7.37
C GLU G 397 42.96 8.15 -8.68
N SER G 398 43.52 6.94 -8.63
CA SER G 398 43.70 6.15 -9.83
C SER G 398 42.52 5.20 -10.07
N PHE G 399 42.29 4.29 -9.14
CA PHE G 399 41.29 3.24 -9.28
C PHE G 399 41.51 2.44 -10.55
N THR G 400 42.65 1.75 -10.60
CA THR G 400 43.10 1.06 -11.79
C THR G 400 43.11 -0.45 -11.60
N SER G 401 42.05 -1.01 -11.01
CA SER G 401 41.98 -2.43 -10.68
C SER G 401 43.11 -2.85 -9.75
N ALA G 402 43.71 -1.89 -9.06
CA ALA G 402 44.80 -2.15 -8.13
C ALA G 402 44.32 -2.23 -6.69
N ILE G 403 43.09 -2.73 -6.48
CA ILE G 403 42.55 -2.87 -5.14
C ILE G 403 42.59 -4.31 -4.66
N SER G 404 43.12 -5.23 -5.46
CA SER G 404 43.26 -6.62 -5.04
C SER G 404 44.00 -6.69 -3.71
N ALA G 405 43.29 -7.11 -2.67
CA ALA G 405 43.83 -7.10 -1.32
C ALA G 405 44.72 -8.32 -1.11
N THR G 406 45.37 -8.35 0.06
CA THR G 406 46.26 -9.46 0.37
C THR G 406 45.51 -10.79 0.36
N ALA G 407 44.34 -10.83 1.01
CA ALA G 407 43.54 -12.04 0.96
C ALA G 407 43.07 -12.32 -0.46
N TRP G 408 42.70 -11.28 -1.20
CA TRP G 408 42.27 -11.46 -2.59
C TRP G 408 43.38 -12.09 -3.42
N SER G 409 44.58 -11.50 -3.36
CA SER G 409 45.70 -12.04 -4.11
C SER G 409 46.04 -13.45 -3.65
N TRP G 410 45.97 -13.67 -2.34
CA TRP G 410 46.25 -15.00 -1.79
C TRP G 410 45.33 -16.04 -2.40
N ILE G 411 44.02 -15.78 -2.39
CA ILE G 411 43.08 -16.74 -2.93
C ILE G 411 43.30 -16.93 -4.42
N LYS G 412 43.54 -15.85 -5.15
CA LYS G 412 43.68 -15.99 -6.60
C LYS G 412 44.91 -16.79 -6.97
N VAL G 413 46.04 -16.53 -6.30
CA VAL G 413 47.23 -17.30 -6.60
C VAL G 413 47.03 -18.75 -6.17
N LEU G 414 46.30 -18.98 -5.07
CA LEU G 414 46.03 -20.35 -4.65
C LEU G 414 45.28 -21.12 -5.72
N VAL G 415 44.19 -20.55 -6.23
CA VAL G 415 43.37 -21.29 -7.18
C VAL G 415 44.12 -21.49 -8.48
N GLY G 416 44.83 -20.46 -8.96
CA GLY G 416 45.61 -20.63 -10.17
C GLY G 416 46.66 -21.71 -10.05
N GLY G 417 47.40 -21.70 -8.94
CA GLY G 417 48.42 -22.70 -8.73
C GLY G 417 47.85 -24.09 -8.62
N THR G 418 46.72 -24.25 -7.94
CA THR G 418 46.11 -25.57 -7.82
C THR G 418 45.71 -26.11 -9.18
N SER G 419 45.04 -25.28 -9.99
CA SER G 419 44.65 -25.74 -11.33
C SER G 419 45.87 -26.12 -12.15
N ALA G 420 46.91 -25.29 -12.12
CA ALA G 420 48.11 -25.58 -12.88
C ALA G 420 48.74 -26.89 -12.41
N PHE G 421 48.83 -27.08 -11.09
CA PHE G 421 49.47 -28.27 -10.54
C PHE G 421 48.72 -29.52 -10.98
N ILE G 422 47.39 -29.53 -10.86
CA ILE G 422 46.66 -30.74 -11.20
C ILE G 422 46.80 -31.05 -12.69
N VAL G 423 46.67 -30.03 -13.54
CA VAL G 423 46.73 -30.32 -14.98
C VAL G 423 48.12 -30.79 -15.38
N LEU G 424 49.18 -30.18 -14.81
CA LEU G 424 50.53 -30.60 -15.18
C LEU G 424 50.83 -32.00 -14.67
N GLY G 425 50.36 -32.33 -13.47
CA GLY G 425 50.55 -33.68 -12.97
C GLY G 425 49.89 -34.72 -13.85
N LEU G 426 48.67 -34.43 -14.30
CA LEU G 426 48.00 -35.35 -15.21
C LEU G 426 48.75 -35.50 -16.53
N ILE G 427 49.24 -34.38 -17.07
CA ILE G 427 50.00 -34.44 -18.31
C ILE G 427 51.24 -35.31 -18.13
N ALA G 428 51.94 -35.15 -17.01
CA ALA G 428 53.11 -35.97 -16.74
C ALA G 428 52.74 -37.44 -16.66
N THR G 429 51.64 -37.75 -15.98
CA THR G 429 51.23 -39.15 -15.83
C THR G 429 50.91 -39.79 -17.17
N ALA G 430 50.38 -39.01 -18.11
CA ALA G 430 50.08 -39.57 -19.43
C ALA G 430 51.33 -40.15 -20.08
N VAL G 431 52.39 -39.35 -20.17
CA VAL G 431 53.61 -39.85 -20.80
C VAL G 431 54.30 -40.88 -19.93
N VAL G 432 54.09 -40.81 -18.60
CA VAL G 432 54.61 -41.86 -17.74
C VAL G 432 54.01 -43.20 -18.11
N ALA G 433 52.70 -43.24 -18.34
CA ALA G 433 52.08 -44.46 -18.82
C ALA G 433 52.63 -44.85 -20.18
N LEU G 434 52.78 -43.88 -21.09
CA LEU G 434 53.16 -44.19 -22.46
C LEU G 434 54.56 -44.81 -22.55
N VAL G 435 55.51 -44.28 -21.77
CA VAL G 435 56.90 -44.71 -21.92
C VAL G 435 57.07 -46.17 -21.54
N LEU G 436 56.25 -46.68 -20.62
CA LEU G 436 56.32 -48.09 -20.29
C LEU G 436 56.09 -48.94 -21.53
N PHE G 437 55.00 -48.68 -22.24
CA PHE G 437 54.72 -49.41 -23.48
C PHE G 437 55.82 -49.19 -24.50
N PHE G 438 56.32 -47.95 -24.59
CA PHE G 438 57.45 -47.70 -25.48
C PHE G 438 58.66 -48.53 -25.10
N HIS G 439 58.76 -48.98 -23.86
CA HIS G 439 59.86 -49.80 -23.42
C HIS G 439 59.58 -51.30 -23.51
N ARG G 440 58.31 -51.70 -23.61
CA ARG G 440 57.98 -53.12 -23.57
C ARG G 440 58.59 -53.90 -24.73
N HIS G 441 58.88 -53.24 -25.84
CA HIS G 441 59.50 -53.91 -26.97
C HIS G 441 60.98 -53.58 -27.03
N ASP H 1 7.64 66.72 -17.52
CA ASP H 1 7.67 67.62 -18.66
C ASP H 1 6.28 68.13 -18.99
N LEU H 2 6.23 69.23 -19.74
CA LEU H 2 4.97 69.83 -20.15
C LEU H 2 4.92 69.93 -21.66
N ASP H 3 6.08 70.11 -22.28
CA ASP H 3 6.16 70.23 -23.73
C ASP H 3 5.60 69.00 -24.44
N THR H 4 5.98 67.82 -23.96
CA THR H 4 5.46 66.59 -24.56
C THR H 4 3.96 66.50 -24.37
N HIS H 5 3.47 66.90 -23.19
CA HIS H 5 2.03 66.95 -22.98
C HIS H 5 1.36 67.90 -23.95
N PHE H 6 2.04 68.99 -24.30
CA PHE H 6 1.49 69.92 -25.29
C PHE H 6 1.42 69.27 -26.67
N THR H 7 2.52 68.63 -27.09
CA THR H 7 2.52 67.93 -28.36
C THR H 7 1.46 66.84 -28.38
N GLN H 8 1.13 66.28 -27.22
CA GLN H 8 0.00 65.36 -27.15
C GLN H 8 -1.32 66.11 -27.31
N TYR H 9 -1.43 67.27 -26.68
CA TYR H 9 -2.66 68.06 -26.67
C TYR H 9 -2.72 69.08 -27.80
N LYS H 10 -1.69 69.15 -28.64
CA LYS H 10 -1.64 70.21 -29.65
C LYS H 10 -2.81 70.10 -30.61
N LEU H 11 -3.13 68.89 -31.06
CA LEU H 11 -4.18 68.69 -32.04
C LEU H 11 -5.11 67.55 -31.70
N ALA H 12 -4.79 66.76 -30.67
CA ALA H 12 -5.65 65.65 -30.31
C ALA H 12 -6.92 66.17 -29.66
N ARG H 13 -7.95 65.32 -29.66
CA ARG H 13 -9.21 65.63 -29.02
C ARG H 13 -9.91 64.33 -28.74
N PRO H 14 -10.77 64.27 -27.72
CA PRO H 14 -11.53 63.05 -27.46
C PRO H 14 -12.49 62.76 -28.60
N TYR H 15 -13.10 61.58 -28.53
CA TYR H 15 -14.05 61.15 -29.54
C TYR H 15 -14.95 60.08 -28.96
N ILE H 16 -16.06 59.83 -29.64
CA ILE H 16 -17.11 58.95 -29.14
C ILE H 16 -17.24 57.77 -30.08
N ALA H 17 -17.34 56.56 -29.51
CA ALA H 17 -17.56 55.36 -30.28
C ALA H 17 -18.36 54.39 -29.44
N ASP H 18 -18.55 53.18 -29.95
CA ASP H 18 -19.40 52.19 -29.30
C ASP H 18 -18.59 51.25 -28.44
N CYS H 19 -19.19 50.81 -27.33
CA CYS H 19 -18.63 49.74 -26.53
C CYS H 19 -19.76 48.80 -26.14
N PRO H 20 -19.51 47.54 -26.06
CA PRO H 20 -20.55 46.55 -25.75
C PRO H 20 -20.78 46.35 -24.25
N ASN H 21 -20.93 47.44 -23.52
CA ASN H 21 -21.27 47.32 -22.10
C ASN H 21 -22.68 46.76 -21.99
N CYS H 22 -22.78 45.47 -21.73
CA CYS H 22 -24.07 44.79 -21.84
C CYS H 22 -25.00 45.11 -20.69
N GLY H 23 -24.53 45.77 -19.64
CA GLY H 23 -25.45 46.33 -18.67
C GLY H 23 -26.42 47.29 -19.32
N HIS H 24 -26.06 47.82 -20.50
CA HIS H 24 -26.94 48.71 -21.24
C HIS H 24 -26.92 48.45 -22.74
N SER H 25 -26.51 47.24 -23.16
CA SER H 25 -26.81 46.72 -24.50
C SER H 25 -26.22 47.57 -25.63
N ARG H 26 -24.90 47.53 -25.75
CA ARG H 26 -24.18 48.17 -26.86
C ARG H 26 -24.32 49.67 -26.85
N CYS H 27 -23.82 50.31 -25.80
CA CYS H 27 -23.91 51.74 -25.64
C CYS H 27 -22.75 52.44 -26.33
N ASP H 28 -23.01 53.65 -26.82
CA ASP H 28 -21.98 54.49 -27.40
C ASP H 28 -21.52 55.50 -26.36
N SER H 29 -20.23 55.50 -26.06
CA SER H 29 -19.68 56.27 -24.98
C SER H 29 -18.47 57.06 -25.45
N PRO H 30 -18.15 58.17 -24.78
CA PRO H 30 -16.82 58.75 -24.92
C PRO H 30 -15.71 57.84 -24.43
N ILE H 31 -15.98 57.00 -23.45
CA ILE H 31 -14.95 56.08 -22.92
C ILE H 31 -15.11 54.78 -23.70
N ALA H 32 -14.47 54.73 -24.87
CA ALA H 32 -14.49 53.54 -25.70
C ALA H 32 -13.18 52.79 -25.52
N ILE H 33 -13.26 51.54 -25.08
CA ILE H 33 -12.06 50.77 -24.84
C ILE H 33 -11.47 50.30 -26.16
N GLU H 34 -10.16 50.39 -26.28
CA GLU H 34 -9.46 49.94 -27.48
C GLU H 34 -8.14 49.29 -27.07
N GLU H 35 -7.98 48.01 -27.41
CA GLU H 35 -6.72 47.26 -27.34
C GLU H 35 -6.01 47.47 -26.00
N VAL H 36 -6.61 46.88 -24.96
CA VAL H 36 -5.91 46.80 -23.69
C VAL H 36 -4.68 45.92 -23.86
N ARG H 37 -3.61 46.27 -23.15
CA ARG H 37 -2.34 45.57 -23.29
C ARG H 37 -1.88 45.09 -21.93
N GLY H 38 -1.59 43.80 -21.83
CA GLY H 38 -0.90 43.29 -20.65
C GLY H 38 0.02 42.15 -20.97
N ASP H 39 1.32 42.36 -20.77
CA ASP H 39 2.28 41.25 -20.89
C ASP H 39 3.37 41.33 -19.83
N ALA H 40 3.23 42.20 -18.84
CA ALA H 40 4.27 42.38 -17.84
C ALA H 40 4.16 41.30 -16.78
N HIS H 41 5.32 40.84 -16.30
CA HIS H 41 5.34 39.79 -15.31
C HIS H 41 4.74 40.23 -13.99
N ALA H 42 4.82 41.51 -13.64
CA ALA H 42 4.36 41.95 -12.34
C ALA H 42 2.85 42.06 -12.25
N GLY H 43 2.14 41.87 -13.36
CA GLY H 43 0.69 41.95 -13.34
C GLY H 43 0.12 43.32 -13.61
N VAL H 44 0.90 44.24 -14.13
CA VAL H 44 0.41 45.57 -14.48
C VAL H 44 -0.17 45.52 -15.87
N ILE H 45 -1.10 46.43 -16.15
CA ILE H 45 -1.70 46.55 -17.47
C ILE H 45 -1.94 48.01 -17.76
N ARG H 46 -1.82 48.38 -19.03
CA ARG H 46 -2.15 49.72 -19.47
C ARG H 46 -3.22 49.64 -20.54
N ILE H 47 -4.16 50.57 -20.49
CA ILE H 47 -5.33 50.55 -21.36
C ILE H 47 -5.38 51.87 -22.12
N GLN H 48 -5.75 51.78 -23.39
CA GLN H 48 -5.76 52.93 -24.29
C GLN H 48 -7.22 53.26 -24.58
N THR H 49 -7.78 54.17 -23.82
CA THR H 49 -9.18 54.53 -23.94
C THR H 49 -9.36 55.58 -25.03
N SER H 50 -10.55 56.17 -25.09
CA SER H 50 -10.93 57.08 -26.17
C SER H 50 -11.17 58.50 -25.67
N ALA H 51 -10.65 58.84 -24.50
CA ALA H 51 -10.83 60.16 -23.93
C ALA H 51 -9.48 60.73 -23.51
N MET H 52 -9.35 62.05 -23.58
CA MET H 52 -8.11 62.71 -23.22
C MET H 52 -8.05 62.90 -21.71
N PHE H 53 -6.94 62.51 -21.11
CA PHE H 53 -6.72 62.64 -19.68
C PHE H 53 -5.62 63.66 -19.41
N GLY H 54 -5.53 64.07 -18.15
CA GLY H 54 -4.46 64.94 -17.74
C GLY H 54 -4.79 66.41 -17.84
N LEU H 55 -4.31 67.06 -18.90
CA LEU H 55 -4.41 68.50 -18.98
C LEU H 55 -5.83 68.94 -19.32
N LYS H 56 -6.17 70.14 -18.88
CA LYS H 56 -7.43 70.76 -19.21
C LYS H 56 -7.33 71.38 -20.60
N THR H 57 -8.31 72.19 -20.98
CA THR H 57 -8.28 72.86 -22.26
C THR H 57 -7.07 73.80 -22.37
N ASP H 58 -6.67 74.43 -21.26
CA ASP H 58 -5.50 75.27 -21.27
C ASP H 58 -4.21 74.49 -21.47
N GLY H 59 -4.09 73.32 -20.85
CA GLY H 59 -2.91 72.50 -21.00
C GLY H 59 -2.09 72.33 -19.73
N VAL H 60 -2.76 72.38 -18.58
CA VAL H 60 -2.14 72.19 -17.28
C VAL H 60 -3.09 71.37 -16.41
N ASP H 61 -2.71 71.20 -15.14
CA ASP H 61 -3.52 70.50 -14.16
C ASP H 61 -3.82 69.07 -14.61
N LEU H 62 -2.76 68.26 -14.60
CA LEU H 62 -2.90 66.89 -15.09
C LEU H 62 -3.88 66.06 -14.26
N ALA H 63 -4.57 66.68 -13.29
CA ALA H 63 -5.66 66.04 -12.57
C ALA H 63 -7.00 66.27 -13.25
N TYR H 64 -7.00 66.77 -14.48
CA TYR H 64 -8.23 67.04 -15.22
C TYR H 64 -8.46 65.94 -16.26
N MET H 65 -9.70 65.88 -16.74
CA MET H 65 -10.07 64.95 -17.79
C MET H 65 -11.00 65.66 -18.76
N SER H 66 -10.70 65.53 -20.05
CA SER H 66 -11.52 66.14 -21.10
C SER H 66 -12.10 65.03 -21.96
N PHE H 67 -13.39 65.14 -22.26
CA PHE H 67 -14.09 64.16 -23.07
C PHE H 67 -14.99 64.91 -24.04
N MET H 68 -15.76 64.16 -24.82
CA MET H 68 -16.71 64.71 -25.77
C MET H 68 -18.11 64.57 -25.20
N ASN H 69 -18.76 65.71 -24.95
CA ASN H 69 -20.15 65.73 -24.52
C ASN H 69 -21.01 66.14 -25.71
N GLY H 70 -21.88 65.25 -26.14
CA GLY H 70 -22.68 65.52 -27.31
C GLY H 70 -21.81 65.72 -28.54
N LYS H 71 -21.72 66.96 -29.01
CA LYS H 71 -20.88 67.29 -30.16
C LYS H 71 -19.81 68.31 -29.80
N THR H 72 -19.51 68.48 -28.51
CA THR H 72 -18.58 69.49 -28.06
C THR H 72 -17.54 68.87 -27.15
N GLN H 73 -16.54 69.67 -26.81
CA GLN H 73 -15.53 69.32 -25.82
C GLN H 73 -16.03 69.67 -24.42
N LYS H 74 -15.45 69.01 -23.42
CA LYS H 74 -15.79 69.29 -22.03
C LYS H 74 -14.72 68.72 -21.14
N SER H 75 -14.12 69.56 -20.30
CA SER H 75 -13.16 69.11 -19.31
C SER H 75 -13.77 69.23 -17.92
N ILE H 76 -13.34 68.34 -17.03
CA ILE H 76 -13.89 68.27 -15.68
C ILE H 76 -12.85 67.63 -14.78
N LYS H 77 -12.92 67.96 -13.50
CA LYS H 77 -12.01 67.37 -12.53
C LYS H 77 -12.31 65.88 -12.36
N ILE H 78 -11.25 65.10 -12.24
CA ILE H 78 -11.40 63.67 -12.01
C ILE H 78 -12.02 63.48 -10.63
N ASP H 79 -13.29 63.10 -10.59
CA ASP H 79 -14.01 62.96 -9.33
C ASP H 79 -13.94 61.53 -8.80
N ASN H 80 -14.46 60.59 -9.57
CA ASN H 80 -14.44 59.17 -9.20
C ASN H 80 -14.14 58.37 -10.45
N LEU H 81 -13.06 57.61 -10.40
CA LEU H 81 -12.60 56.86 -11.57
C LEU H 81 -12.02 55.55 -11.09
N HIS H 82 -12.41 54.46 -11.74
CA HIS H 82 -12.03 53.14 -11.25
C HIS H 82 -11.87 52.19 -12.42
N VAL H 83 -11.00 51.22 -12.23
CA VAL H 83 -10.78 50.14 -13.18
C VAL H 83 -10.95 48.83 -12.42
N ARG H 84 -11.78 47.93 -12.97
CA ARG H 84 -12.20 46.74 -12.26
C ARG H 84 -12.06 45.52 -13.15
N THR H 85 -11.32 44.52 -12.67
CA THR H 85 -11.29 43.24 -13.37
C THR H 85 -12.24 42.23 -12.73
N SER H 86 -11.96 41.84 -11.49
CA SER H 86 -12.84 40.98 -10.73
C SER H 86 -12.96 41.54 -9.31
N ALA H 87 -11.95 42.31 -8.93
CA ALA H 87 -11.93 43.11 -7.72
C ALA H 87 -11.41 44.49 -8.08
N PRO H 88 -11.77 45.52 -7.33
CA PRO H 88 -11.29 46.86 -7.66
C PRO H 88 -9.78 46.89 -7.74
N CYS H 89 -9.27 47.53 -8.78
CA CYS H 89 -7.83 47.60 -8.99
C CYS H 89 -7.29 48.86 -8.34
N SER H 90 -6.04 49.19 -8.63
CA SER H 90 -5.42 50.43 -8.17
C SER H 90 -4.63 51.01 -9.33
N LEU H 91 -5.04 52.19 -9.78
CA LEU H 91 -4.38 52.82 -10.92
C LEU H 91 -3.13 53.55 -10.47
N VAL H 92 -2.15 53.62 -11.37
CA VAL H 92 -0.86 54.22 -11.08
C VAL H 92 -0.73 55.58 -11.75
N SER H 93 -0.87 55.64 -13.07
CA SER H 93 -0.65 56.89 -13.78
C SER H 93 -1.63 56.97 -14.94
N HIS H 94 -1.76 58.18 -15.48
CA HIS H 94 -2.65 58.39 -16.62
C HIS H 94 -2.17 59.62 -17.37
N HIS H 95 -2.26 59.55 -18.69
CA HIS H 95 -1.79 60.65 -19.54
C HIS H 95 -2.55 60.61 -20.85
N GLY H 96 -3.35 61.64 -21.11
CA GLY H 96 -4.03 61.75 -22.39
C GLY H 96 -4.94 60.59 -22.70
N TYR H 97 -4.51 59.76 -23.65
CA TYR H 97 -5.30 58.64 -24.13
C TYR H 97 -5.03 57.35 -23.37
N TYR H 98 -4.18 57.36 -22.35
CA TYR H 98 -3.71 56.12 -21.75
C TYR H 98 -3.81 56.15 -20.24
N ILE H 99 -4.00 54.97 -19.65
CA ILE H 99 -4.01 54.78 -18.21
C ILE H 99 -3.22 53.52 -17.88
N LEU H 100 -2.31 53.63 -16.92
CA LEU H 100 -1.54 52.48 -16.45
C LEU H 100 -1.97 52.16 -15.03
N ALA H 101 -2.42 50.92 -14.83
CA ALA H 101 -3.00 50.50 -13.56
C ALA H 101 -2.53 49.10 -13.21
N GLN H 102 -2.88 48.68 -12.00
CA GLN H 102 -2.51 47.37 -11.48
C GLN H 102 -3.76 46.62 -11.07
N CYS H 103 -3.96 45.44 -11.65
CA CYS H 103 -5.17 44.65 -11.45
C CYS H 103 -4.85 43.21 -11.05
N PRO H 104 -5.74 42.56 -10.32
CA PRO H 104 -5.62 41.13 -10.08
C PRO H 104 -6.18 40.35 -11.26
N PRO H 105 -6.00 39.03 -11.29
CA PRO H 105 -6.49 38.26 -12.43
C PRO H 105 -8.01 38.34 -12.56
N GLY H 106 -8.49 37.95 -13.73
CA GLY H 106 -9.90 38.04 -14.00
C GLY H 106 -10.19 37.66 -15.44
N ASP H 107 -11.36 38.05 -15.93
CA ASP H 107 -11.77 37.68 -17.27
C ASP H 107 -12.29 38.84 -18.10
N THR H 108 -12.92 39.82 -17.48
CA THR H 108 -13.51 40.94 -18.20
C THR H 108 -12.99 42.23 -17.61
N VAL H 109 -12.43 43.08 -18.45
CA VAL H 109 -11.87 44.35 -18.02
C VAL H 109 -12.92 45.43 -18.18
N THR H 110 -13.17 46.19 -17.12
CA THR H 110 -14.12 47.28 -17.20
C THR H 110 -13.53 48.54 -16.60
N VAL H 111 -14.00 49.68 -17.09
CA VAL H 111 -13.54 50.98 -16.64
C VAL H 111 -14.74 51.91 -16.50
N GLY H 112 -14.80 52.65 -15.40
CA GLY H 112 -15.90 53.56 -15.19
C GLY H 112 -15.53 54.82 -14.46
N PHE H 113 -16.16 55.93 -14.82
CA PHE H 113 -15.93 57.19 -14.14
C PHE H 113 -17.24 57.98 -14.08
N HIS H 114 -17.43 58.69 -12.96
CA HIS H 114 -18.65 59.42 -12.72
C HIS H 114 -18.54 60.84 -13.22
N ASP H 115 -19.69 61.39 -13.64
CA ASP H 115 -19.86 62.83 -13.80
C ASP H 115 -20.97 63.38 -12.93
N GLY H 116 -21.85 62.54 -12.40
CA GLY H 116 -22.90 62.94 -11.51
C GLY H 116 -24.27 62.44 -11.95
N PRO H 117 -24.56 62.50 -13.25
CA PRO H 117 -25.72 61.79 -13.78
C PRO H 117 -25.39 60.41 -14.35
N ASN H 118 -24.12 60.19 -14.70
CA ASN H 118 -23.73 58.98 -15.39
C ASN H 118 -22.57 58.31 -14.68
N ARG H 119 -22.51 56.99 -14.83
CA ARG H 119 -21.38 56.20 -14.36
C ARG H 119 -20.36 55.94 -15.45
N HIS H 120 -20.75 56.08 -16.72
CA HIS H 120 -19.82 56.04 -17.86
C HIS H 120 -18.89 54.84 -17.77
N THR H 121 -19.47 53.65 -17.87
CA THR H 121 -18.73 52.41 -17.75
C THR H 121 -18.74 51.66 -19.07
N CYS H 122 -17.59 51.08 -19.42
CA CYS H 122 -17.50 50.20 -20.57
C CYS H 122 -16.75 48.93 -20.19
N THR H 123 -17.02 47.88 -20.93
CA THR H 123 -16.56 46.55 -20.59
C THR H 123 -16.08 45.84 -21.84
N VAL H 124 -14.96 45.12 -21.73
CA VAL H 124 -14.46 44.29 -22.81
C VAL H 124 -14.13 42.92 -22.25
N ALA H 125 -14.69 41.88 -22.87
CA ALA H 125 -14.34 40.52 -22.51
C ALA H 125 -12.96 40.23 -23.07
N HIS H 126 -11.98 40.06 -22.18
CA HIS H 126 -10.60 39.93 -22.62
C HIS H 126 -9.79 39.27 -21.51
N LYS H 127 -9.10 38.19 -21.86
CA LYS H 127 -8.35 37.43 -20.87
C LYS H 127 -7.24 38.27 -20.27
N VAL H 128 -7.05 38.15 -18.95
CA VAL H 128 -5.97 38.81 -18.25
C VAL H 128 -5.31 37.80 -17.33
N GLU H 129 -3.98 37.84 -17.27
CA GLU H 129 -3.19 36.80 -16.63
C GLU H 129 -2.16 37.40 -15.70
N PHE H 130 -1.79 36.64 -14.67
CA PHE H 130 -0.76 37.06 -13.72
C PHE H 130 0.41 36.08 -13.83
N ARG H 131 1.48 36.50 -14.51
CA ARG H 131 2.57 35.60 -14.84
C ARG H 131 3.65 35.67 -13.78
N PRO H 132 3.98 34.57 -13.11
CA PRO H 132 5.03 34.60 -12.09
C PRO H 132 6.41 34.44 -12.69
N VAL H 133 7.36 35.19 -12.15
CA VAL H 133 8.75 35.12 -12.57
C VAL H 133 9.43 33.94 -11.90
N GLY H 134 10.59 33.55 -12.40
CA GLY H 134 11.35 32.49 -11.77
C GLY H 134 10.64 31.15 -11.82
N ARG H 135 10.60 30.47 -10.68
CA ARG H 135 10.15 29.09 -10.64
C ARG H 135 9.03 28.81 -9.65
N GLU H 136 8.66 29.75 -8.80
CA GLU H 136 7.62 29.52 -7.81
C GLU H 136 6.39 30.33 -8.18
N LYS H 137 5.25 29.67 -8.28
CA LYS H 137 4.03 30.39 -8.59
C LYS H 137 3.65 31.31 -7.45
N TYR H 138 2.87 32.34 -7.76
CA TYR H 138 2.50 33.35 -6.81
C TYR H 138 0.99 33.50 -6.71
N ARG H 139 0.59 34.25 -5.70
CA ARG H 139 -0.62 35.03 -5.73
C ARG H 139 -0.34 36.51 -5.73
N HIS H 140 0.73 36.93 -5.08
CA HIS H 140 1.39 38.21 -5.28
C HIS H 140 2.77 38.10 -4.69
N PRO H 141 3.78 38.75 -5.28
CA PRO H 141 5.13 38.65 -4.76
C PRO H 141 5.21 39.10 -3.31
N PRO H 142 5.95 38.39 -2.49
CA PRO H 142 6.00 38.71 -1.06
C PRO H 142 6.89 39.89 -0.76
N GLU H 143 7.09 40.18 0.53
CA GLU H 143 7.92 41.32 0.91
C GLU H 143 9.39 41.03 0.75
N HIS H 144 9.82 39.79 0.98
CA HIS H 144 11.24 39.47 1.02
C HIS H 144 11.51 38.25 0.15
N GLY H 145 12.74 38.16 -0.32
CA GLY H 145 13.15 37.01 -1.12
C GLY H 145 14.29 37.39 -2.04
N VAL H 146 14.40 36.66 -3.12
CA VAL H 146 15.48 36.83 -4.07
C VAL H 146 15.04 37.80 -5.17
N GLU H 147 16.03 38.46 -5.79
CA GLU H 147 15.80 39.37 -6.89
C GLU H 147 16.00 38.64 -8.22
N LEU H 148 15.25 39.06 -9.23
CA LEU H 148 15.39 38.51 -10.56
C LEU H 148 15.14 39.60 -11.59
N PRO H 149 15.71 39.46 -12.79
CA PRO H 149 15.46 40.43 -13.85
C PRO H 149 14.09 40.17 -14.49
N CYS H 150 13.23 41.16 -14.44
CA CYS H 150 11.91 41.09 -15.04
C CYS H 150 11.75 42.22 -16.06
N ASN H 151 10.55 42.32 -16.62
CA ASN H 151 10.23 43.36 -17.58
C ASN H 151 8.83 43.86 -17.33
N ARG H 152 8.64 45.18 -17.41
CA ARG H 152 7.34 45.76 -17.12
C ARG H 152 7.28 47.16 -17.71
N TYR H 153 6.07 47.69 -17.76
CA TYR H 153 5.83 49.00 -18.37
C TYR H 153 6.26 50.09 -17.40
N THR H 154 7.13 50.98 -17.85
CA THR H 154 7.58 52.07 -17.00
C THR H 154 6.43 53.01 -16.70
N HIS H 155 6.71 53.97 -15.82
CA HIS H 155 5.70 54.92 -15.37
C HIS H 155 6.21 56.35 -15.47
N LYS H 156 6.81 56.70 -16.60
CA LYS H 156 7.23 58.07 -16.88
C LYS H 156 6.26 58.73 -17.85
N ARG H 157 6.06 60.04 -17.66
CA ARG H 157 5.05 60.74 -18.44
C ARG H 157 5.37 60.71 -19.94
N ALA H 158 6.63 60.88 -20.30
CA ALA H 158 6.99 61.05 -21.70
C ALA H 158 8.17 60.17 -22.06
N ASP H 159 8.27 59.89 -23.35
CA ASP H 159 9.38 59.14 -23.92
C ASP H 159 9.24 59.20 -25.43
N GLN H 160 10.28 58.78 -26.14
CA GLN H 160 10.18 58.51 -27.56
C GLN H 160 10.94 57.21 -27.84
N GLY H 161 10.21 56.10 -27.77
CA GLY H 161 10.74 54.85 -28.25
C GLY H 161 9.74 54.25 -29.20
N HIS H 162 8.53 54.81 -29.17
CA HIS H 162 7.45 54.44 -30.08
C HIS H 162 6.49 55.61 -30.15
N TYR H 163 5.66 55.58 -31.19
CA TYR H 163 4.64 56.60 -31.37
C TYR H 163 3.62 56.07 -32.36
N VAL H 164 2.43 56.68 -32.33
CA VAL H 164 1.33 56.29 -33.21
C VAL H 164 0.90 57.51 -33.99
N GLU H 165 0.28 57.26 -35.13
CA GLU H 165 -0.12 58.33 -36.02
C GLU H 165 -1.41 58.98 -35.54
N MET H 166 -1.46 60.30 -35.61
CA MET H 166 -2.70 61.05 -35.47
C MET H 166 -3.12 61.52 -36.85
N HIS H 167 -4.40 61.40 -37.15
CA HIS H 167 -4.87 61.53 -38.52
C HIS H 167 -6.06 62.47 -38.60
N GLN H 168 -6.35 62.89 -39.82
CA GLN H 168 -7.46 63.81 -40.07
C GLN H 168 -8.78 63.15 -39.74
N PRO H 169 -9.62 63.76 -38.91
CA PRO H 169 -10.94 63.18 -38.64
C PRO H 169 -11.82 63.22 -39.88
N GLY H 170 -12.71 62.24 -39.96
CA GLY H 170 -13.69 62.17 -41.02
C GLY H 170 -14.94 62.96 -40.69
N LEU H 171 -15.95 62.82 -41.55
CA LEU H 171 -17.21 63.52 -41.35
C LEU H 171 -17.98 62.89 -40.20
N VAL H 172 -18.89 63.67 -39.62
CA VAL H 172 -19.73 63.20 -38.52
C VAL H 172 -21.19 63.41 -38.89
N ALA H 173 -21.96 62.33 -38.92
CA ALA H 173 -23.37 62.43 -39.28
C ALA H 173 -24.15 63.13 -38.18
N ASP H 174 -25.22 63.82 -38.58
CA ASP H 174 -26.12 64.43 -37.62
C ASP H 174 -27.45 64.72 -38.29
N HIS H 175 -28.46 64.94 -37.45
CA HIS H 175 -29.77 65.40 -37.88
C HIS H 175 -30.36 66.46 -36.97
N SER H 176 -29.81 66.67 -35.77
CA SER H 176 -30.40 67.61 -34.83
C SER H 176 -30.42 69.03 -35.37
N LEU H 177 -29.34 69.44 -36.05
CA LEU H 177 -29.27 70.76 -36.64
C LEU H 177 -30.20 70.90 -37.84
N LEU H 178 -30.77 69.81 -38.33
CA LEU H 178 -31.75 69.84 -39.42
C LEU H 178 -33.12 70.10 -38.81
N SER H 179 -33.51 71.36 -38.79
CA SER H 179 -34.79 71.78 -38.24
C SER H 179 -35.80 71.96 -39.36
N ILE H 180 -36.97 72.48 -39.02
CA ILE H 180 -37.95 72.92 -40.00
C ILE H 180 -37.81 74.43 -40.15
N HIS H 181 -37.87 74.93 -41.38
CA HIS H 181 -37.62 76.35 -41.56
C HIS H 181 -38.86 77.17 -41.26
N SER H 182 -39.86 77.10 -42.13
CA SER H 182 -41.24 77.40 -41.78
C SER H 182 -42.21 76.39 -42.35
N ALA H 183 -41.88 75.76 -43.47
CA ALA H 183 -42.66 74.67 -44.03
C ALA H 183 -41.76 73.70 -44.80
N LYS H 184 -40.46 73.70 -44.51
CA LYS H 184 -39.50 72.82 -45.17
C LYS H 184 -38.31 72.67 -44.24
N VAL H 185 -37.37 71.83 -44.65
CA VAL H 185 -36.18 71.62 -43.83
C VAL H 185 -35.40 72.92 -43.69
N LYS H 186 -34.50 72.95 -42.71
CA LYS H 186 -33.68 74.12 -42.45
C LYS H 186 -32.34 73.66 -41.91
N ILE H 187 -31.27 74.22 -42.46
CA ILE H 187 -29.91 73.86 -42.08
C ILE H 187 -29.28 75.06 -41.39
N THR H 188 -28.77 74.85 -40.19
CA THR H 188 -27.98 75.83 -39.47
C THR H 188 -26.52 75.43 -39.49
N VAL H 189 -25.65 76.39 -39.23
CA VAL H 189 -24.21 76.15 -39.28
C VAL H 189 -23.63 76.38 -37.89
N PRO H 190 -22.68 75.55 -37.44
CA PRO H 190 -22.07 75.76 -36.13
C PRO H 190 -20.99 76.83 -36.15
N SER H 191 -21.00 77.68 -37.17
CA SER H 191 -20.05 78.77 -37.31
C SER H 191 -18.62 78.25 -37.43
N GLY H 192 -18.38 77.58 -38.56
CA GLY H 192 -17.05 77.07 -38.86
C GLY H 192 -17.05 75.62 -39.27
N ALA H 193 -18.21 75.11 -39.67
CA ALA H 193 -18.34 73.74 -40.11
C ALA H 193 -19.00 73.68 -41.47
N GLN H 194 -18.66 72.65 -42.23
CA GLN H 194 -19.25 72.39 -43.54
C GLN H 194 -20.37 71.39 -43.32
N VAL H 195 -21.61 71.87 -43.36
CA VAL H 195 -22.77 71.03 -43.07
C VAL H 195 -23.16 70.28 -44.34
N LYS H 196 -22.56 69.13 -44.56
CA LYS H 196 -22.81 68.33 -45.75
C LYS H 196 -24.23 67.78 -45.67
N TYR H 197 -25.16 68.42 -46.38
CA TYR H 197 -26.56 68.03 -46.33
C TYR H 197 -26.98 67.47 -47.68
N TYR H 198 -27.80 66.43 -47.64
CA TYR H 198 -28.27 65.78 -48.86
C TYR H 198 -29.69 65.28 -48.64
N CYS H 199 -30.52 65.41 -49.66
CA CYS H 199 -31.94 65.05 -49.56
C CYS H 199 -32.33 64.38 -50.86
N LYS H 200 -33.65 64.29 -51.10
CA LYS H 200 -34.13 63.61 -52.31
C LYS H 200 -33.57 64.23 -53.58
N CYS H 201 -33.32 65.53 -53.58
CA CYS H 201 -32.64 66.10 -54.72
C CYS H 201 -31.17 66.32 -54.38
N PRO H 202 -30.28 66.28 -55.36
CA PRO H 202 -28.86 66.51 -55.09
C PRO H 202 -28.64 67.88 -54.47
N ASP H 203 -28.28 67.88 -53.19
CA ASP H 203 -28.05 69.11 -52.44
C ASP H 203 -26.57 69.44 -52.46
N VAL H 204 -26.16 70.40 -51.64
CA VAL H 204 -24.75 70.67 -51.46
C VAL H 204 -24.22 69.57 -50.56
N ARG H 205 -23.67 68.53 -51.18
CA ARG H 205 -23.18 67.36 -50.46
C ARG H 205 -21.73 67.49 -50.05
N LYS H 206 -21.25 68.72 -49.90
CA LYS H 206 -19.92 68.98 -49.36
C LYS H 206 -19.93 69.83 -48.11
N GLY H 207 -21.01 70.55 -47.84
CA GLY H 207 -21.09 71.35 -46.63
C GLY H 207 -20.82 72.82 -46.85
N ILE H 208 -21.71 73.66 -46.33
CA ILE H 208 -21.59 75.10 -46.46
C ILE H 208 -21.45 75.70 -45.07
N THR H 209 -20.79 76.85 -45.01
CA THR H 209 -20.64 77.56 -43.75
C THR H 209 -21.76 78.56 -43.50
N SER H 210 -22.74 78.63 -44.40
CA SER H 210 -23.86 79.55 -44.27
C SER H 210 -25.14 78.77 -44.08
N SER H 211 -26.00 79.23 -43.17
CA SER H 211 -27.27 78.57 -42.93
C SER H 211 -28.14 78.65 -44.17
N ASP H 212 -28.81 77.56 -44.49
CA ASP H 212 -29.55 77.45 -45.75
C ASP H 212 -30.63 76.39 -45.57
N HIS H 213 -31.38 76.17 -46.65
CA HIS H 213 -32.45 75.18 -46.64
C HIS H 213 -32.82 74.86 -48.09
N THR H 214 -33.47 73.72 -48.26
CA THR H 214 -33.92 73.26 -49.56
C THR H 214 -35.35 72.75 -49.46
N THR H 215 -36.08 72.82 -50.56
CA THR H 215 -37.49 72.46 -50.56
C THR H 215 -37.77 71.20 -51.38
N THR H 216 -36.74 70.40 -51.66
CA THR H 216 -36.99 69.12 -52.31
C THR H 216 -37.88 68.24 -51.44
N CYS H 217 -37.80 68.38 -50.12
CA CYS H 217 -38.72 67.76 -49.19
C CYS H 217 -38.92 68.70 -48.02
N THR H 218 -40.11 68.64 -47.42
CA THR H 218 -40.38 69.43 -46.23
C THR H 218 -39.91 68.71 -44.97
N ASP H 219 -40.19 67.42 -44.87
CA ASP H 219 -39.80 66.65 -43.70
C ASP H 219 -38.29 66.52 -43.62
N VAL H 220 -37.78 66.56 -42.39
CA VAL H 220 -36.36 66.33 -42.16
C VAL H 220 -35.98 64.90 -42.51
N LYS H 221 -36.95 63.98 -42.48
CA LYS H 221 -36.69 62.55 -42.59
C LYS H 221 -36.13 62.15 -43.95
N GLN H 222 -36.20 63.03 -44.95
CA GLN H 222 -35.63 62.73 -46.24
C GLN H 222 -34.23 63.29 -46.43
N CYS H 223 -33.81 64.21 -45.56
CA CYS H 223 -32.52 64.87 -45.68
C CYS H 223 -31.62 64.46 -44.52
N ARG H 224 -30.33 64.30 -44.81
CA ARG H 224 -29.32 63.99 -43.83
C ARG H 224 -28.32 65.13 -43.75
N ALA H 225 -27.67 65.26 -42.60
CA ALA H 225 -26.61 66.23 -42.43
C ALA H 225 -25.33 65.53 -41.98
N TYR H 226 -24.20 66.14 -42.33
CA TYR H 226 -22.89 65.57 -42.02
C TYR H 226 -21.95 66.73 -41.72
N LEU H 227 -21.77 67.04 -40.44
CA LEU H 227 -20.87 68.10 -40.05
C LEU H 227 -19.44 67.73 -40.45
N ILE H 228 -18.70 68.74 -40.88
CA ILE H 228 -17.30 68.59 -41.23
C ILE H 228 -16.50 69.59 -40.41
N ASP H 229 -15.51 69.10 -39.68
CA ASP H 229 -14.66 69.93 -38.84
C ASP H 229 -13.22 69.52 -39.03
N ASN H 230 -12.32 70.50 -39.02
CA ASN H 230 -10.90 70.21 -39.24
C ASN H 230 -10.00 71.05 -38.34
N LYS H 231 -10.48 71.36 -37.13
CA LYS H 231 -9.67 72.13 -36.20
C LYS H 231 -8.78 71.24 -35.34
N LYS H 232 -9.21 70.03 -35.04
CA LYS H 232 -8.43 69.11 -34.23
C LYS H 232 -8.13 67.84 -35.03
N TRP H 233 -7.50 66.88 -34.36
CA TRP H 233 -7.17 65.62 -34.98
C TRP H 233 -7.40 64.51 -33.97
N VAL H 234 -7.58 63.29 -34.48
CA VAL H 234 -7.86 62.12 -33.66
C VAL H 234 -6.98 60.97 -34.14
N TYR H 235 -6.88 59.96 -33.27
CA TYR H 235 -6.16 58.74 -33.59
C TYR H 235 -7.09 57.82 -34.38
N ASN H 236 -6.78 57.60 -35.64
CA ASN H 236 -7.64 56.79 -36.48
C ASN H 236 -7.77 55.39 -35.90
N SER H 237 -8.98 54.86 -35.95
CA SER H 237 -9.26 53.57 -35.33
C SER H 237 -10.33 52.86 -36.15
N GLY H 238 -10.27 51.53 -36.14
CA GLY H 238 -11.23 50.74 -36.86
C GLY H 238 -12.64 50.86 -36.34
N ARG H 239 -12.83 51.45 -35.16
CA ARG H 239 -14.14 51.69 -34.60
C ARG H 239 -14.68 53.05 -34.96
N LEU H 240 -13.98 53.79 -35.81
CA LEU H 240 -14.37 55.14 -36.18
C LEU H 240 -14.41 55.23 -37.70
N PRO H 241 -15.48 55.77 -38.28
CA PRO H 241 -15.52 55.93 -39.73
C PRO H 241 -14.50 56.96 -40.17
N ARG H 242 -14.00 56.77 -41.38
CA ARG H 242 -13.07 57.71 -41.98
C ARG H 242 -13.69 58.33 -43.22
N GLY H 243 -13.69 59.66 -43.27
CA GLY H 243 -14.11 60.37 -44.45
C GLY H 243 -12.99 60.40 -45.47
N GLU H 244 -13.02 61.42 -46.32
CA GLU H 244 -11.93 61.61 -47.28
C GLU H 244 -10.62 62.00 -46.61
N GLY H 245 -10.59 62.07 -45.28
CA GLY H 245 -9.38 62.41 -44.56
C GLY H 245 -8.26 61.42 -44.81
N ASP H 246 -7.25 61.87 -45.56
CA ASP H 246 -6.08 61.06 -45.84
C ASP H 246 -4.79 61.84 -45.59
N THR H 247 -4.85 62.89 -44.78
CA THR H 247 -3.74 63.82 -44.63
C THR H 247 -3.21 63.79 -43.20
N PHE H 248 -2.10 64.51 -43.01
CA PHE H 248 -1.51 64.76 -41.69
C PHE H 248 -1.23 63.46 -40.94
N LYS H 249 -0.23 62.74 -41.43
CA LYS H 249 0.28 61.58 -40.70
C LYS H 249 1.13 62.05 -39.52
N GLY H 250 0.48 62.74 -38.59
CA GLY H 250 1.18 63.26 -37.44
C GLY H 250 1.62 62.16 -36.49
N LYS H 251 2.55 62.48 -35.61
CA LYS H 251 3.11 61.52 -34.68
C LYS H 251 2.77 61.90 -33.24
N LEU H 252 2.51 60.89 -32.43
CA LEU H 252 2.22 61.06 -31.01
C LEU H 252 2.96 59.98 -30.24
N HIS H 253 3.94 60.40 -29.45
CA HIS H 253 4.75 59.44 -28.70
C HIS H 253 3.90 58.70 -27.68
N VAL H 254 4.15 57.41 -27.53
CA VAL H 254 3.46 56.59 -26.55
C VAL H 254 3.84 57.09 -25.17
N PRO H 255 2.95 57.04 -24.20
CA PRO H 255 3.28 57.58 -22.88
C PRO H 255 4.14 56.65 -22.05
N PHE H 256 3.92 55.35 -22.17
CA PHE H 256 4.61 54.37 -21.36
C PHE H 256 5.24 53.31 -22.25
N VAL H 257 6.35 52.76 -21.80
CA VAL H 257 7.11 51.82 -22.62
C VAL H 257 7.55 50.64 -21.76
N PRO H 258 7.51 49.42 -22.29
CA PRO H 258 8.08 48.28 -21.54
C PRO H 258 9.59 48.40 -21.46
N VAL H 259 10.12 48.23 -20.25
CA VAL H 259 11.56 48.25 -20.02
C VAL H 259 11.92 47.13 -19.06
N LYS H 260 13.18 46.73 -19.12
CA LYS H 260 13.68 45.74 -18.19
C LYS H 260 13.93 46.38 -16.82
N ALA H 261 13.67 45.61 -15.77
CA ALA H 261 13.85 46.08 -14.41
C ALA H 261 14.07 44.88 -13.51
N LYS H 262 13.99 45.09 -12.21
CA LYS H 262 14.21 44.04 -11.23
C LYS H 262 12.96 43.80 -10.42
N CYS H 263 12.67 42.52 -10.18
CA CYS H 263 11.51 42.12 -9.41
C CYS H 263 11.98 41.24 -8.26
N ILE H 264 11.08 41.03 -7.31
CA ILE H 264 11.37 40.29 -6.08
C ILE H 264 10.66 38.95 -6.15
N ALA H 265 11.40 37.88 -5.90
CA ALA H 265 10.89 36.53 -6.01
C ALA H 265 10.90 35.85 -4.65
N THR H 266 10.17 34.73 -4.57
CA THR H 266 10.04 34.00 -3.32
C THR H 266 11.08 32.91 -3.22
N LEU H 267 11.59 32.70 -2.01
CA LEU H 267 12.57 31.67 -1.75
C LEU H 267 11.88 30.49 -1.06
N ALA H 268 11.94 29.32 -1.67
CA ALA H 268 11.22 28.19 -1.17
C ALA H 268 11.78 27.74 0.18
N PRO H 269 10.96 27.11 1.01
CA PRO H 269 11.44 26.61 2.30
C PRO H 269 12.51 25.54 2.11
N GLU H 270 13.36 25.44 3.12
CA GLU H 270 14.54 24.59 3.02
C GLU H 270 14.14 23.12 2.83
N PRO H 271 14.97 22.36 2.14
CA PRO H 271 14.77 20.92 2.08
C PRO H 271 15.36 20.26 3.33
N LEU H 272 14.98 19.01 3.52
CA LEU H 272 15.52 18.19 4.61
C LEU H 272 16.34 17.07 3.99
N VAL H 273 17.64 17.17 4.13
CA VAL H 273 18.59 16.32 3.42
C VAL H 273 18.87 15.07 4.24
N GLU H 274 19.29 14.00 3.57
CA GLU H 274 19.63 12.77 4.25
C GLU H 274 20.72 12.07 3.46
N HIS H 275 21.98 12.29 3.83
CA HIS H 275 23.10 11.64 3.16
C HIS H 275 23.18 10.22 3.71
N LYS H 276 22.28 9.38 3.23
CA LYS H 276 22.31 7.96 3.58
C LYS H 276 23.22 7.26 2.58
N HIS H 277 24.28 6.64 3.09
CA HIS H 277 25.45 6.36 2.27
C HIS H 277 25.13 5.41 1.12
N ARG H 278 25.78 5.65 -0.02
CA ARG H 278 25.62 5.02 -1.33
C ARG H 278 24.42 5.60 -2.07
N THR H 279 23.63 6.46 -1.44
CA THR H 279 22.49 7.06 -2.13
C THR H 279 22.21 8.43 -1.52
N LEU H 280 21.02 8.98 -1.81
CA LEU H 280 20.63 10.27 -1.28
C LEU H 280 19.12 10.28 -1.07
N ILE H 281 18.69 10.84 0.06
CA ILE H 281 17.27 10.92 0.40
C ILE H 281 16.91 12.37 0.65
N LEU H 282 15.78 12.81 0.09
CA LEU H 282 15.33 14.17 0.26
C LEU H 282 13.89 14.21 0.77
N HIS H 283 13.63 15.13 1.70
CA HIS H 283 12.29 15.43 2.15
C HIS H 283 11.96 16.86 1.74
N LEU H 284 10.83 17.06 1.08
CA LEU H 284 10.47 18.37 0.55
C LEU H 284 9.13 18.80 1.13
N HIS H 285 9.05 20.06 1.55
CA HIS H 285 7.84 20.66 2.09
C HIS H 285 7.60 22.00 1.41
N PRO H 286 7.04 22.00 0.21
CA PRO H 286 6.81 23.26 -0.50
C PRO H 286 5.55 23.94 0.00
N ASP H 287 5.40 25.20 -0.42
CA ASP H 287 4.17 25.94 -0.18
C ASP H 287 3.47 26.36 -1.45
N HIS H 288 4.17 26.35 -2.58
CA HIS H 288 3.58 26.55 -3.89
C HIS H 288 4.21 25.54 -4.83
N PRO H 289 3.54 25.22 -5.93
CA PRO H 289 4.18 24.36 -6.93
C PRO H 289 5.57 24.85 -7.25
N THR H 290 6.56 24.02 -6.97
CA THR H 290 7.95 24.44 -7.03
C THR H 290 8.77 23.45 -7.82
N LEU H 291 9.66 23.97 -8.65
CA LEU H 291 10.40 23.14 -9.59
C LEU H 291 11.42 22.26 -8.87
N LEU H 292 12.03 21.35 -9.62
CA LEU H 292 13.11 20.52 -9.11
C LEU H 292 13.86 19.92 -10.28
N THR H 293 15.19 20.00 -10.26
CA THR H 293 15.99 19.52 -11.37
C THR H 293 17.28 18.89 -10.87
N THR H 294 17.63 17.75 -11.45
CA THR H 294 18.85 17.05 -11.08
C THR H 294 19.56 16.58 -12.34
N ARG H 295 20.87 16.37 -12.22
CA ARG H 295 21.62 15.80 -13.32
C ARG H 295 22.90 15.18 -12.80
N SER H 296 23.37 14.16 -13.51
CA SER H 296 24.64 13.55 -13.19
C SER H 296 25.77 14.38 -13.78
N LEU H 297 27.01 13.99 -13.49
CA LEU H 297 28.17 14.68 -14.00
C LEU H 297 29.08 13.78 -14.83
N GLY H 298 28.73 12.52 -15.00
CA GLY H 298 29.54 11.58 -15.74
C GLY H 298 29.39 11.73 -17.25
N SER H 299 29.56 10.62 -17.95
CA SER H 299 29.42 10.65 -19.40
C SER H 299 27.98 10.97 -19.81
N ASP H 300 27.01 10.40 -19.09
CA ASP H 300 25.60 10.59 -19.39
C ASP H 300 25.02 11.60 -18.41
N ALA H 301 23.96 12.28 -18.85
CA ALA H 301 23.30 13.28 -18.02
C ALA H 301 22.19 12.68 -17.17
N ASN H 302 21.29 11.92 -17.77
CA ASN H 302 20.11 11.40 -17.11
C ASN H 302 19.33 12.51 -16.39
N PRO H 303 18.87 13.52 -17.12
CA PRO H 303 18.19 14.64 -16.48
C PRO H 303 16.88 14.20 -15.85
N THR H 304 16.45 14.96 -14.84
CA THR H 304 15.20 14.65 -14.15
C THR H 304 14.60 15.95 -13.67
N ARG H 305 13.32 16.17 -13.99
CA ARG H 305 12.64 17.39 -13.58
C ARG H 305 11.15 17.14 -13.50
N GLN H 306 10.53 17.67 -12.47
CA GLN H 306 9.07 17.66 -12.36
C GLN H 306 8.68 18.62 -11.25
N TRP H 307 7.42 19.04 -11.28
CA TRP H 307 6.95 19.92 -10.25
C TRP H 307 6.67 19.15 -8.97
N ILE H 308 6.62 19.87 -7.86
CA ILE H 308 6.30 19.31 -6.56
C ILE H 308 5.15 20.10 -5.97
N GLU H 309 4.16 19.39 -5.48
CA GLU H 309 2.98 20.05 -4.94
C GLU H 309 2.64 19.61 -3.52
N ARG H 310 2.78 18.34 -3.21
CA ARG H 310 2.51 17.83 -1.87
C ARG H 310 3.81 17.43 -1.20
N PRO H 311 3.91 17.63 0.12
CA PRO H 311 5.15 17.28 0.80
C PRO H 311 5.46 15.80 0.63
N THR H 312 6.65 15.52 0.11
CA THR H 312 6.98 14.16 -0.30
C THR H 312 8.44 13.87 0.00
N THR H 313 8.86 12.65 -0.35
CA THR H 313 10.24 12.21 -0.26
C THR H 313 10.67 11.66 -1.59
N VAL H 314 11.94 11.85 -1.94
CA VAL H 314 12.49 11.33 -3.18
C VAL H 314 13.82 10.66 -2.91
N ASN H 315 14.18 9.74 -3.78
CA ASN H 315 15.43 9.01 -3.70
C ASN H 315 16.29 9.34 -4.91
N PHE H 316 17.60 9.38 -4.72
CA PHE H 316 18.52 9.60 -5.82
C PHE H 316 19.73 8.69 -5.67
N THR H 317 20.29 8.30 -6.81
CA THR H 317 21.43 7.40 -6.84
C THR H 317 22.68 8.17 -7.25
N VAL H 318 23.51 8.50 -6.29
CA VAL H 318 24.77 9.17 -6.56
C VAL H 318 25.82 8.12 -6.87
N THR H 319 26.94 8.58 -7.44
CA THR H 319 28.03 7.68 -7.80
C THR H 319 29.34 8.42 -7.58
N GLY H 320 30.44 7.81 -8.06
CA GLY H 320 31.73 8.45 -7.95
C GLY H 320 31.81 9.77 -8.69
N GLU H 321 31.24 9.84 -9.89
CA GLU H 321 31.28 11.06 -10.68
C GLU H 321 30.50 12.19 -10.04
N GLY H 322 29.64 11.89 -9.08
CA GLY H 322 28.93 12.94 -8.38
C GLY H 322 27.62 13.30 -9.06
N LEU H 323 26.85 14.12 -8.36
CA LEU H 323 25.53 14.52 -8.81
C LEU H 323 25.31 15.96 -8.39
N GLU H 324 24.41 16.64 -9.07
CA GLU H 324 24.05 17.98 -8.66
C GLU H 324 22.56 18.20 -8.87
N TYR H 325 22.02 19.16 -8.15
CA TYR H 325 20.60 19.44 -8.19
C TYR H 325 20.35 20.89 -7.81
N THR H 326 19.14 21.34 -8.10
CA THR H 326 18.67 22.65 -7.68
C THR H 326 17.34 22.52 -6.95
N TRP H 327 16.83 23.64 -6.47
CA TRP H 327 15.54 23.65 -5.79
C TRP H 327 15.01 25.06 -5.74
N GLY H 328 13.90 25.30 -6.42
CA GLY H 328 13.29 26.62 -6.40
C GLY H 328 14.24 27.67 -6.91
N ASN H 329 14.34 28.77 -6.19
CA ASN H 329 15.25 29.85 -6.53
C ASN H 329 16.58 29.76 -5.79
N HIS H 330 16.79 28.72 -5.00
CA HIS H 330 18.07 28.53 -4.37
C HIS H 330 19.14 28.27 -5.43
N PRO H 331 20.37 28.69 -5.18
CA PRO H 331 21.44 28.37 -6.11
C PRO H 331 21.70 26.88 -6.13
N PRO H 332 22.27 26.37 -7.21
CA PRO H 332 22.49 24.92 -7.34
C PRO H 332 23.49 24.42 -6.31
N LYS H 333 23.52 23.11 -6.16
CA LYS H 333 24.42 22.45 -5.22
C LYS H 333 24.89 21.13 -5.81
N ARG H 334 26.09 20.71 -5.43
CA ARG H 334 26.69 19.47 -5.92
C ARG H 334 27.11 18.61 -4.74
N VAL H 335 27.01 17.30 -4.92
CA VAL H 335 27.47 16.34 -3.91
C VAL H 335 28.23 15.23 -4.59
N TRP H 336 29.41 14.91 -4.06
CA TRP H 336 30.26 13.85 -4.59
C TRP H 336 30.19 12.62 -3.69
N ALA H 337 29.00 12.04 -3.57
CA ALA H 337 28.83 10.98 -2.58
C ALA H 337 29.65 9.75 -2.99
N GLN H 338 30.41 9.24 -2.03
CA GLN H 338 31.21 8.04 -2.25
C GLN H 338 31.83 7.51 -0.97
N GLU H 339 32.82 6.62 -1.13
CA GLU H 339 33.74 6.21 -0.07
C GLU H 339 33.12 5.16 0.85
N SER H 340 32.02 4.55 0.43
CA SER H 340 31.23 3.69 1.32
C SER H 340 31.90 2.32 1.40
N GLY H 341 31.98 1.78 2.61
CA GLY H 341 32.72 0.55 2.85
C GLY H 341 31.93 -0.58 3.48
N GLU H 342 30.71 -0.83 3.02
CA GLU H 342 29.86 -1.86 3.64
C GLU H 342 30.48 -3.24 3.46
N GLY H 343 30.88 -3.85 4.58
CA GLY H 343 31.55 -5.13 4.59
C GLY H 343 32.94 -4.99 5.18
N ASN H 344 33.82 -5.96 4.85
CA ASN H 344 35.23 -5.84 5.22
C ASN H 344 36.04 -6.79 4.34
N PRO H 345 37.28 -6.44 4.00
CA PRO H 345 38.09 -7.28 3.11
C PRO H 345 38.96 -8.30 3.80
N HIS H 346 38.93 -8.38 5.13
CA HIS H 346 39.77 -9.28 5.89
C HIS H 346 38.91 -10.26 6.66
N GLY H 347 39.44 -11.46 6.88
CA GLY H 347 38.77 -12.46 7.68
C GLY H 347 38.40 -13.68 6.86
N TRP H 348 37.30 -14.31 7.24
CA TRP H 348 36.85 -15.53 6.59
C TRP H 348 36.35 -15.21 5.18
N PRO H 349 36.25 -16.23 4.32
CA PRO H 349 35.88 -15.95 2.93
C PRO H 349 34.55 -15.22 2.75
N HIS H 350 33.54 -15.52 3.57
CA HIS H 350 32.20 -15.01 3.27
C HIS H 350 32.12 -13.50 3.41
N GLU H 351 32.67 -12.93 4.48
CA GLU H 351 32.59 -11.49 4.66
C GLU H 351 33.47 -10.77 3.64
N VAL H 352 34.63 -11.33 3.34
CA VAL H 352 35.48 -10.75 2.30
C VAL H 352 34.75 -10.75 0.97
N VAL H 353 34.00 -11.82 0.70
CA VAL H 353 33.21 -11.89 -0.52
C VAL H 353 32.12 -10.82 -0.51
N VAL H 354 31.45 -10.64 0.62
CA VAL H 354 30.37 -9.66 0.64
C VAL H 354 30.93 -8.25 0.42
N TYR H 355 32.14 -7.99 0.92
CA TYR H 355 32.75 -6.70 0.64
C TYR H 355 33.14 -6.58 -0.83
N TYR H 356 33.83 -7.60 -1.36
CA TYR H 356 34.12 -7.68 -2.79
C TYR H 356 32.86 -7.67 -3.63
N TYR H 357 31.70 -7.76 -3.01
CA TYR H 357 30.42 -7.66 -3.70
C TYR H 357 29.89 -6.23 -3.66
N ASN H 358 29.67 -5.70 -2.47
CA ASN H 358 29.04 -4.39 -2.31
C ASN H 358 29.90 -3.24 -2.80
N ARG H 359 31.20 -3.48 -3.01
CA ARG H 359 32.08 -2.39 -3.40
C ARG H 359 31.63 -1.76 -4.70
N TYR H 360 31.72 -2.51 -5.80
CA TYR H 360 31.17 -2.06 -7.06
C TYR H 360 29.79 -2.68 -7.21
N PRO H 361 28.73 -1.87 -7.34
CA PRO H 361 27.38 -2.43 -7.23
C PRO H 361 27.06 -3.53 -8.23
N LEU H 362 27.63 -3.51 -9.42
CA LEU H 362 27.30 -4.56 -10.38
C LEU H 362 28.52 -5.24 -10.96
N THR H 363 29.59 -4.50 -11.26
CA THR H 363 30.76 -5.11 -11.85
C THR H 363 31.36 -6.15 -10.92
N THR H 364 31.21 -5.95 -9.61
CA THR H 364 31.57 -7.02 -8.68
C THR H 364 30.73 -8.25 -8.94
N ILE H 365 29.42 -8.06 -9.15
CA ILE H 365 28.53 -9.20 -9.34
C ILE H 365 28.92 -9.96 -10.60
N ILE H 366 29.13 -9.24 -11.70
CA ILE H 366 29.48 -9.90 -12.95
C ILE H 366 30.85 -10.55 -12.83
N GLY H 367 31.76 -9.91 -12.08
CA GLY H 367 33.05 -10.54 -11.85
C GLY H 367 32.92 -11.84 -11.08
N LEU H 368 32.04 -11.86 -10.08
CA LEU H 368 31.81 -13.08 -9.31
C LEU H 368 31.24 -14.17 -10.20
N CYS H 369 30.27 -13.82 -11.04
CA CYS H 369 29.69 -14.81 -11.93
C CYS H 369 30.75 -15.36 -12.88
N THR H 370 31.55 -14.48 -13.48
CA THR H 370 32.60 -14.93 -14.37
C THR H 370 33.61 -15.80 -13.64
N CYS H 371 33.98 -15.41 -12.42
CA CYS H 371 35.00 -16.16 -11.69
C CYS H 371 34.49 -17.54 -11.32
N VAL H 372 33.25 -17.65 -10.86
CA VAL H 372 32.73 -18.97 -10.52
C VAL H 372 32.64 -19.83 -11.78
N ALA H 373 32.23 -19.23 -12.90
CA ALA H 373 32.15 -19.99 -14.14
C ALA H 373 33.52 -20.51 -14.56
N ILE H 374 34.53 -19.65 -14.52
CA ILE H 374 35.84 -20.06 -15.00
C ILE H 374 36.47 -21.08 -14.06
N ILE H 375 36.27 -20.92 -12.74
CA ILE H 375 36.88 -21.89 -11.83
C ILE H 375 36.19 -23.25 -11.98
N MET H 376 34.87 -23.26 -12.15
CA MET H 376 34.19 -24.54 -12.30
C MET H 376 34.56 -25.21 -13.62
N VAL H 377 34.71 -24.43 -14.69
CA VAL H 377 35.09 -25.06 -15.95
C VAL H 377 36.54 -25.57 -15.87
N SER H 378 37.41 -24.83 -15.19
CA SER H 378 38.77 -25.33 -14.99
C SER H 378 38.76 -26.63 -14.20
N CYS H 379 37.94 -26.69 -13.15
CA CYS H 379 37.89 -27.90 -12.34
C CYS H 379 37.37 -29.09 -13.13
N VAL H 380 36.32 -28.87 -13.94
CA VAL H 380 35.75 -29.98 -14.69
C VAL H 380 36.72 -30.44 -15.79
N THR H 381 37.45 -29.50 -16.40
CA THR H 381 38.49 -29.90 -17.34
C THR H 381 39.58 -30.72 -16.65
N SER H 382 39.96 -30.30 -15.45
CA SER H 382 40.97 -31.04 -14.69
C SER H 382 40.48 -32.44 -14.38
N VAL H 383 39.20 -32.59 -14.01
CA VAL H 383 38.72 -33.92 -13.67
C VAL H 383 38.57 -34.79 -14.91
N TRP H 384 38.22 -34.19 -16.05
CA TRP H 384 38.23 -34.99 -17.29
C TRP H 384 39.63 -35.47 -17.61
N LEU H 385 40.62 -34.61 -17.46
CA LEU H 385 42.00 -35.03 -17.66
C LEU H 385 42.39 -36.10 -16.65
N LEU H 386 41.90 -35.97 -15.41
CA LEU H 386 42.10 -37.00 -14.41
C LEU H 386 41.57 -38.34 -14.90
N CYS H 387 40.35 -38.35 -15.42
CA CYS H 387 39.75 -39.59 -15.88
C CYS H 387 40.55 -40.18 -17.04
N ARG H 388 40.97 -39.34 -17.97
CA ARG H 388 41.71 -39.83 -19.13
C ARG H 388 43.06 -40.41 -18.71
N THR H 389 43.75 -39.71 -17.81
CA THR H 389 45.02 -40.23 -17.29
C THR H 389 44.80 -41.51 -16.52
N ARG H 390 43.69 -41.60 -15.79
CA ARG H 390 43.37 -42.83 -15.09
C ARG H 390 43.16 -43.97 -16.07
N ASN H 391 42.49 -43.70 -17.19
CA ASN H 391 42.33 -44.72 -18.22
C ASN H 391 43.68 -45.17 -18.74
N LEU H 392 44.57 -44.22 -18.98
CA LEU H 392 45.91 -44.56 -19.45
C LEU H 392 46.64 -45.42 -18.42
N CYS H 393 46.49 -45.09 -17.14
CA CYS H 393 47.09 -45.89 -16.09
C CYS H 393 46.45 -47.28 -16.00
N ILE H 394 45.19 -47.40 -16.41
CA ILE H 394 44.55 -48.71 -16.46
C ILE H 394 45.12 -49.55 -17.59
N THR H 395 45.51 -48.92 -18.69
CA THR H 395 45.94 -49.66 -19.88
C THR H 395 47.02 -50.71 -19.64
N PRO H 396 48.11 -50.44 -18.89
CA PRO H 396 49.15 -51.48 -18.76
C PRO H 396 48.65 -52.76 -18.13
N TYR H 397 47.55 -52.70 -17.40
CA TYR H 397 47.02 -53.89 -16.75
C TYR H 397 46.49 -54.88 -17.74
N LYS H 398 46.76 -54.66 -19.03
CA LYS H 398 46.58 -55.71 -20.01
C LYS H 398 47.38 -56.95 -19.64
N LEU H 399 48.49 -56.77 -18.92
CA LEU H 399 49.27 -57.90 -18.46
C LEU H 399 48.65 -58.57 -17.24
N ALA H 400 47.71 -57.91 -16.58
CA ALA H 400 47.09 -58.48 -15.39
C ALA H 400 46.38 -59.80 -15.66
N PRO H 401 45.57 -59.94 -16.71
CA PRO H 401 44.93 -61.24 -16.95
C PRO H 401 45.90 -62.37 -17.23
N ASN H 402 47.17 -62.07 -17.45
CA ASN H 402 48.14 -63.08 -17.87
C ASN H 402 48.64 -63.94 -16.71
N ALA H 403 48.30 -63.62 -15.47
CA ALA H 403 48.70 -64.38 -14.29
C ALA H 403 50.23 -64.50 -14.20
N GLN H 404 50.87 -63.35 -14.00
CA GLN H 404 52.31 -63.23 -14.04
C GLN H 404 52.86 -62.65 -12.74
N VAL H 405 54.16 -62.36 -12.75
CA VAL H 405 54.87 -61.90 -11.55
C VAL H 405 54.33 -60.56 -11.10
N PRO H 406 54.23 -60.30 -9.80
CA PRO H 406 53.79 -58.99 -9.33
C PRO H 406 54.73 -57.89 -9.80
N ILE H 407 54.17 -56.68 -9.95
CA ILE H 407 54.92 -55.55 -10.44
C ILE H 407 55.36 -54.60 -9.33
N LEU H 408 54.74 -54.66 -8.16
CA LEU H 408 55.13 -53.86 -6.99
C LEU H 408 55.00 -52.37 -7.29
N LEU H 409 53.78 -51.96 -7.63
CA LEU H 409 53.51 -50.57 -7.95
C LEU H 409 52.36 -50.03 -7.11
N ALA H 410 51.87 -48.83 -7.46
CA ALA H 410 50.82 -48.19 -6.67
C ALA H 410 49.55 -49.01 -6.59
N LEU H 411 49.31 -49.90 -7.55
CA LEU H 411 48.18 -50.80 -7.49
C LEU H 411 48.61 -52.15 -6.94
N LEU H 412 47.62 -52.94 -6.53
CA LEU H 412 47.86 -54.18 -5.82
C LEU H 412 47.99 -55.35 -6.79
N CYS H 413 48.89 -56.26 -6.48
CA CYS H 413 49.07 -57.48 -7.26
C CYS H 413 49.58 -58.58 -6.33
N CYS H 414 48.81 -59.66 -6.21
CA CYS H 414 49.18 -60.76 -5.33
C CYS H 414 50.36 -61.54 -5.89
N ASP I 111 41.16 -78.50 -27.61
CA ASP I 111 41.44 -77.18 -28.18
C ASP I 111 40.18 -76.61 -28.81
N LYS I 112 39.93 -75.32 -28.56
CA LYS I 112 38.79 -74.62 -29.14
C LYS I 112 39.31 -73.42 -29.92
N THR I 113 39.52 -73.62 -31.21
CA THR I 113 39.84 -72.54 -32.14
C THR I 113 38.64 -72.39 -33.05
N PHE I 114 38.06 -71.19 -33.08
CA PHE I 114 36.78 -71.03 -33.74
C PHE I 114 36.86 -69.93 -34.78
N PRO I 115 36.39 -70.18 -36.00
CA PRO I 115 36.24 -69.10 -36.97
C PRO I 115 35.18 -68.11 -36.50
N ILE I 116 35.31 -66.89 -37.01
CA ILE I 116 34.37 -65.83 -36.70
C ILE I 116 33.34 -65.78 -37.83
N MET I 117 32.07 -65.73 -37.47
CA MET I 117 30.99 -65.74 -38.46
C MET I 117 30.66 -64.32 -38.86
N LEU I 118 30.94 -63.98 -40.11
CA LEU I 118 30.50 -62.74 -40.72
C LEU I 118 29.77 -63.07 -42.00
N ASN I 119 28.51 -62.62 -42.11
CA ASN I 119 27.64 -62.88 -43.25
C ASN I 119 27.48 -64.37 -43.54
N GLY I 120 27.68 -65.21 -42.53
CA GLY I 120 27.58 -66.63 -42.71
C GLY I 120 28.79 -67.27 -43.35
N GLN I 121 29.92 -66.59 -43.36
CA GLN I 121 31.17 -67.18 -43.83
C GLN I 121 32.30 -66.76 -42.91
N VAL I 122 33.39 -67.52 -42.96
CA VAL I 122 34.52 -67.28 -42.08
C VAL I 122 35.23 -66.00 -42.50
N ASN I 123 35.39 -65.08 -41.56
CA ASN I 123 36.22 -63.91 -41.76
C ASN I 123 37.36 -63.82 -40.77
N GLY I 124 37.18 -64.34 -39.56
CA GLY I 124 38.23 -64.40 -38.57
C GLY I 124 38.35 -65.80 -37.99
N TYR I 125 39.12 -65.90 -36.91
CA TYR I 125 39.38 -67.19 -36.29
C TYR I 125 39.68 -66.94 -34.80
N ALA I 126 38.66 -67.10 -33.97
CA ALA I 126 38.82 -66.92 -32.54
C ALA I 126 39.36 -68.20 -31.90
N CYS I 127 40.28 -68.03 -30.96
CA CYS I 127 40.93 -69.16 -30.29
C CYS I 127 41.06 -68.85 -28.81
N VAL I 128 40.68 -69.80 -27.97
CA VAL I 128 40.76 -69.63 -26.52
C VAL I 128 42.13 -70.10 -26.05
N VAL I 129 42.67 -69.41 -25.05
CA VAL I 129 44.02 -69.65 -24.57
C VAL I 129 43.96 -69.94 -23.07
N GLY I 130 45.04 -70.50 -22.56
CA GLY I 130 45.18 -70.70 -21.13
C GLY I 130 44.98 -69.43 -20.34
N GLY I 131 44.25 -69.52 -19.23
CA GLY I 131 44.04 -68.38 -18.35
C GLY I 131 42.90 -67.48 -18.77
N ARG I 132 42.94 -67.00 -20.01
CA ARG I 132 41.94 -66.06 -20.50
C ARG I 132 41.46 -66.54 -21.87
N VAL I 133 40.19 -66.28 -22.17
CA VAL I 133 39.65 -66.59 -23.49
C VAL I 133 40.01 -65.45 -24.42
N PHE I 134 40.38 -65.80 -25.65
CA PHE I 134 40.95 -64.85 -26.59
C PHE I 134 40.10 -64.75 -27.84
N LYS I 135 39.87 -63.54 -28.31
CA LYS I 135 39.27 -63.30 -29.61
C LYS I 135 40.01 -62.17 -30.28
N PRO I 136 40.49 -62.37 -31.50
CA PRO I 136 41.18 -61.27 -32.20
C PRO I 136 40.19 -60.19 -32.61
N LEU I 137 40.24 -59.06 -31.91
CA LEU I 137 39.28 -57.99 -32.13
C LEU I 137 39.67 -57.06 -33.26
N HIS I 138 40.73 -57.40 -34.01
CA HIS I 138 41.11 -56.59 -35.17
C HIS I 138 40.00 -56.60 -36.22
N VAL I 139 39.40 -57.75 -36.47
CA VAL I 139 38.30 -57.88 -37.39
C VAL I 139 37.00 -58.01 -36.60
N GLU I 140 35.89 -57.91 -37.30
CA GLU I 140 34.57 -58.01 -36.70
C GLU I 140 33.84 -59.23 -37.27
N GLY I 141 32.60 -59.41 -36.84
CA GLY I 141 31.80 -60.54 -37.25
C GLY I 141 31.30 -61.24 -36.00
N ARG I 142 30.09 -61.78 -36.09
CA ARG I 142 29.51 -62.46 -34.94
C ARG I 142 30.28 -63.74 -34.65
N ILE I 143 30.68 -63.92 -33.40
CA ILE I 143 31.43 -65.11 -33.03
C ILE I 143 30.52 -66.32 -33.08
N ASP I 144 31.00 -67.40 -33.70
CA ASP I 144 30.17 -68.57 -33.92
C ASP I 144 29.68 -69.17 -32.60
N ASN I 145 30.54 -69.21 -31.59
CA ASN I 145 30.20 -69.89 -30.34
C ASN I 145 29.12 -69.12 -29.58
N GLU I 146 28.07 -69.84 -29.17
CA GLU I 146 26.98 -69.22 -28.42
C GLU I 146 27.39 -68.87 -27.01
N GLN I 147 28.25 -69.67 -26.39
CA GLN I 147 28.72 -69.37 -25.04
C GLN I 147 29.50 -68.07 -25.02
N LEU I 148 30.26 -67.79 -26.07
CA LEU I 148 30.95 -66.52 -26.21
C LEU I 148 30.04 -65.41 -26.73
N ALA I 149 28.86 -65.76 -27.22
CA ALA I 149 27.98 -64.77 -27.83
C ALA I 149 27.42 -63.78 -26.81
N ALA I 150 27.60 -64.03 -25.52
CA ALA I 150 27.06 -63.18 -24.46
C ALA I 150 28.17 -62.74 -23.53
N ILE I 151 29.27 -62.27 -24.10
CA ILE I 151 30.44 -61.85 -23.34
C ILE I 151 30.81 -60.42 -23.74
N LYS I 152 31.02 -59.56 -22.74
CA LYS I 152 31.43 -58.20 -22.99
C LYS I 152 32.83 -58.17 -23.62
N LEU I 153 33.12 -57.07 -24.31
CA LEU I 153 34.36 -56.93 -25.06
C LEU I 153 35.29 -55.96 -24.35
N LYS I 154 36.56 -56.33 -24.24
CA LYS I 154 37.58 -55.49 -23.61
C LYS I 154 38.75 -55.32 -24.57
N LYS I 155 38.73 -54.26 -25.36
CA LYS I 155 39.76 -53.97 -26.34
C LYS I 155 40.56 -52.75 -25.90
N ALA I 156 41.88 -52.82 -26.03
CA ALA I 156 42.75 -51.70 -25.73
C ALA I 156 42.98 -50.89 -27.00
N SER I 157 43.86 -49.89 -26.91
CA SER I 157 44.12 -49.02 -28.06
C SER I 157 44.78 -49.78 -29.20
N ILE I 158 45.74 -50.65 -28.90
CA ILE I 158 46.43 -51.43 -29.91
C ILE I 158 46.17 -52.92 -29.77
N TYR I 159 45.62 -53.35 -28.64
CA TYR I 159 45.40 -54.77 -28.37
C TYR I 159 43.98 -55.14 -28.75
N ASP I 160 43.84 -56.27 -29.41
CA ASP I 160 42.57 -56.71 -29.97
C ASP I 160 42.13 -58.02 -29.36
N LEU I 161 42.18 -58.10 -28.03
CA LEU I 161 41.98 -59.35 -27.30
C LEU I 161 40.68 -59.29 -26.50
N GLU I 162 39.98 -60.42 -26.45
CA GLU I 162 38.77 -60.54 -25.65
C GLU I 162 39.10 -60.90 -24.21
N TYR I 163 38.33 -60.33 -23.28
CA TYR I 163 38.44 -60.70 -21.88
C TYR I 163 37.96 -62.13 -21.65
N GLY I 164 38.57 -62.79 -20.68
CA GLY I 164 38.22 -64.16 -20.37
C GLY I 164 37.04 -64.29 -19.43
N ASP I 165 35.87 -64.59 -19.98
CA ASP I 165 34.63 -64.66 -19.21
C ASP I 165 33.93 -65.99 -19.41
N VAL I 166 34.70 -67.03 -19.72
CA VAL I 166 34.13 -68.37 -19.79
C VAL I 166 34.07 -68.90 -18.37
N PRO I 167 32.99 -69.59 -17.99
CA PRO I 167 32.97 -70.23 -16.66
C PRO I 167 34.17 -71.15 -16.50
N GLN I 168 34.69 -71.22 -15.29
CA GLN I 168 36.00 -71.81 -15.09
C GLN I 168 36.00 -73.33 -15.21
N CYS I 169 34.92 -73.89 -15.75
CA CYS I 169 34.91 -75.31 -16.08
C CYS I 169 35.84 -75.61 -17.25
N MET I 170 35.76 -74.82 -18.31
CA MET I 170 36.61 -74.98 -19.48
C MET I 170 37.72 -73.95 -19.49
N LYS I 171 38.03 -73.39 -18.33
CA LYS I 171 39.03 -72.33 -18.27
C LYS I 171 40.41 -72.90 -18.52
N SER I 172 41.28 -72.05 -19.07
CA SER I 172 42.64 -72.41 -19.42
C SER I 172 42.65 -73.64 -20.35
N ASP I 173 42.06 -73.46 -21.52
CA ASP I 173 42.05 -74.53 -22.50
C ASP I 173 43.45 -74.91 -22.94
N THR I 174 44.40 -73.99 -22.88
CA THR I 174 45.74 -74.20 -23.38
C THR I 174 46.75 -73.89 -22.26
N LEU I 175 48.02 -74.04 -22.59
CA LEU I 175 49.11 -73.62 -21.73
C LEU I 175 49.83 -72.45 -22.39
N GLN I 176 50.04 -71.38 -21.64
CA GLN I 176 50.72 -70.21 -22.17
C GLN I 176 52.19 -70.53 -22.39
N TYR I 177 52.92 -69.57 -22.92
CA TYR I 177 54.29 -69.77 -23.38
C TYR I 177 55.24 -68.87 -22.60
N THR I 178 56.33 -69.45 -22.12
CA THR I 178 57.34 -68.73 -21.35
C THR I 178 58.43 -68.21 -22.27
N SER I 179 59.50 -67.72 -21.66
CA SER I 179 60.61 -67.15 -22.42
C SER I 179 61.48 -68.24 -23.03
N ASP I 180 62.69 -67.86 -23.46
CA ASP I 180 63.67 -68.80 -24.01
C ASP I 180 63.12 -69.49 -25.25
N LYS I 181 62.91 -68.68 -26.29
CA LYS I 181 62.45 -69.18 -27.57
C LYS I 181 63.51 -70.06 -28.21
N PRO I 182 63.27 -71.35 -28.39
CA PRO I 182 64.17 -72.16 -29.20
C PRO I 182 63.93 -71.88 -30.68
N PRO I 183 64.86 -72.27 -31.55
CA PRO I 183 64.60 -72.17 -32.99
C PRO I 183 63.78 -73.32 -33.54
N GLY I 184 63.41 -74.28 -32.70
CA GLY I 184 62.90 -75.56 -33.14
C GLY I 184 61.51 -75.48 -33.76
N PHE I 185 60.94 -76.66 -33.95
CA PHE I 185 59.65 -76.77 -34.62
C PHE I 185 58.52 -76.31 -33.69
N TYR I 186 57.68 -75.44 -34.21
CA TYR I 186 56.42 -75.09 -33.57
C TYR I 186 55.30 -75.51 -34.50
N ASN I 187 54.39 -76.33 -33.98
CA ASN I 187 53.31 -76.82 -34.83
C ASN I 187 52.37 -75.68 -35.20
N TRP I 188 52.25 -75.45 -36.49
CA TRP I 188 51.38 -74.43 -37.05
C TRP I 188 50.24 -75.12 -37.78
N HIS I 189 49.19 -74.35 -38.09
CA HIS I 189 48.05 -74.92 -38.78
C HIS I 189 48.42 -75.53 -40.12
N HIS I 190 49.55 -75.13 -40.67
CA HIS I 190 50.00 -75.56 -42.00
C HIS I 190 51.41 -76.14 -41.92
N GLY I 191 51.65 -77.00 -40.96
CA GLY I 191 52.94 -77.63 -40.77
C GLY I 191 53.70 -77.00 -39.61
N ALA I 192 54.91 -77.51 -39.38
CA ALA I 192 55.75 -76.96 -38.33
C ALA I 192 56.47 -75.71 -38.83
N VAL I 193 56.94 -74.90 -37.88
CA VAL I 193 57.71 -73.70 -38.18
C VAL I 193 58.98 -73.73 -37.34
N GLN I 194 60.09 -73.30 -37.94
CA GLN I 194 61.42 -73.47 -37.35
C GLN I 194 62.20 -72.17 -37.52
N TYR I 195 62.22 -71.34 -36.49
CA TYR I 195 63.06 -70.15 -36.47
C TYR I 195 63.09 -69.57 -35.06
N GLU I 196 64.08 -68.72 -34.81
CA GLU I 196 64.25 -68.15 -33.48
C GLU I 196 64.36 -66.63 -33.46
N ASN I 197 65.07 -66.02 -34.42
CA ASN I 197 65.28 -64.58 -34.38
C ASN I 197 63.95 -63.84 -34.52
N ASN I 198 63.09 -64.30 -35.41
CA ASN I 198 61.78 -63.70 -35.62
C ASN I 198 60.85 -64.81 -36.11
N ARG I 199 59.75 -64.41 -36.75
CA ARG I 199 58.82 -65.40 -37.26
C ARG I 199 59.48 -66.26 -38.33
N PHE I 200 59.02 -67.51 -38.40
CA PHE I 200 59.62 -68.48 -39.29
C PHE I 200 59.40 -68.08 -40.76
N THR I 201 60.34 -68.50 -41.60
CA THR I 201 60.28 -68.26 -43.03
C THR I 201 59.21 -69.15 -43.64
N VAL I 202 57.96 -68.73 -43.50
CA VAL I 202 56.82 -69.53 -43.96
C VAL I 202 56.87 -69.61 -45.48
N PRO I 203 56.35 -70.67 -46.07
CA PRO I 203 56.40 -70.80 -47.53
C PRO I 203 55.63 -69.70 -48.23
N ARG I 204 56.09 -69.35 -49.43
CA ARG I 204 55.40 -68.36 -50.23
C ARG I 204 53.98 -68.84 -50.57
N GLY I 205 53.04 -67.91 -50.58
CA GLY I 205 51.66 -68.25 -50.84
C GLY I 205 50.91 -68.50 -49.55
N VAL I 206 51.54 -69.22 -48.62
CA VAL I 206 50.98 -69.43 -47.30
C VAL I 206 51.12 -68.12 -46.54
N GLY I 207 50.28 -67.91 -45.52
CA GLY I 207 50.30 -66.64 -44.81
C GLY I 207 49.88 -65.46 -45.66
N GLY I 208 48.73 -65.56 -46.31
CA GLY I 208 48.23 -64.49 -47.16
C GLY I 208 47.28 -63.59 -46.41
N LYS I 209 45.98 -63.74 -46.65
CA LYS I 209 44.97 -62.96 -45.94
C LYS I 209 43.76 -63.82 -45.64
N GLY I 210 42.86 -63.26 -44.84
CA GLY I 210 41.55 -63.83 -44.59
C GLY I 210 41.50 -64.87 -43.47
N ASP I 211 42.64 -65.22 -42.89
CA ASP I 211 42.66 -66.24 -41.85
C ASP I 211 43.22 -65.64 -40.56
N SER I 212 42.69 -64.47 -40.18
CA SER I 212 43.18 -63.75 -39.02
C SER I 212 42.94 -64.55 -37.75
N GLY I 213 43.84 -64.39 -36.79
CA GLY I 213 43.69 -65.01 -35.49
C GLY I 213 44.04 -66.49 -35.48
N ARG I 214 45.29 -66.79 -35.76
CA ARG I 214 45.75 -68.18 -35.77
C ARG I 214 46.90 -68.32 -34.80
N PRO I 215 46.81 -69.19 -33.80
CA PRO I 215 47.87 -69.31 -32.81
C PRO I 215 48.97 -70.24 -33.28
N ILE I 216 50.21 -69.84 -33.03
CA ILE I 216 51.36 -70.71 -33.23
C ILE I 216 51.71 -71.33 -31.89
N LEU I 217 51.77 -72.65 -31.85
CA LEU I 217 51.92 -73.39 -30.61
C LEU I 217 53.29 -74.06 -30.59
N ASP I 218 53.79 -74.29 -29.38
CA ASP I 218 54.96 -75.15 -29.24
C ASP I 218 54.57 -76.60 -29.50
N ASN I 219 55.57 -77.41 -29.83
CA ASN I 219 55.35 -78.84 -29.92
C ASN I 219 54.93 -79.44 -28.59
N LYS I 220 55.18 -78.73 -27.49
CA LYS I 220 54.79 -79.17 -26.15
C LYS I 220 53.43 -78.67 -25.73
N GLY I 221 52.68 -78.05 -26.64
CA GLY I 221 51.38 -77.52 -26.28
C GLY I 221 51.42 -76.16 -25.62
N ARG I 222 52.38 -75.31 -25.99
CA ARG I 222 52.54 -74.00 -25.40
C ARG I 222 52.51 -72.97 -26.51
N VAL I 223 51.41 -72.22 -26.62
CA VAL I 223 51.21 -71.33 -27.75
C VAL I 223 52.22 -70.19 -27.68
N VAL I 224 53.24 -70.27 -28.52
CA VAL I 224 54.36 -69.34 -28.42
C VAL I 224 53.91 -67.91 -28.69
N ALA I 225 53.08 -67.71 -29.70
CA ALA I 225 52.69 -66.36 -30.07
C ALA I 225 51.35 -66.41 -30.81
N ILE I 226 50.81 -65.22 -31.05
CA ILE I 226 49.55 -65.06 -31.80
C ILE I 226 49.84 -64.16 -32.98
N VAL I 227 49.50 -64.62 -34.18
CA VAL I 227 49.72 -63.84 -35.38
C VAL I 227 48.73 -62.70 -35.43
N LEU I 228 49.20 -61.54 -35.86
CA LEU I 228 48.33 -60.40 -36.10
C LEU I 228 48.72 -59.72 -37.40
N GLY I 229 49.07 -60.51 -38.41
CA GLY I 229 49.41 -59.98 -39.71
C GLY I 229 50.79 -60.43 -40.13
N GLY I 230 51.37 -59.70 -41.08
CA GLY I 230 52.66 -60.07 -41.62
C GLY I 230 52.49 -60.81 -42.93
N VAL I 231 51.81 -60.17 -43.89
CA VAL I 231 51.38 -60.86 -45.10
C VAL I 231 52.57 -61.40 -45.89
N ASN I 232 53.56 -60.55 -46.17
CA ASN I 232 54.69 -60.96 -47.00
C ASN I 232 55.98 -60.38 -46.46
N GLU I 233 57.06 -61.16 -46.57
CA GLU I 233 58.39 -60.67 -46.21
C GLU I 233 59.44 -61.05 -47.23
N GLY I 234 59.07 -61.22 -48.50
CA GLY I 234 60.03 -61.45 -49.55
C GLY I 234 59.90 -62.81 -50.20
N SER I 235 61.03 -63.38 -50.65
CA SER I 235 61.03 -64.75 -51.15
C SER I 235 60.69 -65.74 -50.05
N ARG I 236 60.77 -65.31 -48.80
CA ARG I 236 60.21 -66.01 -47.66
C ARG I 236 59.19 -65.06 -47.03
N THR I 237 58.64 -65.47 -45.89
CA THR I 237 57.67 -64.60 -45.23
C THR I 237 57.66 -64.84 -43.73
N ALA I 238 57.85 -63.76 -42.98
CA ALA I 238 57.65 -63.70 -41.55
C ALA I 238 56.32 -62.98 -41.28
N LEU I 239 55.94 -62.90 -40.01
CA LEU I 239 54.65 -62.35 -39.66
C LEU I 239 54.77 -61.34 -38.53
N SER I 240 53.71 -60.56 -38.36
CA SER I 240 53.59 -59.67 -37.21
C SER I 240 52.75 -60.35 -36.15
N VAL I 241 53.34 -60.57 -34.98
CA VAL I 241 52.75 -61.37 -33.93
C VAL I 241 52.91 -60.65 -32.60
N VAL I 242 52.34 -61.24 -31.57
CA VAL I 242 52.41 -60.72 -30.21
C VAL I 242 52.65 -61.87 -29.26
N THR I 243 53.50 -61.65 -28.26
CA THR I 243 53.79 -62.66 -27.24
C THR I 243 54.48 -61.95 -26.09
N TRP I 244 54.97 -62.76 -25.15
CA TRP I 244 55.75 -62.22 -24.04
C TRP I 244 57.03 -61.60 -24.57
N ASN I 245 57.45 -60.50 -23.93
CA ASN I 245 58.59 -59.76 -24.48
C ASN I 245 59.91 -60.43 -24.13
N GLN I 246 60.30 -60.39 -22.86
CA GLN I 246 61.39 -61.22 -22.39
C GLN I 246 61.03 -61.85 -21.06
N LYS I 247 60.36 -61.07 -20.21
CA LYS I 247 60.02 -61.47 -18.86
C LYS I 247 58.55 -61.76 -18.70
N GLY I 248 57.83 -61.98 -19.80
CA GLY I 248 56.41 -62.23 -19.74
C GLY I 248 55.60 -60.98 -19.95
N VAL I 249 55.90 -60.22 -21.00
CA VAL I 249 55.19 -58.98 -21.29
C VAL I 249 54.53 -59.10 -22.66
N THR I 250 53.22 -58.92 -22.70
CA THR I 250 52.43 -59.11 -23.91
C THR I 250 52.73 -57.97 -24.88
N VAL I 251 53.75 -58.17 -25.70
CA VAL I 251 54.23 -57.16 -26.64
C VAL I 251 54.10 -57.70 -28.06
N LYS I 252 53.73 -56.81 -28.97
CA LYS I 252 53.60 -57.15 -30.39
C LYS I 252 54.85 -56.68 -31.14
N ASP I 253 55.31 -57.52 -32.06
CA ASP I 253 56.36 -57.14 -33.00
C ASP I 253 55.80 -57.18 -34.40
N THR I 254 56.03 -56.11 -35.16
CA THR I 254 55.50 -55.97 -36.51
C THR I 254 56.62 -55.71 -37.50
N PRO I 255 57.04 -56.72 -38.26
CA PRO I 255 57.99 -56.47 -39.35
C PRO I 255 57.36 -55.58 -40.41
N GLU I 256 58.21 -54.81 -41.08
CA GLU I 256 57.72 -53.86 -42.08
C GLU I 256 57.06 -54.61 -43.23
N GLY I 257 55.92 -54.07 -43.69
CA GLY I 257 55.17 -54.72 -44.73
C GLY I 257 54.26 -55.79 -44.15
N SER I 258 53.62 -55.47 -43.03
CA SER I 258 52.78 -56.41 -42.30
C SER I 258 51.33 -55.98 -42.45
N GLU I 259 50.50 -56.90 -42.91
CA GLU I 259 49.06 -56.71 -43.01
C GLU I 259 48.39 -57.97 -42.46
N PRO I 260 47.17 -57.85 -41.94
CA PRO I 260 46.52 -59.03 -41.31
C PRO I 260 46.43 -60.19 -42.29
N TRP I 261 46.71 -61.39 -41.77
CA TRP I 261 46.64 -62.60 -42.57
C TRP I 261 45.55 -63.52 -42.03
N TYR J 1 -47.28 6.49 -74.84
CA TYR J 1 -46.30 5.43 -74.64
C TYR J 1 -45.69 5.55 -73.24
N GLU J 2 -45.29 4.41 -72.66
CA GLU J 2 -44.76 4.39 -71.31
C GLU J 2 -43.47 3.58 -71.28
N HIS J 3 -42.71 3.79 -70.21
CA HIS J 3 -41.41 3.16 -70.06
C HIS J 3 -41.18 2.85 -68.58
N THR J 4 -40.54 1.71 -68.32
CA THR J 4 -40.29 1.25 -66.96
C THR J 4 -38.84 0.86 -66.80
N ALA J 5 -38.32 1.05 -65.60
CA ALA J 5 -36.94 0.71 -65.27
C ALA J 5 -36.79 0.76 -63.76
N VAL J 6 -35.55 0.58 -63.30
CA VAL J 6 -35.20 0.67 -61.89
C VAL J 6 -34.04 1.65 -61.75
N MET J 7 -34.15 2.55 -60.77
CA MET J 7 -33.16 3.60 -60.60
C MET J 7 -32.55 3.53 -59.21
N PRO J 8 -31.22 3.61 -59.11
CA PRO J 8 -30.59 3.63 -57.79
C PRO J 8 -30.91 4.91 -57.05
N ASN J 9 -31.10 4.78 -55.75
CA ASN J 9 -31.54 5.92 -54.93
C ASN J 9 -30.34 6.75 -54.52
N LYS J 10 -30.26 7.97 -55.03
CA LYS J 10 -29.27 8.93 -54.57
C LYS J 10 -29.77 10.32 -54.91
N VAL J 11 -29.53 11.26 -54.01
CA VAL J 11 -30.19 12.55 -54.10
C VAL J 11 -29.70 13.35 -55.28
N GLY J 12 -28.39 13.34 -55.53
CA GLY J 12 -27.81 14.21 -56.53
C GLY J 12 -27.77 13.66 -57.94
N ILE J 13 -27.31 12.42 -58.08
CA ILE J 13 -27.06 11.81 -59.39
C ILE J 13 -28.34 11.79 -60.21
N PRO J 14 -28.32 12.32 -61.44
CA PRO J 14 -29.51 12.24 -62.28
C PRO J 14 -29.66 10.88 -62.93
N TYR J 15 -30.68 10.72 -63.76
CA TYR J 15 -30.92 9.47 -64.46
C TYR J 15 -31.40 9.78 -65.86
N LYS J 16 -30.69 9.24 -66.86
CA LYS J 16 -30.98 9.52 -68.26
C LYS J 16 -31.43 8.24 -68.93
N ALA J 17 -32.62 8.28 -69.53
CA ALA J 17 -33.18 7.14 -70.23
C ALA J 17 -33.50 7.55 -71.66
N LEU J 18 -33.58 6.55 -72.54
CA LEU J 18 -33.76 6.76 -73.98
C LEU J 18 -34.86 5.82 -74.45
N VAL J 19 -36.09 6.32 -74.49
CA VAL J 19 -37.23 5.47 -74.84
C VAL J 19 -37.23 5.21 -76.33
N GLU J 20 -37.65 4.00 -76.71
CA GLU J 20 -37.75 3.61 -78.11
C GLU J 20 -39.20 3.28 -78.43
N ARG J 21 -39.69 3.85 -79.52
CA ARG J 21 -41.04 3.57 -80.02
C ARG J 21 -40.89 3.24 -81.49
N PRO J 22 -40.95 1.97 -81.89
CA PRO J 22 -40.60 1.60 -83.26
C PRO J 22 -41.44 2.36 -84.28
N GLY J 23 -40.80 2.73 -85.38
CA GLY J 23 -41.43 3.63 -86.33
C GLY J 23 -41.35 5.08 -85.94
N TYR J 24 -40.49 5.43 -85.00
CA TYR J 24 -40.37 6.81 -84.56
C TYR J 24 -38.94 7.09 -84.16
N ALA J 25 -38.60 8.37 -84.13
CA ALA J 25 -37.29 8.78 -83.63
C ALA J 25 -37.25 8.61 -82.11
N PRO J 26 -36.17 8.09 -81.57
CA PRO J 26 -36.10 7.91 -80.12
C PRO J 26 -36.11 9.23 -79.39
N VAL J 27 -36.59 9.19 -78.15
CA VAL J 27 -36.59 10.35 -77.28
C VAL J 27 -35.90 9.95 -75.98
N HIS J 28 -35.13 10.88 -75.43
CA HIS J 28 -34.46 10.64 -74.17
C HIS J 28 -35.04 11.54 -73.09
N LEU J 29 -35.11 11.00 -71.88
CA LEU J 29 -35.69 11.71 -70.75
C LEU J 29 -34.68 11.76 -69.62
N GLN J 30 -34.82 12.79 -68.79
CA GLN J 30 -33.86 13.04 -67.72
C GLN J 30 -34.64 13.32 -66.45
N ILE J 31 -34.39 12.50 -65.42
CA ILE J 31 -35.11 12.57 -64.16
C ILE J 31 -34.11 12.60 -63.03
N GLN J 32 -34.37 13.45 -62.04
CA GLN J 32 -33.38 13.68 -60.98
C GLN J 32 -34.10 13.90 -59.65
N LEU J 33 -33.69 13.15 -58.64
CA LEU J 33 -34.29 13.28 -57.33
C LEU J 33 -33.90 14.60 -56.68
N VAL J 34 -34.72 15.04 -55.72
CA VAL J 34 -34.37 16.21 -54.94
C VAL J 34 -34.43 15.88 -53.44
N ASN J 35 -35.24 14.90 -53.08
CA ASN J 35 -35.46 14.60 -51.67
C ASN J 35 -35.87 13.14 -51.49
N THR J 36 -35.82 12.69 -50.24
CA THR J 36 -36.40 11.41 -49.83
C THR J 36 -36.75 11.56 -48.35
N ARG J 37 -38.00 11.89 -48.07
CA ARG J 37 -38.43 12.28 -46.73
C ARG J 37 -39.26 11.18 -46.09
N ILE J 38 -38.58 10.23 -45.43
CA ILE J 38 -39.29 9.28 -44.60
C ILE J 38 -40.04 10.03 -43.52
N ILE J 39 -41.30 9.66 -43.29
CA ILE J 39 -42.11 10.24 -42.24
C ILE J 39 -42.73 9.12 -41.43
N PRO J 40 -42.55 9.09 -40.12
CA PRO J 40 -43.15 8.05 -39.29
C PRO J 40 -44.49 8.49 -38.73
N SER J 41 -45.20 7.52 -38.17
CA SER J 41 -46.49 7.76 -37.52
C SER J 41 -46.28 7.76 -36.02
N THR J 42 -46.63 8.87 -35.37
CA THR J 42 -46.25 9.11 -33.98
C THR J 42 -47.42 9.62 -33.17
N ASN J 43 -47.36 9.35 -31.86
CA ASN J 43 -48.31 9.89 -30.91
C ASN J 43 -47.58 10.25 -29.63
N LEU J 44 -48.12 11.25 -28.91
CA LEU J 44 -47.46 11.78 -27.74
C LEU J 44 -47.75 10.93 -26.51
N GLU J 45 -46.83 10.96 -25.56
CA GLU J 45 -47.00 10.28 -24.28
C GLU J 45 -47.13 11.27 -23.13
N TYR J 46 -46.15 12.14 -22.94
CA TYR J 46 -46.22 13.17 -21.92
C TYR J 46 -45.04 14.10 -22.09
N ILE J 47 -45.06 15.19 -21.32
CA ILE J 47 -43.99 16.17 -21.34
C ILE J 47 -43.44 16.30 -19.93
N THR J 48 -42.26 16.89 -19.83
CA THR J 48 -41.60 17.08 -18.55
C THR J 48 -40.75 18.33 -18.60
N CYS J 49 -40.41 18.82 -17.41
CA CYS J 49 -39.63 20.04 -17.29
C CYS J 49 -39.08 20.11 -15.86
N LYS J 50 -38.54 21.28 -15.50
CA LYS J 50 -38.09 21.50 -14.13
C LYS J 50 -39.27 21.91 -13.27
N TYR J 51 -39.29 21.40 -12.04
CA TYR J 51 -40.43 21.62 -11.16
C TYR J 51 -40.22 22.87 -10.31
N LYS J 52 -41.08 23.06 -9.33
CA LYS J 52 -40.94 24.15 -8.37
C LYS J 52 -41.85 23.85 -7.19
N THR J 53 -41.34 24.06 -5.99
CA THR J 53 -42.10 23.83 -4.76
C THR J 53 -42.53 25.16 -4.18
N LYS J 54 -43.80 25.23 -3.78
CA LYS J 54 -44.34 26.42 -3.14
C LYS J 54 -44.88 26.03 -1.77
N VAL J 55 -44.94 27.01 -0.88
CA VAL J 55 -45.41 26.75 0.47
C VAL J 55 -46.33 27.88 0.92
N PRO J 56 -47.56 27.58 1.29
CA PRO J 56 -48.43 28.62 1.85
C PRO J 56 -47.95 29.02 3.23
N SER J 57 -48.46 30.15 3.68
CA SER J 57 -48.04 30.68 4.96
C SER J 57 -48.47 29.74 6.09
N PRO J 58 -47.55 29.31 6.94
CA PRO J 58 -47.92 28.42 8.04
C PRO J 58 -48.71 29.14 9.11
N VAL J 59 -49.37 28.37 9.96
CA VAL J 59 -50.24 28.89 11.00
C VAL J 59 -49.77 28.38 12.35
N VAL J 60 -49.73 29.28 13.33
CA VAL J 60 -49.36 28.95 14.70
C VAL J 60 -50.40 29.56 15.64
N LYS J 61 -50.39 29.08 16.87
CA LYS J 61 -51.30 29.56 17.91
C LYS J 61 -50.51 29.90 19.17
N CYS J 62 -50.94 30.95 19.86
CA CYS J 62 -50.29 31.33 21.11
C CYS J 62 -50.46 30.28 22.19
N CYS J 63 -51.42 29.37 22.04
CA CYS J 63 -51.61 28.30 23.01
C CYS J 63 -52.37 27.17 22.34
N GLY J 64 -52.34 26.00 22.96
CA GLY J 64 -53.01 24.85 22.42
C GLY J 64 -52.31 24.32 21.18
N ALA J 65 -53.01 23.42 20.48
CA ALA J 65 -52.46 22.80 19.29
C ALA J 65 -53.59 22.41 18.35
N THR J 66 -53.22 22.20 17.09
CA THR J 66 -54.16 21.77 16.07
C THR J 66 -53.56 20.57 15.34
N GLN J 67 -54.31 20.03 14.39
CA GLN J 67 -53.86 18.90 13.59
C GLN J 67 -54.08 19.23 12.12
N CYS J 68 -53.14 18.77 11.28
CA CYS J 68 -53.23 19.04 9.86
C CYS J 68 -53.83 17.86 9.12
N THR J 69 -54.49 18.16 8.01
CA THR J 69 -55.23 17.18 7.22
C THR J 69 -54.61 17.07 5.83
N SER J 70 -54.72 15.89 5.24
CA SER J 70 -54.18 15.63 3.92
C SER J 70 -55.16 16.07 2.84
N LYS J 71 -54.67 16.81 1.86
CA LYS J 71 -55.48 17.29 0.76
C LYS J 71 -55.04 16.66 -0.56
N PRO J 72 -55.93 16.58 -1.54
CA PRO J 72 -55.57 15.92 -2.81
C PRO J 72 -54.66 16.79 -3.67
N HIS J 73 -53.37 16.76 -3.39
CA HIS J 73 -52.43 17.56 -4.16
C HIS J 73 -51.20 16.73 -4.51
N PRO J 74 -50.54 17.05 -5.61
CA PRO J 74 -49.34 16.28 -5.99
C PRO J 74 -48.26 16.36 -4.94
N ASP J 75 -47.96 15.23 -4.30
CA ASP J 75 -46.98 15.13 -3.24
C ASP J 75 -47.25 16.16 -2.15
N TYR J 76 -48.48 16.16 -1.65
CA TYR J 76 -48.85 17.04 -0.56
C TYR J 76 -48.13 16.63 0.71
N GLN J 77 -47.86 17.62 1.57
CA GLN J 77 -47.23 17.35 2.85
C GLN J 77 -47.79 18.29 3.91
N CYS J 78 -47.83 17.81 5.14
CA CYS J 78 -48.17 18.62 6.29
C CYS J 78 -47.70 17.91 7.55
N GLN J 79 -47.44 18.67 8.60
CA GLN J 79 -46.88 18.14 9.82
C GLN J 79 -47.01 19.20 10.91
N VAL J 80 -46.90 18.76 12.17
CA VAL J 80 -47.01 19.68 13.29
C VAL J 80 -45.81 19.51 14.21
N PHE J 81 -45.41 20.62 14.84
CA PHE J 81 -44.26 20.63 15.73
C PHE J 81 -44.69 21.18 17.08
N SER J 82 -43.78 21.09 18.05
CA SER J 82 -44.11 21.39 19.43
C SER J 82 -43.12 22.37 20.03
N GLY J 83 -43.59 23.14 21.01
CA GLY J 83 -42.76 24.05 21.76
C GLY J 83 -42.04 25.07 20.91
N VAL J 84 -42.79 25.97 20.29
CA VAL J 84 -42.19 26.91 19.34
C VAL J 84 -41.57 28.09 20.06
N TYR J 85 -42.38 28.85 20.80
CA TYR J 85 -41.97 30.11 21.39
C TYR J 85 -41.34 30.98 20.31
N PRO J 86 -42.12 31.39 19.31
CA PRO J 86 -41.54 32.07 18.14
C PRO J 86 -41.12 33.50 18.44
N PHE J 87 -40.77 34.24 17.39
CA PHE J 87 -40.31 35.60 17.54
C PHE J 87 -40.75 36.43 16.35
N MET J 88 -40.90 37.73 16.57
CA MET J 88 -41.30 38.67 15.53
C MET J 88 -40.57 39.98 15.74
N TYR J 89 -40.70 40.88 14.75
CA TYR J 89 -40.09 42.20 14.86
C TYR J 89 -40.76 42.97 15.98
N GLY J 90 -39.97 43.37 16.98
CA GLY J 90 -40.44 44.20 18.08
C GLY J 90 -41.76 43.77 18.68
N GLY J 91 -42.14 42.51 18.48
CA GLY J 91 -43.45 42.04 18.85
C GLY J 91 -43.47 41.31 20.17
N ALA J 92 -44.65 40.82 20.54
CA ALA J 92 -44.83 39.98 21.70
C ALA J 92 -44.52 38.53 21.38
N TYR J 93 -44.18 38.23 20.14
CA TYR J 93 -43.65 36.96 19.68
C TYR J 93 -44.68 35.85 19.75
N CYS J 94 -45.96 36.20 19.90
CA CYS J 94 -47.06 35.26 19.72
C CYS J 94 -46.96 34.06 20.66
N PHE J 95 -46.40 34.26 21.85
CA PHE J 95 -46.32 33.15 22.78
C PHE J 95 -46.40 33.65 24.22
N CYS J 96 -46.97 32.80 25.08
CA CYS J 96 -46.92 32.94 26.52
C CYS J 96 -46.56 31.64 27.23
N ASP J 97 -46.56 30.52 26.52
CA ASP J 97 -46.38 29.20 27.12
C ASP J 97 -45.89 28.26 26.02
N THR J 98 -45.94 26.95 26.30
CA THR J 98 -45.64 25.96 25.28
C THR J 98 -46.59 26.12 24.09
N GLU J 99 -46.01 26.38 22.92
CA GLU J 99 -46.82 26.70 21.75
C GLU J 99 -47.38 25.46 21.08
N ASN J 100 -46.50 24.59 20.61
CA ASN J 100 -46.89 23.33 19.97
C ASN J 100 -47.82 23.57 18.80
N THR J 101 -47.54 24.58 17.98
CA THR J 101 -48.35 24.88 16.81
C THR J 101 -47.44 25.15 15.63
N GLN J 102 -47.60 24.38 14.55
CA GLN J 102 -46.82 24.55 13.34
C GLN J 102 -47.46 23.76 12.22
N MET J 103 -47.66 24.42 11.08
CA MET J 103 -48.33 23.80 9.94
C MET J 103 -47.33 23.30 8.90
N SER J 104 -46.51 24.20 8.35
CA SER J 104 -45.37 23.84 7.50
C SER J 104 -45.78 22.86 6.39
N GLU J 105 -46.85 23.20 5.68
CA GLU J 105 -47.26 22.36 4.56
C GLU J 105 -46.43 22.68 3.32
N ALA J 106 -46.28 21.67 2.47
CA ALA J 106 -45.46 21.78 1.27
C ALA J 106 -46.27 21.35 0.06
N TYR J 107 -45.86 21.84 -1.11
CA TYR J 107 -46.71 21.78 -2.29
C TYR J 107 -45.85 21.82 -3.54
N VAL J 108 -46.17 20.98 -4.51
CA VAL J 108 -45.37 20.81 -5.72
C VAL J 108 -46.24 21.08 -6.93
N GLU J 109 -45.67 21.77 -7.93
CA GLU J 109 -46.38 22.03 -9.17
C GLU J 109 -45.37 22.40 -10.25
N ARG J 110 -45.85 22.57 -11.47
CA ARG J 110 -44.98 22.87 -12.59
C ARG J 110 -44.43 24.29 -12.49
N SER J 111 -43.29 24.50 -13.13
CA SER J 111 -42.64 25.79 -13.14
C SER J 111 -43.28 26.71 -14.18
N GLU J 112 -43.01 28.01 -14.05
CA GLU J 112 -43.54 28.97 -15.00
C GLU J 112 -42.81 28.93 -16.35
N GLU J 113 -41.58 28.43 -16.36
CA GLU J 113 -40.79 28.34 -17.58
C GLU J 113 -40.97 27.01 -18.28
N CYS J 114 -41.85 26.14 -17.77
CA CYS J 114 -42.11 24.86 -18.40
C CYS J 114 -42.74 25.02 -19.78
N SER J 115 -43.29 26.19 -20.08
CA SER J 115 -43.99 26.40 -21.33
C SER J 115 -43.07 26.39 -22.55
N ILE J 116 -41.77 26.57 -22.36
CA ILE J 116 -40.84 26.75 -23.48
C ILE J 116 -39.97 25.53 -23.69
N ASP J 117 -39.17 25.17 -22.69
CA ASP J 117 -38.28 24.03 -22.78
C ASP J 117 -38.91 22.85 -22.06
N HIS J 118 -39.13 21.76 -22.79
CA HIS J 118 -39.77 20.60 -22.20
C HIS J 118 -39.55 19.40 -23.10
N ALA J 119 -38.98 18.35 -22.56
CA ALA J 119 -38.84 17.12 -23.32
C ALA J 119 -40.22 16.54 -23.62
N LYS J 120 -40.31 15.78 -24.70
CA LYS J 120 -41.53 15.08 -25.05
C LYS J 120 -41.19 13.65 -25.40
N ALA J 121 -42.02 12.72 -24.96
CA ALA J 121 -41.84 11.32 -25.31
C ALA J 121 -42.82 10.95 -26.42
N TYR J 122 -42.43 9.97 -27.23
CA TYR J 122 -43.22 9.61 -28.39
C TYR J 122 -43.16 8.11 -28.60
N LYS J 123 -44.19 7.59 -29.26
CA LYS J 123 -44.17 6.24 -29.80
C LYS J 123 -44.20 6.33 -31.32
N VAL J 124 -43.48 5.44 -31.98
CA VAL J 124 -43.20 5.58 -33.40
C VAL J 124 -43.64 4.33 -34.14
N HIS J 125 -44.23 4.53 -35.32
CA HIS J 125 -44.58 3.45 -36.22
C HIS J 125 -44.18 3.86 -37.63
N THR J 126 -44.43 2.97 -38.60
CA THR J 126 -43.76 3.03 -39.89
C THR J 126 -44.06 4.34 -40.62
N GLY J 127 -45.33 4.69 -40.77
CA GLY J 127 -45.63 5.90 -41.50
C GLY J 127 -45.37 5.78 -43.00
N THR J 128 -45.45 6.93 -43.67
CA THR J 128 -45.45 7.00 -45.12
C THR J 128 -44.06 7.35 -45.66
N VAL J 129 -43.97 7.46 -46.98
CA VAL J 129 -42.75 7.85 -47.68
C VAL J 129 -43.13 8.77 -48.83
N GLN J 130 -42.36 9.82 -49.04
CA GLN J 130 -42.64 10.71 -50.16
C GLN J 130 -41.39 11.50 -50.52
N ALA J 131 -41.39 12.06 -51.73
CA ALA J 131 -40.23 12.74 -52.27
C ALA J 131 -40.68 13.81 -53.27
N MET J 132 -39.72 14.42 -53.94
CA MET J 132 -39.98 15.38 -55.00
C MET J 132 -39.00 15.16 -56.14
N VAL J 133 -39.43 15.44 -57.36
CA VAL J 133 -38.67 15.08 -58.56
C VAL J 133 -38.70 16.23 -59.55
N ASN J 134 -37.55 16.50 -60.16
CA ASN J 134 -37.43 17.45 -61.25
C ASN J 134 -37.22 16.68 -62.55
N ILE J 135 -38.01 17.03 -63.58
CA ILE J 135 -38.13 16.19 -64.77
C ILE J 135 -37.88 17.02 -66.02
N THR J 136 -37.37 16.35 -67.05
CA THR J 136 -37.13 16.97 -68.35
C THR J 136 -37.00 15.87 -69.39
N TYR J 137 -37.75 16.00 -70.49
CA TYR J 137 -37.72 15.02 -71.55
C TYR J 137 -37.89 15.73 -72.89
N GLY J 138 -37.43 15.09 -73.95
CA GLY J 138 -37.57 15.63 -75.29
C GLY J 138 -37.01 17.03 -75.38
N SER J 139 -37.91 18.01 -75.52
CA SER J 139 -37.53 19.41 -75.52
C SER J 139 -38.20 20.20 -74.40
N VAL J 140 -39.07 19.57 -73.61
CA VAL J 140 -39.72 20.29 -72.51
C VAL J 140 -38.68 20.63 -71.45
N SER J 141 -38.86 21.79 -70.81
CA SER J 141 -37.87 22.30 -69.88
C SER J 141 -37.99 21.60 -68.54
N TRP J 142 -37.27 22.11 -67.54
CA TRP J 142 -37.31 21.52 -66.21
C TRP J 142 -38.67 21.70 -65.58
N ARG J 143 -39.25 20.58 -65.15
CA ARG J 143 -40.53 20.58 -64.46
C ARG J 143 -40.38 19.80 -63.16
N SER J 144 -41.00 20.28 -62.09
CA SER J 144 -40.80 19.70 -60.78
C SER J 144 -42.13 19.49 -60.09
N ALA J 145 -42.25 18.35 -59.39
CA ALA J 145 -43.44 18.04 -58.62
C ALA J 145 -43.07 16.97 -57.60
N ASP J 146 -43.90 16.88 -56.56
CA ASP J 146 -43.72 15.87 -55.53
C ASP J 146 -44.71 14.73 -55.73
N VAL J 147 -44.46 13.62 -55.04
CA VAL J 147 -45.23 12.41 -55.27
C VAL J 147 -44.98 11.45 -54.11
N TYR J 148 -45.98 10.65 -53.78
CA TYR J 148 -45.80 9.63 -52.77
C TYR J 148 -45.00 8.48 -53.35
N VAL J 149 -44.70 7.50 -52.51
CA VAL J 149 -43.87 6.37 -52.91
C VAL J 149 -44.67 5.11 -52.63
N ASN J 150 -45.24 4.54 -53.68
CA ASN J 150 -45.95 3.27 -53.65
C ASN J 150 -46.33 2.95 -55.08
N GLY J 151 -46.46 1.67 -55.38
CA GLY J 151 -46.73 1.31 -56.76
C GLY J 151 -48.16 1.55 -57.16
N GLU J 152 -48.81 2.55 -56.56
CA GLU J 152 -50.22 2.78 -56.84
C GLU J 152 -50.60 4.23 -57.10
N THR J 153 -49.87 5.22 -56.59
CA THR J 153 -50.42 6.57 -56.62
C THR J 153 -49.85 7.35 -57.79
N PRO J 154 -50.64 7.67 -58.80
CA PRO J 154 -50.13 8.46 -59.91
C PRO J 154 -49.99 9.92 -59.54
N ALA J 155 -49.12 10.60 -60.28
CA ALA J 155 -48.98 12.04 -60.17
C ALA J 155 -48.55 12.57 -61.54
N LYS J 156 -49.20 13.63 -61.99
CA LYS J 156 -48.94 14.17 -63.31
C LYS J 156 -48.02 15.38 -63.20
N ILE J 157 -46.97 15.39 -64.01
CA ILE J 157 -46.05 16.51 -64.09
C ILE J 157 -46.12 17.01 -65.52
N GLY J 158 -46.69 18.20 -65.71
CA GLY J 158 -46.90 18.66 -67.06
C GLY J 158 -47.89 17.75 -67.76
N ASP J 159 -47.39 16.92 -68.67
CA ASP J 159 -48.25 16.02 -69.43
C ASP J 159 -47.87 14.55 -69.28
N ALA J 160 -47.00 14.23 -68.32
CA ALA J 160 -46.58 12.86 -68.09
C ALA J 160 -47.30 12.28 -66.87
N LYS J 161 -47.23 10.97 -66.74
CA LYS J 161 -47.83 10.25 -65.62
C LYS J 161 -46.75 9.44 -64.92
N LEU J 162 -46.79 9.42 -63.60
CA LEU J 162 -45.72 8.82 -62.82
C LEU J 162 -46.28 7.79 -61.85
N ILE J 163 -45.55 6.68 -61.72
CA ILE J 163 -45.84 5.64 -60.73
C ILE J 163 -44.49 5.10 -60.28
N ILE J 164 -44.12 5.39 -59.03
CA ILE J 164 -42.83 4.98 -58.50
C ILE J 164 -43.00 4.34 -57.15
N GLY J 165 -41.99 3.59 -56.74
CA GLY J 165 -42.05 2.88 -55.49
C GLY J 165 -42.75 1.55 -55.65
N PRO J 166 -42.81 0.75 -54.58
CA PRO J 166 -42.27 1.05 -53.25
C PRO J 166 -40.77 0.86 -53.19
N LEU J 167 -40.16 1.31 -52.10
CA LEU J 167 -38.71 1.28 -51.97
C LEU J 167 -38.20 -0.16 -51.96
N SER J 168 -36.90 -0.30 -52.19
CA SER J 168 -36.28 -1.61 -52.21
C SER J 168 -35.95 -2.13 -50.81
N SER J 169 -35.97 -1.27 -49.81
CA SER J 169 -35.67 -1.70 -48.45
C SER J 169 -36.66 -1.05 -47.48
N ALA J 170 -36.82 -1.67 -46.33
CA ALA J 170 -37.73 -1.21 -45.29
C ALA J 170 -36.95 -0.66 -44.09
N TRP J 171 -35.78 -0.10 -44.34
CA TRP J 171 -34.92 0.36 -43.28
C TRP J 171 -35.38 1.72 -42.77
N SER J 172 -35.15 1.97 -41.48
CA SER J 172 -35.51 3.22 -40.86
C SER J 172 -34.48 3.57 -39.79
N PRO J 173 -34.29 4.85 -39.48
CA PRO J 173 -33.34 5.24 -38.44
C PRO J 173 -33.93 5.44 -37.06
N PHE J 174 -35.21 5.15 -36.85
CA PHE J 174 -35.85 5.39 -35.56
C PHE J 174 -36.11 4.08 -34.83
N ASP J 175 -36.39 4.20 -33.55
CA ASP J 175 -36.74 3.06 -32.71
C ASP J 175 -38.16 3.21 -32.21
N ASN J 176 -38.58 2.29 -31.33
CA ASN J 176 -39.97 2.29 -30.88
C ASN J 176 -40.27 3.47 -29.98
N LYS J 177 -39.30 3.94 -29.19
CA LYS J 177 -39.51 5.09 -28.34
C LYS J 177 -38.42 6.11 -28.61
N VAL J 178 -38.81 7.36 -28.80
CA VAL J 178 -37.85 8.44 -28.97
C VAL J 178 -38.27 9.60 -28.07
N VAL J 179 -37.34 10.51 -27.86
CA VAL J 179 -37.59 11.72 -27.09
C VAL J 179 -37.12 12.91 -27.90
N VAL J 180 -37.91 13.97 -27.89
CA VAL J 180 -37.60 15.18 -28.64
C VAL J 180 -37.43 16.32 -27.66
N TYR J 181 -36.35 17.08 -27.81
CA TYR J 181 -36.14 18.24 -26.99
C TYR J 181 -35.49 19.32 -27.84
N GLY J 182 -35.94 20.55 -27.65
CA GLY J 182 -35.29 21.67 -28.29
C GLY J 182 -35.29 21.52 -29.79
N HIS J 183 -34.15 21.11 -30.34
CA HIS J 183 -33.99 21.03 -31.77
C HIS J 183 -33.74 19.63 -32.31
N GLU J 184 -33.42 18.66 -31.47
CA GLU J 184 -33.01 17.35 -31.97
C GLU J 184 -33.70 16.27 -31.14
N VAL J 185 -33.38 15.01 -31.48
CA VAL J 185 -34.01 13.86 -30.87
C VAL J 185 -32.93 12.94 -30.31
N TYR J 186 -33.37 11.96 -29.52
CA TYR J 186 -32.48 10.95 -28.99
C TYR J 186 -33.23 9.63 -28.91
N ASN J 187 -32.50 8.54 -29.03
CA ASN J 187 -33.08 7.21 -28.85
C ASN J 187 -33.01 6.79 -27.38
N TYR J 188 -33.56 7.65 -26.54
CA TYR J 188 -33.59 7.38 -25.10
C TYR J 188 -34.70 6.36 -24.86
N ASP J 189 -34.41 5.13 -25.28
CA ASP J 189 -35.43 4.15 -25.58
C ASP J 189 -36.31 3.76 -24.41
N PHE J 190 -36.11 4.35 -23.23
CA PHE J 190 -36.86 3.95 -22.04
C PHE J 190 -37.36 5.16 -21.25
N PRO J 191 -38.35 5.86 -21.77
CA PRO J 191 -39.15 6.73 -20.89
C PRO J 191 -39.93 5.88 -19.91
N GLU J 192 -40.72 6.51 -19.05
CA GLU J 192 -41.51 5.78 -18.08
C GLU J 192 -42.95 6.29 -18.11
N TYR J 193 -43.88 5.37 -17.88
CA TYR J 193 -45.29 5.63 -18.16
C TYR J 193 -45.95 6.42 -17.04
N GLY J 194 -45.87 5.91 -15.81
CA GLY J 194 -46.44 6.59 -14.68
C GLY J 194 -45.56 6.56 -13.46
N THR J 195 -44.45 5.84 -13.54
CA THR J 195 -43.55 5.66 -12.42
C THR J 195 -42.39 6.62 -12.55
N GLY J 196 -42.25 7.52 -11.59
CA GLY J 196 -41.10 8.39 -11.55
C GLY J 196 -39.89 7.64 -11.04
N LYS J 197 -38.80 8.38 -10.89
CA LYS J 197 -37.59 7.79 -10.34
C LYS J 197 -36.89 8.73 -9.38
N ALA J 198 -37.65 9.54 -8.66
CA ALA J 198 -37.10 10.45 -7.66
C ALA J 198 -36.02 11.33 -8.25
N GLY J 199 -36.27 11.82 -9.46
CA GLY J 199 -35.35 12.75 -10.06
C GLY J 199 -34.21 12.11 -10.81
N SER J 200 -34.52 11.23 -11.75
CA SER J 200 -33.52 10.76 -12.69
C SER J 200 -33.83 11.23 -14.11
N PHE J 201 -34.98 10.87 -14.66
CA PHE J 201 -35.50 11.56 -15.84
C PHE J 201 -36.98 11.85 -15.75
N GLY J 202 -37.73 11.11 -14.94
CA GLY J 202 -39.12 11.45 -14.76
C GLY J 202 -39.40 11.74 -13.30
N ASP J 203 -39.69 12.99 -13.00
CA ASP J 203 -40.13 13.36 -11.67
C ASP J 203 -41.30 14.33 -11.72
N LEU J 204 -41.63 14.86 -12.89
CA LEU J 204 -42.78 15.71 -13.09
C LEU J 204 -43.28 15.39 -14.49
N GLN J 205 -44.27 14.50 -14.57
CA GLN J 205 -44.73 13.96 -15.85
C GLN J 205 -46.17 14.37 -16.09
N SER J 206 -46.35 15.56 -16.67
CA SER J 206 -47.69 16.00 -17.04
C SER J 206 -48.16 15.22 -18.26
N ARG J 207 -49.30 14.54 -18.12
CA ARG J 207 -49.81 13.72 -19.20
C ARG J 207 -50.02 14.53 -20.47
N THR J 208 -50.36 15.81 -20.34
CA THR J 208 -50.53 16.69 -21.48
C THR J 208 -49.76 17.97 -21.24
N SER J 209 -49.91 18.91 -22.18
CA SER J 209 -49.24 20.19 -22.06
C SER J 209 -49.80 21.03 -20.92
N THR J 210 -51.09 20.92 -20.65
CA THR J 210 -51.75 21.69 -19.62
C THR J 210 -52.65 20.81 -18.77
N SER J 211 -52.20 19.59 -18.48
CA SER J 211 -52.95 18.71 -17.62
C SER J 211 -52.94 19.26 -16.20
N ASN J 212 -53.62 18.55 -15.30
CA ASN J 212 -53.71 18.97 -13.91
C ASN J 212 -53.31 17.85 -12.97
N ASP J 213 -52.49 16.92 -13.46
CA ASP J 213 -52.03 15.80 -12.67
C ASP J 213 -50.57 15.53 -13.01
N LEU J 214 -49.77 15.23 -11.99
CA LEU J 214 -48.33 15.06 -12.16
C LEU J 214 -47.93 13.80 -11.39
N TYR J 215 -48.05 12.65 -12.05
CA TYR J 215 -47.96 11.36 -11.37
C TYR J 215 -46.50 10.94 -11.22
N ALA J 216 -45.78 11.72 -10.41
CA ALA J 216 -44.41 11.39 -10.10
C ALA J 216 -44.00 12.06 -8.80
N ASN J 217 -42.94 11.52 -8.21
CA ASN J 217 -42.48 11.88 -6.87
C ASN J 217 -41.22 12.72 -6.95
N THR J 218 -40.94 13.43 -5.85
CA THR J 218 -39.70 14.17 -5.71
C THR J 218 -39.02 13.92 -4.37
N ASN J 219 -39.52 12.96 -3.60
CA ASN J 219 -38.92 12.59 -2.32
C ASN J 219 -38.84 13.79 -1.38
N LEU J 220 -39.89 14.59 -1.36
CA LEU J 220 -39.92 15.78 -0.52
C LEU J 220 -39.93 15.39 0.96
N LYS J 221 -39.24 16.18 1.77
CA LYS J 221 -39.18 15.94 3.21
C LYS J 221 -39.17 17.28 3.95
N LEU J 222 -39.80 17.29 5.11
CA LEU J 222 -39.87 18.49 5.92
C LEU J 222 -38.83 18.47 7.03
N GLN J 223 -38.72 19.60 7.73
CA GLN J 223 -37.76 19.75 8.81
C GLN J 223 -38.38 20.58 9.92
N ARG J 224 -37.80 20.48 11.09
CA ARG J 224 -38.32 21.22 12.22
C ARG J 224 -37.65 22.57 12.32
N PRO J 225 -38.42 23.66 12.30
CA PRO J 225 -37.82 24.99 12.44
C PRO J 225 -37.18 25.13 13.81
N GLN J 226 -36.16 25.98 13.88
CA GLN J 226 -35.38 26.16 15.10
C GLN J 226 -35.39 27.62 15.52
N ALA J 227 -34.97 27.84 16.76
CA ALA J 227 -34.71 29.17 17.29
C ALA J 227 -35.94 30.08 17.29
N GLY J 228 -37.13 29.49 17.15
CA GLY J 228 -38.34 30.28 17.22
C GLY J 228 -38.44 31.38 16.18
N ILE J 229 -38.08 31.08 14.94
CA ILE J 229 -38.19 32.03 13.84
C ILE J 229 -39.10 31.43 12.79
N VAL J 230 -40.04 32.25 12.30
CA VAL J 230 -41.13 31.77 11.45
C VAL J 230 -40.58 31.49 10.06
N HIS J 231 -40.31 30.22 9.78
CA HIS J 231 -39.90 29.78 8.46
C HIS J 231 -40.22 28.31 8.34
N THR J 232 -40.21 27.80 7.11
CA THR J 232 -40.60 26.42 6.83
C THR J 232 -39.47 25.70 6.12
N PRO J 233 -38.54 25.10 6.86
CA PRO J 233 -37.45 24.36 6.23
C PRO J 233 -37.95 23.07 5.60
N PHE J 234 -37.18 22.58 4.64
CA PHE J 234 -37.50 21.33 3.96
C PHE J 234 -36.27 20.87 3.19
N THR J 235 -36.42 19.75 2.50
CA THR J 235 -35.33 19.19 1.71
C THR J 235 -35.92 18.25 0.68
N GLN J 236 -35.24 18.14 -0.46
CA GLN J 236 -35.71 17.28 -1.53
C GLN J 236 -34.58 17.00 -2.51
N VAL J 237 -34.76 15.96 -3.30
CA VAL J 237 -33.77 15.60 -4.32
C VAL J 237 -33.75 16.68 -5.40
N PRO J 238 -32.58 17.03 -5.94
CA PRO J 238 -32.56 17.97 -7.07
C PRO J 238 -33.21 17.35 -8.30
N SER J 239 -33.72 18.24 -9.15
CA SER J 239 -34.49 17.81 -10.31
C SER J 239 -33.65 16.94 -11.24
N GLY J 240 -34.17 15.76 -11.58
CA GLY J 240 -33.46 14.88 -12.48
C GLY J 240 -33.45 15.35 -13.91
N PHE J 241 -34.42 16.18 -14.29
CA PHE J 241 -34.42 16.72 -15.63
C PHE J 241 -33.13 17.48 -15.91
N GLU J 242 -32.66 18.25 -14.93
CA GLU J 242 -31.38 18.92 -15.09
C GLU J 242 -30.26 17.93 -15.31
N ARG J 243 -30.24 16.86 -14.52
CA ARG J 243 -29.16 15.88 -14.64
C ARG J 243 -29.15 15.27 -16.03
N TRP J 244 -30.32 14.92 -16.56
CA TRP J 244 -30.33 14.40 -17.93
C TRP J 244 -29.94 15.47 -18.93
N LYS J 245 -30.25 16.74 -18.65
CA LYS J 245 -29.80 17.80 -19.52
C LYS J 245 -28.28 17.85 -19.57
N LYS J 246 -27.62 17.62 -18.45
CA LYS J 246 -26.17 17.69 -18.42
C LYS J 246 -25.51 16.50 -19.09
N ASP J 247 -26.12 15.33 -19.04
CA ASP J 247 -25.48 14.10 -19.51
C ASP J 247 -26.19 13.49 -20.69
N LYS J 248 -26.74 14.30 -21.58
CA LYS J 248 -27.29 13.76 -22.81
C LYS J 248 -26.18 13.14 -23.64
N GLY J 249 -26.45 11.97 -24.20
CA GLY J 249 -25.47 11.27 -25.00
C GLY J 249 -25.29 11.90 -26.36
N ALA J 250 -25.00 11.07 -27.34
CA ALA J 250 -24.86 11.58 -28.69
C ALA J 250 -26.23 11.82 -29.30
N PRO J 251 -26.52 13.04 -29.76
CA PRO J 251 -27.79 13.27 -30.46
C PRO J 251 -27.87 12.42 -31.72
N LEU J 252 -29.10 12.07 -32.08
CA LEU J 252 -29.30 11.15 -33.20
C LEU J 252 -28.75 11.72 -34.50
N ASN J 253 -28.88 13.03 -34.68
CA ASN J 253 -28.42 13.64 -35.92
C ASN J 253 -26.92 13.61 -36.07
N ASP J 254 -26.17 12.99 -35.16
CA ASP J 254 -24.75 12.77 -35.35
C ASP J 254 -24.39 11.30 -35.29
N VAL J 255 -25.38 10.40 -35.32
CA VAL J 255 -25.09 8.97 -35.34
C VAL J 255 -25.86 8.23 -36.43
N ALA J 256 -26.81 8.84 -37.10
CA ALA J 256 -27.60 8.14 -38.09
C ALA J 256 -26.70 7.59 -39.19
N PRO J 257 -26.78 6.31 -39.49
CA PRO J 257 -25.98 5.78 -40.60
C PRO J 257 -26.46 6.29 -41.93
N PHE J 258 -25.76 5.93 -43.00
CA PHE J 258 -26.10 6.25 -44.38
C PHE J 258 -26.13 7.75 -44.63
N GLY J 259 -25.77 8.56 -43.64
CA GLY J 259 -25.60 9.98 -43.89
C GLY J 259 -26.90 10.68 -44.20
N CYS J 260 -27.80 10.77 -43.23
CA CYS J 260 -29.06 11.46 -43.47
C CYS J 260 -29.44 12.29 -42.25
N SER J 261 -29.70 13.57 -42.50
CA SER J 261 -30.02 14.52 -41.45
C SER J 261 -31.42 14.25 -40.91
N ILE J 262 -31.85 15.10 -39.99
CA ILE J 262 -33.14 14.94 -39.31
C ILE J 262 -33.77 16.31 -39.15
N ALA J 263 -34.82 16.57 -39.91
CA ALA J 263 -35.65 17.74 -39.67
C ALA J 263 -36.54 17.50 -38.46
N LEU J 264 -37.16 18.57 -37.97
CA LEU J 264 -37.91 18.50 -36.72
C LEU J 264 -39.41 18.36 -36.92
N GLU J 265 -40.04 19.34 -37.58
CA GLU J 265 -41.49 19.51 -37.47
C GLU J 265 -42.29 18.26 -37.83
N PRO J 266 -42.06 17.59 -38.96
CA PRO J 266 -42.72 16.30 -39.19
C PRO J 266 -41.89 15.09 -38.79
N LEU J 267 -40.77 15.30 -38.09
CA LEU J 267 -39.79 14.25 -37.86
C LEU J 267 -39.32 13.65 -39.18
N ARG J 268 -39.05 14.53 -40.13
CA ARG J 268 -38.51 14.10 -41.41
C ARG J 268 -37.15 13.48 -41.19
N ALA J 269 -36.89 12.38 -41.88
CA ALA J 269 -35.55 11.79 -41.93
C ALA J 269 -35.12 11.85 -43.40
N GLU J 270 -34.57 12.99 -43.79
CA GLU J 270 -34.42 13.31 -45.19
C GLU J 270 -33.18 12.67 -45.80
N ASN J 271 -33.28 12.38 -47.09
CA ASN J 271 -32.16 12.02 -47.96
C ASN J 271 -31.52 10.70 -47.60
N CYS J 272 -32.15 9.87 -46.76
CA CYS J 272 -31.45 8.70 -46.27
C CYS J 272 -31.30 7.73 -47.43
N ALA J 273 -30.12 7.75 -48.05
CA ALA J 273 -29.89 7.04 -49.29
C ALA J 273 -29.72 5.56 -49.05
N VAL J 274 -30.52 4.74 -49.73
CA VAL J 274 -30.43 3.30 -49.63
C VAL J 274 -31.23 2.68 -50.78
N GLY J 275 -30.72 1.57 -51.31
CA GLY J 275 -31.50 0.75 -52.21
C GLY J 275 -31.82 1.43 -53.54
N SER J 276 -32.78 0.84 -54.24
CA SER J 276 -33.18 1.27 -55.57
C SER J 276 -34.69 1.50 -55.58
N ILE J 277 -35.20 1.95 -56.72
CA ILE J 277 -36.61 2.28 -56.87
C ILE J 277 -37.11 1.78 -58.22
N PRO J 278 -38.24 1.07 -58.26
CA PRO J 278 -38.86 0.72 -59.54
C PRO J 278 -39.64 1.91 -60.08
N ILE J 279 -39.27 2.36 -61.27
CA ILE J 279 -39.89 3.54 -61.86
C ILE J 279 -40.72 3.11 -63.07
N SER J 280 -41.79 3.85 -63.32
CA SER J 280 -42.65 3.60 -64.47
C SER J 280 -43.28 4.93 -64.88
N ILE J 281 -42.95 5.40 -66.07
CA ILE J 281 -43.40 6.70 -66.54
C ILE J 281 -44.01 6.54 -67.92
N ASP J 282 -44.96 7.41 -68.22
CA ASP J 282 -45.61 7.45 -69.53
C ASP J 282 -45.50 8.86 -70.09
N ILE J 283 -45.09 8.97 -71.35
CA ILE J 283 -44.99 10.27 -72.01
C ILE J 283 -46.13 10.39 -73.03
N PRO J 284 -46.59 11.60 -73.32
CA PRO J 284 -47.62 11.74 -74.35
C PRO J 284 -47.08 11.32 -75.70
N ASP J 285 -47.99 10.88 -76.56
CA ASP J 285 -47.61 10.43 -77.89
C ASP J 285 -47.43 11.58 -78.86
N ALA J 286 -47.69 12.81 -78.43
CA ALA J 286 -47.50 13.98 -79.28
C ALA J 286 -46.06 14.44 -79.33
N ALA J 287 -45.16 13.79 -78.60
CA ALA J 287 -43.75 14.18 -78.57
C ALA J 287 -42.87 13.27 -79.39
N PHE J 288 -43.44 12.31 -80.11
CA PHE J 288 -42.68 11.48 -81.03
C PHE J 288 -42.76 12.07 -82.43
N THR J 289 -41.96 11.52 -83.33
CA THR J 289 -41.97 11.95 -84.72
C THR J 289 -41.60 10.79 -85.62
N ARG J 290 -41.99 10.91 -86.88
CA ARG J 290 -41.80 9.81 -87.82
C ARG J 290 -40.32 9.54 -88.04
N ILE J 291 -39.99 8.25 -88.16
CA ILE J 291 -38.60 7.82 -88.25
C ILE J 291 -37.96 8.28 -89.54
N SER J 292 -38.73 8.73 -90.52
CA SER J 292 -38.17 9.16 -91.79
C SER J 292 -37.84 10.64 -91.82
N GLU J 293 -38.02 11.35 -90.71
CA GLU J 293 -37.69 12.77 -90.65
C GLU J 293 -36.38 13.03 -89.93
N THR J 294 -35.73 12.04 -89.45
CA THR J 294 -34.49 12.28 -88.77
C THR J 294 -33.31 12.01 -89.70
N PRO J 295 -32.22 12.75 -89.54
CA PRO J 295 -31.03 12.48 -90.35
C PRO J 295 -30.49 11.09 -90.08
N THR J 296 -30.32 10.32 -91.15
CA THR J 296 -29.73 8.99 -91.02
C THR J 296 -28.25 9.11 -90.72
N VAL J 297 -27.77 8.28 -89.80
CA VAL J 297 -26.40 8.33 -89.32
C VAL J 297 -25.67 7.09 -89.80
N SER J 298 -24.54 7.28 -90.48
CA SER J 298 -23.77 6.17 -90.99
C SER J 298 -22.32 6.62 -91.15
N ASP J 299 -21.43 5.65 -91.30
CA ASP J 299 -19.99 5.90 -91.43
C ASP J 299 -19.48 6.65 -90.19
N LEU J 300 -19.51 5.94 -89.07
CA LEU J 300 -19.08 6.47 -87.80
C LEU J 300 -17.65 6.06 -87.49
N GLU J 301 -16.99 6.87 -86.68
CA GLU J 301 -15.66 6.52 -86.18
C GLU J 301 -15.40 7.27 -84.91
N CYS J 302 -15.23 6.55 -83.81
CA CYS J 302 -15.02 7.15 -82.49
C CYS J 302 -13.57 6.95 -82.07
N LYS J 303 -12.93 8.05 -81.70
CA LYS J 303 -11.54 8.04 -81.29
C LYS J 303 -11.43 8.62 -79.90
N ILE J 304 -10.72 7.93 -79.02
CA ILE J 304 -10.53 8.37 -77.65
C ILE J 304 -9.29 9.24 -77.58
N THR J 305 -9.44 10.48 -77.13
CA THR J 305 -8.30 11.37 -77.03
C THR J 305 -7.53 11.14 -75.75
N GLU J 306 -8.19 11.36 -74.61
CA GLU J 306 -7.51 11.28 -73.33
C GLU J 306 -8.55 11.13 -72.24
N CYS J 307 -8.24 10.31 -71.23
CA CYS J 307 -9.13 10.11 -70.12
C CYS J 307 -8.35 9.70 -68.89
N THR J 308 -8.99 9.84 -67.73
CA THR J 308 -8.41 9.41 -66.47
C THR J 308 -9.53 9.28 -65.45
N TYR J 309 -9.53 8.19 -64.71
CA TYR J 309 -10.66 7.87 -63.85
C TYR J 309 -10.61 8.70 -62.58
N ALA J 310 -11.58 9.58 -62.42
CA ALA J 310 -11.72 10.39 -61.23
C ALA J 310 -13.18 10.74 -61.04
N PHE J 311 -13.52 11.24 -59.86
CA PHE J 311 -14.91 11.48 -59.54
C PHE J 311 -15.53 12.59 -60.39
N ASP J 312 -14.73 13.37 -61.09
CA ASP J 312 -15.26 14.33 -62.04
C ASP J 312 -15.10 13.79 -63.45
N PHE J 313 -15.63 14.55 -64.41
CA PHE J 313 -15.56 14.13 -65.81
C PHE J 313 -14.14 14.28 -66.33
N GLY J 314 -13.40 13.18 -66.38
CA GLY J 314 -12.02 13.22 -66.78
C GLY J 314 -11.75 12.38 -68.00
N GLY J 315 -12.66 12.41 -68.97
CA GLY J 315 -12.47 11.69 -70.21
C GLY J 315 -13.04 12.43 -71.40
N ILE J 316 -12.27 12.50 -72.49
CA ILE J 316 -12.67 13.22 -73.68
C ILE J 316 -12.33 12.39 -74.91
N ALA J 317 -13.29 12.24 -75.82
CA ALA J 317 -13.10 11.47 -77.03
C ALA J 317 -13.79 12.18 -78.18
N THR J 318 -13.36 11.85 -79.39
CA THR J 318 -13.85 12.48 -80.60
C THR J 318 -14.44 11.44 -81.54
N VAL J 319 -15.36 11.89 -82.37
CA VAL J 319 -16.04 11.03 -83.34
C VAL J 319 -16.03 11.72 -84.70
N ALA J 320 -15.73 10.95 -85.74
CA ALA J 320 -15.88 11.38 -87.12
C ALA J 320 -17.08 10.68 -87.74
N TYR J 321 -17.74 11.36 -88.66
CA TYR J 321 -19.08 10.94 -89.05
C TYR J 321 -19.41 11.44 -90.44
N LYS J 322 -20.26 10.70 -91.15
CA LYS J 322 -20.75 11.08 -92.46
C LYS J 322 -22.27 11.16 -92.42
N SER J 323 -22.79 12.37 -92.62
CA SER J 323 -24.19 12.65 -92.37
C SER J 323 -25.06 12.40 -93.60
N SER J 324 -26.36 12.41 -93.36
CA SER J 324 -27.37 12.48 -94.40
C SER J 324 -27.90 13.89 -94.57
N LYS J 325 -28.20 14.56 -93.46
CA LYS J 325 -28.59 15.96 -93.48
C LYS J 325 -28.36 16.55 -92.10
N ALA J 326 -28.35 17.87 -92.02
CA ALA J 326 -28.11 18.54 -90.75
C ALA J 326 -29.29 18.34 -89.81
N GLY J 327 -28.99 18.34 -88.51
CA GLY J 327 -30.03 18.16 -87.51
C GLY J 327 -29.41 17.87 -86.16
N ASN J 328 -30.28 17.58 -85.20
CA ASN J 328 -29.87 17.26 -83.83
C ASN J 328 -30.57 15.99 -83.39
N CYS J 329 -29.82 15.09 -82.76
CA CYS J 329 -30.40 13.90 -82.16
C CYS J 329 -29.53 13.48 -80.99
N PRO J 330 -30.10 12.77 -80.01
CA PRO J 330 -29.40 12.56 -78.75
C PRO J 330 -28.35 11.46 -78.85
N ILE J 331 -27.58 11.35 -77.78
CA ILE J 331 -26.55 10.35 -77.61
C ILE J 331 -26.75 9.71 -76.25
N HIS J 332 -26.35 8.45 -76.12
CA HIS J 332 -26.56 7.75 -74.87
C HIS J 332 -25.67 6.52 -74.83
N SER J 333 -25.33 6.10 -73.61
CA SER J 333 -24.59 4.86 -73.41
C SER J 333 -25.47 3.87 -72.66
N PRO J 334 -26.05 2.89 -73.34
CA PRO J 334 -26.86 1.89 -72.62
C PRO J 334 -26.06 1.12 -71.59
N SER J 335 -24.79 0.84 -71.86
CA SER J 335 -23.98 0.15 -70.88
C SER J 335 -23.65 1.07 -69.72
N GLY J 336 -23.32 0.47 -68.58
CA GLY J 336 -23.04 1.20 -67.37
C GLY J 336 -21.58 1.38 -67.04
N VAL J 337 -20.67 0.92 -67.90
CA VAL J 337 -19.24 1.02 -67.60
C VAL J 337 -18.81 2.49 -67.52
N ALA J 338 -19.40 3.33 -68.36
CA ALA J 338 -19.08 4.75 -68.33
C ALA J 338 -20.38 5.54 -68.45
N VAL J 339 -20.37 6.74 -67.90
CA VAL J 339 -21.50 7.64 -67.97
C VAL J 339 -21.15 8.77 -68.93
N ILE J 340 -22.13 9.22 -69.70
CA ILE J 340 -21.92 10.26 -70.70
C ILE J 340 -22.34 11.58 -70.11
N LYS J 341 -21.40 12.52 -70.04
CA LYS J 341 -21.72 13.84 -69.53
C LYS J 341 -22.74 14.53 -70.42
N GLU J 342 -22.58 14.41 -71.72
CA GLU J 342 -23.50 15.07 -72.64
C GLU J 342 -24.78 14.26 -72.80
N ASN J 343 -25.84 14.92 -73.26
CA ASN J 343 -27.12 14.28 -73.52
C ASN J 343 -27.47 14.23 -74.99
N ASP J 344 -27.46 15.37 -75.68
CA ASP J 344 -27.80 15.42 -77.09
C ASP J 344 -26.86 16.38 -77.79
N VAL J 345 -26.57 16.09 -79.06
CA VAL J 345 -25.59 16.85 -79.83
C VAL J 345 -26.18 17.20 -81.18
N THR J 346 -25.78 18.35 -81.70
CA THR J 346 -26.14 18.72 -83.06
C THR J 346 -25.24 17.99 -84.05
N LEU J 347 -25.72 17.87 -85.28
CA LEU J 347 -24.98 17.19 -86.33
C LEU J 347 -25.00 18.03 -87.58
N ALA J 348 -23.85 18.16 -88.22
CA ALA J 348 -23.74 18.79 -89.52
C ALA J 348 -23.35 17.73 -90.55
N GLU J 349 -23.41 18.10 -91.81
CA GLU J 349 -23.02 17.17 -92.86
C GLU J 349 -21.55 16.83 -92.74
N SER J 350 -21.22 15.55 -92.92
CA SER J 350 -19.90 15.03 -92.64
C SER J 350 -19.48 15.36 -91.20
N GLY J 351 -20.26 14.81 -90.27
CA GLY J 351 -20.10 15.21 -88.88
C GLY J 351 -18.76 14.81 -88.29
N SER J 352 -18.31 15.60 -87.34
CA SER J 352 -17.13 15.26 -86.54
C SER J 352 -17.15 16.14 -85.31
N PHE J 353 -17.27 15.54 -84.14
CA PHE J 353 -17.43 16.31 -82.91
C PHE J 353 -16.85 15.51 -81.75
N THR J 354 -17.06 16.02 -80.54
CA THR J 354 -16.51 15.41 -79.34
C THR J 354 -17.47 15.64 -78.19
N PHE J 355 -17.14 15.05 -77.04
CA PHE J 355 -17.98 15.15 -75.86
C PHE J 355 -17.12 14.90 -74.63
N HIS J 356 -17.77 14.59 -73.51
CA HIS J 356 -17.09 14.33 -72.26
C HIS J 356 -17.77 13.19 -71.54
N PHE J 357 -17.02 12.53 -70.65
CA PHE J 357 -17.55 11.40 -69.93
C PHE J 357 -16.65 11.08 -68.75
N SER J 358 -17.24 10.47 -67.72
CA SER J 358 -16.49 9.90 -66.61
C SER J 358 -16.46 8.39 -66.76
N THR J 359 -15.56 7.77 -66.01
CA THR J 359 -15.49 6.32 -65.99
C THR J 359 -14.84 5.87 -64.69
N ALA J 360 -14.72 4.55 -64.55
CA ALA J 360 -14.10 3.98 -63.37
C ALA J 360 -13.20 2.80 -63.70
N ASN J 361 -12.86 2.58 -64.96
CA ASN J 361 -12.08 1.43 -65.36
C ASN J 361 -10.81 1.85 -66.06
N ILE J 362 -9.76 1.05 -65.88
CA ILE J 362 -8.49 1.32 -66.53
C ILE J 362 -8.64 1.31 -68.03
N HIS J 363 -9.37 0.32 -68.54
CA HIS J 363 -9.60 0.17 -69.97
C HIS J 363 -11.11 0.26 -70.20
N PRO J 364 -11.65 1.46 -70.35
CA PRO J 364 -13.08 1.58 -70.66
C PRO J 364 -13.40 0.86 -71.96
N ALA J 365 -14.54 0.18 -71.97
CA ALA J 365 -14.97 -0.59 -73.13
C ALA J 365 -16.41 -0.28 -73.47
N PHE J 366 -16.87 0.90 -73.07
CA PHE J 366 -18.26 1.26 -73.24
C PHE J 366 -18.61 1.38 -74.72
N LYS J 367 -19.85 1.06 -75.03
CA LYS J 367 -20.38 1.14 -76.40
C LYS J 367 -21.59 2.04 -76.37
N LEU J 368 -21.59 3.07 -77.20
CA LEU J 368 -22.67 4.05 -77.21
C LEU J 368 -23.48 3.93 -78.47
N GLN J 369 -24.72 4.40 -78.40
CA GLN J 369 -25.61 4.50 -79.54
C GLN J 369 -26.00 5.95 -79.73
N VAL J 370 -26.08 6.38 -80.98
CA VAL J 370 -26.47 7.75 -81.32
C VAL J 370 -27.42 7.70 -82.50
N CYS J 371 -28.54 8.40 -82.38
CA CYS J 371 -29.38 8.74 -83.54
C CYS J 371 -29.79 7.49 -84.32
N THR J 372 -30.16 6.44 -83.57
CA THR J 372 -30.50 5.13 -84.15
C THR J 372 -29.31 4.53 -84.89
N SER J 373 -28.18 4.42 -84.19
CA SER J 373 -26.98 3.88 -84.79
C SER J 373 -26.03 3.49 -83.68
N ALA J 374 -25.41 2.33 -83.81
CA ALA J 374 -24.53 1.81 -82.78
C ALA J 374 -23.07 2.04 -83.16
N VAL J 375 -22.23 2.18 -82.14
CA VAL J 375 -20.79 2.33 -82.33
C VAL J 375 -20.08 1.94 -81.06
N THR J 376 -19.06 1.11 -81.18
CA THR J 376 -18.22 0.76 -80.05
C THR J 376 -16.99 1.64 -80.05
N CYS J 377 -16.62 2.13 -78.87
CA CYS J 377 -15.43 2.96 -78.70
C CYS J 377 -14.64 2.31 -77.58
N LYS J 378 -13.77 1.36 -77.95
CA LYS J 378 -13.10 0.53 -76.97
C LYS J 378 -12.03 1.30 -76.20
N GLY J 379 -11.74 2.53 -76.58
CA GLY J 379 -10.89 3.34 -75.76
C GLY J 379 -9.50 2.74 -75.61
N ASP J 380 -8.82 3.18 -74.55
CA ASP J 380 -7.50 2.67 -74.22
C ASP J 380 -7.32 2.73 -72.71
N CYS J 381 -6.09 2.50 -72.27
CA CYS J 381 -5.77 2.59 -70.85
C CYS J 381 -5.71 4.06 -70.42
N LYS J 382 -6.17 4.33 -69.20
CA LYS J 382 -6.15 5.71 -68.73
C LYS J 382 -5.26 5.83 -67.49
N PRO J 383 -4.51 6.91 -67.35
CA PRO J 383 -3.62 7.06 -66.21
C PRO J 383 -4.41 7.37 -64.95
N PRO J 384 -3.93 6.91 -63.80
CA PRO J 384 -4.63 7.20 -62.55
C PRO J 384 -4.48 8.65 -62.14
N LYS J 385 -5.36 9.08 -61.26
CA LYS J 385 -5.25 10.41 -60.68
C LYS J 385 -4.56 10.31 -59.33
N GLN J 394 -18.44 10.33 -55.10
CA GLN J 394 -18.98 11.66 -55.35
C GLN J 394 -19.78 11.65 -56.64
N HIS J 395 -19.50 10.68 -57.51
CA HIS J 395 -20.15 10.62 -58.81
C HIS J 395 -20.21 9.19 -59.32
N THR J 396 -21.01 9.00 -60.35
CA THR J 396 -21.49 7.66 -60.73
C THR J 396 -20.35 6.83 -61.30
N GLU J 397 -19.94 5.82 -60.53
CA GLU J 397 -18.96 4.85 -60.96
C GLU J 397 -19.46 3.47 -60.57
N SER J 398 -18.90 2.45 -61.22
CA SER J 398 -19.33 1.08 -60.95
C SER J 398 -18.47 0.41 -59.89
N PHE J 399 -17.18 0.28 -60.15
CA PHE J 399 -16.26 -0.45 -59.29
C PHE J 399 -16.75 -1.87 -59.04
N THR J 400 -16.80 -2.65 -60.13
CA THR J 400 -17.39 -3.98 -60.10
C THR J 400 -16.35 -5.06 -60.33
N SER J 401 -15.19 -4.96 -59.68
CA SER J 401 -14.07 -5.88 -59.89
C SER J 401 -13.61 -5.87 -61.34
N ALA J 402 -13.94 -4.82 -62.08
CA ALA J 402 -13.55 -4.69 -63.48
C ALA J 402 -12.32 -3.82 -63.65
N ILE J 403 -11.41 -3.86 -62.67
CA ILE J 403 -10.17 -3.10 -62.75
C ILE J 403 -8.98 -3.96 -63.13
N SER J 404 -9.19 -5.25 -63.37
CA SER J 404 -8.11 -6.12 -63.80
C SER J 404 -7.42 -5.55 -65.02
N ALA J 405 -6.18 -5.14 -64.87
CA ALA J 405 -5.45 -4.45 -65.91
C ALA J 405 -4.90 -5.45 -66.92
N THR J 406 -4.32 -4.91 -68.00
CA THR J 406 -3.77 -5.77 -69.04
C THR J 406 -2.69 -6.68 -68.49
N ALA J 407 -1.77 -6.13 -67.71
CA ALA J 407 -0.76 -6.96 -67.08
C ALA J 407 -1.40 -7.94 -66.09
N TRP J 408 -2.39 -7.48 -65.34
CA TRP J 408 -3.09 -8.35 -64.40
C TRP J 408 -3.71 -9.53 -65.12
N SER J 409 -4.50 -9.26 -66.17
CA SER J 409 -5.14 -10.33 -66.92
C SER J 409 -4.09 -11.23 -67.57
N TRP J 410 -3.01 -10.62 -68.06
CA TRP J 410 -1.94 -11.40 -68.68
C TRP J 410 -1.38 -12.42 -67.69
N ILE J 411 -1.02 -11.97 -66.50
CA ILE J 411 -0.45 -12.87 -65.50
C ILE J 411 -1.47 -13.94 -65.11
N LYS J 412 -2.73 -13.55 -64.91
CA LYS J 412 -3.70 -14.53 -64.44
C LYS J 412 -3.94 -15.60 -65.50
N VAL J 413 -4.07 -15.22 -66.76
CA VAL J 413 -4.27 -16.22 -67.80
C VAL J 413 -3.02 -17.08 -67.94
N LEU J 414 -1.84 -16.48 -67.75
CA LEU J 414 -0.61 -17.27 -67.82
C LEU J 414 -0.62 -18.36 -66.78
N VAL J 415 -0.88 -18.01 -65.52
CA VAL J 415 -0.78 -19.00 -64.45
C VAL J 415 -1.86 -20.06 -64.61
N GLY J 416 -3.08 -19.65 -64.96
CA GLY J 416 -4.14 -20.64 -65.16
C GLY J 416 -3.79 -21.61 -66.27
N GLY J 417 -3.32 -21.08 -67.40
CA GLY J 417 -2.96 -21.94 -68.51
C GLY J 417 -1.82 -22.89 -68.17
N THR J 418 -0.82 -22.40 -67.45
CA THR J 418 0.31 -23.26 -67.08
C THR J 418 -0.16 -24.41 -66.20
N SER J 419 -0.98 -24.11 -65.19
CA SER J 419 -1.48 -25.17 -64.33
C SER J 419 -2.29 -26.19 -65.12
N ALA J 420 -3.18 -25.70 -65.98
CA ALA J 420 -3.99 -26.60 -66.79
C ALA J 420 -3.12 -27.47 -67.69
N PHE J 421 -2.12 -26.86 -68.33
CA PHE J 421 -1.26 -27.61 -69.24
C PHE J 421 -0.53 -28.72 -68.52
N ILE J 422 0.08 -28.40 -67.36
CA ILE J 422 0.86 -29.43 -66.68
C ILE J 422 -0.05 -30.56 -66.22
N VAL J 423 -1.21 -30.24 -65.65
CA VAL J 423 -2.06 -31.31 -65.13
C VAL J 423 -2.59 -32.18 -66.28
N LEU J 424 -2.97 -31.56 -67.39
CA LEU J 424 -3.50 -32.34 -68.51
C LEU J 424 -2.40 -33.21 -69.13
N GLY J 425 -1.18 -32.69 -69.24
CA GLY J 425 -0.10 -33.50 -69.75
C GLY J 425 0.16 -34.71 -68.89
N LEU J 426 0.15 -34.52 -67.56
CA LEU J 426 0.33 -35.66 -66.67
C LEU J 426 -0.79 -36.68 -66.83
N ILE J 427 -2.03 -36.20 -66.93
CA ILE J 427 -3.15 -37.11 -67.11
C ILE J 427 -2.98 -37.93 -68.39
N ALA J 428 -2.57 -37.27 -69.46
CA ALA J 428 -2.34 -37.99 -70.72
C ALA J 428 -1.24 -39.04 -70.56
N THR J 429 -0.16 -38.67 -69.89
CA THR J 429 0.94 -39.62 -69.72
C THR J 429 0.52 -40.84 -68.94
N ALA J 430 -0.40 -40.69 -67.98
CA ALA J 430 -0.86 -41.84 -67.21
C ALA J 430 -1.45 -42.91 -68.13
N VAL J 431 -2.40 -42.52 -68.98
CA VAL J 431 -3.02 -43.51 -69.86
C VAL J 431 -2.05 -43.94 -70.95
N VAL J 432 -1.09 -43.08 -71.31
CA VAL J 432 -0.05 -43.49 -72.24
C VAL J 432 0.73 -44.67 -71.68
N ALA J 433 1.09 -44.58 -70.39
CA ALA J 433 1.74 -45.72 -69.75
C ALA J 433 0.82 -46.93 -69.72
N LEU J 434 -0.46 -46.71 -69.39
CA LEU J 434 -1.37 -47.84 -69.20
C LEU J 434 -1.60 -48.62 -70.49
N VAL J 435 -1.74 -47.93 -71.61
CA VAL J 435 -2.13 -48.61 -72.84
C VAL J 435 -1.06 -49.58 -73.31
N LEU J 436 0.21 -49.29 -73.00
CA LEU J 436 1.27 -50.22 -73.33
C LEU J 436 1.01 -51.59 -72.69
N PHE J 437 0.78 -51.59 -71.38
CA PHE J 437 0.47 -52.84 -70.70
C PHE J 437 -0.80 -53.46 -71.24
N PHE J 438 -1.80 -52.63 -71.53
CA PHE J 438 -3.01 -53.15 -72.15
C PHE J 438 -2.72 -53.81 -73.50
N HIS J 439 -1.61 -53.45 -74.14
CA HIS J 439 -1.24 -54.06 -75.41
C HIS J 439 -0.29 -55.24 -75.25
N ARG J 440 0.37 -55.39 -74.11
CA ARG J 440 1.39 -56.43 -73.97
C ARG J 440 0.82 -57.83 -74.12
N HIS J 441 -0.46 -58.00 -73.84
CA HIS J 441 -1.09 -59.31 -74.00
C HIS J 441 -1.91 -59.35 -75.28
N ASP K 1 -47.20 50.98 -19.28
CA ASP K 1 -48.54 51.00 -18.72
C ASP K 1 -48.53 51.50 -17.28
N LEU K 2 -49.70 51.93 -16.81
CA LEU K 2 -49.83 52.41 -15.45
C LEU K 2 -50.92 51.62 -14.73
N ASP K 3 -51.91 51.17 -15.49
CA ASP K 3 -53.02 50.42 -14.93
C ASP K 3 -52.54 49.14 -14.25
N THR K 4 -51.64 48.40 -14.91
CA THR K 4 -51.10 47.20 -14.30
C THR K 4 -50.32 47.53 -13.05
N HIS K 5 -49.56 48.62 -13.07
CA HIS K 5 -48.87 49.07 -11.87
C HIS K 5 -49.86 49.39 -10.75
N PHE K 6 -51.03 49.91 -11.11
CA PHE K 6 -52.05 50.17 -10.09
C PHE K 6 -52.57 48.86 -9.51
N THR K 7 -52.92 47.91 -10.37
CA THR K 7 -53.36 46.60 -9.89
C THR K 7 -52.30 45.94 -9.03
N GLN K 8 -51.04 46.23 -9.29
CA GLN K 8 -49.98 45.77 -8.41
C GLN K 8 -50.01 46.52 -7.08
N TYR K 9 -50.24 47.84 -7.14
CA TYR K 9 -50.23 48.69 -5.97
C TYR K 9 -51.60 48.86 -5.32
N LYS K 10 -52.63 48.23 -5.88
CA LYS K 10 -53.98 48.46 -5.39
C LYS K 10 -54.12 48.04 -3.93
N LEU K 11 -53.57 46.89 -3.57
CA LEU K 11 -53.71 46.35 -2.22
C LEU K 11 -52.41 45.83 -1.65
N ALA K 12 -51.35 45.75 -2.46
CA ALA K 12 -50.08 45.26 -1.95
C ALA K 12 -49.45 46.29 -1.04
N ARG K 13 -48.54 45.82 -0.20
CA ARG K 13 -47.77 46.69 0.69
C ARG K 13 -46.50 45.95 1.08
N PRO K 14 -45.44 46.68 1.39
CA PRO K 14 -44.21 46.01 1.85
C PRO K 14 -44.43 45.30 3.17
N TYR K 15 -43.43 44.53 3.57
CA TYR K 15 -43.51 43.78 4.81
C TYR K 15 -42.08 43.46 5.27
N ILE K 16 -41.96 43.08 6.53
CA ILE K 16 -40.67 42.88 7.17
C ILE K 16 -40.54 41.41 7.58
N ALA K 17 -39.38 40.83 7.30
CA ALA K 17 -39.09 39.47 7.72
C ALA K 17 -37.60 39.35 7.98
N ASP K 18 -37.15 38.13 8.25
CA ASP K 18 -35.77 37.90 8.64
C ASP K 18 -34.93 37.50 7.44
N CYS K 19 -33.67 37.91 7.46
CA CYS K 19 -32.68 37.43 6.52
C CYS K 19 -31.39 37.14 7.28
N PRO K 20 -30.67 36.13 6.89
CA PRO K 20 -29.44 35.74 7.59
C PRO K 20 -28.20 36.49 7.13
N ASN K 21 -28.29 37.82 7.06
CA ASN K 21 -27.12 38.61 6.73
C ASN K 21 -26.14 38.51 7.90
N CYS K 22 -25.13 37.66 7.75
CA CYS K 22 -24.29 37.31 8.89
C CYS K 22 -23.32 38.41 9.26
N GLY K 23 -23.19 39.46 8.44
CA GLY K 23 -22.49 40.64 8.91
C GLY K 23 -23.14 41.21 10.15
N HIS K 24 -24.40 40.88 10.39
CA HIS K 24 -25.11 41.32 11.59
C HIS K 24 -25.99 40.23 12.19
N SER K 25 -25.71 38.95 11.88
CA SER K 25 -26.20 37.82 12.69
C SER K 25 -27.73 37.72 12.72
N ARG K 26 -28.31 37.36 11.58
CA ARG K 26 -29.74 37.07 11.48
C ARG K 26 -30.60 38.29 11.75
N CYS K 27 -30.46 39.31 10.91
CA CYS K 27 -31.18 40.55 11.07
C CYS K 27 -32.55 40.48 10.39
N ASP K 28 -33.51 41.20 10.95
CA ASP K 28 -34.84 41.31 10.36
C ASP K 28 -34.91 42.62 9.60
N SER K 29 -35.21 42.55 8.32
CA SER K 29 -35.15 43.69 7.42
C SER K 29 -36.44 43.80 6.62
N PRO K 30 -36.77 45.01 6.15
CA PRO K 30 -37.76 45.12 5.08
C PRO K 30 -37.31 44.47 3.79
N ILE K 31 -36.01 44.44 3.51
CA ILE K 31 -35.50 43.82 2.28
C ILE K 31 -35.18 42.37 2.64
N ALA K 32 -36.21 41.53 2.56
CA ALA K 32 -36.05 40.11 2.81
C ALA K 32 -36.00 39.37 1.48
N ILE K 33 -34.90 38.65 1.25
CA ILE K 33 -34.74 37.95 -0.02
C ILE K 33 -35.60 36.69 -0.02
N GLU K 34 -36.27 36.44 -1.13
CA GLU K 34 -37.09 35.25 -1.29
C GLU K 34 -36.94 34.73 -2.71
N GLU K 35 -36.46 33.49 -2.82
CA GLU K 35 -36.46 32.69 -4.05
C GLU K 35 -35.94 33.49 -5.26
N VAL K 36 -34.64 33.75 -5.23
CA VAL K 36 -33.98 34.29 -6.41
C VAL K 36 -34.07 33.27 -7.53
N ARG K 37 -34.21 33.74 -8.76
CA ARG K 37 -34.38 32.87 -9.90
C ARG K 37 -33.34 33.19 -10.95
N GLY K 38 -32.60 32.17 -11.39
CA GLY K 38 -31.76 32.32 -12.54
C GLY K 38 -31.64 31.06 -13.35
N ASP K 39 -32.16 31.08 -14.59
CA ASP K 39 -31.95 29.97 -15.50
C ASP K 39 -31.69 30.43 -16.93
N ALA K 40 -31.49 31.72 -17.14
CA ALA K 40 -31.32 32.24 -18.48
C ALA K 40 -29.90 32.02 -18.95
N HIS K 41 -29.75 31.72 -20.25
CA HIS K 41 -28.42 31.47 -20.79
C HIS K 41 -27.54 32.69 -20.79
N ALA K 42 -28.12 33.89 -20.88
CA ALA K 42 -27.31 35.09 -20.99
C ALA K 42 -26.71 35.52 -19.66
N GLY K 43 -27.07 34.87 -18.56
CA GLY K 43 -26.54 35.22 -17.26
C GLY K 43 -27.32 36.25 -16.50
N VAL K 44 -28.55 36.52 -16.89
CA VAL K 44 -29.39 37.47 -16.17
C VAL K 44 -30.11 36.73 -15.05
N ILE K 45 -30.48 37.46 -14.01
CA ILE K 45 -31.22 36.90 -12.88
C ILE K 45 -32.22 37.94 -12.41
N ARG K 46 -33.36 37.47 -11.93
CA ARG K 46 -34.34 38.33 -11.31
C ARG K 46 -34.61 37.84 -9.91
N ILE K 47 -34.76 38.78 -8.99
CA ILE K 47 -34.89 38.50 -7.56
C ILE K 47 -36.19 39.10 -7.07
N GLN K 48 -36.86 38.37 -6.19
CA GLN K 48 -38.18 38.76 -5.68
C GLN K 48 -38.00 39.12 -4.21
N THR K 49 -37.81 40.40 -3.96
CA THR K 49 -37.55 40.87 -2.61
C THR K 49 -38.87 41.12 -1.88
N SER K 50 -38.79 41.76 -0.72
CA SER K 50 -39.93 41.93 0.17
C SER K 50 -40.36 43.39 0.30
N ALA K 51 -39.97 44.24 -0.63
CA ALA K 51 -40.31 45.65 -0.59
C ALA K 51 -40.90 46.08 -1.93
N MET K 52 -41.80 47.05 -1.87
CA MET K 52 -42.43 47.55 -3.08
C MET K 52 -41.54 48.58 -3.77
N PHE K 53 -41.33 48.39 -5.06
CA PHE K 53 -40.52 49.30 -5.86
C PHE K 53 -41.38 50.04 -6.86
N GLY K 54 -40.80 51.07 -7.45
CA GLY K 54 -41.47 51.79 -8.50
C GLY K 54 -42.30 52.96 -8.02
N LEU K 55 -43.60 52.76 -7.93
CA LEU K 55 -44.51 53.87 -7.66
C LEU K 55 -44.44 54.29 -6.20
N LYS K 56 -44.73 55.56 -5.98
CA LYS K 56 -44.83 56.11 -4.64
C LYS K 56 -46.21 55.75 -4.06
N THR K 57 -46.57 56.37 -2.94
CA THR K 57 -47.88 56.15 -2.36
C THR K 57 -49.00 56.59 -3.30
N ASP K 58 -48.76 57.65 -4.07
CA ASP K 58 -49.76 58.09 -5.05
C ASP K 58 -49.93 57.10 -6.19
N GLY K 59 -48.83 56.51 -6.67
CA GLY K 59 -48.91 55.56 -7.76
C GLY K 59 -48.26 56.00 -9.05
N VAL K 60 -47.23 56.84 -8.94
CA VAL K 60 -46.47 57.34 -10.07
C VAL K 60 -45.00 57.37 -9.69
N ASP K 61 -44.18 57.90 -10.59
CA ASP K 61 -42.75 58.09 -10.35
C ASP K 61 -42.07 56.75 -10.03
N LEU K 62 -41.99 55.92 -11.06
CA LEU K 62 -41.44 54.57 -10.86
C LEU K 62 -39.98 54.60 -10.41
N ALA K 63 -39.42 55.78 -10.15
CA ALA K 63 -38.10 55.90 -9.55
C ALA K 63 -38.17 55.95 -8.03
N TYR K 64 -39.32 55.64 -7.44
CA TYR K 64 -39.50 55.64 -6.01
C TYR K 64 -39.47 54.23 -5.45
N MET K 65 -39.27 54.14 -4.14
CA MET K 65 -39.28 52.86 -3.44
C MET K 65 -40.01 53.04 -2.13
N SER K 66 -40.94 52.13 -1.85
CA SER K 66 -41.71 52.14 -0.61
C SER K 66 -41.40 50.89 0.18
N PHE K 67 -41.16 51.05 1.47
CA PHE K 67 -40.85 49.93 2.36
C PHE K 67 -41.62 50.13 3.66
N MET K 68 -41.38 49.24 4.61
CA MET K 68 -42.00 49.31 5.92
C MET K 68 -40.96 49.81 6.93
N ASN K 69 -41.22 50.97 7.51
CA ASN K 69 -40.39 51.51 8.57
C ASN K 69 -41.12 51.31 9.88
N GLY K 70 -40.52 50.52 10.78
CA GLY K 70 -41.18 50.20 12.03
C GLY K 70 -42.49 49.48 11.79
N LYS K 71 -43.61 50.17 12.04
CA LYS K 71 -44.93 49.60 11.81
C LYS K 71 -45.72 50.40 10.79
N THR K 72 -45.05 51.23 9.98
CA THR K 72 -45.73 52.11 9.06
C THR K 72 -45.14 51.95 7.66
N GLN K 73 -45.79 52.59 6.70
CA GLN K 73 -45.29 52.69 5.33
C GLN K 73 -44.35 53.87 5.22
N LYS K 74 -43.49 53.81 4.20
CA LYS K 74 -42.58 54.93 3.94
C LYS K 74 -42.03 54.79 2.53
N SER K 75 -42.20 55.82 1.72
CA SER K 75 -41.62 55.85 0.39
C SER K 75 -40.50 56.87 0.34
N ILE K 76 -39.51 56.62 -0.52
CA ILE K 76 -38.33 57.45 -0.60
C ILE K 76 -37.73 57.27 -1.99
N LYS K 77 -37.02 58.29 -2.45
CA LYS K 77 -36.35 58.21 -3.74
C LYS K 77 -35.21 57.20 -3.68
N ILE K 78 -35.08 56.44 -4.77
CA ILE K 78 -33.99 55.47 -4.87
C ILE K 78 -32.68 56.25 -4.93
N ASP K 79 -31.92 56.23 -3.84
CA ASP K 79 -30.69 56.99 -3.75
C ASP K 79 -29.48 56.15 -4.19
N ASN K 80 -29.23 55.06 -3.47
CA ASN K 80 -28.13 54.17 -3.79
C ASN K 80 -28.61 52.74 -3.61
N LEU K 81 -28.55 51.95 -4.67
CA LEU K 81 -29.08 50.60 -4.64
C LEU K 81 -28.19 49.73 -5.50
N HIS K 82 -27.82 48.56 -4.97
CA HIS K 82 -26.84 47.74 -5.65
C HIS K 82 -27.13 46.27 -5.38
N VAL K 83 -26.75 45.44 -6.35
CA VAL K 83 -26.84 43.99 -6.24
C VAL K 83 -25.45 43.44 -6.53
N ARG K 84 -24.96 42.58 -5.65
CA ARG K 84 -23.58 42.13 -5.70
C ARG K 84 -23.51 40.63 -5.56
N THR K 85 -22.86 39.97 -6.52
CA THR K 85 -22.58 38.55 -6.38
C THR K 85 -21.16 38.30 -5.90
N SER K 86 -20.18 38.67 -6.72
CA SER K 86 -18.77 38.61 -6.35
C SER K 86 -18.10 39.89 -6.80
N ALA K 87 -18.69 40.54 -7.79
CA ALA K 87 -18.36 41.86 -8.26
C ALA K 87 -19.66 42.64 -8.42
N PRO K 88 -19.62 43.95 -8.33
CA PRO K 88 -20.85 44.72 -8.49
C PRO K 88 -21.52 44.41 -9.81
N CYS K 89 -22.82 44.20 -9.75
CA CYS K 89 -23.59 43.86 -10.94
C CYS K 89 -24.12 45.14 -11.59
N SER K 90 -25.01 44.98 -12.56
CA SER K 90 -25.69 46.11 -13.18
C SER K 90 -27.16 45.74 -13.34
N LEU K 91 -28.02 46.49 -12.66
CA LEU K 91 -29.45 46.19 -12.70
C LEU K 91 -30.08 46.79 -13.94
N VAL K 92 -31.13 46.13 -14.42
CA VAL K 92 -31.81 46.52 -15.65
C VAL K 92 -33.15 47.18 -15.35
N SER K 93 -34.03 46.49 -14.65
CA SER K 93 -35.36 47.01 -14.41
C SER K 93 -35.82 46.60 -13.02
N HIS K 94 -36.88 47.25 -12.55
CA HIS K 94 -37.44 46.93 -11.26
C HIS K 94 -38.89 47.37 -11.24
N HIS K 95 -39.73 46.57 -10.59
CA HIS K 95 -41.16 46.84 -10.54
C HIS K 95 -41.73 46.19 -9.30
N GLY K 96 -42.23 47.00 -8.37
CA GLY K 96 -42.90 46.49 -7.20
C GLY K 96 -42.06 45.56 -6.36
N TYR K 97 -42.38 44.27 -6.41
CA TYR K 97 -41.71 43.26 -5.61
C TYR K 97 -40.51 42.62 -6.31
N TYR K 98 -40.15 43.07 -7.50
CA TYR K 98 -39.18 42.35 -8.31
C TYR K 98 -38.12 43.27 -8.86
N ILE K 99 -36.93 42.72 -9.06
CA ILE K 99 -35.82 43.42 -9.70
C ILE K 99 -35.13 42.47 -10.66
N LEU K 100 -34.89 42.93 -11.89
CA LEU K 100 -34.18 42.15 -12.90
C LEU K 100 -32.83 42.80 -13.15
N ALA K 101 -31.77 42.03 -12.95
CA ALA K 101 -30.42 42.56 -13.03
C ALA K 101 -29.51 41.57 -13.74
N GLN K 102 -28.27 42.00 -13.97
CA GLN K 102 -27.27 41.21 -14.67
C GLN K 102 -26.03 41.09 -13.79
N CYS K 103 -25.63 39.86 -13.48
CA CYS K 103 -24.54 39.59 -12.56
C CYS K 103 -23.53 38.62 -13.16
N PRO K 104 -22.28 38.71 -12.73
CA PRO K 104 -21.29 37.70 -13.09
C PRO K 104 -21.40 36.50 -12.16
N PRO K 105 -20.71 35.41 -12.43
CA PRO K 105 -20.81 34.24 -11.57
C PRO K 105 -20.36 34.52 -10.15
N GLY K 106 -20.72 33.62 -9.26
CA GLY K 106 -20.41 33.81 -7.85
C GLY K 106 -21.06 32.73 -7.02
N ASP K 107 -21.17 32.99 -5.72
CA ASP K 107 -21.71 31.98 -4.80
C ASP K 107 -22.78 32.50 -3.86
N THR K 108 -22.69 33.77 -3.47
CA THR K 108 -23.63 34.34 -2.53
C THR K 108 -24.22 35.61 -3.12
N VAL K 109 -25.54 35.68 -3.18
CA VAL K 109 -26.23 36.82 -3.74
C VAL K 109 -26.57 37.78 -2.63
N THR K 110 -26.21 39.05 -2.79
CA THR K 110 -26.55 40.06 -1.79
C THR K 110 -27.13 41.28 -2.47
N VAL K 111 -27.98 41.99 -1.72
CA VAL K 111 -28.64 43.19 -2.20
C VAL K 111 -28.64 44.23 -1.08
N GLY K 112 -28.31 45.47 -1.44
CA GLY K 112 -28.26 46.52 -0.45
C GLY K 112 -28.67 47.87 -0.98
N PHE K 113 -29.35 48.65 -0.14
CA PHE K 113 -29.74 50.00 -0.52
C PHE K 113 -29.65 50.92 0.70
N HIS K 114 -29.25 52.15 0.46
CA HIS K 114 -29.03 53.12 1.53
C HIS K 114 -30.28 53.93 1.79
N ASP K 115 -30.45 54.35 3.04
CA ASP K 115 -31.35 55.41 3.42
C ASP K 115 -30.65 56.58 4.09
N GLY K 116 -29.43 56.39 4.57
CA GLY K 116 -28.64 57.43 5.16
C GLY K 116 -28.09 57.03 6.52
N PRO K 117 -28.92 56.39 7.35
CA PRO K 117 -28.39 55.74 8.56
C PRO K 117 -28.08 54.26 8.36
N ASN K 118 -28.70 53.64 7.36
CA ASN K 118 -28.60 52.20 7.19
C ASN K 118 -28.15 51.86 5.78
N ARG K 119 -27.48 50.72 5.66
CA ARG K 119 -27.13 50.15 4.37
C ARG K 119 -28.13 49.11 3.89
N HIS K 120 -28.93 48.55 4.80
CA HIS K 120 -30.05 47.68 4.46
C HIS K 120 -29.63 46.61 3.46
N THR K 121 -28.75 45.73 3.92
CA THR K 121 -28.21 44.68 3.08
C THR K 121 -28.66 43.32 3.58
N CYS K 122 -29.00 42.43 2.65
CA CYS K 122 -29.30 41.05 2.98
C CYS K 122 -28.58 40.13 2.01
N THR K 123 -28.33 38.91 2.47
CA THR K 123 -27.47 37.96 1.78
C THR K 123 -28.09 36.59 1.82
N VAL K 124 -28.02 35.87 0.70
CA VAL K 124 -28.46 34.49 0.64
C VAL K 124 -27.38 33.67 -0.04
N ALA K 125 -26.96 32.60 0.63
CA ALA K 125 -26.02 31.66 0.04
C ALA K 125 -26.77 30.84 -0.99
N HIS K 126 -26.45 31.04 -2.27
CA HIS K 126 -27.22 30.41 -3.34
C HIS K 126 -26.38 30.37 -4.60
N LYS K 127 -26.24 29.19 -5.18
CA LYS K 127 -25.40 29.01 -6.35
C LYS K 127 -25.93 29.82 -7.53
N VAL K 128 -25.03 30.44 -8.27
CA VAL K 128 -25.36 31.19 -9.48
C VAL K 128 -24.39 30.78 -10.57
N GLU K 129 -24.90 30.59 -11.78
CA GLU K 129 -24.13 29.98 -12.86
C GLU K 129 -24.26 30.81 -14.13
N PHE K 130 -23.25 30.74 -14.99
CA PHE K 130 -23.25 31.41 -16.27
C PHE K 130 -23.20 30.36 -17.38
N ARG K 131 -24.35 30.09 -18.00
CA ARG K 131 -24.46 28.97 -18.92
C ARG K 131 -24.20 29.43 -20.34
N PRO K 132 -23.20 28.89 -21.03
CA PRO K 132 -22.94 29.31 -22.40
C PRO K 132 -23.81 28.57 -23.40
N VAL K 133 -24.26 29.29 -24.42
CA VAL K 133 -25.06 28.71 -25.49
C VAL K 133 -24.14 28.04 -26.50
N GLY K 134 -24.72 27.22 -27.36
CA GLY K 134 -23.94 26.60 -28.42
C GLY K 134 -22.89 25.65 -27.90
N ARG K 135 -21.67 25.79 -28.41
CA ARG K 135 -20.62 24.81 -28.17
C ARG K 135 -19.33 25.37 -27.62
N GLU K 136 -19.17 26.69 -27.56
CA GLU K 136 -17.94 27.29 -27.07
C GLU K 136 -18.20 27.96 -25.74
N LYS K 137 -17.41 27.59 -24.73
CA LYS K 137 -17.58 28.22 -23.44
C LYS K 137 -17.20 29.69 -23.50
N TYR K 138 -17.73 30.46 -22.56
CA TYR K 138 -17.53 31.89 -22.54
C TYR K 138 -16.96 32.35 -21.21
N ARG K 139 -16.56 33.62 -21.22
CA ARG K 139 -16.57 34.44 -20.04
C ARG K 139 -17.58 35.56 -20.15
N HIS K 140 -17.82 36.07 -21.35
CA HIS K 140 -19.00 36.83 -21.72
C HIS K 140 -19.07 36.82 -23.24
N PRO K 141 -20.27 36.79 -23.81
CA PRO K 141 -20.38 36.75 -25.28
C PRO K 141 -19.69 37.94 -25.91
N PRO K 142 -18.98 37.71 -27.01
CA PRO K 142 -18.22 38.78 -27.64
C PRO K 142 -19.08 39.72 -28.45
N GLU K 143 -18.44 40.66 -29.15
CA GLU K 143 -19.20 41.62 -29.94
C GLU K 143 -19.73 41.01 -31.23
N HIS K 144 -18.99 40.09 -31.83
CA HIS K 144 -19.32 39.58 -33.15
C HIS K 144 -19.29 38.07 -33.15
N GLY K 145 -20.05 37.47 -34.05
CA GLY K 145 -20.07 36.04 -34.19
C GLY K 145 -21.38 35.58 -34.78
N VAL K 146 -21.73 34.33 -34.48
CA VAL K 146 -22.92 33.71 -35.03
C VAL K 146 -24.09 33.92 -34.07
N GLU K 147 -25.30 33.89 -34.62
CA GLU K 147 -26.53 34.00 -33.85
C GLU K 147 -27.08 32.63 -33.53
N LEU K 148 -27.73 32.52 -32.38
CA LEU K 148 -28.37 31.28 -31.98
C LEU K 148 -29.64 31.58 -31.22
N PRO K 149 -30.61 30.66 -31.22
CA PRO K 149 -31.83 30.86 -30.43
C PRO K 149 -31.57 30.54 -28.97
N CYS K 150 -31.80 31.52 -28.10
CA CYS K 150 -31.64 31.37 -26.67
C CYS K 150 -32.96 31.69 -25.98
N ASN K 151 -32.93 31.67 -24.65
CA ASN K 151 -34.10 32.00 -23.86
C ASN K 151 -33.67 32.83 -22.65
N ARG K 152 -34.45 33.85 -22.33
CA ARG K 152 -34.09 34.73 -21.22
C ARG K 152 -35.32 35.50 -20.78
N TYR K 153 -35.20 36.13 -19.62
CA TYR K 153 -36.32 36.85 -19.03
C TYR K 153 -36.48 38.20 -19.72
N THR K 154 -37.68 38.46 -20.22
CA THR K 154 -37.94 39.73 -20.87
C THR K 154 -37.85 40.88 -19.88
N HIS K 155 -37.93 42.09 -20.42
CA HIS K 155 -37.79 43.30 -19.62
C HIS K 155 -38.93 44.27 -19.89
N LYS K 156 -40.16 43.77 -19.91
CA LYS K 156 -41.34 44.60 -20.03
C LYS K 156 -42.03 44.74 -18.68
N ARG K 157 -42.61 45.93 -18.44
CA ARG K 157 -43.18 46.22 -17.13
C ARG K 157 -44.31 45.27 -16.78
N ALA K 158 -45.17 44.95 -17.73
CA ALA K 158 -46.38 44.20 -17.45
C ALA K 158 -46.57 43.06 -18.44
N ASP K 159 -47.32 42.06 -18.00
CA ASP K 159 -47.70 40.93 -18.82
C ASP K 159 -48.73 40.12 -18.04
N GLN K 160 -49.36 39.18 -18.71
CA GLN K 160 -50.15 38.15 -18.03
C GLN K 160 -49.85 36.82 -18.71
N GLY K 161 -48.85 36.12 -18.21
CA GLY K 161 -48.62 34.74 -18.59
C GLY K 161 -48.52 33.92 -17.34
N HIS K 162 -48.35 34.61 -16.22
CA HIS K 162 -48.33 34.00 -14.90
C HIS K 162 -48.71 35.06 -13.88
N TYR K 163 -49.07 34.60 -12.69
CA TYR K 163 -49.41 35.50 -11.60
C TYR K 163 -49.37 34.71 -10.31
N VAL K 164 -49.24 35.43 -9.21
CA VAL K 164 -49.18 34.82 -7.88
C VAL K 164 -50.28 35.42 -7.03
N GLU K 165 -50.67 34.67 -6.00
CA GLU K 165 -51.78 35.09 -5.16
C GLU K 165 -51.33 36.11 -4.14
N MET K 166 -52.15 37.13 -3.94
CA MET K 166 -52.02 38.06 -2.82
C MET K 166 -53.09 37.69 -1.81
N HIS K 167 -52.71 37.67 -0.53
CA HIS K 167 -53.55 37.06 0.49
C HIS K 167 -53.70 37.99 1.68
N GLN K 168 -54.69 37.67 2.51
CA GLN K 168 -54.97 38.46 3.70
C GLN K 168 -53.82 38.39 4.69
N PRO K 169 -53.28 39.52 5.13
CA PRO K 169 -52.23 39.48 6.15
C PRO K 169 -52.75 38.96 7.47
N GLY K 170 -51.86 38.31 8.22
CA GLY K 170 -52.16 37.83 9.55
C GLY K 170 -51.92 38.89 10.60
N LEU K 171 -52.03 38.47 11.86
CA LEU K 171 -51.81 39.38 12.97
C LEU K 171 -50.33 39.71 13.11
N VAL K 172 -50.04 40.84 13.75
CA VAL K 172 -48.67 41.27 13.98
C VAL K 172 -48.47 41.50 15.47
N ALA K 173 -47.53 40.78 16.07
CA ALA K 173 -47.28 40.93 17.50
C ALA K 173 -46.62 42.27 17.79
N ASP K 174 -46.90 42.79 18.99
CA ASP K 174 -46.25 44.01 19.45
C ASP K 174 -46.37 44.11 20.96
N HIS K 175 -45.52 44.96 21.52
CA HIS K 175 -45.57 45.33 22.92
C HIS K 175 -45.36 46.82 23.17
N SER K 176 -44.87 47.57 22.18
CA SER K 176 -44.56 48.97 22.40
C SER K 176 -45.80 49.77 22.79
N LEU K 177 -46.93 49.50 22.15
CA LEU K 177 -48.17 50.18 22.47
C LEU K 177 -48.72 49.77 23.84
N LEU K 178 -48.16 48.74 24.46
CA LEU K 178 -48.54 48.32 25.80
C LEU K 178 -47.73 49.15 26.79
N SER K 179 -48.33 50.24 27.26
CA SER K 179 -47.70 51.13 28.21
C SER K 179 -48.18 50.81 29.62
N ILE K 180 -47.79 51.64 30.58
CA ILE K 180 -48.35 51.61 31.91
C ILE K 180 -49.42 52.69 32.00
N HIS K 181 -50.55 52.39 32.62
CA HIS K 181 -51.64 53.34 32.63
C HIS K 181 -51.43 54.41 33.69
N SER K 182 -51.60 54.05 34.95
CA SER K 182 -50.98 54.76 36.07
C SER K 182 -50.38 53.82 37.10
N ALA K 183 -50.91 52.59 37.21
CA ALA K 183 -50.31 51.56 38.05
C ALA K 183 -50.61 50.17 37.48
N LYS K 184 -50.93 50.08 36.19
CA LYS K 184 -51.23 48.82 35.53
C LYS K 184 -50.96 49.02 34.04
N VAL K 185 -51.12 47.93 33.28
CA VAL K 185 -50.89 48.01 31.85
C VAL K 185 -51.90 48.97 31.21
N LYS K 186 -51.59 49.39 29.99
CA LYS K 186 -52.45 50.31 29.26
C LYS K 186 -52.34 49.99 27.78
N ILE K 187 -53.48 49.91 27.11
CA ILE K 187 -53.54 49.59 25.69
C ILE K 187 -54.05 50.80 24.94
N THR K 188 -53.29 51.24 23.94
CA THR K 188 -53.72 52.29 23.03
C THR K 188 -54.05 51.67 21.68
N VAL K 189 -54.81 52.41 20.89
CA VAL K 189 -55.27 51.92 19.59
C VAL K 189 -54.68 52.80 18.49
N PRO K 190 -54.25 52.22 17.37
CA PRO K 190 -53.71 53.03 16.28
C PRO K 190 -54.79 53.65 15.42
N SER K 191 -56.02 53.73 15.96
CA SER K 191 -57.16 54.33 15.27
C SER K 191 -57.49 53.57 13.98
N GLY K 192 -57.95 52.33 14.18
CA GLY K 192 -58.37 51.51 13.08
C GLY K 192 -57.77 50.11 13.11
N ALA K 193 -57.29 49.70 14.28
CA ALA K 193 -56.70 48.39 14.45
C ALA K 193 -57.35 47.68 15.63
N GLN K 194 -57.38 46.35 15.54
CA GLN K 194 -57.89 45.51 16.62
C GLN K 194 -56.68 45.06 17.43
N VAL K 195 -56.51 45.66 18.60
CA VAL K 195 -55.35 45.38 19.44
C VAL K 195 -55.62 44.14 20.27
N LYS K 196 -55.29 42.98 19.70
CA LYS K 196 -55.53 41.71 20.37
C LYS K 196 -54.59 41.59 21.56
N TYR K 197 -55.09 41.87 22.75
CA TYR K 197 -54.26 41.85 23.95
C TYR K 197 -54.69 40.71 24.85
N TYR K 198 -53.71 40.07 25.47
CA TYR K 198 -53.96 38.95 26.35
C TYR K 198 -52.94 38.94 27.48
N CYS K 199 -53.40 38.63 28.68
CA CYS K 199 -52.55 38.67 29.87
C CYS K 199 -52.87 37.45 30.73
N LYS K 200 -52.47 37.49 32.00
CA LYS K 200 -52.70 36.36 32.89
C LYS K 200 -54.17 35.98 32.98
N CYS K 201 -55.06 36.97 32.89
CA CYS K 201 -56.46 36.62 32.83
C CYS K 201 -56.94 36.72 31.39
N PRO K 202 -57.95 35.93 31.02
CA PRO K 202 -58.46 36.00 29.64
C PRO K 202 -58.95 37.41 29.31
N ASP K 203 -58.22 38.08 28.42
CA ASP K 203 -58.53 39.44 28.02
C ASP K 203 -59.34 39.39 26.74
N VAL K 204 -59.52 40.55 26.11
CA VAL K 204 -60.13 40.60 24.79
C VAL K 204 -59.04 40.15 23.82
N ARG K 205 -59.06 38.87 23.49
CA ARG K 205 -58.04 38.26 22.63
C ARG K 205 -58.42 38.33 21.16
N LYS K 206 -59.25 39.29 20.79
CA LYS K 206 -59.56 39.54 19.39
C LYS K 206 -59.22 40.95 18.94
N GLY K 207 -59.04 41.89 19.87
CA GLY K 207 -58.66 43.24 19.49
C GLY K 207 -59.80 44.23 19.49
N ILE K 208 -59.60 45.35 20.15
CA ILE K 208 -60.62 46.39 20.23
C ILE K 208 -60.08 47.65 19.57
N THR K 209 -61.00 48.46 19.06
CA THR K 209 -60.62 49.73 18.45
C THR K 209 -60.60 50.88 19.45
N SER K 210 -60.87 50.61 20.72
CA SER K 210 -60.90 51.62 21.76
C SER K 210 -59.78 51.36 22.76
N SER K 211 -59.10 52.42 23.17
CA SER K 211 -58.03 52.30 24.15
C SER K 211 -58.60 51.80 25.48
N ASP K 212 -57.89 50.87 26.10
CA ASP K 212 -58.39 50.21 27.29
C ASP K 212 -57.21 49.69 28.09
N HIS K 213 -57.51 49.02 29.20
CA HIS K 213 -56.48 48.46 30.06
C HIS K 213 -57.13 47.44 30.98
N THR K 214 -56.30 46.56 31.54
CA THR K 214 -56.74 45.52 32.45
C THR K 214 -55.79 45.47 33.64
N THR K 215 -56.30 45.02 34.77
CA THR K 215 -55.53 45.01 36.02
C THR K 215 -55.22 43.59 36.49
N THR K 216 -55.34 42.60 35.61
CA THR K 216 -54.90 41.25 35.99
C THR K 216 -53.41 41.23 36.33
N CYS K 217 -52.63 42.11 35.69
CA CYS K 217 -51.25 42.33 36.05
C CYS K 217 -50.93 43.80 35.82
N THR K 218 -50.01 44.33 36.63
CA THR K 218 -49.56 45.71 36.44
C THR K 218 -48.44 45.78 35.41
N ASP K 219 -47.48 44.87 35.49
CA ASP K 219 -46.36 44.88 34.56
C ASP K 219 -46.82 44.51 33.15
N VAL K 220 -46.21 45.17 32.16
CA VAL K 220 -46.46 44.85 30.77
C VAL K 220 -45.99 43.44 30.44
N LYS K 221 -45.03 42.92 31.22
CA LYS K 221 -44.34 41.68 30.89
C LYS K 221 -45.26 40.47 30.94
N GLN K 222 -46.45 40.60 31.51
CA GLN K 222 -47.39 39.49 31.53
C GLN K 222 -48.41 39.55 30.42
N CYS K 223 -48.54 40.70 29.74
CA CYS K 223 -49.53 40.89 28.70
C CYS K 223 -48.84 41.07 27.36
N ARG K 224 -49.46 40.53 26.32
CA ARG K 224 -48.99 40.66 24.95
C ARG K 224 -50.03 41.42 24.14
N ALA K 225 -49.58 42.06 23.06
CA ALA K 225 -50.47 42.73 22.12
C ALA K 225 -50.25 42.18 20.72
N TYR K 226 -51.30 42.24 19.92
CA TYR K 226 -51.26 41.72 18.56
C TYR K 226 -52.13 42.63 17.70
N LEU K 227 -51.51 43.58 17.02
CA LEU K 227 -52.24 44.47 16.15
C LEU K 227 -52.86 43.67 15.00
N ILE K 228 -54.06 44.06 14.61
CA ILE K 228 -54.77 43.46 13.49
C ILE K 228 -55.12 44.58 12.52
N ASP K 229 -54.71 44.43 11.27
CA ASP K 229 -54.98 45.40 10.23
C ASP K 229 -55.44 44.69 8.98
N ASN K 230 -56.38 45.30 8.26
CA ASN K 230 -56.92 44.67 7.07
C ASN K 230 -57.15 45.68 5.95
N LYS K 231 -56.34 46.72 5.89
CA LYS K 231 -56.48 47.71 4.82
C LYS K 231 -55.70 47.35 3.57
N LYS K 232 -54.59 46.63 3.71
CA LYS K 232 -53.78 46.23 2.57
C LYS K 232 -53.68 44.72 2.53
N TRP K 233 -52.89 44.23 1.58
CA TRP K 233 -52.67 42.80 1.43
C TRP K 233 -51.22 42.56 1.09
N VAL K 234 -50.76 41.34 1.35
CA VAL K 234 -49.39 40.94 1.13
C VAL K 234 -49.35 39.59 0.44
N TYR K 235 -48.18 39.28 -0.13
CA TYR K 235 -47.95 37.99 -0.75
C TYR K 235 -47.57 37.00 0.34
N ASN K 236 -48.44 36.01 0.57
CA ASN K 236 -48.18 35.05 1.63
C ASN K 236 -46.88 34.31 1.36
N SER K 237 -46.10 34.09 2.42
CA SER K 237 -44.78 33.50 2.28
C SER K 237 -44.49 32.67 3.52
N GLY K 238 -43.70 31.62 3.32
CA GLY K 238 -43.33 30.76 4.43
C GLY K 238 -42.49 31.44 5.48
N ARG K 239 -41.97 32.61 5.19
CA ARG K 239 -41.19 33.39 6.15
C ARG K 239 -42.06 34.36 6.93
N LEU K 240 -43.37 34.31 6.74
CA LEU K 240 -44.29 35.24 7.37
C LEU K 240 -45.38 34.43 8.08
N PRO K 241 -45.68 34.73 9.34
CA PRO K 241 -46.76 34.02 10.02
C PRO K 241 -48.09 34.37 9.39
N ARG K 242 -49.02 33.42 9.45
CA ARG K 242 -50.37 33.64 8.96
C ARG K 242 -51.35 33.52 10.11
N GLY K 243 -52.19 34.54 10.27
CA GLY K 243 -53.27 34.49 11.22
C GLY K 243 -54.43 33.70 10.67
N GLU K 244 -55.63 34.02 11.15
CA GLU K 244 -56.83 33.39 10.61
C GLU K 244 -57.13 33.84 9.19
N GLY K 245 -56.26 34.66 8.59
CA GLY K 245 -56.46 35.11 7.23
C GLY K 245 -56.47 33.98 6.23
N ASP K 246 -57.67 33.70 5.69
CA ASP K 246 -57.83 32.66 4.68
C ASP K 246 -58.65 33.18 3.49
N THR K 247 -58.70 34.49 3.30
CA THR K 247 -59.59 35.09 2.33
C THR K 247 -58.80 35.80 1.24
N PHE K 248 -59.54 36.27 0.23
CA PHE K 248 -59.03 37.12 -0.84
C PHE K 248 -57.83 36.47 -1.55
N LYS K 249 -58.13 35.42 -2.30
CA LYS K 249 -57.13 34.83 -3.18
C LYS K 249 -56.94 35.72 -4.42
N GLY K 250 -56.46 36.95 -4.17
CA GLY K 250 -56.26 37.89 -5.23
C GLY K 250 -55.10 37.48 -6.14
N LYS K 251 -55.06 38.08 -7.32
CA LYS K 251 -54.06 37.75 -8.32
C LYS K 251 -53.18 38.95 -8.61
N LEU K 252 -51.89 38.68 -8.82
CA LEU K 252 -50.90 39.70 -9.16
C LEU K 252 -50.02 39.16 -10.26
N HIS K 253 -50.11 39.75 -11.44
CA HIS K 253 -49.34 39.28 -12.57
C HIS K 253 -47.85 39.45 -12.32
N VAL K 254 -47.06 38.47 -12.75
CA VAL K 254 -45.62 38.53 -12.62
C VAL K 254 -45.11 39.66 -13.51
N PRO K 255 -44.06 40.35 -13.14
CA PRO K 255 -43.62 41.49 -13.95
C PRO K 255 -42.83 41.07 -15.17
N PHE K 256 -42.03 40.02 -15.05
CA PHE K 256 -41.14 39.59 -16.12
C PHE K 256 -41.38 38.11 -16.39
N VAL K 257 -41.17 37.72 -17.64
CA VAL K 257 -41.46 36.35 -18.06
C VAL K 257 -40.33 35.83 -18.94
N PRO K 258 -39.94 34.57 -18.81
CA PRO K 258 -38.96 34.00 -19.74
C PRO K 258 -39.57 33.84 -21.12
N VAL K 259 -38.85 34.31 -22.13
CA VAL K 259 -39.27 34.18 -23.52
C VAL K 259 -38.07 33.78 -24.36
N LYS K 260 -38.37 33.19 -25.51
CA LYS K 260 -37.33 32.86 -26.46
C LYS K 260 -36.87 34.10 -27.20
N ALA K 261 -35.58 34.16 -27.50
CA ALA K 261 -35.00 35.31 -28.20
C ALA K 261 -33.74 34.83 -28.90
N LYS K 262 -32.94 35.78 -29.37
CA LYS K 262 -31.73 35.47 -30.10
C LYS K 262 -30.52 36.00 -29.34
N CYS K 263 -29.47 35.19 -29.31
CA CYS K 263 -28.22 35.54 -28.64
C CYS K 263 -27.08 35.43 -29.65
N ILE K 264 -25.94 35.98 -29.27
CA ILE K 264 -24.77 36.07 -30.13
C ILE K 264 -23.72 35.10 -29.60
N ALA K 265 -23.19 34.27 -30.48
CA ALA K 265 -22.24 33.23 -30.10
C ALA K 265 -20.90 33.49 -30.76
N THR K 266 -19.89 32.80 -30.26
CA THR K 266 -18.52 32.97 -30.74
C THR K 266 -18.21 31.97 -31.83
N LEU K 267 -17.46 32.40 -32.82
CA LEU K 267 -17.03 31.55 -33.93
C LEU K 267 -15.57 31.16 -33.72
N ALA K 268 -15.31 29.88 -33.62
CA ALA K 268 -13.98 29.41 -33.29
C ALA K 268 -13.00 29.73 -34.43
N PRO K 269 -11.72 29.88 -34.10
CA PRO K 269 -10.73 30.14 -35.15
C PRO K 269 -10.63 28.99 -36.12
N GLU K 270 -10.21 29.32 -37.34
CA GLU K 270 -10.23 28.37 -38.43
C GLU K 270 -9.32 27.18 -38.15
N PRO K 271 -9.66 26.01 -38.65
CA PRO K 271 -8.74 24.87 -38.60
C PRO K 271 -7.73 24.97 -39.72
N LEU K 272 -6.67 24.17 -39.60
CA LEU K 272 -5.65 24.05 -40.62
C LEU K 272 -5.73 22.65 -41.21
N VAL K 273 -6.20 22.56 -42.42
CA VAL K 273 -6.55 21.29 -43.05
C VAL K 273 -5.34 20.73 -43.77
N GLU K 274 -5.33 19.42 -43.96
CA GLU K 274 -4.23 18.77 -44.69
C GLU K 274 -4.79 17.54 -45.39
N HIS K 275 -5.17 17.69 -46.65
CA HIS K 275 -5.68 16.57 -47.44
C HIS K 275 -4.47 15.76 -47.88
N LYS K 276 -3.93 14.98 -46.95
CA LYS K 276 -2.85 14.07 -47.26
C LYS K 276 -3.46 12.76 -47.72
N HIS K 277 -3.16 12.36 -48.96
CA HIS K 277 -4.03 11.43 -49.67
C HIS K 277 -4.11 10.07 -48.98
N ARG K 278 -5.29 9.47 -49.06
CA ARG K 278 -5.75 8.24 -48.42
C ARG K 278 -6.14 8.50 -46.96
N THR K 279 -5.92 9.70 -46.43
CA THR K 279 -6.30 9.99 -45.06
C THR K 279 -6.61 11.48 -44.93
N LEU K 280 -6.67 11.98 -43.69
CA LEU K 280 -6.93 13.39 -43.44
C LEU K 280 -6.19 13.80 -42.18
N ILE K 281 -5.59 14.99 -42.22
CA ILE K 281 -4.83 15.53 -41.10
C ILE K 281 -5.40 16.89 -40.73
N LEU K 282 -5.59 17.12 -39.44
CA LEU K 282 -6.13 18.39 -38.97
C LEU K 282 -5.24 19.00 -37.90
N HIS K 283 -5.04 20.30 -37.97
CA HIS K 283 -4.39 21.07 -36.92
C HIS K 283 -5.41 22.03 -36.33
N LEU K 284 -5.53 22.01 -35.00
CA LEU K 284 -6.54 22.82 -34.32
C LEU K 284 -5.87 23.75 -33.33
N HIS K 285 -6.32 25.00 -33.31
CA HIS K 285 -5.83 26.03 -32.40
C HIS K 285 -7.03 26.74 -31.77
N PRO K 286 -7.62 26.14 -30.75
CA PRO K 286 -8.78 26.75 -30.11
C PRO K 286 -8.36 27.84 -29.13
N ASP K 287 -9.34 28.63 -28.69
CA ASP K 287 -9.14 29.59 -27.62
C ASP K 287 -10.00 29.31 -26.40
N HIS K 288 -11.04 28.50 -26.54
CA HIS K 288 -11.84 28.02 -25.43
C HIS K 288 -12.12 26.55 -25.69
N PRO K 289 -12.42 25.78 -24.66
CA PRO K 289 -12.83 24.40 -24.87
C PRO K 289 -13.90 24.32 -25.94
N THR K 290 -13.60 23.64 -27.03
CA THR K 290 -14.46 23.68 -28.21
C THR K 290 -14.72 22.26 -28.69
N LEU K 291 -15.96 22.02 -29.09
CA LEU K 291 -16.40 20.67 -29.42
C LEU K 291 -15.77 20.21 -30.74
N LEU K 292 -15.99 18.93 -31.05
CA LEU K 292 -15.55 18.37 -32.32
C LEU K 292 -16.29 17.06 -32.54
N THR K 293 -16.85 16.88 -33.74
CA THR K 293 -17.66 15.70 -34.02
C THR K 293 -17.43 15.25 -35.45
N THR K 294 -17.28 13.94 -35.64
CA THR K 294 -17.08 13.36 -36.95
C THR K 294 -17.95 12.12 -37.10
N ARG K 295 -18.26 11.77 -38.34
CA ARG K 295 -18.98 10.54 -38.59
C ARG K 295 -18.75 10.10 -40.04
N SER K 296 -18.80 8.80 -40.24
CA SER K 296 -18.72 8.24 -41.59
C SER K 296 -20.07 8.34 -42.27
N LEU K 297 -20.12 7.96 -43.54
CA LEU K 297 -21.36 7.98 -44.30
C LEU K 297 -21.74 6.62 -44.85
N GLY K 298 -20.96 5.58 -44.57
CA GLY K 298 -21.23 4.25 -45.07
C GLY K 298 -22.28 3.53 -44.27
N SER K 299 -22.17 2.20 -44.23
CA SER K 299 -23.13 1.42 -43.47
C SER K 299 -23.03 1.71 -41.98
N ASP K 300 -21.81 1.86 -41.47
CA ASP K 300 -21.57 2.12 -40.06
C ASP K 300 -21.28 3.59 -39.86
N ALA K 301 -21.57 4.08 -38.67
CA ALA K 301 -21.34 5.48 -38.33
C ALA K 301 -19.96 5.72 -37.77
N ASN K 302 -19.55 4.95 -36.77
CA ASN K 302 -18.30 5.16 -36.04
C ASN K 302 -18.18 6.59 -35.54
N PRO K 303 -19.11 7.05 -34.71
CA PRO K 303 -19.08 8.45 -34.28
C PRO K 303 -17.86 8.71 -33.41
N THR K 304 -17.46 9.98 -33.39
CA THR K 304 -16.30 10.39 -32.60
C THR K 304 -16.52 11.82 -32.13
N ARG K 305 -16.35 12.05 -30.84
CA ARG K 305 -16.55 13.37 -30.29
C ARG K 305 -15.76 13.52 -28.99
N GLN K 306 -15.10 14.66 -28.83
CA GLN K 306 -14.46 15.00 -27.58
C GLN K 306 -14.11 16.48 -27.62
N TRP K 307 -13.89 17.03 -26.43
CA TRP K 307 -13.52 18.43 -26.35
C TRP K 307 -12.06 18.62 -26.73
N ILE K 308 -11.72 19.84 -27.11
CA ILE K 308 -10.36 20.21 -27.43
C ILE K 308 -9.98 21.41 -26.57
N GLU K 309 -8.81 21.33 -25.96
CA GLU K 309 -8.37 22.39 -25.07
C GLU K 309 -7.00 22.94 -25.42
N ARG K 310 -6.06 22.09 -25.81
CA ARG K 310 -4.73 22.52 -26.19
C ARG K 310 -4.54 22.35 -27.68
N PRO K 311 -3.80 23.25 -28.33
CA PRO K 311 -3.60 23.13 -29.77
C PRO K 311 -2.95 21.80 -30.11
N THR K 312 -3.60 21.04 -30.99
CA THR K 312 -3.20 19.67 -31.24
C THR K 312 -3.39 19.33 -32.71
N THR K 313 -3.06 18.08 -33.05
CA THR K 313 -3.27 17.54 -34.37
C THR K 313 -4.02 16.22 -34.24
N VAL K 314 -4.89 15.93 -35.20
CA VAL K 314 -5.65 14.69 -35.21
C VAL K 314 -5.58 14.06 -36.60
N ASN K 315 -5.77 12.75 -36.63
CA ASN K 315 -5.77 11.98 -37.86
C ASN K 315 -7.14 11.38 -38.08
N PHE K 316 -7.55 11.26 -39.34
CA PHE K 316 -8.81 10.62 -39.66
C PHE K 316 -8.63 9.75 -40.89
N THR K 317 -9.40 8.67 -40.95
CA THR K 317 -9.33 7.71 -42.04
C THR K 317 -10.58 7.85 -42.90
N VAL K 318 -10.45 8.51 -44.04
CA VAL K 318 -11.55 8.64 -44.99
C VAL K 318 -11.54 7.42 -45.90
N THR K 319 -12.65 7.22 -46.60
CA THR K 319 -12.79 6.11 -47.52
C THR K 319 -13.60 6.55 -48.73
N GLY K 320 -14.00 5.58 -49.56
CA GLY K 320 -14.82 5.90 -50.71
C GLY K 320 -16.17 6.51 -50.32
N GLU K 321 -16.81 5.96 -49.29
CA GLU K 321 -18.11 6.46 -48.87
C GLU K 321 -18.04 7.88 -48.34
N GLY K 322 -16.86 8.37 -48.00
CA GLY K 322 -16.73 9.74 -47.56
C GLY K 322 -16.90 9.88 -46.05
N LEU K 323 -16.62 11.08 -45.59
CA LEU K 323 -16.64 11.39 -44.18
C LEU K 323 -17.13 12.82 -44.01
N GLU K 324 -17.66 13.13 -42.84
CA GLU K 324 -18.04 14.50 -42.56
C GLU K 324 -17.73 14.83 -41.13
N TYR K 325 -17.61 16.13 -40.85
CA TYR K 325 -17.23 16.60 -39.54
C TYR K 325 -17.75 18.01 -39.33
N THR K 326 -17.75 18.44 -38.08
CA THR K 326 -18.07 19.80 -37.71
C THR K 326 -16.95 20.38 -36.86
N TRP K 327 -17.10 21.64 -36.48
CA TRP K 327 -16.12 22.29 -35.63
C TRP K 327 -16.75 23.54 -35.02
N GLY K 328 -16.92 23.55 -33.71
CA GLY K 328 -17.46 24.72 -33.05
C GLY K 328 -18.83 25.07 -33.59
N ASN K 329 -19.04 26.34 -33.88
CA ASN K 329 -20.28 26.81 -34.44
C ASN K 329 -20.25 26.92 -35.95
N HIS K 330 -19.16 26.52 -36.58
CA HIS K 330 -19.12 26.49 -38.03
C HIS K 330 -20.11 25.46 -38.56
N PRO K 331 -20.68 25.69 -39.74
CA PRO K 331 -21.55 24.68 -40.32
C PRO K 331 -20.76 23.45 -40.69
N PRO K 332 -21.43 22.30 -40.79
CA PRO K 332 -20.72 21.05 -41.07
C PRO K 332 -20.11 21.06 -42.46
N LYS K 333 -19.22 20.10 -42.68
CA LYS K 333 -18.53 19.95 -43.95
C LYS K 333 -18.32 18.48 -44.24
N ARG K 334 -18.28 18.14 -45.53
CA ARG K 334 -18.11 16.77 -45.98
C ARG K 334 -16.94 16.68 -46.95
N VAL K 335 -16.23 15.57 -46.92
CA VAL K 335 -15.14 15.32 -47.85
C VAL K 335 -15.23 13.88 -48.34
N TRP K 336 -15.14 13.72 -49.66
CA TRP K 336 -15.19 12.41 -50.30
C TRP K 336 -13.81 11.97 -50.75
N ALA K 337 -12.90 11.82 -49.79
CA ALA K 337 -11.52 11.59 -50.17
C ALA K 337 -11.37 10.24 -50.84
N GLN K 338 -10.70 10.23 -51.99
CA GLN K 338 -10.45 9.00 -52.73
C GLN K 338 -9.49 9.21 -53.89
N GLU K 339 -9.45 8.22 -54.79
CA GLU K 339 -8.84 8.33 -56.12
C GLU K 339 -7.31 8.16 -56.06
N SER K 340 -6.80 7.65 -54.95
CA SER K 340 -5.36 7.64 -54.71
C SER K 340 -4.74 6.49 -55.47
N GLY K 341 -3.61 6.75 -56.13
CA GLY K 341 -2.98 5.77 -57.01
C GLY K 341 -1.55 5.40 -56.68
N GLU K 342 -1.23 5.18 -55.42
CA GLU K 342 0.15 4.88 -55.02
C GLU K 342 0.62 3.57 -55.64
N GLY K 343 1.61 3.65 -56.54
CA GLY K 343 2.13 2.52 -57.27
C GLY K 343 1.89 2.72 -58.75
N ASN K 344 1.90 1.60 -59.49
CA ASN K 344 1.53 1.62 -60.90
C ASN K 344 1.18 0.21 -61.35
N PRO K 345 0.24 0.05 -62.29
CA PRO K 345 -0.19 -1.29 -62.70
C PRO K 345 0.56 -1.86 -63.89
N HIS K 346 1.53 -1.15 -64.43
CA HIS K 346 2.27 -1.59 -65.61
C HIS K 346 3.74 -1.74 -65.26
N GLY K 347 4.41 -2.65 -65.95
CA GLY K 347 5.83 -2.85 -65.80
C GLY K 347 6.16 -4.22 -65.23
N TRP K 348 7.24 -4.28 -64.47
CA TRP K 348 7.70 -5.54 -63.91
C TRP K 348 6.75 -6.01 -62.81
N PRO K 349 6.80 -7.29 -62.46
CA PRO K 349 5.82 -7.82 -61.48
C PRO K 349 5.79 -7.09 -60.16
N HIS K 350 6.93 -6.65 -59.63
CA HIS K 350 6.96 -6.16 -58.25
C HIS K 350 6.16 -4.87 -58.09
N GLU K 351 6.34 -3.90 -58.99
CA GLU K 351 5.61 -2.65 -58.85
C GLU K 351 4.12 -2.84 -59.13
N VAL K 352 3.80 -3.70 -60.11
CA VAL K 352 2.40 -4.00 -60.35
C VAL K 352 1.77 -4.64 -59.13
N VAL K 353 2.53 -5.49 -58.44
CA VAL K 353 2.04 -6.10 -57.21
C VAL K 353 1.84 -5.04 -56.14
N VAL K 354 2.77 -4.11 -56.01
CA VAL K 354 2.62 -3.12 -54.96
C VAL K 354 1.41 -2.24 -55.22
N TYR K 355 1.09 -1.98 -56.50
CA TYR K 355 -0.13 -1.24 -56.79
C TYR K 355 -1.37 -2.09 -56.51
N TYR K 356 -1.38 -3.32 -56.98
CA TYR K 356 -2.44 -4.29 -56.65
C TYR K 356 -2.52 -4.53 -55.15
N TYR K 357 -1.57 -4.00 -54.38
CA TYR K 357 -1.60 -4.08 -52.93
C TYR K 357 -2.24 -2.83 -52.33
N ASN K 358 -1.65 -1.67 -52.60
CA ASN K 358 -2.08 -0.42 -51.98
C ASN K 358 -3.46 0.03 -52.43
N ARG K 359 -3.98 -0.53 -53.52
CA ARG K 359 -5.26 -0.06 -54.04
C ARG K 359 -6.35 -0.25 -53.01
N TYR K 360 -6.69 -1.48 -52.69
CA TYR K 360 -7.60 -1.77 -51.61
C TYR K 360 -6.80 -2.07 -50.36
N PRO K 361 -6.95 -1.31 -49.28
CA PRO K 361 -6.00 -1.42 -48.17
C PRO K 361 -5.89 -2.81 -47.56
N LEU K 362 -6.95 -3.59 -47.56
CA LEU K 362 -6.84 -4.91 -46.95
C LEU K 362 -7.32 -6.03 -47.86
N THR K 363 -8.39 -5.82 -48.62
CA THR K 363 -8.90 -6.89 -49.47
C THR K 363 -7.87 -7.28 -50.51
N THR K 364 -7.03 -6.33 -50.93
CA THR K 364 -5.88 -6.70 -51.75
C THR K 364 -4.98 -7.66 -51.01
N ILE K 365 -4.72 -7.38 -49.72
CA ILE K 365 -3.80 -8.22 -48.96
C ILE K 365 -4.36 -9.63 -48.83
N ILE K 366 -5.64 -9.73 -48.48
CA ILE K 366 -6.25 -11.05 -48.32
C ILE K 366 -6.31 -11.76 -49.66
N GLY K 367 -6.54 -11.01 -50.74
CA GLY K 367 -6.51 -11.60 -52.06
C GLY K 367 -5.14 -12.16 -52.40
N LEU K 368 -4.09 -11.42 -52.04
CA LEU K 368 -2.74 -11.88 -52.28
C LEU K 368 -2.45 -13.15 -51.50
N CYS K 369 -2.87 -13.19 -50.24
CA CYS K 369 -2.65 -14.37 -49.42
C CYS K 369 -3.38 -15.57 -50.02
N THR K 370 -4.64 -15.38 -50.39
CA THR K 370 -5.41 -16.46 -50.99
C THR K 370 -4.78 -16.91 -52.30
N CYS K 371 -4.32 -15.97 -53.13
CA CYS K 371 -3.76 -16.32 -54.42
C CYS K 371 -2.48 -17.11 -54.27
N VAL K 372 -1.59 -16.68 -53.36
CA VAL K 372 -0.36 -17.43 -53.17
C VAL K 372 -0.67 -18.82 -52.63
N ALA K 373 -1.64 -18.92 -51.71
CA ALA K 373 -2.00 -20.23 -51.18
C ALA K 373 -2.52 -21.15 -52.28
N ILE K 374 -3.42 -20.64 -53.13
CA ILE K 374 -4.02 -21.50 -54.13
C ILE K 374 -3.00 -21.88 -55.20
N ILE K 375 -2.12 -20.95 -55.58
CA ILE K 375 -1.13 -21.30 -56.60
C ILE K 375 -0.14 -22.31 -56.06
N MET K 376 0.27 -22.17 -54.80
CA MET K 376 1.22 -23.14 -54.26
C MET K 376 0.56 -24.50 -54.08
N VAL K 377 -0.70 -24.55 -53.68
CA VAL K 377 -1.34 -25.86 -53.54
C VAL K 377 -1.55 -26.49 -54.91
N SER K 378 -1.88 -25.68 -55.93
CA SER K 378 -1.98 -26.21 -57.27
C SER K 378 -0.65 -26.79 -57.73
N CYS K 379 0.45 -26.07 -57.46
CA CYS K 379 1.76 -26.54 -57.89
C CYS K 379 2.14 -27.83 -57.18
N VAL K 380 1.87 -27.93 -55.88
CA VAL K 380 2.25 -29.14 -55.16
C VAL K 380 1.38 -30.32 -55.60
N THR K 381 0.10 -30.08 -55.90
CA THR K 381 -0.72 -31.14 -56.46
C THR K 381 -0.17 -31.59 -57.81
N SER K 382 0.25 -30.64 -58.64
CA SER K 382 0.81 -30.98 -59.94
C SER K 382 2.08 -31.81 -59.78
N VAL K 383 2.92 -31.46 -58.80
CA VAL K 383 4.17 -32.22 -58.64
C VAL K 383 3.90 -33.60 -58.05
N TRP K 384 2.89 -33.73 -57.20
CA TRP K 384 2.51 -35.08 -56.74
C TRP K 384 2.03 -35.91 -57.91
N LEU K 385 1.22 -35.34 -58.78
CA LEU K 385 0.78 -36.05 -59.98
C LEU K 385 1.98 -36.39 -60.86
N LEU K 386 2.94 -35.47 -60.95
CA LEU K 386 4.18 -35.74 -61.66
C LEU K 386 4.87 -36.98 -61.11
N CYS K 387 5.00 -37.05 -59.78
CA CYS K 387 5.67 -38.19 -59.16
C CYS K 387 4.91 -39.48 -59.43
N ARG K 388 3.58 -39.44 -59.33
CA ARG K 388 2.81 -40.65 -59.55
C ARG K 388 2.91 -41.11 -60.99
N THR K 389 2.81 -40.18 -61.94
CA THR K 389 2.99 -40.53 -63.35
C THR K 389 4.39 -41.05 -63.61
N ARG K 390 5.39 -40.48 -62.94
CA ARG K 390 6.75 -40.97 -63.06
C ARG K 390 6.85 -42.42 -62.57
N ASN K 391 6.18 -42.72 -61.46
CA ASN K 391 6.14 -44.09 -60.97
C ASN K 391 5.52 -45.01 -62.00
N LEU K 392 4.42 -44.58 -62.60
CA LEU K 392 3.78 -45.38 -63.64
C LEU K 392 4.72 -45.60 -64.82
N CYS K 393 5.46 -44.56 -65.21
CA CYS K 393 6.44 -44.71 -66.28
C CYS K 393 7.58 -45.62 -65.87
N ILE K 394 7.89 -45.71 -64.59
CA ILE K 394 8.90 -46.64 -64.12
C ILE K 394 8.40 -48.08 -64.23
N THR K 395 7.11 -48.29 -64.04
CA THR K 395 6.58 -49.66 -63.98
C THR K 395 6.94 -50.55 -65.16
N PRO K 396 6.86 -50.12 -66.43
CA PRO K 396 7.16 -51.07 -67.52
C PRO K 396 8.58 -51.61 -67.47
N TYR K 397 9.49 -50.93 -66.79
CA TYR K 397 10.86 -51.38 -66.71
C TYR K 397 10.99 -52.64 -65.91
N LYS K 398 9.86 -53.26 -65.57
CA LYS K 398 9.89 -54.64 -65.09
C LYS K 398 10.58 -55.55 -66.09
N LEU K 399 10.53 -55.21 -67.37
CA LEU K 399 11.23 -55.98 -68.39
C LEU K 399 12.71 -55.68 -68.42
N ALA K 400 13.14 -54.58 -67.80
CA ALA K 400 14.56 -54.22 -67.81
C ALA K 400 15.45 -55.28 -67.19
N PRO K 401 15.13 -55.86 -66.01
CA PRO K 401 16.02 -56.90 -65.46
C PRO K 401 16.12 -58.13 -66.33
N ASN K 402 15.28 -58.27 -67.35
CA ASN K 402 15.22 -59.50 -68.12
C ASN K 402 16.34 -59.61 -69.16
N ALA K 403 17.13 -58.56 -69.36
CA ALA K 403 18.25 -58.55 -70.30
C ALA K 403 17.78 -58.88 -71.72
N GLN K 404 16.97 -57.98 -72.27
CA GLN K 404 16.29 -58.20 -73.54
C GLN K 404 16.62 -57.09 -74.53
N VAL K 405 15.92 -57.11 -75.67
CA VAL K 405 16.18 -56.21 -76.78
C VAL K 405 15.90 -54.77 -76.35
N PRO K 406 16.68 -53.79 -76.81
CA PRO K 406 16.37 -52.39 -76.48
C PRO K 406 15.02 -51.98 -77.01
N ILE K 407 14.40 -51.02 -76.33
CA ILE K 407 13.07 -50.55 -76.68
C ILE K 407 13.09 -49.24 -77.46
N LEU K 408 14.19 -48.47 -77.41
CA LEU K 408 14.35 -47.25 -78.19
C LEU K 408 13.29 -46.22 -77.80
N LEU K 409 13.29 -45.86 -76.52
CA LEU K 409 12.33 -44.89 -75.99
C LEU K 409 13.05 -43.75 -75.28
N ALA K 410 12.27 -42.92 -74.57
CA ALA K 410 12.83 -41.75 -73.91
C ALA K 410 13.90 -42.11 -72.88
N LEU K 411 13.87 -43.32 -72.34
CA LEU K 411 14.91 -43.77 -71.43
C LEU K 411 15.94 -44.60 -72.20
N LEU K 412 17.09 -44.78 -71.57
CA LEU K 412 18.23 -45.40 -72.21
C LEU K 412 18.21 -46.91 -72.01
N CYS K 413 18.64 -47.63 -73.05
CA CYS K 413 18.77 -49.09 -73.00
C CYS K 413 19.87 -49.50 -73.95
N CYS K 414 20.91 -50.13 -73.42
CA CYS K 414 22.04 -50.56 -74.24
C CYS K 414 21.66 -51.73 -75.14
N ASP L 111 20.29 -75.92 -57.04
CA ASP L 111 18.98 -75.26 -57.04
C ASP L 111 18.54 -74.94 -55.63
N LYS L 112 18.01 -73.73 -55.44
CA LYS L 112 17.51 -73.30 -54.14
C LYS L 112 16.04 -72.91 -54.31
N THR L 113 15.16 -73.87 -54.05
CA THR L 113 13.72 -73.62 -53.97
C THR L 113 13.32 -73.80 -52.51
N PHE L 114 12.75 -72.76 -51.94
CA PHE L 114 12.56 -72.78 -50.49
C PHE L 114 11.10 -72.54 -50.14
N PRO L 115 10.50 -73.36 -49.29
CA PRO L 115 9.18 -73.04 -48.76
C PRO L 115 9.23 -71.79 -47.91
N ILE L 116 8.07 -71.15 -47.80
CA ILE L 116 7.92 -69.96 -46.99
C ILE L 116 7.39 -70.38 -45.63
N MET L 117 8.00 -69.89 -44.56
CA MET L 117 7.62 -70.27 -43.21
C MET L 117 6.55 -69.30 -42.71
N LEU L 118 5.35 -69.83 -42.51
CA LEU L 118 4.28 -69.12 -41.82
C LEU L 118 3.77 -69.99 -40.70
N ASN L 119 3.80 -69.46 -39.48
CA ASN L 119 3.38 -70.18 -38.27
C ASN L 119 4.13 -71.48 -38.08
N GLY L 120 5.34 -71.59 -38.65
CA GLY L 120 6.11 -72.80 -38.54
C GLY L 120 5.67 -73.91 -39.46
N GLN L 121 4.89 -73.59 -40.50
CA GLN L 121 4.54 -74.57 -41.51
C GLN L 121 4.61 -73.91 -42.88
N VAL L 122 4.72 -74.76 -43.90
CA VAL L 122 4.86 -74.27 -45.27
C VAL L 122 3.56 -73.65 -45.73
N ASN L 123 3.62 -72.40 -46.17
CA ASN L 123 2.51 -71.76 -46.83
C ASN L 123 2.83 -71.33 -48.26
N GLY L 124 4.09 -70.99 -48.53
CA GLY L 124 4.52 -70.67 -49.87
C GLY L 124 5.77 -71.45 -50.25
N TYR L 125 6.38 -71.04 -51.35
CA TYR L 125 7.55 -71.75 -51.86
C TYR L 125 8.39 -70.74 -52.66
N ALA L 126 9.40 -70.17 -52.01
CA ALA L 126 10.29 -69.23 -52.67
C ALA L 126 11.37 -69.97 -53.46
N CYS L 127 11.67 -69.46 -54.65
CA CYS L 127 12.66 -70.07 -55.51
C CYS L 127 13.51 -69.00 -56.17
N VAL L 128 14.82 -69.18 -56.14
CA VAL L 128 15.75 -68.21 -56.72
C VAL L 128 15.96 -68.56 -58.19
N VAL L 129 16.10 -67.54 -59.03
CA VAL L 129 16.19 -67.71 -60.47
C VAL L 129 17.47 -67.05 -60.95
N GLY L 130 17.88 -67.40 -62.17
CA GLY L 130 19.00 -66.75 -62.81
C GLY L 130 18.85 -65.24 -62.86
N GLY L 131 19.93 -64.53 -62.58
CA GLY L 131 19.94 -63.08 -62.66
C GLY L 131 19.42 -62.39 -61.41
N ARG L 132 18.22 -62.74 -60.99
CA ARG L 132 17.58 -62.12 -59.85
C ARG L 132 17.02 -63.19 -58.92
N VAL L 133 17.03 -62.91 -57.63
CA VAL L 133 16.42 -63.83 -56.66
C VAL L 133 14.93 -63.55 -56.61
N PHE L 134 14.14 -64.62 -56.54
CA PHE L 134 12.69 -64.52 -56.71
C PHE L 134 11.99 -65.02 -55.46
N LYS L 135 10.97 -64.28 -55.04
CA LYS L 135 10.06 -64.75 -53.99
C LYS L 135 8.65 -64.39 -54.41
N PRO L 136 7.73 -65.35 -54.42
CA PRO L 136 6.35 -65.03 -54.78
C PRO L 136 5.68 -64.23 -53.67
N LEU L 137 5.48 -62.94 -53.92
CA LEU L 137 4.96 -62.04 -52.91
C LEU L 137 3.44 -62.06 -52.84
N HIS L 138 2.78 -62.96 -53.58
CA HIS L 138 1.33 -63.07 -53.48
C HIS L 138 0.90 -63.47 -52.08
N VAL L 139 1.61 -64.42 -51.47
CA VAL L 139 1.34 -64.85 -50.12
C VAL L 139 2.40 -64.25 -49.20
N GLU L 140 2.17 -64.36 -47.90
CA GLU L 140 3.06 -63.84 -46.88
C GLU L 140 3.62 -64.99 -46.05
N GLY L 141 4.41 -64.63 -45.05
CA GLY L 141 5.06 -65.62 -44.19
C GLY L 141 6.54 -65.33 -44.20
N ARG L 142 7.18 -65.58 -43.07
CA ARG L 142 8.61 -65.33 -42.95
C ARG L 142 9.37 -66.32 -43.82
N ILE L 143 10.28 -65.81 -44.65
CA ILE L 143 11.05 -66.66 -45.54
C ILE L 143 12.03 -67.49 -44.70
N ASP L 144 12.11 -68.79 -44.98
CA ASP L 144 12.92 -69.68 -44.16
C ASP L 144 14.39 -69.28 -44.20
N ASN L 145 14.89 -68.89 -45.36
CA ASN L 145 16.32 -68.63 -45.51
C ASN L 145 16.73 -67.37 -44.75
N GLU L 146 17.79 -67.50 -43.95
CA GLU L 146 18.28 -66.36 -43.17
C GLU L 146 18.97 -65.33 -44.04
N GLN L 147 19.66 -65.77 -45.11
CA GLN L 147 20.31 -64.83 -46.00
C GLN L 147 19.29 -63.94 -46.70
N LEU L 148 18.13 -64.48 -47.02
CA LEU L 148 17.03 -63.69 -47.57
C LEU L 148 16.25 -62.95 -46.49
N ALA L 149 16.45 -63.29 -45.22
CA ALA L 149 15.68 -62.69 -44.14
C ALA L 149 15.98 -61.21 -43.95
N ALA L 150 17.02 -60.69 -44.59
CA ALA L 150 17.44 -59.30 -44.44
C ALA L 150 17.50 -58.62 -45.78
N ILE L 151 16.46 -58.79 -46.59
CA ILE L 151 16.40 -58.23 -47.93
C ILE L 151 15.12 -57.42 -48.08
N LYS L 152 15.26 -56.21 -48.61
CA LYS L 152 14.11 -55.35 -48.85
C LYS L 152 13.21 -55.96 -49.93
N LEU L 153 11.95 -55.56 -49.91
CA LEU L 153 10.93 -56.13 -50.79
C LEU L 153 10.57 -55.12 -51.88
N LYS L 154 10.49 -55.59 -53.13
CA LYS L 154 10.13 -54.76 -54.27
C LYS L 154 8.98 -55.41 -55.01
N LYS L 155 7.75 -55.04 -54.67
CA LYS L 155 6.54 -55.58 -55.28
C LYS L 155 5.87 -54.51 -56.13
N ALA L 156 5.43 -54.91 -57.31
CA ALA L 156 4.70 -54.01 -58.19
C ALA L 156 3.20 -54.16 -57.93
N SER L 157 2.38 -53.49 -58.75
CA SER L 157 0.93 -53.54 -58.55
C SER L 157 0.37 -54.93 -58.78
N ILE L 158 0.83 -55.61 -59.82
CA ILE L 158 0.37 -56.95 -60.13
C ILE L 158 1.47 -57.99 -60.00
N TYR L 159 2.72 -57.56 -59.90
CA TYR L 159 3.86 -58.47 -59.85
C TYR L 159 4.24 -58.71 -58.40
N ASP L 160 4.50 -59.98 -58.07
CA ASP L 160 4.73 -60.41 -56.70
C ASP L 160 6.13 -60.99 -56.57
N LEU L 161 7.13 -60.29 -57.08
CA LEU L 161 8.49 -60.80 -57.20
C LEU L 161 9.43 -60.05 -56.27
N GLU L 162 10.37 -60.77 -55.69
CA GLU L 162 11.39 -60.16 -54.84
C GLU L 162 12.56 -59.66 -55.68
N TYR L 163 13.12 -58.53 -55.26
CA TYR L 163 14.33 -58.02 -55.89
C TYR L 163 15.52 -58.92 -55.57
N GLY L 164 16.47 -58.98 -56.51
CA GLY L 164 17.64 -59.82 -56.34
C GLY L 164 18.75 -59.14 -55.58
N ASP L 165 18.89 -59.47 -54.30
CA ASP L 165 19.87 -58.84 -53.43
C ASP L 165 20.74 -59.87 -52.75
N VAL L 166 20.94 -61.01 -53.39
CA VAL L 166 21.88 -62.01 -52.89
C VAL L 166 23.26 -61.59 -53.36
N PRO L 167 24.30 -61.70 -52.52
CA PRO L 167 25.65 -61.41 -52.99
C PRO L 167 25.97 -62.28 -54.20
N GLN L 168 26.74 -61.73 -55.12
CA GLN L 168 26.86 -62.33 -56.44
C GLN L 168 27.69 -63.59 -56.45
N CYS L 169 27.97 -64.14 -55.28
CA CYS L 169 28.61 -65.45 -55.20
C CYS L 169 27.67 -66.56 -55.67
N MET L 170 26.43 -66.53 -55.18
CA MET L 170 25.41 -67.51 -55.56
C MET L 170 24.43 -66.91 -56.55
N LYS L 171 24.85 -65.85 -57.25
CA LYS L 171 23.94 -65.18 -58.15
C LYS L 171 23.68 -66.03 -59.38
N SER L 172 22.50 -65.85 -59.95
CA SER L 172 22.06 -66.61 -61.12
C SER L 172 22.13 -68.11 -60.85
N ASP L 173 21.35 -68.55 -59.86
CA ASP L 173 21.30 -69.97 -59.54
C ASP L 173 20.79 -70.80 -60.70
N THR L 174 19.98 -70.21 -61.59
CA THR L 174 19.35 -70.93 -62.67
C THR L 174 19.65 -70.23 -63.99
N LEU L 175 19.13 -70.79 -65.07
CA LEU L 175 19.16 -70.16 -66.38
C LEU L 175 17.74 -69.76 -66.78
N GLN L 176 17.57 -68.51 -67.20
CA GLN L 176 16.26 -68.04 -67.60
C GLN L 176 15.85 -68.70 -68.91
N TYR L 177 14.65 -68.39 -69.37
CA TYR L 177 14.03 -69.07 -70.48
C TYR L 177 13.75 -68.09 -71.61
N THR L 178 14.12 -68.49 -72.83
CA THR L 178 13.94 -67.66 -74.01
C THR L 178 12.62 -68.00 -74.69
N SER L 179 12.44 -67.46 -75.90
CA SER L 179 11.20 -67.67 -76.63
C SER L 179 11.15 -69.05 -77.27
N ASP L 180 10.26 -69.24 -78.22
CA ASP L 180 10.13 -70.49 -78.98
C ASP L 180 9.81 -71.66 -78.05
N LYS L 181 8.63 -71.58 -77.46
CA LYS L 181 8.14 -72.64 -76.59
C LYS L 181 7.90 -73.90 -77.38
N PRO L 182 8.63 -74.98 -77.13
CA PRO L 182 8.26 -76.27 -77.71
C PRO L 182 7.10 -76.87 -76.96
N PRO L 183 6.42 -77.86 -77.53
CA PRO L 183 5.39 -78.58 -76.77
C PRO L 183 5.95 -79.65 -75.85
N GLY L 184 7.26 -79.84 -75.84
CA GLY L 184 7.88 -81.01 -75.25
C GLY L 184 7.79 -81.04 -73.73
N PHE L 185 8.55 -81.98 -73.17
CA PHE L 185 8.53 -82.20 -71.75
C PHE L 185 9.26 -81.09 -71.01
N TYR L 186 8.60 -80.54 -69.99
CA TYR L 186 9.23 -79.65 -69.04
C TYR L 186 9.16 -80.30 -67.67
N ASN L 187 10.32 -80.48 -67.04
CA ASN L 187 10.33 -81.15 -65.76
C ASN L 187 9.64 -80.29 -64.70
N TRP L 188 8.59 -80.84 -64.11
CA TRP L 188 7.82 -80.20 -63.07
C TRP L 188 8.05 -80.95 -61.77
N HIS L 189 7.67 -80.32 -60.66
CA HIS L 189 7.87 -80.96 -59.36
C HIS L 189 7.15 -82.29 -59.25
N HIS L 190 6.17 -82.52 -60.10
CA HIS L 190 5.33 -83.71 -60.06
C HIS L 190 5.31 -84.40 -61.41
N GLY L 191 6.48 -84.56 -62.03
CA GLY L 191 6.60 -85.19 -63.33
C GLY L 191 6.83 -84.16 -64.42
N ALA L 192 6.94 -84.67 -65.65
CA ALA L 192 7.12 -83.79 -66.79
C ALA L 192 5.77 -83.22 -67.24
N VAL L 193 5.83 -82.12 -67.98
CA VAL L 193 4.64 -81.50 -68.55
C VAL L 193 4.87 -81.27 -70.03
N GLN L 194 3.83 -81.50 -70.84
CA GLN L 194 3.97 -81.54 -72.30
C GLN L 194 2.80 -80.77 -72.91
N TYR L 195 3.05 -79.51 -73.28
CA TYR L 195 2.07 -78.73 -74.02
C TYR L 195 2.74 -77.46 -74.52
N GLU L 196 2.08 -76.83 -75.50
CA GLU L 196 2.66 -75.63 -76.12
C GLU L 196 1.71 -74.44 -76.17
N ASN L 197 0.42 -74.67 -76.47
CA ASN L 197 -0.51 -73.55 -76.62
C ASN L 197 -0.65 -72.78 -75.31
N ASN L 198 -0.76 -73.51 -74.20
CA ASN L 198 -0.89 -72.91 -72.89
C ASN L 198 -0.28 -73.88 -71.89
N ARG L 199 -0.65 -73.73 -70.62
CA ARG L 199 -0.14 -74.64 -69.60
C ARG L 199 -0.59 -76.07 -69.87
N PHE L 200 0.26 -77.00 -69.46
CA PHE L 200 0.03 -78.41 -69.73
C PHE L 200 -1.20 -78.91 -69.00
N THR L 201 -1.85 -79.90 -69.58
CA THR L 201 -3.03 -80.54 -69.02
C THR L 201 -2.60 -81.40 -67.83
N VAL L 202 -2.37 -80.74 -66.70
CA VAL L 202 -1.88 -81.42 -65.51
C VAL L 202 -2.95 -82.39 -65.01
N PRO L 203 -2.56 -83.48 -64.35
CA PRO L 203 -3.56 -84.44 -63.89
C PRO L 203 -4.52 -83.83 -62.88
N ARG L 204 -5.74 -84.35 -62.86
CA ARG L 204 -6.73 -83.91 -61.89
C ARG L 204 -6.24 -84.20 -60.47
N GLY L 205 -6.55 -83.30 -59.55
CA GLY L 205 -6.11 -83.46 -58.18
C GLY L 205 -4.79 -82.75 -57.95
N VAL L 206 -3.86 -82.90 -58.90
CA VAL L 206 -2.60 -82.18 -58.85
C VAL L 206 -2.90 -80.73 -59.20
N GLY L 207 -2.03 -79.81 -58.78
CA GLY L 207 -2.30 -78.40 -59.01
C GLY L 207 -3.51 -77.89 -58.26
N GLY L 208 -3.58 -78.12 -56.96
CA GLY L 208 -4.71 -77.68 -56.16
C GLY L 208 -4.41 -76.35 -55.50
N LYS L 209 -4.11 -76.36 -54.21
CA LYS L 209 -3.78 -75.15 -53.49
C LYS L 209 -2.66 -75.40 -52.50
N GLY L 210 -2.14 -74.31 -51.91
CA GLY L 210 -1.21 -74.38 -50.81
C GLY L 210 0.25 -74.53 -51.19
N ASP L 211 0.55 -74.69 -52.48
CA ASP L 211 1.92 -74.89 -52.91
C ASP L 211 2.32 -73.77 -53.87
N SER L 212 2.03 -72.53 -53.47
CA SER L 212 2.30 -71.36 -54.30
C SER L 212 3.79 -71.20 -54.57
N GLY L 213 4.11 -70.69 -55.75
CA GLY L 213 5.49 -70.38 -56.09
C GLY L 213 6.30 -71.60 -56.48
N ARG L 214 5.90 -72.27 -57.56
CA ARG L 214 6.60 -73.45 -58.03
C ARG L 214 7.05 -73.21 -59.47
N PRO L 215 8.35 -73.29 -59.76
CA PRO L 215 8.81 -73.00 -61.11
C PRO L 215 8.72 -74.23 -62.01
N ILE L 216 8.28 -74.00 -63.24
CA ILE L 216 8.32 -75.03 -64.26
C ILE L 216 9.57 -74.79 -65.10
N LEU L 217 10.39 -75.83 -65.22
CA LEU L 217 11.71 -75.72 -65.83
C LEU L 217 11.72 -76.49 -67.15
N ASP L 218 12.59 -76.06 -68.06
CA ASP L 218 12.86 -76.87 -69.22
C ASP L 218 13.69 -78.10 -68.82
N ASN L 219 13.64 -79.12 -69.67
CA ASN L 219 14.53 -80.26 -69.48
C ASN L 219 15.98 -79.86 -69.59
N LYS L 220 16.27 -78.72 -70.19
CA LYS L 220 17.63 -78.21 -70.32
C LYS L 220 18.05 -77.31 -69.17
N GLY L 221 17.24 -77.19 -68.12
CA GLY L 221 17.56 -76.32 -67.02
C GLY L 221 17.20 -74.88 -67.25
N ARG L 222 16.11 -74.61 -67.97
CA ARG L 222 15.69 -73.26 -68.29
C ARG L 222 14.24 -73.10 -67.82
N VAL L 223 14.06 -72.36 -66.73
CA VAL L 223 12.74 -72.29 -66.11
C VAL L 223 11.79 -71.54 -67.03
N VAL L 224 10.91 -72.28 -67.69
CA VAL L 224 10.08 -71.71 -68.74
C VAL L 224 9.13 -70.65 -68.17
N ALA L 225 8.51 -70.93 -67.02
CA ALA L 225 7.54 -70.01 -66.47
C ALA L 225 7.44 -70.22 -64.97
N ILE L 226 6.70 -69.33 -64.33
CA ILE L 226 6.44 -69.39 -62.90
C ILE L 226 4.93 -69.42 -62.69
N VAL L 227 4.45 -70.43 -61.97
CA VAL L 227 3.02 -70.56 -61.73
C VAL L 227 2.59 -69.50 -60.73
N LEU L 228 1.42 -68.93 -60.97
CA LEU L 228 0.80 -68.01 -60.03
C LEU L 228 -0.68 -68.30 -59.91
N GLY L 229 -1.04 -69.58 -59.90
CA GLY L 229 -2.40 -70.00 -59.75
C GLY L 229 -2.85 -70.86 -60.89
N GLY L 230 -4.17 -70.95 -61.07
CA GLY L 230 -4.73 -71.81 -62.09
C GLY L 230 -5.17 -73.13 -61.50
N VAL L 231 -6.06 -73.05 -60.51
CA VAL L 231 -6.39 -74.21 -59.69
C VAL L 231 -6.99 -75.34 -60.54
N ASN L 232 -8.01 -75.03 -61.33
CA ASN L 232 -8.70 -76.04 -62.11
C ASN L 232 -9.06 -75.52 -63.48
N GLU L 233 -8.99 -76.41 -64.48
CA GLU L 233 -9.44 -76.06 -65.82
C GLU L 233 -10.27 -77.17 -66.46
N GLY L 234 -10.97 -77.97 -65.66
CA GLY L 234 -11.88 -78.95 -66.20
C GLY L 234 -11.49 -80.38 -65.89
N SER L 235 -11.80 -81.31 -66.80
CA SER L 235 -11.32 -82.67 -66.69
C SER L 235 -9.81 -82.75 -66.80
N ARG L 236 -9.19 -81.70 -67.31
CA ARG L 236 -7.76 -81.47 -67.21
C ARG L 236 -7.58 -80.16 -66.45
N THR L 237 -6.33 -79.70 -66.36
CA THR L 237 -6.09 -78.45 -65.65
C THR L 237 -4.85 -77.76 -66.19
N ALA L 238 -5.02 -76.51 -66.60
CA ALA L 238 -3.95 -75.58 -66.91
C ALA L 238 -3.80 -74.60 -65.75
N LEU L 239 -2.81 -73.72 -65.84
CA LEU L 239 -2.49 -72.84 -64.73
C LEU L 239 -2.34 -71.40 -65.21
N SER L 240 -2.37 -70.49 -64.26
CA SER L 240 -2.05 -69.09 -64.52
C SER L 240 -0.60 -68.84 -64.14
N VAL L 241 0.21 -68.45 -65.12
CA VAL L 241 1.64 -68.36 -64.97
C VAL L 241 2.11 -67.03 -65.56
N VAL L 242 3.41 -66.78 -65.42
CA VAL L 242 4.05 -65.58 -65.96
C VAL L 242 5.39 -65.99 -66.56
N THR L 243 5.72 -65.39 -67.70
CA THR L 243 6.99 -65.65 -68.38
C THR L 243 7.20 -64.55 -69.41
N TRP L 244 8.22 -64.72 -70.23
CA TRP L 244 8.46 -63.81 -71.33
C TRP L 244 7.30 -63.86 -72.31
N ASN L 245 6.97 -62.72 -72.89
CA ASN L 245 5.77 -62.67 -73.73
C ASN L 245 6.04 -63.25 -75.12
N GLN L 246 6.81 -62.54 -75.93
CA GLN L 246 7.34 -63.13 -77.15
C GLN L 246 8.81 -62.77 -77.31
N LYS L 247 9.14 -61.54 -76.95
CA LYS L 247 10.47 -61.00 -77.14
C LYS L 247 11.21 -60.84 -75.82
N GLY L 248 10.77 -61.53 -74.77
CA GLY L 248 11.39 -61.42 -73.48
C GLY L 248 10.72 -60.40 -72.59
N VAL L 249 9.40 -60.47 -72.48
CA VAL L 249 8.64 -59.53 -71.67
C VAL L 249 7.92 -60.31 -70.57
N THR L 250 8.17 -59.93 -69.32
CA THR L 250 7.65 -60.63 -68.15
C THR L 250 6.15 -60.36 -68.05
N VAL L 251 5.37 -61.20 -68.73
CA VAL L 251 3.92 -61.05 -68.79
C VAL L 251 3.25 -62.28 -68.19
N LYS L 252 2.15 -62.05 -67.48
CA LYS L 252 1.37 -63.12 -66.87
C LYS L 252 0.16 -63.42 -67.75
N ASP L 253 -0.14 -64.71 -67.89
CA ASP L 253 -1.37 -65.17 -68.52
C ASP L 253 -2.20 -65.91 -67.49
N THR L 254 -3.48 -65.57 -67.40
CA THR L 254 -4.39 -66.13 -66.40
C THR L 254 -5.61 -66.72 -67.10
N PRO L 255 -5.67 -68.04 -67.26
CA PRO L 255 -6.90 -68.67 -67.75
C PRO L 255 -8.03 -68.46 -66.75
N GLU L 256 -9.25 -68.41 -67.28
CA GLU L 256 -10.41 -68.16 -66.42
C GLU L 256 -10.58 -69.29 -65.43
N GLY L 257 -10.91 -68.93 -64.18
CA GLY L 257 -11.04 -69.91 -63.13
C GLY L 257 -9.68 -70.22 -62.53
N SER L 258 -8.88 -69.20 -62.32
CA SER L 258 -7.52 -69.35 -61.83
C SER L 258 -7.45 -68.82 -60.40
N GLU L 259 -6.97 -69.65 -59.50
CA GLU L 259 -6.71 -69.29 -58.11
C GLU L 259 -5.34 -69.83 -57.73
N PRO L 260 -4.66 -69.20 -56.77
CA PRO L 260 -3.29 -69.63 -56.44
C PRO L 260 -3.25 -71.10 -56.05
N TRP L 261 -2.23 -71.79 -56.53
CA TRP L 261 -2.04 -73.20 -56.23
C TRP L 261 -0.77 -73.40 -55.44
#